data_1YAU
#
_entry.id   1YAU
#
_cell.length_a   255.224
_cell.length_b   126.913
_cell.length_c   181.027
_cell.angle_alpha   90.00
_cell.angle_beta   92.42
_cell.angle_gamma   90.00
#
_symmetry.space_group_name_H-M   'C 1 2 1'
#
loop_
_entity.id
_entity.type
_entity.pdbx_description
1 polymer 'Proteasome alpha subunit'
2 polymer 'Proteasome beta subunit'
3 polymer 'proteasome activator protein PA26'
4 non-polymer 'SULFATE ION'
5 non-polymer GLYCEROL
6 water water
#
loop_
_entity_poly.entity_id
_entity_poly.type
_entity_poly.pdbx_seq_one_letter_code
_entity_poly.pdbx_strand_id
1 'polypeptide(L)'
;MQQGQMAGGRAITVFSPDGRLFQVEYAREAVKKGSTALGMKFANGVLLISDKKVRSRLIEQNSIEKIQLIDDYVAAVTSG
LVADARVLVDFARISAQQEKVTYGSLVNIENLVKRVADQMQQYTQYGGVRPYGVSLIFAGIDQIGPRLFDCDPAGTINEY
KATAIGSGKDAVVSFLEREYKENLPEKEAVTLGIKALKSSLEEGEELKAPEIASITVGNKYRIYDQEEVKKFL
;
A,B,C,D,E,F,G
2 'polypeptide(L)'
;MNQTLETGTTTVGITLKDAVIMATERRVTMENFIMHKNGKKLFQIDTYTGMTIAGLVGDAQVLVRYMKAELELYRLQRRV
NMPIEAVATLLSNMLNQVKYMPYMVQLLVGGIDTAPHVFSIDAAGGSVEDIYASTGSGSPFVYGVLESQYSEKMTVDEGV
DLVIRAISAAKQRDSASGGMIDVAVITRKDGYVQLPTDQIESRIRKLGLILHHHHHH
;
H,I,J,K,L,M,N
3 'polypeptide(L)'
;MHHHHHHPPKRAALIQNLRDSYTETSSFAVIEEWAAGTLQEIEGIAKAAAEAHGVIRNSTYGRAQAEKSPEQLLGVLQRY
QDLCHNVYCQAETIRTVIAIRIPEHKEEDNLGVAVQHAVLKIIDELEIKTLGSGEKSGSGGAPTPIGMYALREYLSARST
VEDKLLGSVDAESGKTKGGSQSPSLLLELRQIDADFMLKVELATTHLSTMVRAVINAYLLNWKKLIQPRTGSDHMVS
;
O,P,Q,R,S,T,U
#
loop_
_chem_comp.id
_chem_comp.type
_chem_comp.name
_chem_comp.formula
GOL non-polymer GLYCEROL 'C3 H8 O3'
SO4 non-polymer 'SULFATE ION' 'O4 S -2'
#
# COMPACT_ATOMS: atom_id res chain seq x y z
N ILE A 12 -8.70 -2.55 -8.27
CA ILE A 12 -8.77 -3.38 -9.52
C ILE A 12 -9.89 -4.41 -9.31
N THR A 13 -10.40 -4.33 -8.10
CA THR A 13 -11.26 -5.36 -7.61
C THR A 13 -12.36 -4.75 -6.87
N VAL A 14 -12.79 -3.56 -7.26
CA VAL A 14 -13.80 -2.88 -6.48
C VAL A 14 -15.19 -2.95 -7.15
N PHE A 15 -16.24 -3.14 -6.34
CA PHE A 15 -17.61 -2.93 -6.83
C PHE A 15 -17.94 -1.42 -6.98
N SER A 16 -18.59 -1.07 -8.08
CA SER A 16 -19.20 0.25 -8.18
C SER A 16 -20.59 0.18 -7.47
N PRO A 17 -21.19 1.32 -7.20
CA PRO A 17 -22.54 1.36 -6.55
C PRO A 17 -23.60 0.47 -7.22
N ASP A 18 -23.47 0.24 -8.54
CA ASP A 18 -24.39 -0.67 -9.24
C ASP A 18 -23.93 -2.14 -9.32
N GLY A 19 -22.90 -2.51 -8.58
CA GLY A 19 -22.38 -3.88 -8.55
C GLY A 19 -21.58 -4.28 -9.79
N ARG A 20 -20.96 -3.29 -10.45
CA ARG A 20 -20.13 -3.52 -11.60
C ARG A 20 -18.65 -3.50 -11.21
N LEU A 21 -17.87 -4.26 -11.97
CA LEU A 21 -16.42 -4.35 -11.85
C LEU A 21 -15.84 -3.72 -13.12
N PHE A 22 -15.53 -2.44 -13.03
CA PHE A 22 -15.15 -1.66 -14.20
C PHE A 22 -13.80 -2.06 -14.81
N GLN A 23 -12.85 -2.49 -13.96
CA GLN A 23 -11.58 -2.98 -14.48
C GLN A 23 -11.76 -4.20 -15.41
N VAL A 24 -12.73 -5.05 -15.11
CA VAL A 24 -13.04 -6.21 -15.92
C VAL A 24 -13.73 -5.78 -17.22
N GLU A 25 -14.67 -4.84 -17.10
CA GLU A 25 -15.31 -4.22 -18.27
C GLU A 25 -14.32 -3.55 -19.18
N TYR A 26 -13.32 -2.89 -18.62
CA TYR A 26 -12.23 -2.32 -19.44
C TYR A 26 -11.29 -3.37 -20.06
N ALA A 27 -11.02 -4.45 -19.34
CA ALA A 27 -10.23 -5.54 -19.89
C ALA A 27 -10.98 -6.10 -21.09
N ARG A 28 -12.31 -6.20 -21.01
CA ARG A 28 -13.12 -6.58 -22.19
C ARG A 28 -13.02 -5.64 -23.40
N GLU A 29 -12.83 -4.33 -23.18
CA GLU A 29 -12.59 -3.40 -24.28
C GLU A 29 -11.30 -3.79 -25.01
N ALA A 30 -10.30 -4.26 -24.26
CA ALA A 30 -9.05 -4.73 -24.87
C ALA A 30 -9.29 -5.93 -25.81
N VAL A 31 -10.20 -6.81 -25.45
CA VAL A 31 -10.56 -7.95 -26.28
C VAL A 31 -11.26 -7.59 -27.64
N LYS A 32 -12.07 -6.54 -27.62
CA LYS A 32 -12.78 -6.06 -28.82
C LYS A 32 -11.81 -5.53 -29.87
N LYS A 33 -10.54 -5.35 -29.52
CA LYS A 33 -9.60 -4.82 -30.49
C LYS A 33 -8.85 -5.90 -31.21
N GLY A 34 -9.02 -7.15 -30.82
CA GLY A 34 -8.19 -8.18 -31.43
C GLY A 34 -8.79 -8.71 -32.71
N SER A 35 -8.02 -9.49 -33.45
CA SER A 35 -8.55 -10.13 -34.65
C SER A 35 -9.68 -11.09 -34.34
N THR A 36 -10.43 -11.44 -35.37
CA THR A 36 -11.69 -12.17 -35.24
C THR A 36 -11.42 -13.65 -35.38
N ALA A 37 -12.02 -14.42 -34.48
CA ALA A 37 -11.94 -15.87 -34.61
C ALA A 37 -13.27 -16.50 -34.28
N LEU A 38 -13.47 -17.68 -34.83
CA LEU A 38 -14.74 -18.33 -34.64
C LEU A 38 -14.50 -19.83 -34.56
N GLY A 39 -15.47 -20.53 -33.95
CA GLY A 39 -15.55 -21.98 -33.98
C GLY A 39 -16.98 -22.44 -34.12
N MET A 40 -17.18 -23.65 -34.60
CA MET A 40 -18.52 -24.18 -34.77
C MET A 40 -18.43 -25.70 -34.76
N LYS A 41 -19.40 -26.33 -34.12
CA LYS A 41 -19.51 -27.75 -34.11
C LYS A 41 -20.15 -28.19 -35.42
N PHE A 42 -19.81 -29.40 -35.85
CA PHE A 42 -20.40 -30.01 -37.04
C PHE A 42 -20.56 -31.51 -36.79
N ALA A 43 -20.99 -32.25 -37.81
CA ALA A 43 -21.26 -33.71 -37.68
C ALA A 43 -20.04 -34.50 -37.12
N ASN A 44 -20.15 -34.94 -35.88
CA ASN A 44 -19.02 -35.61 -35.19
C ASN A 44 -17.70 -34.83 -35.05
N GLY A 45 -17.79 -33.49 -35.01
CA GLY A 45 -16.59 -32.67 -35.11
C GLY A 45 -16.70 -31.24 -34.62
N VAL A 46 -15.56 -30.56 -34.57
CA VAL A 46 -15.52 -29.15 -34.24
C VAL A 46 -14.35 -28.54 -35.02
N LEU A 47 -14.50 -27.27 -35.41
CA LEU A 47 -13.46 -26.55 -36.11
C LEU A 47 -13.28 -25.16 -35.52
N LEU A 48 -12.13 -24.56 -35.82
CA LEU A 48 -11.83 -23.20 -35.49
C LEU A 48 -11.34 -22.47 -36.74
N ILE A 49 -11.64 -21.18 -36.84
CA ILE A 49 -11.12 -20.36 -37.94
C ILE A 49 -10.67 -19.07 -37.33
N SER A 50 -9.47 -18.65 -37.67
CA SER A 50 -8.94 -17.40 -37.19
C SER A 50 -8.60 -16.48 -38.34
N ASP A 51 -9.00 -15.23 -38.24
CA ASP A 51 -8.44 -14.22 -39.11
C ASP A 51 -7.10 -13.75 -38.55
N LYS A 52 -6.36 -12.99 -39.34
CA LYS A 52 -5.26 -12.17 -38.81
C LYS A 52 -4.90 -11.03 -39.76
N LYS A 53 -4.74 -9.85 -39.19
CA LYS A 53 -4.12 -8.78 -39.95
C LYS A 53 -2.58 -8.91 -39.81
N VAL A 54 -1.97 -9.59 -40.77
CA VAL A 54 -0.55 -9.34 -41.02
C VAL A 54 -0.49 -8.03 -41.83
N ARG A 55 0.23 -7.06 -41.28
CA ARG A 55 0.59 -5.87 -42.06
C ARG A 55 1.70 -6.32 -43.02
N SER A 56 2.96 -6.14 -42.60
CA SER A 56 4.12 -6.20 -43.47
C SER A 56 4.33 -7.50 -44.24
N ARG A 57 5.02 -7.40 -45.38
CA ARG A 57 5.57 -8.59 -46.05
C ARG A 57 6.92 -8.99 -45.41
N LEU A 58 7.46 -8.14 -44.54
CA LEU A 58 8.67 -8.46 -43.78
C LEU A 58 8.42 -9.47 -42.60
N ILE A 59 7.16 -9.72 -42.29
CA ILE A 59 6.75 -10.66 -41.25
C ILE A 59 6.93 -12.09 -41.73
N GLU A 60 7.28 -13.02 -40.82
CA GLU A 60 7.17 -14.46 -41.13
C GLU A 60 5.75 -14.95 -40.95
N GLN A 61 5.18 -15.53 -42.00
CA GLN A 61 3.98 -16.36 -41.89
C GLN A 61 4.47 -17.77 -41.57
N ASN A 62 3.76 -18.45 -40.66
CA ASN A 62 4.08 -19.83 -40.23
C ASN A 62 4.59 -19.94 -38.79
N SER A 63 5.08 -18.82 -38.25
CA SER A 63 5.38 -18.72 -36.82
C SER A 63 4.19 -17.98 -36.18
N ILE A 64 3.31 -17.49 -37.05
CA ILE A 64 2.09 -16.79 -36.65
C ILE A 64 1.27 -17.55 -35.55
N GLU A 65 1.33 -16.99 -34.34
CA GLU A 65 0.89 -17.67 -33.12
C GLU A 65 -0.64 -17.69 -32.84
N LYS A 66 -1.46 -18.16 -33.79
CA LYS A 66 -2.94 -18.08 -33.66
C LYS A 66 -3.61 -19.44 -33.91
N ILE A 67 -4.55 -19.85 -33.08
CA ILE A 67 -4.93 -21.29 -33.03
C ILE A 67 -3.77 -22.11 -32.49
N GLN A 68 -3.75 -22.26 -31.18
CA GLN A 68 -2.74 -22.97 -30.48
C GLN A 68 -3.34 -24.31 -30.02
N LEU A 69 -2.70 -25.41 -30.38
CA LEU A 69 -3.04 -26.71 -29.81
C LEU A 69 -2.68 -26.74 -28.33
N ILE A 70 -3.60 -27.24 -27.51
CA ILE A 70 -3.41 -27.43 -26.10
C ILE A 70 -2.87 -28.86 -25.86
N ASP A 71 -3.50 -29.83 -26.51
CA ASP A 71 -2.93 -31.15 -26.69
C ASP A 71 -3.41 -31.63 -28.07
N ASP A 72 -3.35 -32.93 -28.37
CA ASP A 72 -3.72 -33.45 -29.70
C ASP A 72 -5.23 -33.35 -30.00
N TYR A 73 -6.02 -33.13 -28.97
CA TYR A 73 -7.46 -33.24 -29.06
C TYR A 73 -8.15 -31.96 -28.70
N VAL A 74 -7.39 -30.91 -28.41
CA VAL A 74 -7.92 -29.67 -27.87
C VAL A 74 -7.10 -28.48 -28.41
N ALA A 75 -7.80 -27.45 -28.87
CA ALA A 75 -7.11 -26.26 -29.39
C ALA A 75 -7.83 -25.01 -28.90
N ALA A 76 -7.14 -23.87 -28.94
CA ALA A 76 -7.69 -22.60 -28.49
C ALA A 76 -7.32 -21.52 -29.48
N VAL A 77 -8.17 -20.50 -29.61
CA VAL A 77 -7.80 -19.23 -30.25
C VAL A 77 -8.09 -18.16 -29.22
N THR A 78 -7.40 -17.03 -29.33
CA THR A 78 -7.56 -15.98 -28.36
C THR A 78 -7.65 -14.63 -29.01
N SER A 79 -8.17 -13.66 -28.25
CA SER A 79 -8.25 -12.31 -28.75
C SER A 79 -8.03 -11.36 -27.60
N GLY A 80 -7.41 -10.22 -27.86
CA GLY A 80 -7.09 -9.29 -26.82
C GLY A 80 -5.58 -9.15 -26.75
N LEU A 81 -5.04 -8.90 -25.56
CA LEU A 81 -3.61 -8.71 -25.37
C LEU A 81 -2.90 -10.01 -25.63
N VAL A 82 -1.97 -9.99 -26.60
CA VAL A 82 -1.33 -11.23 -27.14
C VAL A 82 -0.34 -11.85 -26.17
N ALA A 83 0.35 -11.01 -25.40
CA ALA A 83 1.23 -11.50 -24.33
C ALA A 83 0.45 -12.11 -23.16
N ASP A 84 -0.60 -11.45 -22.64
CA ASP A 84 -1.52 -12.09 -21.69
C ASP A 84 -2.05 -13.43 -22.24
N ALA A 85 -2.47 -13.44 -23.49
CA ALA A 85 -3.02 -14.63 -24.11
C ALA A 85 -2.02 -15.77 -24.13
N ARG A 86 -0.78 -15.47 -24.43
CA ARG A 86 0.28 -16.49 -24.51
C ARG A 86 0.51 -17.17 -23.14
N VAL A 87 0.50 -16.37 -22.07
CA VAL A 87 0.62 -16.88 -20.68
C VAL A 87 -0.54 -17.85 -20.27
N LEU A 88 -1.74 -17.58 -20.80
CA LEU A 88 -2.92 -18.37 -20.46
C LEU A 88 -2.94 -19.61 -21.32
N VAL A 89 -2.35 -19.52 -22.50
CA VAL A 89 -2.25 -20.72 -23.36
C VAL A 89 -1.18 -21.67 -22.77
N ASP A 90 -0.08 -21.13 -22.25
CA ASP A 90 0.91 -21.96 -21.55
C ASP A 90 0.29 -22.61 -20.30
N PHE A 91 -0.42 -21.81 -19.50
CA PHE A 91 -1.16 -22.35 -18.38
C PHE A 91 -2.09 -23.52 -18.78
N ALA A 92 -2.90 -23.35 -19.84
CA ALA A 92 -3.80 -24.42 -20.31
C ALA A 92 -3.03 -25.68 -20.71
N ARG A 93 -1.91 -25.52 -21.43
CA ARG A 93 -1.06 -26.63 -21.82
C ARG A 93 -0.54 -27.46 -20.65
N ILE A 94 0.05 -26.79 -19.67
CA ILE A 94 0.59 -27.41 -18.44
C ILE A 94 -0.55 -28.01 -17.60
N SER A 95 -1.62 -27.23 -17.46
CA SER A 95 -2.79 -27.74 -16.76
C SER A 95 -3.36 -29.00 -17.45
N ALA A 96 -3.47 -29.01 -18.78
CA ALA A 96 -3.88 -30.23 -19.47
C ALA A 96 -2.93 -31.43 -19.17
N GLN A 97 -1.63 -31.23 -19.24
CA GLN A 97 -0.67 -32.30 -18.88
C GLN A 97 -0.77 -32.82 -17.46
N GLN A 98 -1.02 -31.92 -16.49
CA GLN A 98 -1.15 -32.35 -15.11
C GLN A 98 -2.34 -33.27 -14.93
N GLU A 99 -3.47 -32.95 -15.58
CA GLU A 99 -4.64 -33.83 -15.56
C GLU A 99 -4.36 -35.18 -16.20
N LYS A 100 -3.67 -35.20 -17.35
CA LYS A 100 -3.34 -36.45 -18.04
C LYS A 100 -2.47 -37.34 -17.16
N VAL A 101 -1.52 -36.75 -16.46
CA VAL A 101 -0.65 -37.51 -15.54
C VAL A 101 -1.38 -38.04 -14.31
N THR A 102 -2.26 -37.23 -13.72
CA THR A 102 -3.08 -37.66 -12.55
C THR A 102 -4.04 -38.81 -12.86
N TYR A 103 -4.79 -38.70 -13.97
CA TYR A 103 -5.87 -39.64 -14.21
C TYR A 103 -5.58 -40.52 -15.40
N GLY A 104 -4.51 -40.23 -16.13
CA GLY A 104 -4.20 -40.99 -17.35
C GLY A 104 -4.88 -40.46 -18.58
N SER A 105 -5.89 -39.60 -18.40
CA SER A 105 -6.46 -38.82 -19.51
C SER A 105 -7.31 -37.63 -19.03
N LEU A 106 -7.87 -37.00 -20.04
CA LEU A 106 -8.68 -35.83 -19.91
C LEU A 106 -10.09 -36.24 -20.38
N VAL A 107 -10.99 -36.41 -19.42
CA VAL A 107 -12.29 -36.98 -19.65
C VAL A 107 -13.31 -35.96 -20.18
N ASN A 108 -13.22 -34.73 -19.67
CA ASN A 108 -14.21 -33.69 -19.91
C ASN A 108 -13.45 -32.36 -19.97
N ILE A 109 -13.13 -31.94 -21.19
CA ILE A 109 -12.57 -30.64 -21.50
C ILE A 109 -13.15 -29.48 -20.71
N GLU A 110 -14.38 -29.57 -20.23
CA GLU A 110 -14.93 -28.47 -19.48
C GLU A 110 -14.11 -28.15 -18.20
N ASN A 111 -13.46 -29.15 -17.63
CA ASN A 111 -12.74 -28.96 -16.37
C ASN A 111 -11.43 -28.19 -16.59
N LEU A 112 -10.77 -28.45 -17.70
CA LEU A 112 -9.65 -27.64 -18.19
C LEU A 112 -10.01 -26.15 -18.36
N VAL A 113 -11.16 -25.89 -18.97
CA VAL A 113 -11.58 -24.53 -19.28
C VAL A 113 -11.89 -23.80 -17.95
N LYS A 114 -12.53 -24.51 -17.03
CA LYS A 114 -12.76 -24.00 -15.68
C LYS A 114 -11.48 -23.66 -14.93
N ARG A 115 -10.44 -24.48 -15.06
CA ARG A 115 -9.21 -24.15 -14.34
C ARG A 115 -8.60 -22.85 -14.91
N VAL A 116 -8.64 -22.72 -16.23
CA VAL A 116 -8.15 -21.52 -16.92
C VAL A 116 -8.99 -20.30 -16.50
N ALA A 117 -10.30 -20.46 -16.51
CA ALA A 117 -11.24 -19.42 -16.12
C ALA A 117 -11.10 -19.07 -14.64
N ASP A 118 -10.82 -20.06 -13.79
CA ASP A 118 -10.61 -19.80 -12.35
C ASP A 118 -9.37 -18.95 -12.13
N GLN A 119 -8.38 -19.13 -12.97
CA GLN A 119 -7.13 -18.37 -12.90
C GLN A 119 -7.42 -16.92 -13.28
N MET A 120 -8.33 -16.73 -14.24
CA MET A 120 -8.70 -15.38 -14.70
C MET A 120 -9.60 -14.67 -13.68
N GLN A 121 -10.53 -15.40 -13.05
CA GLN A 121 -11.41 -14.85 -12.01
C GLN A 121 -10.58 -14.25 -10.84
N GLN A 122 -9.53 -14.94 -10.44
CA GLN A 122 -8.75 -14.57 -9.28
C GLN A 122 -8.10 -13.23 -9.47
N TYR A 123 -7.68 -12.97 -10.72
CA TYR A 123 -7.14 -11.66 -11.10
C TYR A 123 -8.19 -10.57 -11.17
N THR A 124 -9.47 -10.91 -10.96
CA THR A 124 -10.51 -9.89 -10.83
C THR A 124 -10.94 -9.71 -9.34
N GLN A 125 -10.33 -10.49 -8.43
CA GLN A 125 -10.78 -10.51 -7.08
C GLN A 125 -9.73 -10.02 -6.09
N TYR A 126 -8.46 -10.39 -6.33
CA TYR A 126 -7.28 -10.03 -5.51
C TYR A 126 -6.66 -8.73 -6.01
N GLY A 127 -6.29 -7.85 -5.08
CA GLY A 127 -5.66 -6.60 -5.46
C GLY A 127 -4.18 -6.82 -5.75
N GLY A 128 -3.53 -5.82 -6.33
CA GLY A 128 -2.14 -5.98 -6.66
C GLY A 128 -1.89 -6.62 -8.02
N VAL A 129 -2.93 -6.72 -8.83
CA VAL A 129 -2.82 -7.44 -10.10
C VAL A 129 -3.96 -6.95 -10.98
N ARG A 130 -3.78 -6.89 -12.29
CA ARG A 130 -4.87 -6.56 -13.21
C ARG A 130 -5.43 -7.84 -13.88
N PRO A 131 -6.71 -7.82 -14.28
CA PRO A 131 -7.28 -8.88 -15.10
C PRO A 131 -6.48 -9.18 -16.37
N TYR A 132 -6.66 -10.38 -16.90
CA TYR A 132 -6.07 -10.72 -18.18
C TYR A 132 -6.96 -10.04 -19.22
N GLY A 133 -6.38 -9.34 -20.19
CA GLY A 133 -7.18 -8.71 -21.26
C GLY A 133 -7.40 -9.66 -22.44
N VAL A 134 -8.06 -10.78 -22.18
CA VAL A 134 -8.15 -11.89 -23.14
C VAL A 134 -9.49 -12.61 -23.09
N SER A 135 -10.00 -12.97 -24.29
CA SER A 135 -11.03 -14.00 -24.42
C SER A 135 -10.41 -15.14 -25.21
N LEU A 136 -10.93 -16.34 -24.98
CA LEU A 136 -10.43 -17.55 -25.57
C LEU A 136 -11.63 -18.32 -26.05
N ILE A 137 -11.42 -19.06 -27.13
CA ILE A 137 -12.30 -20.15 -27.50
C ILE A 137 -11.47 -21.46 -27.42
N PHE A 138 -12.05 -22.48 -26.80
CA PHE A 138 -11.50 -23.83 -26.70
C PHE A 138 -12.42 -24.79 -27.44
N ALA A 139 -11.84 -25.65 -28.26
CA ALA A 139 -12.61 -26.64 -29.06
C ALA A 139 -11.83 -27.94 -29.08
N GLY A 140 -12.54 -29.06 -28.91
CA GLY A 140 -11.89 -30.36 -28.97
C GLY A 140 -12.87 -31.47 -28.76
N ILE A 141 -12.35 -32.69 -28.65
CA ILE A 141 -13.15 -33.88 -28.38
C ILE A 141 -12.71 -34.49 -27.04
N ASP A 142 -13.68 -34.88 -26.21
CA ASP A 142 -13.47 -35.63 -24.98
C ASP A 142 -14.48 -36.80 -24.93
N GLN A 143 -14.66 -37.42 -23.76
CA GLN A 143 -15.56 -38.55 -23.67
C GLN A 143 -17.02 -38.20 -23.93
N ILE A 144 -17.39 -36.94 -23.75
CA ILE A 144 -18.78 -36.48 -23.96
C ILE A 144 -19.03 -36.32 -25.48
N GLY A 145 -17.99 -36.00 -26.23
CA GLY A 145 -18.12 -35.72 -27.66
C GLY A 145 -17.40 -34.43 -27.98
N PRO A 146 -17.67 -33.83 -29.15
CA PRO A 146 -17.07 -32.51 -29.52
C PRO A 146 -17.57 -31.34 -28.63
N ARG A 147 -16.64 -30.49 -28.21
CA ARG A 147 -16.92 -29.40 -27.28
C ARG A 147 -16.50 -28.09 -27.87
N LEU A 148 -17.19 -27.06 -27.45
CA LEU A 148 -16.83 -25.73 -27.85
C LEU A 148 -17.21 -24.80 -26.72
N PHE A 149 -16.22 -24.08 -26.20
CA PHE A 149 -16.40 -23.22 -25.02
C PHE A 149 -15.83 -21.88 -25.31
N ASP A 150 -16.34 -20.84 -24.68
CA ASP A 150 -15.58 -19.62 -24.63
C ASP A 150 -15.34 -19.18 -23.19
N CYS A 151 -14.47 -18.20 -23.03
CA CYS A 151 -14.03 -17.78 -21.74
C CYS A 151 -13.56 -16.32 -21.84
N ASP A 152 -13.93 -15.47 -20.88
CA ASP A 152 -13.67 -14.05 -21.03
C ASP A 152 -12.84 -13.50 -19.87
N PRO A 153 -12.45 -12.22 -19.89
CA PRO A 153 -11.62 -11.66 -18.81
C PRO A 153 -12.08 -11.88 -17.37
N ALA A 154 -13.38 -12.07 -17.17
CA ALA A 154 -13.94 -12.31 -15.83
C ALA A 154 -13.87 -13.74 -15.36
N GLY A 155 -13.57 -14.67 -16.29
CA GLY A 155 -13.58 -16.10 -15.99
C GLY A 155 -14.95 -16.70 -16.21
N THR A 156 -15.79 -15.94 -16.93
CA THR A 156 -17.12 -16.38 -17.34
C THR A 156 -16.95 -17.34 -18.52
N ILE A 157 -17.61 -18.50 -18.45
CA ILE A 157 -17.59 -19.45 -19.59
C ILE A 157 -18.97 -19.92 -20.09
N ASN A 158 -19.09 -20.12 -21.40
CA ASN A 158 -20.27 -20.75 -21.98
C ASN A 158 -19.86 -21.85 -22.96
N GLU A 159 -20.68 -22.89 -23.07
CA GLU A 159 -20.54 -23.89 -24.11
C GLU A 159 -21.44 -23.55 -25.32
N TYR A 160 -20.93 -23.75 -26.52
CA TYR A 160 -21.61 -23.25 -27.73
C TYR A 160 -21.83 -24.30 -28.81
N LYS A 161 -22.74 -23.99 -29.72
CA LYS A 161 -22.83 -24.67 -30.99
C LYS A 161 -21.92 -24.00 -31.99
N ALA A 162 -21.81 -22.68 -31.88
CA ALA A 162 -20.98 -21.82 -32.74
C ALA A 162 -20.77 -20.53 -31.96
N THR A 163 -19.61 -19.86 -32.11
CA THR A 163 -19.36 -18.58 -31.43
C THR A 163 -18.17 -17.86 -32.05
N ALA A 164 -17.90 -16.65 -31.60
CA ALA A 164 -16.80 -15.84 -32.15
C ALA A 164 -16.27 -14.86 -31.12
N ILE A 165 -15.05 -14.42 -31.31
CA ILE A 165 -14.42 -13.43 -30.44
C ILE A 165 -13.68 -12.44 -31.33
N GLY A 166 -13.28 -11.30 -30.76
CA GLY A 166 -12.50 -10.31 -31.52
C GLY A 166 -13.37 -9.20 -32.11
N SER A 167 -12.75 -8.29 -32.86
CA SER A 167 -13.46 -7.06 -33.31
C SER A 167 -14.66 -7.39 -34.18
N GLY A 168 -14.54 -8.39 -35.06
CA GLY A 168 -15.69 -8.86 -35.86
C GLY A 168 -16.70 -9.78 -35.16
N LYS A 169 -16.59 -9.95 -33.84
CA LYS A 169 -17.47 -10.86 -33.10
C LYS A 169 -18.97 -10.69 -33.45
N ASP A 170 -19.48 -9.47 -33.23
CA ASP A 170 -20.93 -9.16 -33.40
C ASP A 170 -21.50 -9.51 -34.78
N ALA A 171 -20.79 -9.14 -35.85
CA ALA A 171 -21.19 -9.50 -37.20
C ALA A 171 -21.24 -11.00 -37.37
N VAL A 172 -20.11 -11.66 -37.08
CA VAL A 172 -19.99 -13.13 -37.18
C VAL A 172 -21.10 -13.83 -36.41
N VAL A 173 -21.32 -13.47 -35.14
CA VAL A 173 -22.43 -14.07 -34.38
C VAL A 173 -23.80 -13.84 -35.05
N SER A 174 -24.07 -12.59 -35.47
CA SER A 174 -25.31 -12.29 -36.23
C SER A 174 -25.47 -13.21 -37.43
N PHE A 175 -24.43 -13.29 -38.26
CA PHE A 175 -24.45 -14.17 -39.41
C PHE A 175 -24.75 -15.61 -39.02
N LEU A 176 -24.05 -16.13 -38.01
CA LEU A 176 -24.20 -17.52 -37.60
C LEU A 176 -25.58 -17.75 -37.02
N GLU A 177 -26.08 -16.75 -36.32
CA GLU A 177 -27.43 -16.85 -35.76
C GLU A 177 -28.48 -17.03 -36.85
N ARG A 178 -28.30 -16.38 -37.99
CA ARG A 178 -29.18 -16.60 -39.13
C ARG A 178 -28.78 -17.87 -39.91
N GLU A 179 -27.50 -18.07 -40.17
CA GLU A 179 -27.05 -19.15 -41.10
C GLU A 179 -26.60 -20.49 -40.53
N TYR A 180 -26.31 -20.59 -39.23
CA TYR A 180 -25.82 -21.86 -38.66
C TYR A 180 -26.87 -22.98 -38.61
N LYS A 181 -26.46 -24.16 -39.04
CA LYS A 181 -27.22 -25.39 -38.85
C LYS A 181 -26.27 -26.46 -38.31
N GLU A 182 -26.78 -27.33 -37.43
CA GLU A 182 -26.03 -28.42 -36.82
C GLU A 182 -25.78 -29.54 -37.81
N ASN A 183 -24.87 -30.43 -37.42
CA ASN A 183 -24.56 -31.63 -38.15
C ASN A 183 -24.27 -31.44 -39.64
N LEU A 184 -23.63 -30.32 -39.99
CA LEU A 184 -23.10 -30.12 -41.34
C LEU A 184 -21.91 -31.05 -41.57
N PRO A 185 -21.59 -31.39 -42.81
CA PRO A 185 -20.31 -32.01 -43.09
C PRO A 185 -19.18 -30.97 -42.97
N GLU A 186 -17.98 -31.44 -42.65
CA GLU A 186 -16.85 -30.55 -42.45
C GLU A 186 -16.69 -29.51 -43.56
N LYS A 187 -16.89 -29.92 -44.80
CA LYS A 187 -16.68 -29.05 -45.96
C LYS A 187 -17.68 -27.90 -45.86
N GLU A 188 -18.95 -28.23 -45.69
CA GLU A 188 -20.03 -27.25 -45.61
C GLU A 188 -19.90 -26.30 -44.39
N ALA A 189 -19.30 -26.82 -43.31
CA ALA A 189 -19.07 -26.04 -42.10
C ALA A 189 -17.96 -25.01 -42.33
N VAL A 190 -16.86 -25.45 -42.90
CA VAL A 190 -15.73 -24.56 -43.19
C VAL A 190 -16.18 -23.41 -44.10
N THR A 191 -16.87 -23.79 -45.20
CA THR A 191 -17.52 -22.84 -46.13
C THR A 191 -18.39 -21.86 -45.35
N LEU A 192 -19.28 -22.38 -44.51
CA LEU A 192 -20.12 -21.50 -43.69
C LEU A 192 -19.26 -20.56 -42.83
N GLY A 193 -18.21 -21.09 -42.18
CA GLY A 193 -17.31 -20.27 -41.37
C GLY A 193 -16.65 -19.15 -42.14
N ILE A 194 -16.15 -19.47 -43.34
CA ILE A 194 -15.53 -18.47 -44.23
C ILE A 194 -16.49 -17.32 -44.62
N LYS A 195 -17.69 -17.69 -45.06
CA LYS A 195 -18.74 -16.71 -45.36
C LYS A 195 -18.93 -15.84 -44.12
N ALA A 196 -19.15 -16.48 -42.97
CA ALA A 196 -19.37 -15.77 -41.70
C ALA A 196 -18.26 -14.76 -41.42
N LEU A 197 -17.02 -15.19 -41.58
CA LEU A 197 -15.87 -14.33 -41.34
C LEU A 197 -15.78 -13.17 -42.35
N LYS A 198 -15.95 -13.48 -43.64
CA LYS A 198 -16.03 -12.46 -44.71
C LYS A 198 -17.06 -11.36 -44.43
N SER A 199 -18.23 -11.75 -43.92
CA SER A 199 -19.31 -10.79 -43.58
C SER A 199 -18.92 -9.76 -42.51
N SER A 200 -17.82 -10.00 -41.80
CA SER A 200 -17.39 -9.09 -40.74
C SER A 200 -16.48 -7.99 -41.27
N LEU A 201 -15.96 -8.17 -42.47
CA LEU A 201 -15.02 -7.22 -43.08
C LEU A 201 -15.63 -5.87 -43.46
N GLU A 202 -14.76 -4.85 -43.55
CA GLU A 202 -15.05 -3.63 -44.32
C GLU A 202 -15.57 -3.93 -45.74
N GLU A 203 -16.26 -2.96 -46.33
CA GLU A 203 -16.64 -3.01 -47.75
C GLU A 203 -15.40 -2.96 -48.63
N GLY A 204 -15.45 -3.68 -49.75
CA GLY A 204 -14.30 -3.79 -50.65
C GLY A 204 -13.05 -4.40 -50.03
N GLU A 205 -13.12 -4.75 -48.74
CA GLU A 205 -12.00 -5.42 -48.04
C GLU A 205 -11.97 -6.93 -48.27
N GLU A 206 -10.88 -7.40 -48.86
CA GLU A 206 -10.70 -8.80 -49.21
C GLU A 206 -10.24 -9.56 -47.97
N LEU A 207 -10.70 -10.82 -47.83
CA LEU A 207 -10.20 -11.70 -46.79
C LEU A 207 -8.99 -12.48 -47.29
N LYS A 208 -7.83 -12.20 -46.73
CA LYS A 208 -6.65 -13.03 -46.98
C LYS A 208 -6.81 -14.38 -46.26
N ALA A 209 -5.87 -15.31 -46.46
CA ALA A 209 -5.97 -16.67 -45.90
C ALA A 209 -6.01 -16.70 -44.36
N PRO A 210 -7.10 -17.21 -43.78
CA PRO A 210 -7.20 -17.39 -42.35
C PRO A 210 -6.53 -18.71 -41.93
N GLU A 211 -6.39 -18.98 -40.64
CA GLU A 211 -6.06 -20.35 -40.23
C GLU A 211 -7.34 -21.08 -39.99
N ILE A 212 -7.31 -22.37 -40.30
CA ILE A 212 -8.41 -23.31 -40.04
C ILE A 212 -7.86 -24.60 -39.42
N ALA A 213 -8.57 -25.11 -38.42
CA ALA A 213 -8.21 -26.38 -37.79
C ALA A 213 -9.52 -27.10 -37.50
N SER A 214 -9.55 -28.41 -37.71
CA SER A 214 -10.71 -29.21 -37.29
C SER A 214 -10.30 -30.51 -36.63
N ILE A 215 -11.25 -31.15 -35.97
CA ILE A 215 -11.03 -32.45 -35.40
C ILE A 215 -12.35 -33.20 -35.47
N THR A 216 -12.31 -34.51 -35.73
CA THR A 216 -13.51 -35.36 -35.71
C THR A 216 -13.37 -36.53 -34.72
N VAL A 217 -14.49 -37.08 -34.25
CA VAL A 217 -14.45 -38.18 -33.29
C VAL A 217 -13.52 -39.32 -33.79
N GLY A 218 -12.54 -39.69 -32.96
CA GLY A 218 -11.60 -40.76 -33.26
C GLY A 218 -10.32 -40.29 -33.91
N ASN A 219 -10.24 -39.01 -34.24
CA ASN A 219 -9.00 -38.43 -34.75
C ASN A 219 -8.38 -37.40 -33.85
N LYS A 220 -7.23 -36.91 -34.30
CA LYS A 220 -6.50 -35.86 -33.65
C LYS A 220 -6.68 -34.66 -34.52
N TYR A 221 -6.39 -33.50 -33.95
CA TYR A 221 -6.49 -32.25 -34.69
C TYR A 221 -5.72 -32.25 -36.02
N ARG A 222 -6.35 -31.72 -37.05
CA ARG A 222 -5.60 -31.27 -38.21
C ARG A 222 -5.59 -29.76 -38.43
N ILE A 223 -4.39 -29.26 -38.71
CA ILE A 223 -4.20 -27.88 -39.15
C ILE A 223 -4.28 -27.91 -40.68
N TYR A 224 -5.27 -27.21 -41.23
CA TYR A 224 -5.38 -27.00 -42.68
C TYR A 224 -4.14 -26.29 -43.13
N ASP A 225 -3.43 -26.83 -44.11
CA ASP A 225 -2.23 -26.14 -44.59
C ASP A 225 -2.60 -24.99 -45.53
N GLN A 226 -1.70 -24.01 -45.59
CA GLN A 226 -1.70 -22.87 -46.53
C GLN A 226 -2.59 -23.02 -47.81
N GLU A 227 -2.43 -24.16 -48.48
CA GLU A 227 -3.06 -24.39 -49.77
C GLU A 227 -4.46 -24.95 -49.66
N GLU A 228 -4.71 -25.75 -48.63
CA GLU A 228 -6.06 -26.30 -48.40
C GLU A 228 -7.06 -25.20 -48.10
N VAL A 229 -6.62 -24.23 -47.30
CA VAL A 229 -7.39 -23.04 -46.94
C VAL A 229 -7.82 -22.28 -48.19
N LYS A 230 -6.86 -22.10 -49.11
CA LYS A 230 -7.01 -21.30 -50.34
C LYS A 230 -8.16 -21.77 -51.23
N LYS A 231 -8.42 -23.07 -51.20
CA LYS A 231 -9.54 -23.70 -51.88
C LYS A 231 -10.92 -23.17 -51.44
N PHE A 232 -11.01 -22.62 -50.23
CA PHE A 232 -12.27 -22.11 -49.68
C PHE A 232 -12.47 -20.62 -49.94
N LEU A 233 -11.47 -20.01 -50.57
CA LEU A 233 -11.49 -18.58 -50.86
C LEU A 233 -11.85 -18.24 -52.31
N ILE B 12 -13.03 -1.32 1.35
CA ILE B 12 -13.78 -2.61 1.07
C ILE B 12 -14.14 -3.30 2.40
N THR B 13 -13.29 -2.90 3.35
CA THR B 13 -13.30 -3.31 4.71
C THR B 13 -13.25 -1.98 5.37
N VAL B 14 -14.31 -1.18 5.17
CA VAL B 14 -14.35 0.08 5.90
C VAL B 14 -15.78 0.39 6.33
N PHE B 15 -15.98 0.74 7.62
CA PHE B 15 -17.30 1.20 8.07
C PHE B 15 -17.51 2.62 7.57
N SER B 16 -18.72 2.93 7.12
CA SER B 16 -19.13 4.32 6.97
C SER B 16 -19.53 4.89 8.38
N PRO B 17 -19.67 6.20 8.49
CA PRO B 17 -20.11 6.81 9.78
C PRO B 17 -21.37 6.19 10.38
N ASP B 18 -22.33 5.76 9.55
CA ASP B 18 -23.49 5.01 10.06
C ASP B 18 -23.29 3.53 10.34
N GLY B 19 -22.07 3.01 10.18
CA GLY B 19 -21.82 1.59 10.43
C GLY B 19 -22.05 0.69 9.24
N ARG B 20 -22.03 1.22 8.02
CA ARG B 20 -22.29 0.40 6.83
C ARG B 20 -21.01 -0.02 6.10
N LEU B 21 -21.04 -1.19 5.48
CA LEU B 21 -19.95 -1.69 4.63
C LEU B 21 -20.44 -1.56 3.20
N PHE B 22 -20.21 -0.40 2.61
CA PHE B 22 -20.73 -0.12 1.27
C PHE B 22 -20.28 -1.10 0.18
N GLN B 23 -19.10 -1.69 0.31
CA GLN B 23 -18.65 -2.67 -0.73
C GLN B 23 -19.49 -3.93 -0.77
N VAL B 24 -19.94 -4.34 0.42
CA VAL B 24 -20.81 -5.50 0.59
C VAL B 24 -22.19 -5.21 0.02
N GLU B 25 -22.72 -4.02 0.28
CA GLU B 25 -24.02 -3.61 -0.26
C GLU B 25 -23.95 -3.42 -1.78
N TYR B 26 -22.78 -3.08 -2.30
CA TYR B 26 -22.57 -3.04 -3.76
C TYR B 26 -22.43 -4.44 -4.34
N ALA B 27 -21.68 -5.33 -3.65
CA ALA B 27 -21.72 -6.73 -4.01
C ALA B 27 -23.17 -7.19 -4.14
N ARG B 28 -24.06 -6.75 -3.22
CA ARG B 28 -25.48 -7.16 -3.29
C ARG B 28 -26.26 -6.67 -4.53
N GLU B 29 -25.89 -5.52 -5.06
CA GLU B 29 -26.48 -5.02 -6.28
C GLU B 29 -26.22 -6.00 -7.43
N ALA B 30 -25.01 -6.59 -7.47
CA ALA B 30 -24.65 -7.57 -8.50
C ALA B 30 -25.53 -8.81 -8.43
N VAL B 31 -25.83 -9.26 -7.21
CA VAL B 31 -26.72 -10.39 -6.99
C VAL B 31 -28.14 -10.16 -7.54
N LYS B 32 -28.66 -8.94 -7.38
CA LYS B 32 -30.02 -8.59 -7.81
C LYS B 32 -30.19 -8.72 -9.32
N LYS B 33 -29.09 -8.86 -10.05
CA LYS B 33 -29.15 -8.89 -11.51
C LYS B 33 -29.23 -10.30 -12.03
N GLY B 34 -29.03 -11.27 -11.15
CA GLY B 34 -29.09 -12.67 -11.55
C GLY B 34 -30.54 -13.10 -11.72
N SER B 35 -30.75 -14.21 -12.42
CA SER B 35 -32.10 -14.68 -12.65
C SER B 35 -32.63 -15.40 -11.42
N THR B 36 -33.96 -15.51 -11.36
CA THR B 36 -34.63 -15.91 -10.15
C THR B 36 -34.54 -17.42 -9.88
N ALA B 37 -34.26 -17.75 -8.63
CA ALA B 37 -34.30 -19.13 -8.21
C ALA B 37 -34.96 -19.15 -6.86
N LEU B 38 -35.54 -20.27 -6.52
CA LEU B 38 -36.23 -20.41 -5.26
C LEU B 38 -36.09 -21.83 -4.74
N GLY B 39 -36.32 -22.03 -3.45
CA GLY B 39 -36.43 -23.40 -2.92
C GLY B 39 -37.60 -23.48 -1.95
N MET B 40 -38.17 -24.66 -1.77
CA MET B 40 -39.13 -24.80 -0.67
C MET B 40 -39.15 -26.18 -0.07
N LYS B 41 -39.33 -26.25 1.23
CA LYS B 41 -39.54 -27.52 1.91
C LYS B 41 -40.99 -27.98 1.66
N PHE B 42 -41.18 -29.29 1.53
CA PHE B 42 -42.46 -29.92 1.34
C PHE B 42 -42.42 -31.21 2.16
N ALA B 43 -43.51 -31.98 2.18
CA ALA B 43 -43.58 -33.14 3.07
C ALA B 43 -42.35 -34.06 2.86
N ASN B 44 -41.49 -34.14 3.87
CA ASN B 44 -40.28 -35.01 3.79
C ASN B 44 -39.28 -34.73 2.66
N GLY B 45 -39.24 -33.51 2.15
CA GLY B 45 -38.27 -33.19 1.14
C GLY B 45 -38.01 -31.72 0.98
N VAL B 46 -37.20 -31.43 -0.03
CA VAL B 46 -36.94 -30.06 -0.38
C VAL B 46 -36.71 -30.02 -1.89
N LEU B 47 -37.08 -28.91 -2.53
CA LEU B 47 -36.85 -28.73 -3.96
C LEU B 47 -36.22 -27.35 -4.30
N LEU B 48 -35.61 -27.28 -5.48
CA LEU B 48 -35.06 -26.06 -6.00
C LEU B 48 -35.67 -25.81 -7.36
N ILE B 49 -35.94 -24.55 -7.68
CA ILE B 49 -36.36 -24.20 -9.03
C ILE B 49 -35.55 -23.04 -9.52
N SER B 50 -34.91 -23.21 -10.66
CA SER B 50 -34.19 -22.11 -11.21
C SER B 50 -34.76 -21.62 -12.55
N ASP B 51 -35.01 -20.33 -12.61
CA ASP B 51 -35.25 -19.65 -13.85
C ASP B 51 -33.96 -19.59 -14.64
N LYS B 52 -34.06 -19.88 -15.94
CA LYS B 52 -32.97 -19.58 -16.85
C LYS B 52 -33.44 -18.69 -18.00
N LYS B 53 -32.83 -17.50 -18.07
CA LYS B 53 -32.83 -16.76 -19.33
C LYS B 53 -31.65 -17.30 -20.15
N VAL B 54 -32.01 -18.13 -21.14
CA VAL B 54 -31.04 -18.96 -21.88
C VAL B 54 -30.44 -18.27 -23.12
N ARG B 55 -31.15 -17.26 -23.66
CA ARG B 55 -30.65 -16.47 -24.81
C ARG B 55 -30.41 -17.33 -26.07
N SER B 56 -29.41 -16.93 -26.86
CA SER B 56 -29.13 -17.43 -28.23
C SER B 56 -29.37 -18.91 -28.47
N ARG B 57 -29.80 -19.25 -29.68
CA ARG B 57 -29.91 -20.64 -30.11
C ARG B 57 -28.51 -21.25 -30.32
N LEU B 58 -27.48 -20.40 -30.31
CA LEU B 58 -26.13 -20.89 -30.56
C LEU B 58 -25.46 -21.46 -29.31
N ILE B 59 -26.07 -21.21 -28.14
CA ILE B 59 -25.65 -21.77 -26.86
C ILE B 59 -26.01 -23.26 -26.77
N GLU B 60 -25.14 -24.06 -26.14
CA GLU B 60 -25.50 -25.40 -25.67
C GLU B 60 -26.20 -25.26 -24.34
N GLN B 61 -27.47 -25.59 -24.34
CA GLN B 61 -28.37 -25.39 -23.21
C GLN B 61 -28.17 -26.52 -22.18
N ASN B 62 -27.84 -27.71 -22.68
CA ASN B 62 -27.53 -28.90 -21.85
C ASN B 62 -26.32 -28.81 -20.86
N SER B 63 -25.75 -27.62 -20.64
CA SER B 63 -24.67 -27.48 -19.63
C SER B 63 -24.62 -26.13 -18.86
N ILE B 64 -23.56 -25.98 -18.05
CA ILE B 64 -23.31 -24.77 -17.20
C ILE B 64 -24.53 -24.43 -16.27
N GLU B 65 -25.26 -25.50 -15.88
CA GLU B 65 -26.54 -25.43 -15.16
C GLU B 65 -26.53 -24.52 -13.92
N LYS B 66 -27.71 -24.04 -13.54
CA LYS B 66 -27.89 -23.15 -12.39
C LYS B 66 -27.99 -23.95 -11.07
N ILE B 67 -28.62 -25.12 -11.12
CA ILE B 67 -28.64 -26.01 -9.97
C ILE B 67 -27.44 -26.93 -9.99
N GLN B 68 -26.54 -26.74 -9.03
CA GLN B 68 -25.31 -27.53 -8.91
C GLN B 68 -25.38 -28.47 -7.69
N LEU B 69 -25.21 -29.76 -7.94
CA LEU B 69 -25.06 -30.73 -6.87
C LEU B 69 -23.74 -30.52 -6.11
N ILE B 70 -23.83 -30.49 -4.78
CA ILE B 70 -22.66 -30.35 -3.90
C ILE B 70 -22.22 -31.76 -3.51
N ASP B 71 -23.19 -32.60 -3.20
CA ASP B 71 -23.01 -34.05 -3.18
C ASP B 71 -24.40 -34.67 -3.48
N ASP B 72 -24.59 -35.95 -3.22
CA ASP B 72 -25.86 -36.62 -3.57
C ASP B 72 -27.07 -36.11 -2.80
N TYR B 73 -26.81 -35.54 -1.61
CA TYR B 73 -27.85 -35.09 -0.68
C TYR B 73 -28.02 -33.57 -0.56
N VAL B 74 -27.18 -32.80 -1.27
CA VAL B 74 -27.12 -31.35 -1.15
C VAL B 74 -26.89 -30.71 -2.52
N ALA B 75 -27.64 -29.66 -2.78
CA ALA B 75 -27.57 -28.94 -4.01
C ALA B 75 -27.57 -27.45 -3.70
N ALA B 76 -27.07 -26.66 -4.64
CA ALA B 76 -27.07 -25.21 -4.49
C ALA B 76 -27.50 -24.56 -5.79
N VAL B 77 -28.04 -23.36 -5.68
CA VAL B 77 -28.28 -22.53 -6.85
C VAL B 77 -27.75 -21.16 -6.46
N THR B 78 -27.26 -20.39 -7.42
CA THR B 78 -26.64 -19.10 -7.09
C THR B 78 -27.18 -17.98 -7.97
N SER B 79 -26.92 -16.73 -7.55
CA SER B 79 -27.24 -15.58 -8.36
C SER B 79 -26.17 -14.49 -8.15
N GLY B 80 -25.85 -13.74 -9.22
CA GLY B 80 -24.84 -12.66 -9.14
C GLY B 80 -23.69 -13.01 -10.06
N LEU B 81 -22.46 -12.64 -9.72
CA LEU B 81 -21.32 -12.91 -10.60
C LEU B 81 -21.05 -14.41 -10.77
N VAL B 82 -21.18 -14.87 -12.01
CA VAL B 82 -21.16 -16.26 -12.44
C VAL B 82 -19.82 -16.95 -12.11
N ALA B 83 -18.72 -16.28 -12.41
CA ALA B 83 -17.38 -16.76 -12.10
C ALA B 83 -17.10 -16.85 -10.58
N ASP B 84 -17.47 -15.81 -9.83
CA ASP B 84 -17.39 -15.84 -8.35
C ASP B 84 -18.17 -17.04 -7.82
N ALA B 85 -19.35 -17.28 -8.39
CA ALA B 85 -20.30 -18.31 -7.95
C ALA B 85 -19.67 -19.67 -8.13
N ARG B 86 -19.04 -19.87 -9.27
CA ARG B 86 -18.39 -21.16 -9.60
C ARG B 86 -17.29 -21.55 -8.60
N VAL B 87 -16.50 -20.56 -8.22
CA VAL B 87 -15.39 -20.75 -7.32
C VAL B 87 -15.92 -21.14 -5.91
N LEU B 88 -17.05 -20.55 -5.54
CA LEU B 88 -17.74 -20.81 -4.29
C LEU B 88 -18.39 -22.20 -4.25
N VAL B 89 -19.01 -22.59 -5.36
CA VAL B 89 -19.53 -23.94 -5.49
C VAL B 89 -18.36 -24.98 -5.42
N ASP B 90 -17.27 -24.73 -6.15
CA ASP B 90 -16.09 -25.59 -5.99
C ASP B 90 -15.67 -25.71 -4.51
N PHE B 91 -15.56 -24.58 -3.83
CA PHE B 91 -15.21 -24.56 -2.43
C PHE B 91 -16.15 -25.43 -1.59
N ALA B 92 -17.45 -25.31 -1.87
CA ALA B 92 -18.47 -26.05 -1.12
C ALA B 92 -18.37 -27.57 -1.36
N ARG B 93 -18.10 -27.97 -2.59
CA ARG B 93 -17.90 -29.39 -2.89
C ARG B 93 -16.73 -29.96 -2.14
N ILE B 94 -15.59 -29.31 -2.24
CA ILE B 94 -14.37 -29.77 -1.58
C ILE B 94 -14.56 -29.82 -0.07
N SER B 95 -15.16 -28.77 0.49
CA SER B 95 -15.38 -28.64 1.91
C SER B 95 -16.34 -29.73 2.45
N ALA B 96 -17.33 -30.11 1.63
CA ALA B 96 -18.20 -31.24 1.95
C ALA B 96 -17.39 -32.54 2.01
N GLN B 97 -16.57 -32.76 0.98
CA GLN B 97 -15.69 -33.93 0.97
C GLN B 97 -14.72 -34.01 2.16
N GLN B 98 -14.13 -32.89 2.58
CA GLN B 98 -13.28 -32.88 3.76
C GLN B 98 -14.05 -33.31 4.98
N GLU B 99 -15.30 -32.85 5.17
CA GLU B 99 -16.09 -33.27 6.32
C GLU B 99 -16.40 -34.75 6.29
N LYS B 100 -16.74 -35.30 5.13
CA LYS B 100 -17.06 -36.72 5.02
C LYS B 100 -15.82 -37.57 5.31
N VAL B 101 -14.65 -37.13 4.85
CA VAL B 101 -13.38 -37.82 5.14
C VAL B 101 -13.04 -37.81 6.66
N THR B 102 -13.23 -36.65 7.28
CA THR B 102 -12.97 -36.47 8.69
C THR B 102 -13.86 -37.29 9.63
N TYR B 103 -15.18 -37.31 9.38
CA TYR B 103 -16.17 -37.87 10.30
C TYR B 103 -16.89 -39.07 9.73
N GLY B 104 -16.79 -39.29 8.42
CA GLY B 104 -17.48 -40.42 7.81
C GLY B 104 -18.82 -40.00 7.23
N SER B 105 -19.30 -38.83 7.62
CA SER B 105 -20.55 -38.35 7.07
C SER B 105 -20.70 -36.88 7.36
N LEU B 106 -21.74 -36.31 6.78
CA LEU B 106 -22.07 -34.94 7.00
C LEU B 106 -23.44 -34.94 7.75
N VAL B 107 -23.37 -34.67 9.04
CA VAL B 107 -24.51 -34.80 9.90
C VAL B 107 -25.50 -33.62 9.82
N ASN B 108 -24.95 -32.39 9.74
CA ASN B 108 -25.73 -31.13 9.69
C ASN B 108 -25.19 -30.24 8.55
N ILE B 109 -25.94 -30.14 7.46
CA ILE B 109 -25.66 -29.20 6.37
C ILE B 109 -25.39 -27.76 6.84
N GLU B 110 -25.91 -27.38 8.00
CA GLU B 110 -25.67 -26.04 8.47
C GLU B 110 -24.18 -25.71 8.65
N ASN B 111 -23.40 -26.68 9.09
CA ASN B 111 -21.96 -26.48 9.23
C ASN B 111 -21.22 -26.24 7.92
N LEU B 112 -21.64 -26.92 6.85
CA LEU B 112 -21.17 -26.70 5.47
C LEU B 112 -21.49 -25.29 4.96
N VAL B 113 -22.73 -24.86 5.12
CA VAL B 113 -23.14 -23.51 4.76
C VAL B 113 -22.33 -22.41 5.52
N LYS B 114 -22.08 -22.62 6.82
CA LYS B 114 -21.25 -21.72 7.64
C LYS B 114 -19.79 -21.63 7.11
N ARG B 115 -19.23 -22.75 6.69
CA ARG B 115 -17.87 -22.71 6.18
C ARG B 115 -17.79 -21.89 4.90
N VAL B 116 -18.81 -22.01 4.04
CA VAL B 116 -18.91 -21.18 2.81
C VAL B 116 -19.11 -19.70 3.16
N ALA B 117 -20.07 -19.45 4.05
CA ALA B 117 -20.38 -18.08 4.55
C ALA B 117 -19.20 -17.45 5.27
N ASP B 118 -18.45 -18.23 6.04
CA ASP B 118 -17.13 -17.77 6.60
C ASP B 118 -16.05 -17.33 5.59
N GLN B 119 -15.89 -18.09 4.52
CA GLN B 119 -15.08 -17.72 3.38
C GLN B 119 -15.55 -16.35 2.78
N MET B 120 -16.86 -16.12 2.72
CA MET B 120 -17.38 -14.89 2.17
C MET B 120 -17.17 -13.73 3.14
N GLN B 121 -17.47 -13.96 4.44
CA GLN B 121 -17.33 -12.93 5.48
C GLN B 121 -15.91 -12.34 5.46
N GLN B 122 -14.95 -13.21 5.30
CA GLN B 122 -13.55 -12.91 5.34
C GLN B 122 -13.14 -11.96 4.22
N TYR B 123 -13.74 -12.12 3.04
CA TYR B 123 -13.49 -11.21 1.95
C TYR B 123 -14.18 -9.86 2.14
N THR B 124 -14.86 -9.65 3.27
CA THR B 124 -15.47 -8.34 3.62
C THR B 124 -14.68 -7.70 4.78
N GLN B 125 -13.69 -8.38 5.34
CA GLN B 125 -12.99 -7.89 6.51
C GLN B 125 -11.49 -7.59 6.25
N TYR B 126 -10.87 -8.37 5.35
CA TYR B 126 -9.45 -8.23 4.99
C TYR B 126 -9.27 -7.36 3.79
N GLY B 127 -8.25 -6.50 3.84
CA GLY B 127 -7.90 -5.73 2.66
C GLY B 127 -7.21 -6.52 1.56
N GLY B 128 -7.15 -5.92 0.39
CA GLY B 128 -6.48 -6.51 -0.80
C GLY B 128 -7.33 -7.55 -1.54
N VAL B 129 -8.66 -7.43 -1.45
CA VAL B 129 -9.63 -8.49 -1.83
C VAL B 129 -11.01 -7.82 -1.86
N ARG B 130 -11.86 -8.15 -2.83
CA ARG B 130 -13.24 -7.66 -2.83
C ARG B 130 -14.17 -8.80 -2.40
N PRO B 131 -15.35 -8.50 -1.87
CA PRO B 131 -16.33 -9.52 -1.57
C PRO B 131 -16.72 -10.33 -2.79
N TYR B 132 -17.31 -11.50 -2.56
CA TYR B 132 -17.91 -12.25 -3.63
C TYR B 132 -19.23 -11.61 -3.96
N GLY B 133 -19.54 -11.50 -5.26
CA GLY B 133 -20.80 -10.87 -5.72
C GLY B 133 -21.84 -11.92 -5.95
N VAL B 134 -22.12 -12.69 -4.89
CA VAL B 134 -22.91 -13.91 -5.00
C VAL B 134 -23.89 -14.10 -3.89
N SER B 135 -25.05 -14.66 -4.26
CA SER B 135 -25.96 -15.29 -3.29
C SER B 135 -26.23 -16.74 -3.65
N LEU B 136 -26.28 -17.57 -2.61
CA LEU B 136 -26.53 -18.99 -2.78
C LEU B 136 -27.76 -19.42 -1.97
N ILE B 137 -28.43 -20.45 -2.46
CA ILE B 137 -29.40 -21.21 -1.66
C ILE B 137 -28.83 -22.61 -1.65
N PHE B 138 -28.80 -23.20 -0.46
CA PHE B 138 -28.44 -24.58 -0.27
C PHE B 138 -29.67 -25.38 0.18
N ALA B 139 -29.88 -26.55 -0.43
CA ALA B 139 -31.03 -27.39 -0.04
C ALA B 139 -30.62 -28.86 0.01
N GLY B 140 -31.06 -29.57 1.02
CA GLY B 140 -30.68 -30.97 1.10
C GLY B 140 -31.28 -31.64 2.28
N ILE B 141 -30.79 -32.84 2.56
CA ILE B 141 -31.26 -33.61 3.70
C ILE B 141 -30.08 -34.05 4.50
N ASP B 142 -30.07 -33.77 5.79
CA ASP B 142 -29.01 -34.27 6.62
C ASP B 142 -29.66 -35.14 7.73
N GLN B 143 -28.97 -35.29 8.86
CA GLN B 143 -29.52 -36.13 9.91
C GLN B 143 -30.65 -35.44 10.66
N ILE B 144 -30.82 -34.13 10.47
CA ILE B 144 -31.86 -33.39 11.19
C ILE B 144 -33.18 -33.47 10.40
N GLY B 145 -33.07 -33.50 9.06
CA GLY B 145 -34.19 -33.47 8.13
C GLY B 145 -33.86 -32.70 6.85
N PRO B 146 -34.88 -32.38 6.03
CA PRO B 146 -34.69 -31.52 4.87
C PRO B 146 -34.30 -30.11 5.28
N ARG B 147 -33.36 -29.50 4.55
CA ARG B 147 -32.85 -28.21 4.95
C ARG B 147 -32.91 -27.27 3.78
N LEU B 148 -33.10 -26.00 4.09
CA LEU B 148 -33.06 -24.92 3.12
C LEU B 148 -32.41 -23.70 3.78
N PHE B 149 -31.29 -23.23 3.22
CA PHE B 149 -30.58 -22.08 3.77
C PHE B 149 -30.32 -21.10 2.67
N ASP B 150 -30.14 -19.82 3.00
CA ASP B 150 -29.54 -18.94 2.01
C ASP B 150 -28.27 -18.29 2.58
N CYS B 151 -27.54 -17.60 1.70
CA CYS B 151 -26.25 -17.06 2.06
C CYS B 151 -25.94 -15.91 1.08
N ASP B 152 -25.53 -14.76 1.61
CA ASP B 152 -25.34 -13.59 0.79
C ASP B 152 -23.88 -13.06 0.80
N PRO B 153 -23.56 -12.02 0.02
CA PRO B 153 -22.18 -11.51 -0.08
C PRO B 153 -21.47 -11.26 1.24
N ALA B 154 -22.25 -10.97 2.29
CA ALA B 154 -21.68 -10.70 3.62
C ALA B 154 -21.32 -11.94 4.41
N GLY B 155 -21.81 -13.11 3.99
CA GLY B 155 -21.73 -14.32 4.82
C GLY B 155 -22.81 -14.48 5.86
N THR B 156 -23.89 -13.74 5.67
CA THR B 156 -25.11 -13.80 6.48
C THR B 156 -25.96 -15.00 6.02
N ILE B 157 -26.38 -15.83 6.95
CA ILE B 157 -27.22 -16.99 6.59
C ILE B 157 -28.56 -17.04 7.34
N ASN B 158 -29.57 -17.63 6.68
CA ASN B 158 -30.85 -17.93 7.29
C ASN B 158 -31.31 -19.31 6.82
N GLU B 159 -31.95 -20.06 7.71
CA GLU B 159 -32.69 -21.27 7.34
C GLU B 159 -34.16 -20.93 7.03
N TYR B 160 -34.70 -21.52 5.98
CA TYR B 160 -36.03 -21.19 5.49
C TYR B 160 -36.94 -22.40 5.29
N LYS B 161 -38.24 -22.10 5.23
CA LYS B 161 -39.23 -23.01 4.71
C LYS B 161 -39.37 -22.77 3.23
N ALA B 162 -39.20 -21.52 2.80
CA ALA B 162 -39.31 -21.17 1.40
C ALA B 162 -38.50 -19.93 1.20
N THR B 163 -37.86 -19.76 0.04
CA THR B 163 -37.04 -18.56 -0.17
C THR B 163 -36.66 -18.37 -1.64
N ALA B 164 -36.12 -17.18 -1.97
CA ALA B 164 -35.69 -16.89 -3.36
C ALA B 164 -34.47 -15.97 -3.43
N ILE B 165 -33.78 -16.01 -4.57
CA ILE B 165 -32.66 -15.11 -4.85
C ILE B 165 -32.78 -14.63 -6.31
N GLY B 166 -32.03 -13.59 -6.69
CA GLY B 166 -32.07 -13.12 -8.08
C GLY B 166 -32.99 -11.93 -8.29
N SER B 167 -33.20 -11.51 -9.55
CA SER B 167 -33.92 -10.24 -9.82
C SER B 167 -35.36 -10.23 -9.31
N GLY B 168 -36.07 -11.34 -9.56
CA GLY B 168 -37.43 -11.51 -9.04
C GLY B 168 -37.60 -11.99 -7.61
N LYS B 169 -36.57 -11.88 -6.78
CA LYS B 169 -36.66 -12.30 -5.37
C LYS B 169 -37.96 -11.83 -4.66
N ASP B 170 -38.14 -10.50 -4.62
CA ASP B 170 -39.22 -9.87 -3.83
C ASP B 170 -40.61 -10.28 -4.29
N ALA B 171 -40.81 -10.37 -5.60
CA ALA B 171 -42.07 -10.87 -6.14
C ALA B 171 -42.38 -12.30 -5.63
N VAL B 172 -41.46 -13.23 -5.95
CA VAL B 172 -41.51 -14.63 -5.49
C VAL B 172 -41.81 -14.82 -3.99
N VAL B 173 -41.23 -13.98 -3.13
CA VAL B 173 -41.34 -14.09 -1.68
C VAL B 173 -42.68 -13.49 -1.22
N SER B 174 -43.12 -12.42 -1.87
CA SER B 174 -44.47 -11.88 -1.66
C SER B 174 -45.51 -12.97 -1.93
N PHE B 175 -45.40 -13.61 -3.09
CA PHE B 175 -46.27 -14.70 -3.46
C PHE B 175 -46.25 -15.85 -2.45
N LEU B 176 -45.06 -16.29 -2.02
CA LEU B 176 -44.96 -17.41 -1.10
C LEU B 176 -45.45 -17.04 0.30
N GLU B 177 -45.29 -15.78 0.70
CA GLU B 177 -45.83 -15.36 1.99
C GLU B 177 -47.34 -15.54 2.02
N ARG B 178 -48.03 -15.11 0.96
CA ARG B 178 -49.46 -15.34 0.81
C ARG B 178 -49.79 -16.84 0.68
N GLU B 179 -49.16 -17.51 -0.29
CA GLU B 179 -49.58 -18.85 -0.76
C GLU B 179 -48.96 -20.09 -0.15
N TYR B 180 -47.78 -19.94 0.48
CA TYR B 180 -47.02 -21.12 0.88
C TYR B 180 -47.70 -21.84 2.03
N LYS B 181 -47.81 -23.15 1.91
CA LYS B 181 -48.21 -23.95 3.05
C LYS B 181 -47.20 -25.07 3.25
N GLU B 182 -46.98 -25.41 4.51
CA GLU B 182 -46.08 -26.50 4.84
C GLU B 182 -46.60 -27.87 4.40
N ASN B 183 -45.68 -28.79 4.15
CA ASN B 183 -45.98 -30.21 3.98
C ASN B 183 -46.82 -30.63 2.78
N LEU B 184 -46.85 -29.81 1.74
CA LEU B 184 -47.50 -30.20 0.49
C LEU B 184 -46.78 -31.41 -0.10
N PRO B 185 -47.49 -32.25 -0.85
CA PRO B 185 -46.83 -33.28 -1.69
C PRO B 185 -45.89 -32.65 -2.72
N GLU B 186 -44.92 -33.42 -3.22
CA GLU B 186 -43.92 -32.91 -4.18
C GLU B 186 -44.54 -32.22 -5.39
N LYS B 187 -45.56 -32.85 -5.97
CA LYS B 187 -46.24 -32.35 -7.17
C LYS B 187 -46.87 -30.95 -6.94
N GLU B 188 -47.57 -30.81 -5.82
CA GLU B 188 -48.22 -29.55 -5.44
C GLU B 188 -47.26 -28.42 -5.10
N ALA B 189 -46.19 -28.77 -4.37
CA ALA B 189 -45.08 -27.86 -4.09
C ALA B 189 -44.41 -27.37 -5.37
N VAL B 190 -44.09 -28.28 -6.28
CA VAL B 190 -43.53 -27.87 -7.58
C VAL B 190 -44.47 -26.84 -8.23
N THR B 191 -45.75 -27.19 -8.33
CA THR B 191 -46.79 -26.30 -8.91
C THR B 191 -46.80 -24.93 -8.25
N LEU B 192 -46.85 -24.91 -6.92
CA LEU B 192 -46.77 -23.68 -6.16
C LEU B 192 -45.54 -22.86 -6.56
N GLY B 193 -44.38 -23.54 -6.61
CA GLY B 193 -43.11 -22.92 -7.00
C GLY B 193 -43.10 -22.36 -8.40
N ILE B 194 -43.56 -23.16 -9.36
CA ILE B 194 -43.70 -22.73 -10.75
C ILE B 194 -44.58 -21.48 -10.84
N LYS B 195 -45.71 -21.53 -10.15
CA LYS B 195 -46.63 -20.41 -10.08
C LYS B 195 -45.95 -19.17 -9.47
N ALA B 196 -45.21 -19.39 -8.38
CA ALA B 196 -44.50 -18.28 -7.67
C ALA B 196 -43.53 -17.57 -8.58
N LEU B 197 -42.83 -18.37 -9.37
CA LEU B 197 -41.83 -17.92 -10.32
C LEU B 197 -42.50 -17.10 -11.42
N LYS B 198 -43.65 -17.58 -11.92
CA LYS B 198 -44.39 -16.89 -12.98
C LYS B 198 -44.81 -15.49 -12.54
N SER B 199 -45.29 -15.39 -11.29
CA SER B 199 -45.70 -14.11 -10.68
C SER B 199 -44.62 -13.01 -10.75
N SER B 200 -43.35 -13.43 -10.76
CA SER B 200 -42.20 -12.51 -10.77
C SER B 200 -41.91 -11.89 -12.13
N LEU B 201 -42.41 -12.51 -13.20
CA LEU B 201 -42.18 -12.09 -14.58
C LEU B 201 -43.00 -10.87 -14.96
N GLU B 202 -42.50 -10.06 -15.91
CA GLU B 202 -43.35 -9.10 -16.64
C GLU B 202 -44.47 -9.84 -17.39
N GLU B 203 -45.70 -9.32 -17.32
CA GLU B 203 -46.83 -9.93 -18.07
C GLU B 203 -46.57 -9.82 -19.59
N GLY B 204 -47.09 -10.78 -20.35
CA GLY B 204 -46.71 -10.90 -21.76
C GLY B 204 -45.41 -11.69 -21.91
N GLU B 205 -44.46 -11.45 -20.99
CA GLU B 205 -43.24 -12.26 -20.86
C GLU B 205 -43.61 -13.68 -20.37
N GLU B 206 -43.21 -14.67 -21.16
CA GLU B 206 -43.53 -16.08 -20.93
C GLU B 206 -42.40 -16.77 -20.17
N LEU B 207 -42.68 -17.97 -19.64
CA LEU B 207 -41.69 -18.72 -18.85
C LEU B 207 -41.22 -19.99 -19.55
N LYS B 208 -39.98 -19.97 -20.03
CA LYS B 208 -39.43 -21.19 -20.66
C LYS B 208 -38.93 -22.18 -19.60
N ALA B 209 -38.49 -23.35 -20.07
CA ALA B 209 -37.98 -24.45 -19.24
C ALA B 209 -37.06 -24.09 -18.05
N PRO B 210 -37.63 -23.99 -16.85
CA PRO B 210 -36.81 -23.77 -15.66
C PRO B 210 -36.08 -25.07 -15.27
N GLU B 211 -35.01 -24.96 -14.48
CA GLU B 211 -34.41 -26.16 -13.89
C GLU B 211 -35.22 -26.48 -12.63
N ILE B 212 -35.40 -27.77 -12.34
CA ILE B 212 -36.09 -28.21 -11.14
C ILE B 212 -35.39 -29.47 -10.59
N ALA B 213 -35.13 -29.49 -9.28
CA ALA B 213 -34.52 -30.63 -8.62
C ALA B 213 -35.18 -30.79 -7.28
N SER B 214 -35.32 -32.04 -6.84
CA SER B 214 -35.92 -32.31 -5.54
C SER B 214 -35.22 -33.48 -4.83
N ILE B 215 -35.38 -33.52 -3.51
CA ILE B 215 -34.92 -34.67 -2.75
C ILE B 215 -35.92 -34.99 -1.62
N THR B 216 -36.12 -36.28 -1.33
CA THR B 216 -36.95 -36.71 -0.19
C THR B 216 -36.17 -37.64 0.73
N VAL B 217 -36.51 -37.62 2.03
CA VAL B 217 -35.79 -38.38 3.06
C VAL B 217 -35.59 -39.89 2.69
N GLY B 218 -34.38 -40.39 2.80
CA GLY B 218 -34.07 -41.75 2.35
C GLY B 218 -33.56 -41.86 0.91
N ASN B 219 -33.58 -40.76 0.16
CA ASN B 219 -33.15 -40.75 -1.23
C ASN B 219 -32.02 -39.78 -1.59
N LYS B 220 -31.57 -39.88 -2.85
CA LYS B 220 -30.60 -38.98 -3.41
C LYS B 220 -31.34 -37.99 -4.27
N TYR B 221 -30.68 -36.90 -4.63
CA TYR B 221 -31.33 -35.88 -5.43
C TYR B 221 -31.77 -36.44 -6.78
N ARG B 222 -32.96 -36.06 -7.20
CA ARG B 222 -33.24 -36.20 -8.62
C ARG B 222 -33.34 -34.85 -9.29
N ILE B 223 -32.72 -34.74 -10.45
CA ILE B 223 -32.94 -33.62 -11.33
C ILE B 223 -34.07 -34.02 -12.29
N TYR B 224 -35.08 -33.16 -12.37
CA TYR B 224 -36.17 -33.33 -13.30
C TYR B 224 -35.61 -33.19 -14.69
N ASP B 225 -35.88 -34.18 -15.56
CA ASP B 225 -35.48 -34.05 -16.98
C ASP B 225 -36.38 -33.05 -17.71
N GLN B 226 -35.87 -32.49 -18.80
CA GLN B 226 -36.61 -31.55 -19.65
C GLN B 226 -38.10 -31.93 -19.93
N GLU B 227 -38.41 -33.23 -19.99
CA GLU B 227 -39.79 -33.69 -20.22
C GLU B 227 -40.68 -33.52 -18.99
N GLU B 228 -40.19 -33.93 -17.82
CA GLU B 228 -40.95 -33.78 -16.58
C GLU B 228 -41.26 -32.34 -16.17
N VAL B 229 -40.46 -31.39 -16.62
CA VAL B 229 -40.66 -29.97 -16.30
C VAL B 229 -41.88 -29.39 -17.05
N LYS B 230 -41.95 -29.65 -18.35
CA LYS B 230 -43.10 -29.32 -19.23
C LYS B 230 -44.48 -29.57 -18.61
N LYS B 231 -44.70 -30.78 -18.08
CA LYS B 231 -45.92 -31.20 -17.38
C LYS B 231 -46.37 -30.24 -16.24
N PHE B 232 -45.62 -29.15 -16.05
CA PHE B 232 -45.88 -28.13 -15.02
C PHE B 232 -46.01 -26.72 -15.62
N LEU B 233 -45.71 -26.59 -16.90
CA LEU B 233 -45.75 -25.29 -17.55
C LEU B 233 -47.07 -24.99 -18.24
N ILE C 12 -7.81 3.25 9.54
CA ILE C 12 -8.77 2.35 10.26
C ILE C 12 -8.15 2.08 11.63
N THR C 13 -6.84 2.26 11.59
CA THR C 13 -6.04 2.12 12.77
C THR C 13 -5.45 3.48 13.02
N VAL C 14 -6.25 4.55 12.88
CA VAL C 14 -5.63 5.90 12.92
C VAL C 14 -6.27 6.83 13.97
N PHE C 15 -5.44 7.56 14.72
CA PHE C 15 -5.94 8.57 15.68
C PHE C 15 -6.34 9.87 15.00
N SER C 16 -7.42 10.47 15.48
CA SER C 16 -7.82 11.81 15.11
C SER C 16 -7.09 12.79 16.04
N PRO C 17 -7.05 14.08 15.70
CA PRO C 17 -6.42 15.05 16.57
C PRO C 17 -6.86 15.00 18.01
N ASP C 18 -8.11 14.63 18.29
CA ASP C 18 -8.52 14.50 19.68
C ASP C 18 -8.26 13.13 20.26
N GLY C 19 -7.58 12.25 19.51
CA GLY C 19 -7.22 10.93 20.05
C GLY C 19 -8.37 9.93 19.97
N ARG C 20 -9.23 10.07 18.98
CA ARG C 20 -10.32 9.14 18.80
C ARG C 20 -9.98 8.18 17.66
N LEU C 21 -10.55 6.99 17.72
CA LEU C 21 -10.46 6.00 16.65
C LEU C 21 -11.82 5.92 15.94
N PHE C 22 -12.01 6.73 14.91
CA PHE C 22 -13.34 6.84 14.30
C PHE C 22 -13.88 5.55 13.69
N GLN C 23 -13.02 4.77 13.02
CA GLN C 23 -13.40 3.44 12.51
C GLN C 23 -13.97 2.55 13.60
N VAL C 24 -13.39 2.60 14.82
CA VAL C 24 -13.96 1.82 15.95
C VAL C 24 -15.32 2.39 16.34
N GLU C 25 -15.42 3.70 16.38
CA GLU C 25 -16.69 4.35 16.69
C GLU C 25 -17.75 4.06 15.63
N TYR C 26 -17.35 3.97 14.35
CA TYR C 26 -18.29 3.58 13.29
C TYR C 26 -18.74 2.11 13.41
N ALA C 27 -17.83 1.24 13.87
CA ALA C 27 -18.21 -0.14 14.08
C ALA C 27 -19.25 -0.18 15.16
N ARG C 28 -19.12 0.65 16.20
CA ARG C 28 -20.16 0.73 17.23
C ARG C 28 -21.53 1.17 16.74
N GLU C 29 -21.59 1.97 15.68
CA GLU C 29 -22.87 2.28 15.01
C GLU C 29 -23.64 1.05 14.49
N ALA C 30 -22.92 0.09 13.93
CA ALA C 30 -23.49 -1.13 13.38
C ALA C 30 -24.12 -1.96 14.51
N VAL C 31 -23.46 -1.98 15.64
CA VAL C 31 -23.94 -2.65 16.84
C VAL C 31 -25.30 -2.08 17.33
N LYS C 32 -25.48 -0.76 17.19
CA LYS C 32 -26.74 -0.11 17.55
C LYS C 32 -27.95 -0.57 16.71
N LYS C 33 -27.72 -1.14 15.52
CA LYS C 33 -28.85 -1.61 14.69
C LYS C 33 -29.26 -3.02 15.08
N GLY C 34 -28.47 -3.71 15.89
CA GLY C 34 -28.79 -5.10 16.20
C GLY C 34 -29.99 -5.23 17.11
N SER C 35 -30.59 -6.42 17.15
CA SER C 35 -31.69 -6.72 18.07
C SER C 35 -31.25 -6.74 19.54
N THR C 36 -32.20 -6.42 20.43
CA THR C 36 -31.91 -6.22 21.85
C THR C 36 -31.74 -7.52 22.63
N ALA C 37 -30.73 -7.54 23.48
CA ALA C 37 -30.53 -8.64 24.40
C ALA C 37 -29.97 -8.12 25.72
N LEU C 38 -30.09 -8.94 26.74
CA LEU C 38 -29.72 -8.49 28.06
C LEU C 38 -29.33 -9.69 28.87
N GLY C 39 -28.60 -9.43 29.93
CA GLY C 39 -28.36 -10.45 30.93
C GLY C 39 -28.45 -9.87 32.33
N MET C 40 -28.72 -10.73 33.29
CA MET C 40 -28.69 -10.29 34.67
C MET C 40 -28.36 -11.45 35.57
N LYS C 41 -27.60 -11.15 36.59
CA LYS C 41 -27.32 -12.12 37.63
C LYS C 41 -28.51 -12.06 38.58
N PHE C 42 -28.87 -13.23 39.08
CA PHE C 42 -29.85 -13.40 40.13
C PHE C 42 -29.22 -14.29 41.21
N ALA C 43 -30.04 -14.78 42.15
CA ALA C 43 -29.56 -15.60 43.28
C ALA C 43 -28.90 -16.90 42.81
N ASN C 44 -27.60 -16.99 43.03
CA ASN C 44 -26.79 -18.16 42.62
C ASN C 44 -26.87 -18.51 41.12
N GLY C 45 -26.99 -17.47 40.30
CA GLY C 45 -27.24 -17.66 38.88
C GLY C 45 -27.12 -16.45 38.02
N VAL C 46 -27.36 -16.65 36.73
CA VAL C 46 -27.27 -15.59 35.72
C VAL C 46 -28.10 -16.04 34.53
N LEU C 47 -28.74 -15.08 33.86
CA LEU C 47 -29.57 -15.37 32.70
C LEU C 47 -29.35 -14.41 31.53
N LEU C 48 -29.86 -14.83 30.38
CA LEU C 48 -29.76 -14.09 29.14
C LEU C 48 -31.11 -14.15 28.44
N ILE C 49 -31.52 -13.03 27.85
CA ILE C 49 -32.79 -12.95 27.14
C ILE C 49 -32.53 -12.18 25.86
N SER C 50 -32.97 -12.74 24.75
CA SER C 50 -32.81 -12.05 23.49
C SER C 50 -34.12 -11.84 22.74
N ASP C 51 -34.31 -10.61 22.28
CA ASP C 51 -35.31 -10.30 21.30
C ASP C 51 -34.91 -10.85 19.93
N LYS C 52 -35.88 -11.17 19.09
CA LYS C 52 -35.61 -11.64 17.72
C LYS C 52 -36.39 -10.82 16.70
N LYS C 53 -35.68 -10.18 15.76
CA LYS C 53 -36.38 -9.56 14.64
C LYS C 53 -36.80 -10.65 13.61
N VAL C 54 -37.98 -11.22 13.85
CA VAL C 54 -38.55 -12.32 13.04
C VAL C 54 -39.03 -11.78 11.68
N ARG C 55 -38.36 -12.23 10.62
CA ARG C 55 -38.67 -11.77 9.27
C ARG C 55 -40.15 -12.05 8.90
N SER C 56 -40.45 -13.33 8.70
CA SER C 56 -41.72 -13.76 8.17
C SER C 56 -41.91 -15.21 8.58
N ARG C 57 -43.07 -15.76 8.24
CA ARG C 57 -43.38 -17.15 8.56
C ARG C 57 -42.62 -18.17 7.69
N LEU C 58 -41.99 -17.66 6.64
CA LEU C 58 -41.12 -18.46 5.76
C LEU C 58 -39.75 -18.75 6.39
N ILE C 59 -39.34 -17.96 7.38
CA ILE C 59 -38.10 -18.16 8.11
C ILE C 59 -38.26 -19.33 9.06
N GLU C 60 -37.29 -20.22 9.08
CA GLU C 60 -37.28 -21.34 10.01
C GLU C 60 -36.78 -20.86 11.39
N GLN C 61 -37.62 -20.99 12.40
CA GLN C 61 -37.37 -20.41 13.74
C GLN C 61 -36.47 -21.24 14.69
N ASN C 62 -36.53 -22.57 14.60
CA ASN C 62 -35.63 -23.47 15.34
C ASN C 62 -34.13 -23.08 15.24
N SER C 63 -33.85 -21.91 14.66
CA SER C 63 -32.61 -21.69 13.92
C SER C 63 -31.96 -20.31 14.03
N ILE C 64 -30.70 -20.26 13.60
CA ILE C 64 -29.78 -19.10 13.80
C ILE C 64 -30.13 -18.41 15.13
N GLU C 65 -29.97 -19.19 16.21
CA GLU C 65 -30.23 -18.71 17.56
C GLU C 65 -29.38 -17.49 17.90
N LYS C 66 -30.01 -16.54 18.57
CA LYS C 66 -29.35 -15.37 19.09
C LYS C 66 -28.48 -15.70 20.32
N ILE C 67 -28.97 -16.61 21.16
CA ILE C 67 -28.21 -17.11 22.31
C ILE C 67 -27.41 -18.34 21.89
N GLN C 68 -26.08 -18.26 22.09
CA GLN C 68 -25.14 -19.26 21.58
C GLN C 68 -24.37 -19.81 22.77
N LEU C 69 -24.45 -21.11 23.03
CA LEU C 69 -23.66 -21.67 24.11
C LEU C 69 -22.23 -21.78 23.62
N ILE C 70 -21.30 -21.46 24.51
CA ILE C 70 -19.87 -21.50 24.24
C ILE C 70 -19.33 -22.80 24.79
N ASP C 71 -19.77 -23.18 25.99
CA ASP C 71 -19.65 -24.55 26.47
C ASP C 71 -20.86 -24.80 27.38
N ASP C 72 -20.93 -25.91 28.10
CA ASP C 72 -22.07 -26.15 29.02
C ASP C 72 -22.31 -25.12 30.13
N TYR C 73 -21.27 -24.35 30.51
CA TYR C 73 -21.29 -23.42 31.63
C TYR C 73 -21.25 -21.94 31.24
N VAL C 74 -21.24 -21.66 29.93
CA VAL C 74 -20.98 -20.33 29.41
C VAL C 74 -21.78 -20.11 28.14
N ALA C 75 -22.40 -18.94 28.01
CA ALA C 75 -23.15 -18.63 26.82
C ALA C 75 -22.92 -17.20 26.41
N ALA C 76 -23.22 -16.90 25.15
CA ALA C 76 -23.04 -15.53 24.66
C ALA C 76 -24.25 -15.14 23.85
N VAL C 77 -24.48 -13.85 23.71
CA VAL C 77 -25.53 -13.33 22.85
C VAL C 77 -24.80 -12.16 22.21
N THR C 78 -25.11 -11.86 20.95
CA THR C 78 -24.38 -10.82 20.22
C THR C 78 -25.32 -9.84 19.54
N SER C 79 -24.78 -8.65 19.22
CA SER C 79 -25.49 -7.68 18.43
C SER C 79 -24.58 -7.00 17.39
N GLY C 80 -25.11 -6.80 16.18
CA GLY C 80 -24.36 -6.09 15.12
C GLY C 80 -24.25 -6.93 13.87
N LEU C 81 -23.10 -6.87 13.18
CA LEU C 81 -22.89 -7.71 12.00
C LEU C 81 -22.95 -9.20 12.35
N VAL C 82 -23.95 -9.86 11.79
CA VAL C 82 -24.28 -11.25 12.08
C VAL C 82 -23.17 -12.23 11.63
N ALA C 83 -22.50 -11.98 10.50
CA ALA C 83 -21.41 -12.86 10.06
C ALA C 83 -20.12 -12.68 10.89
N ASP C 84 -19.77 -11.42 11.19
CA ASP C 84 -18.73 -11.05 12.11
C ASP C 84 -18.93 -11.70 13.52
N ALA C 85 -20.17 -11.68 14.01
CA ALA C 85 -20.53 -12.30 15.29
C ALA C 85 -20.35 -13.78 15.23
N ARG C 86 -20.78 -14.42 14.14
CA ARG C 86 -20.64 -15.87 14.03
C ARG C 86 -19.14 -16.29 14.14
N VAL C 87 -18.25 -15.51 13.54
CA VAL C 87 -16.80 -15.71 13.54
C VAL C 87 -16.22 -15.54 14.95
N LEU C 88 -16.67 -14.53 15.69
CA LEU C 88 -16.25 -14.40 17.09
C LEU C 88 -16.78 -15.50 18.01
N VAL C 89 -18.02 -15.93 17.77
CA VAL C 89 -18.58 -17.01 18.55
C VAL C 89 -17.81 -18.33 18.30
N ASP C 90 -17.47 -18.63 17.05
CA ASP C 90 -16.60 -19.78 16.73
C ASP C 90 -15.25 -19.67 17.44
N PHE C 91 -14.62 -18.50 17.34
CA PHE C 91 -13.37 -18.22 17.98
C PHE C 91 -13.50 -18.51 19.48
N ALA C 92 -14.52 -17.96 20.14
CA ALA C 92 -14.73 -18.18 21.58
C ALA C 92 -14.91 -19.67 21.95
N ARG C 93 -15.65 -20.45 21.14
CA ARG C 93 -15.84 -21.87 21.44
C ARG C 93 -14.51 -22.63 21.46
N ILE C 94 -13.70 -22.35 20.43
CA ILE C 94 -12.41 -23.02 20.26
C ILE C 94 -11.46 -22.57 21.34
N SER C 95 -11.40 -21.26 21.58
CA SER C 95 -10.57 -20.72 22.63
C SER C 95 -10.95 -21.37 24.02
N ALA C 96 -12.24 -21.55 24.29
CA ALA C 96 -12.68 -22.27 25.50
C ALA C 96 -12.12 -23.69 25.50
N GLN C 97 -12.27 -24.41 24.40
CA GLN C 97 -11.72 -25.78 24.35
C GLN C 97 -10.20 -25.85 24.52
N GLN C 98 -9.48 -24.84 24.03
CA GLN C 98 -8.03 -24.84 24.18
C GLN C 98 -7.60 -24.67 25.63
N GLU C 99 -8.35 -23.85 26.40
CA GLU C 99 -8.07 -23.69 27.83
C GLU C 99 -8.37 -24.97 28.59
N LYS C 100 -9.47 -25.65 28.26
CA LYS C 100 -9.87 -26.87 28.93
C LYS C 100 -8.86 -28.01 28.67
N VAL C 101 -8.35 -28.10 27.44
CA VAL C 101 -7.29 -29.05 27.11
C VAL C 101 -6.01 -28.73 27.89
N THR C 102 -5.65 -27.46 27.95
CA THR C 102 -4.41 -27.07 28.55
C THR C 102 -4.41 -27.34 30.06
N TYR C 103 -5.49 -26.95 30.77
CA TYR C 103 -5.51 -26.98 32.25
C TYR C 103 -6.50 -27.98 32.80
N GLY C 104 -7.32 -28.58 31.96
CA GLY C 104 -8.34 -29.51 32.45
C GLY C 104 -9.66 -28.83 32.76
N SER C 105 -9.67 -27.50 32.85
CA SER C 105 -10.91 -26.82 33.07
C SER C 105 -10.74 -25.33 32.87
N LEU C 106 -11.85 -24.60 33.00
CA LEU C 106 -11.89 -23.19 32.72
C LEU C 106 -12.24 -22.50 34.04
N VAL C 107 -11.25 -21.93 34.70
CA VAL C 107 -11.37 -21.54 36.09
C VAL C 107 -12.07 -20.18 36.22
N ASN C 108 -11.70 -19.22 35.35
CA ASN C 108 -12.19 -17.85 35.40
C ASN C 108 -12.62 -17.45 34.01
N ILE C 109 -13.95 -17.34 33.79
CA ILE C 109 -14.55 -16.93 32.50
C ILE C 109 -13.99 -15.62 31.90
N GLU C 110 -13.43 -14.75 32.73
CA GLU C 110 -12.94 -13.45 32.30
C GLU C 110 -11.71 -13.56 31.40
N ASN C 111 -10.89 -14.58 31.60
CA ASN C 111 -9.78 -14.84 30.68
C ASN C 111 -10.20 -15.21 29.24
N LEU C 112 -11.25 -16.03 29.10
CA LEU C 112 -11.90 -16.29 27.80
C LEU C 112 -12.41 -14.99 27.09
N VAL C 113 -13.16 -14.16 27.82
CA VAL C 113 -13.69 -12.89 27.30
C VAL C 113 -12.53 -11.98 26.86
N LYS C 114 -11.46 -11.95 27.65
CA LYS C 114 -10.20 -11.24 27.31
C LYS C 114 -9.55 -11.78 26.02
N ARG C 115 -9.45 -13.10 25.85
CA ARG C 115 -8.96 -13.64 24.59
C ARG C 115 -9.78 -13.18 23.42
N VAL C 116 -11.12 -13.20 23.52
CA VAL C 116 -11.99 -12.70 22.43
C VAL C 116 -11.77 -11.19 22.22
N ALA C 117 -11.63 -10.46 23.32
CA ALA C 117 -11.52 -9.01 23.26
C ALA C 117 -10.18 -8.59 22.69
N ASP C 118 -9.13 -9.37 22.97
CA ASP C 118 -7.80 -9.21 22.35
C ASP C 118 -7.80 -9.34 20.85
N GLN C 119 -8.47 -10.35 20.36
CA GLN C 119 -8.64 -10.56 18.92
C GLN C 119 -9.35 -9.36 18.27
N MET C 120 -10.38 -8.80 18.94
CA MET C 120 -11.08 -7.61 18.47
C MET C 120 -10.20 -6.37 18.56
N GLN C 121 -9.43 -6.25 19.64
CA GLN C 121 -8.50 -5.14 19.80
C GLN C 121 -7.50 -5.08 18.67
N GLN C 122 -6.94 -6.22 18.29
CA GLN C 122 -6.00 -6.26 17.20
C GLN C 122 -6.52 -5.72 15.91
N TYR C 123 -7.79 -5.95 15.64
CA TYR C 123 -8.39 -5.52 14.37
C TYR C 123 -8.68 -4.03 14.41
N THR C 124 -8.37 -3.36 15.53
CA THR C 124 -8.41 -1.87 15.61
C THR C 124 -6.98 -1.27 15.56
N GLN C 125 -5.94 -2.13 15.55
CA GLN C 125 -4.57 -1.65 15.59
C GLN C 125 -3.71 -1.94 14.34
N TYR C 126 -3.90 -3.10 13.71
CA TYR C 126 -3.22 -3.46 12.44
C TYR C 126 -4.00 -2.99 11.24
N GLY C 127 -3.26 -2.49 10.26
CA GLY C 127 -3.88 -2.11 8.99
C GLY C 127 -4.26 -3.33 8.17
N GLY C 128 -5.03 -3.09 7.11
CA GLY C 128 -5.37 -4.20 6.23
C GLY C 128 -6.54 -5.05 6.68
N VAL C 129 -7.21 -4.66 7.77
CA VAL C 129 -8.46 -5.25 8.25
C VAL C 129 -9.30 -4.12 8.80
N ARG C 130 -10.62 -4.34 8.91
CA ARG C 130 -11.51 -3.47 9.64
C ARG C 130 -11.85 -4.10 10.98
N PRO C 131 -12.32 -3.31 11.96
CA PRO C 131 -12.85 -3.88 13.22
C PRO C 131 -14.06 -4.79 12.99
N TYR C 132 -14.32 -5.71 13.92
CA TYR C 132 -15.58 -6.44 13.94
C TYR C 132 -16.70 -5.47 14.37
N GLY C 133 -17.82 -5.48 13.62
CA GLY C 133 -19.02 -4.68 13.97
C GLY C 133 -19.95 -5.39 14.92
N VAL C 134 -19.42 -5.75 16.09
CA VAL C 134 -20.07 -6.65 17.04
C VAL C 134 -19.86 -6.27 18.51
N SER C 135 -20.94 -6.41 19.32
CA SER C 135 -20.87 -6.44 20.79
C SER C 135 -21.45 -7.76 21.26
N LEU C 136 -20.93 -8.24 22.39
CA LEU C 136 -21.25 -9.51 22.96
C LEU C 136 -21.52 -9.36 24.45
N ILE C 137 -22.40 -10.19 24.95
CA ILE C 137 -22.53 -10.40 26.37
C ILE C 137 -22.18 -11.86 26.59
N PHE C 138 -21.29 -12.11 27.55
CA PHE C 138 -21.00 -13.43 28.02
C PHE C 138 -21.57 -13.66 29.42
N ALA C 139 -22.19 -14.80 29.65
CA ALA C 139 -22.71 -15.14 30.97
C ALA C 139 -22.46 -16.60 31.26
N GLY C 140 -21.99 -16.91 32.46
CA GLY C 140 -21.88 -18.30 32.85
C GLY C 140 -21.45 -18.45 34.27
N ILE C 141 -21.14 -19.68 34.67
CA ILE C 141 -20.58 -19.94 36.02
C ILE C 141 -19.13 -20.45 35.96
N ASP C 142 -18.26 -19.91 36.79
CA ASP C 142 -16.92 -20.44 36.94
C ASP C 142 -16.62 -20.61 38.44
N GLN C 143 -15.36 -20.78 38.82
CA GLN C 143 -14.98 -20.92 40.22
C GLN C 143 -15.35 -19.73 41.09
N ILE C 144 -15.30 -18.53 40.54
CA ILE C 144 -15.63 -17.35 41.34
C ILE C 144 -17.14 -17.35 41.58
N GLY C 145 -17.91 -17.81 40.61
CA GLY C 145 -19.37 -17.81 40.71
C GLY C 145 -20.01 -17.40 39.40
N PRO C 146 -21.27 -16.95 39.42
CA PRO C 146 -21.96 -16.48 38.17
C PRO C 146 -21.30 -15.20 37.60
N ARG C 147 -21.17 -15.13 36.26
CA ARG C 147 -20.44 -14.04 35.60
C ARG C 147 -21.23 -13.41 34.48
N LEU C 148 -21.03 -12.11 34.32
CA LEU C 148 -21.73 -11.40 33.27
C LEU C 148 -20.78 -10.34 32.77
N PHE C 149 -20.31 -10.50 31.54
CA PHE C 149 -19.41 -9.50 30.93
C PHE C 149 -20.02 -8.97 29.64
N ASP C 150 -19.62 -7.79 29.23
CA ASP C 150 -19.81 -7.40 27.87
C ASP C 150 -18.44 -7.05 27.23
N CYS C 151 -18.48 -6.86 25.91
CA CYS C 151 -17.31 -6.74 25.04
C CYS C 151 -17.77 -6.00 23.79
N ASP C 152 -17.07 -4.94 23.39
CA ASP C 152 -17.50 -4.12 22.28
C ASP C 152 -16.50 -4.13 21.08
N PRO C 153 -16.77 -3.48 19.94
CA PRO C 153 -15.83 -3.54 18.79
C PRO C 153 -14.36 -3.14 19.10
N ALA C 154 -14.15 -2.36 20.15
CA ALA C 154 -12.80 -2.00 20.56
C ALA C 154 -12.07 -3.07 21.35
N GLY C 155 -12.81 -4.03 21.88
CA GLY C 155 -12.24 -4.98 22.83
C GLY C 155 -12.23 -4.51 24.26
N THR C 156 -13.00 -3.46 24.54
CA THR C 156 -13.33 -2.96 25.91
C THR C 156 -14.29 -3.92 26.57
N ILE C 157 -13.98 -4.28 27.80
CA ILE C 157 -14.80 -5.24 28.51
C ILE C 157 -15.20 -4.67 29.85
N ASN C 158 -16.41 -5.02 30.27
CA ASN C 158 -16.87 -4.72 31.61
C ASN C 158 -17.58 -5.92 32.18
N GLU C 159 -17.44 -6.12 33.49
CA GLU C 159 -18.30 -7.04 34.25
C GLU C 159 -19.53 -6.34 34.86
N TYR C 160 -20.70 -6.97 34.75
CA TYR C 160 -21.96 -6.40 35.20
C TYR C 160 -22.76 -7.26 36.19
N LYS C 161 -23.76 -6.62 36.79
CA LYS C 161 -24.86 -7.26 37.49
C LYS C 161 -26.01 -7.48 36.50
N ALA C 162 -26.21 -6.48 35.64
CA ALA C 162 -27.25 -6.54 34.63
C ALA C 162 -26.76 -5.66 33.48
N THR C 163 -27.11 -5.98 32.23
CA THR C 163 -26.65 -5.19 31.06
C THR C 163 -27.44 -5.56 29.81
N ALA C 164 -27.27 -4.72 28.78
CA ALA C 164 -27.99 -4.90 27.52
C ALA C 164 -27.15 -4.44 26.32
N ILE C 165 -27.49 -4.95 25.14
CA ILE C 165 -26.82 -4.53 23.91
C ILE C 165 -27.89 -4.42 22.84
N GLY C 166 -27.59 -3.75 21.74
CA GLY C 166 -28.53 -3.73 20.58
C GLY C 166 -29.28 -2.41 20.54
N SER C 167 -30.35 -2.32 19.75
CA SER C 167 -31.02 -1.02 19.56
C SER C 167 -31.72 -0.49 20.83
N GLY C 168 -32.39 -1.38 21.56
CA GLY C 168 -33.08 -1.03 22.79
C GLY C 168 -32.19 -0.93 24.02
N LYS C 169 -30.87 -0.87 23.79
CA LYS C 169 -29.90 -0.90 24.89
C LYS C 169 -30.22 0.15 25.95
N ASP C 170 -30.38 1.40 25.50
CA ASP C 170 -30.52 2.57 26.42
C ASP C 170 -31.79 2.54 27.26
N ALA C 171 -32.90 2.17 26.61
CA ALA C 171 -34.15 1.87 27.28
C ALA C 171 -34.02 0.74 28.34
N VAL C 172 -33.63 -0.46 27.89
CA VAL C 172 -33.41 -1.60 28.80
C VAL C 172 -32.51 -1.23 29.98
N VAL C 173 -31.42 -0.53 29.72
CA VAL C 173 -30.47 -0.15 30.76
C VAL C 173 -31.09 0.84 31.75
N SER C 174 -31.80 1.86 31.25
CA SER C 174 -32.45 2.80 32.15
C SER C 174 -33.51 2.08 33.03
N PHE C 175 -34.32 1.21 32.42
CA PHE C 175 -35.25 0.40 33.19
C PHE C 175 -34.58 -0.39 34.31
N LEU C 176 -33.40 -0.97 34.02
CA LEU C 176 -32.76 -1.88 34.96
C LEU C 176 -32.12 -1.02 36.00
N GLU C 177 -31.74 0.18 35.60
CA GLU C 177 -31.13 1.09 36.57
C GLU C 177 -32.11 1.52 37.67
N ARG C 178 -33.40 1.67 37.32
CA ARG C 178 -34.48 1.83 38.30
C ARG C 178 -34.94 0.48 38.90
N GLU C 179 -35.12 -0.53 38.07
CA GLU C 179 -35.88 -1.69 38.55
C GLU C 179 -35.06 -2.84 39.08
N TYR C 180 -33.75 -2.86 38.79
CA TYR C 180 -32.91 -4.04 39.08
C TYR C 180 -32.59 -4.19 40.55
N LYS C 181 -32.73 -5.42 41.01
CA LYS C 181 -32.44 -5.84 42.36
C LYS C 181 -31.54 -7.11 42.32
N GLU C 182 -30.49 -7.14 43.15
CA GLU C 182 -29.66 -8.34 43.30
C GLU C 182 -30.45 -9.53 43.87
N ASN C 183 -29.97 -10.74 43.61
CA ASN C 183 -30.44 -11.97 44.29
C ASN C 183 -31.90 -12.35 44.17
N LEU C 184 -32.56 -11.90 43.11
CA LEU C 184 -33.90 -12.35 42.78
C LEU C 184 -33.92 -13.85 42.59
N PRO C 185 -35.05 -14.50 42.85
CA PRO C 185 -35.18 -15.90 42.45
C PRO C 185 -35.30 -15.88 40.92
N GLU C 186 -35.00 -17.00 40.27
CA GLU C 186 -34.96 -17.01 38.80
C GLU C 186 -36.24 -16.49 38.13
N LYS C 187 -37.38 -17.00 38.59
CA LYS C 187 -38.71 -16.65 38.08
C LYS C 187 -38.87 -15.13 37.99
N GLU C 188 -38.43 -14.45 39.03
CA GLU C 188 -38.60 -13.02 39.15
C GLU C 188 -37.57 -12.21 38.37
N ALA C 189 -36.36 -12.79 38.25
CA ALA C 189 -35.34 -12.24 37.38
C ALA C 189 -35.87 -12.28 35.96
N VAL C 190 -36.33 -13.46 35.52
CA VAL C 190 -36.86 -13.58 34.16
C VAL C 190 -37.98 -12.59 33.89
N THR C 191 -38.92 -12.47 34.84
CA THR C 191 -40.09 -11.59 34.70
C THR C 191 -39.64 -10.16 34.57
N LEU C 192 -38.77 -9.72 35.48
CA LEU C 192 -38.16 -8.38 35.38
C LEU C 192 -37.48 -8.12 34.00
N GLY C 193 -36.81 -9.16 33.47
CA GLY C 193 -36.09 -9.07 32.20
C GLY C 193 -37.04 -8.88 31.07
N ILE C 194 -38.11 -9.66 31.06
CA ILE C 194 -39.17 -9.51 30.04
C ILE C 194 -39.71 -8.10 30.08
N LYS C 195 -39.95 -7.60 31.30
CA LYS C 195 -40.42 -6.23 31.49
C LYS C 195 -39.46 -5.20 30.89
N ALA C 196 -38.18 -5.32 31.20
CA ALA C 196 -37.16 -4.38 30.70
C ALA C 196 -37.09 -4.34 29.15
N LEU C 197 -37.26 -5.51 28.54
CA LEU C 197 -37.31 -5.62 27.07
C LEU C 197 -38.54 -4.89 26.47
N LYS C 198 -39.74 -5.24 26.96
CA LYS C 198 -41.00 -4.53 26.60
C LYS C 198 -40.91 -3.00 26.68
N SER C 199 -40.24 -2.51 27.71
CA SER C 199 -39.91 -1.08 27.89
C SER C 199 -39.20 -0.40 26.70
N SER C 200 -38.44 -1.18 25.94
CA SER C 200 -37.66 -0.67 24.84
C SER C 200 -38.44 -0.68 23.54
N LEU C 201 -39.58 -1.36 23.52
CA LEU C 201 -40.39 -1.48 22.30
C LEU C 201 -41.07 -0.16 21.95
N GLU C 202 -41.27 0.09 20.67
CA GLU C 202 -42.15 1.19 20.22
C GLU C 202 -43.57 0.94 20.71
N GLU C 203 -44.20 1.98 21.25
CA GLU C 203 -45.61 1.92 21.70
C GLU C 203 -46.55 1.23 20.69
N GLY C 204 -47.41 0.34 21.19
CA GLY C 204 -48.31 -0.45 20.33
C GLY C 204 -47.64 -1.60 19.59
N GLU C 205 -46.33 -1.76 19.78
CA GLU C 205 -45.57 -2.90 19.24
C GLU C 205 -45.53 -4.03 20.29
N GLU C 206 -45.63 -5.26 19.80
CA GLU C 206 -45.93 -6.41 20.67
C GLU C 206 -44.71 -7.32 20.81
N LEU C 207 -44.35 -7.70 22.05
CA LEU C 207 -43.25 -8.65 22.26
C LEU C 207 -43.63 -10.03 21.74
N LYS C 208 -42.92 -10.46 20.70
CA LYS C 208 -43.29 -11.66 19.95
C LYS C 208 -43.00 -12.98 20.68
N ALA C 209 -41.92 -12.98 21.48
CA ALA C 209 -41.49 -14.13 22.30
C ALA C 209 -39.97 -14.34 22.19
N PRO C 210 -39.23 -13.95 23.22
CA PRO C 210 -37.78 -13.92 23.15
C PRO C 210 -37.15 -15.32 23.32
N GLU C 211 -35.84 -15.39 23.14
CA GLU C 211 -35.05 -16.52 23.63
C GLU C 211 -34.71 -16.29 25.10
N ILE C 212 -34.78 -17.33 25.91
CA ILE C 212 -34.35 -17.24 27.32
C ILE C 212 -33.42 -18.40 27.67
N ALA C 213 -32.45 -18.14 28.55
CA ALA C 213 -31.54 -19.19 28.98
C ALA C 213 -30.99 -18.79 30.31
N SER C 214 -30.87 -19.76 31.21
CA SER C 214 -30.35 -19.47 32.54
C SER C 214 -29.41 -20.56 33.04
N ILE C 215 -28.54 -20.20 33.97
CA ILE C 215 -27.72 -21.20 34.61
C ILE C 215 -27.64 -20.88 36.12
N THR C 216 -27.71 -21.91 36.96
CA THR C 216 -27.51 -21.72 38.43
C THR C 216 -26.33 -22.56 38.90
N VAL C 217 -25.69 -22.16 40.00
CA VAL C 217 -24.52 -22.88 40.49
C VAL C 217 -24.79 -24.38 40.67
N GLY C 218 -23.82 -25.20 40.24
CA GLY C 218 -23.97 -26.64 40.30
C GLY C 218 -24.53 -27.21 39.02
N ASN C 219 -25.08 -26.36 38.15
CA ASN C 219 -25.81 -26.85 36.98
C ASN C 219 -25.25 -26.46 35.63
N LYS C 220 -25.71 -27.16 34.61
CA LYS C 220 -25.45 -26.81 33.22
C LYS C 220 -26.51 -25.84 32.77
N TYR C 221 -26.25 -25.15 31.66
CA TYR C 221 -27.21 -24.20 31.10
C TYR C 221 -28.52 -24.87 30.71
N ARG C 222 -29.63 -24.15 30.93
CA ARG C 222 -30.92 -24.51 30.34
C ARG C 222 -31.40 -23.45 29.39
N ILE C 223 -31.90 -23.93 28.25
CA ILE C 223 -32.49 -23.11 27.24
C ILE C 223 -33.99 -23.35 27.36
N TYR C 224 -34.70 -22.38 27.93
CA TYR C 224 -36.17 -22.36 27.93
C TYR C 224 -36.71 -22.70 26.54
N ASP C 225 -37.71 -23.59 26.44
CA ASP C 225 -38.39 -23.77 25.13
C ASP C 225 -39.58 -22.81 24.98
N GLN C 226 -40.12 -22.74 23.75
CA GLN C 226 -41.21 -21.82 23.40
C GLN C 226 -42.36 -21.74 24.43
N GLU C 227 -42.83 -22.87 24.95
CA GLU C 227 -43.96 -22.84 25.88
C GLU C 227 -43.55 -22.52 27.31
N GLU C 228 -42.25 -22.57 27.58
CA GLU C 228 -41.68 -22.13 28.86
C GLU C 228 -41.64 -20.61 28.90
N VAL C 229 -41.33 -20.02 27.74
CA VAL C 229 -41.24 -18.57 27.58
C VAL C 229 -42.63 -17.93 27.57
N LYS C 230 -43.60 -18.72 27.11
CA LYS C 230 -45.02 -18.30 26.98
C LYS C 230 -45.63 -17.83 28.30
N LYS C 231 -45.26 -18.50 29.40
CA LYS C 231 -45.77 -18.19 30.73
C LYS C 231 -45.28 -16.84 31.28
N PHE C 232 -44.77 -15.99 30.39
CA PHE C 232 -44.13 -14.72 30.77
C PHE C 232 -44.59 -13.60 29.84
N LEU C 233 -45.03 -13.99 28.64
CA LEU C 233 -45.27 -13.06 27.56
C LEU C 233 -46.58 -12.31 27.63
N ILE D 12 1.44 7.49 9.77
CA ILE D 12 1.38 7.22 11.26
C ILE D 12 2.82 7.18 11.79
N THR D 13 3.70 6.99 10.81
CA THR D 13 5.11 6.86 11.06
C THR D 13 5.69 7.89 10.15
N VAL D 14 5.16 9.11 10.21
CA VAL D 14 5.69 10.18 9.35
C VAL D 14 6.12 11.45 10.08
N PHE D 15 7.25 12.04 9.69
CA PHE D 15 7.66 13.36 10.23
C PHE D 15 6.90 14.53 9.60
N SER D 16 6.53 15.49 10.43
CA SER D 16 6.09 16.81 9.95
C SER D 16 7.34 17.68 9.67
N PRO D 17 7.19 18.77 8.90
CA PRO D 17 8.32 19.69 8.63
C PRO D 17 9.07 20.25 9.83
N ASP D 18 8.42 20.40 10.98
CA ASP D 18 9.16 20.72 12.21
C ASP D 18 9.63 19.50 13.00
N GLY D 19 9.61 18.31 12.38
CA GLY D 19 10.15 17.12 13.03
C GLY D 19 9.22 16.52 14.07
N ARG D 20 7.91 16.74 13.93
CA ARG D 20 6.96 16.16 14.84
C ARG D 20 6.32 14.87 14.27
N LEU D 21 5.89 13.99 15.19
CA LEU D 21 5.09 12.79 14.86
C LEU D 21 3.66 12.99 15.35
N PHE D 22 2.79 13.52 14.51
CA PHE D 22 1.43 13.88 14.95
C PHE D 22 0.53 12.71 15.40
N GLN D 23 0.63 11.55 14.74
CA GLN D 23 -0.05 10.33 15.25
C GLN D 23 0.28 10.01 16.71
N VAL D 24 1.57 10.12 17.07
CA VAL D 24 2.03 9.94 18.47
C VAL D 24 1.52 11.04 19.38
N GLU D 25 1.50 12.27 18.90
CA GLU D 25 0.88 13.39 19.63
C GLU D 25 -0.63 13.21 19.80
N TYR D 26 -1.29 12.64 18.79
CA TYR D 26 -2.73 12.33 18.90
C TYR D 26 -3.06 11.17 19.86
N ALA D 27 -2.19 10.13 19.89
CA ALA D 27 -2.32 9.06 20.88
C ALA D 27 -2.27 9.62 22.31
N ARG D 28 -1.44 10.62 22.56
CA ARG D 28 -1.35 11.31 23.84
C ARG D 28 -2.65 11.99 24.27
N GLU D 29 -3.40 12.47 23.28
CA GLU D 29 -4.71 13.05 23.51
C GLU D 29 -5.67 12.04 24.12
N ALA D 30 -5.60 10.79 23.69
CA ALA D 30 -6.42 9.71 24.26
C ALA D 30 -6.07 9.54 25.75
N VAL D 31 -4.77 9.63 26.05
CA VAL D 31 -4.26 9.41 27.40
C VAL D 31 -4.75 10.50 28.37
N LYS D 32 -4.67 11.76 27.92
CA LYS D 32 -5.21 12.90 28.67
C LYS D 32 -6.67 12.68 29.15
N LYS D 33 -7.41 11.77 28.52
CA LYS D 33 -8.83 11.56 28.84
C LYS D 33 -9.10 10.55 29.93
N GLY D 34 -8.14 9.70 30.25
CA GLY D 34 -8.35 8.68 31.26
C GLY D 34 -8.35 9.25 32.66
N SER D 35 -8.74 8.41 33.60
CA SER D 35 -8.79 8.74 35.02
C SER D 35 -7.43 8.90 35.61
N THR D 36 -7.34 9.84 36.53
CA THR D 36 -6.08 10.21 37.12
C THR D 36 -5.53 9.15 38.03
N ALA D 37 -4.24 8.91 37.90
CA ALA D 37 -3.55 8.03 38.82
C ALA D 37 -2.18 8.62 39.05
N LEU D 38 -1.57 8.22 40.17
CA LEU D 38 -0.35 8.81 40.61
C LEU D 38 0.44 7.76 41.30
N GLY D 39 1.74 7.98 41.38
CA GLY D 39 2.60 7.13 42.19
C GLY D 39 3.53 7.99 42.99
N MET D 40 3.98 7.49 44.15
CA MET D 40 5.03 8.21 44.87
C MET D 40 5.96 7.34 45.70
N LYS D 41 7.24 7.69 45.71
CA LYS D 41 8.13 7.02 46.66
C LYS D 41 8.05 7.71 48.04
N PHE D 42 8.06 6.87 49.07
CA PHE D 42 8.16 7.29 50.46
C PHE D 42 9.30 6.49 51.06
N ALA D 43 9.46 6.48 52.39
CA ALA D 43 10.61 5.79 53.03
C ALA D 43 10.58 4.27 52.87
N ASN D 44 11.64 3.74 52.25
CA ASN D 44 11.77 2.29 51.91
C ASN D 44 10.61 1.68 51.10
N GLY D 45 9.92 2.50 50.32
CA GLY D 45 8.70 2.04 49.68
C GLY D 45 8.19 2.89 48.53
N VAL D 46 7.13 2.40 47.90
CA VAL D 46 6.52 3.16 46.81
C VAL D 46 5.05 2.81 46.80
N LEU D 47 4.22 3.77 46.41
CA LEU D 47 2.79 3.53 46.35
C LEU D 47 2.16 4.01 45.03
N LEU D 48 1.02 3.41 44.73
CA LEU D 48 0.21 3.83 43.62
C LEU D 48 -1.20 4.18 44.16
N ILE D 49 -1.80 5.22 43.62
CA ILE D 49 -3.19 5.53 43.92
C ILE D 49 -3.90 5.80 42.62
N SER D 50 -5.08 5.19 42.47
CA SER D 50 -5.85 5.44 41.28
C SER D 50 -7.27 5.94 41.49
N ASP D 51 -7.60 7.03 40.80
CA ASP D 51 -8.95 7.53 40.71
C ASP D 51 -9.84 6.57 39.95
N LYS D 52 -11.02 6.35 40.51
CA LYS D 52 -11.88 5.24 40.11
C LYS D 52 -13.26 5.82 39.77
N LYS D 53 -13.58 5.80 38.46
CA LYS D 53 -14.87 6.26 37.96
C LYS D 53 -15.91 5.13 37.97
N VAL D 54 -16.46 4.90 39.17
CA VAL D 54 -17.59 3.98 39.46
C VAL D 54 -18.69 4.03 38.37
N ARG D 55 -19.63 4.94 38.56
CA ARG D 55 -20.56 5.38 37.51
C ARG D 55 -21.50 4.29 36.91
N SER D 56 -22.24 3.65 37.82
CA SER D 56 -23.44 2.83 37.56
C SER D 56 -23.47 1.68 38.52
N ARG D 57 -24.63 1.48 39.12
CA ARG D 57 -24.78 0.48 40.17
C ARG D 57 -24.90 -0.94 39.58
N LEU D 58 -25.10 -1.00 38.26
CA LEU D 58 -25.23 -2.26 37.52
C LEU D 58 -23.86 -2.85 37.14
N ILE D 59 -22.79 -2.08 37.39
CA ILE D 59 -21.42 -2.49 37.13
C ILE D 59 -20.88 -3.23 38.34
N GLU D 60 -20.17 -4.34 38.11
CA GLU D 60 -19.46 -5.00 39.19
C GLU D 60 -18.28 -4.17 39.69
N GLN D 61 -18.39 -3.72 40.95
CA GLN D 61 -17.37 -2.90 41.63
C GLN D 61 -16.21 -3.74 42.19
N ASN D 62 -15.60 -4.57 41.34
CA ASN D 62 -14.70 -5.61 41.83
C ASN D 62 -13.49 -5.79 40.93
N SER D 63 -13.78 -5.92 39.64
CA SER D 63 -12.79 -6.33 38.63
C SER D 63 -12.42 -5.19 37.68
N ILE D 64 -11.74 -5.55 36.57
CA ILE D 64 -11.13 -4.61 35.58
C ILE D 64 -10.55 -3.36 36.29
N GLU D 65 -9.68 -3.61 37.28
CA GLU D 65 -9.03 -2.55 38.05
C GLU D 65 -8.05 -1.75 37.24
N LYS D 66 -7.80 -0.55 37.74
CA LYS D 66 -6.80 0.33 37.13
C LYS D 66 -5.37 -0.06 37.59
N ILE D 67 -5.21 -0.45 38.85
CA ILE D 67 -3.92 -0.94 39.36
C ILE D 67 -3.76 -2.44 39.11
N GLN D 68 -2.71 -2.81 38.39
CA GLN D 68 -2.50 -4.20 37.95
C GLN D 68 -1.14 -4.69 38.43
N LEU D 69 -1.12 -5.84 39.10
CA LEU D 69 0.13 -6.46 39.44
C LEU D 69 0.79 -7.05 38.18
N ILE D 70 2.04 -6.69 37.97
CA ILE D 70 2.89 -7.29 36.96
C ILE D 70 3.51 -8.60 37.51
N ASP D 71 4.19 -8.52 38.65
CA ASP D 71 4.46 -9.71 39.49
C ASP D 71 4.24 -9.23 40.95
N ASP D 72 4.66 -10.01 41.94
CA ASP D 72 4.45 -9.68 43.36
C ASP D 72 5.19 -8.46 43.85
N TYR D 73 6.14 -7.99 43.05
CA TYR D 73 7.02 -6.88 43.44
C TYR D 73 6.89 -5.63 42.58
N VAL D 74 5.99 -5.66 41.60
CA VAL D 74 5.89 -4.63 40.56
C VAL D 74 4.41 -4.51 40.17
N ALA D 75 3.93 -3.27 40.05
CA ALA D 75 2.56 -2.98 39.67
C ALA D 75 2.55 -1.85 38.66
N ALA D 76 1.44 -1.72 37.95
CA ALA D 76 1.31 -0.73 36.88
C ALA D 76 -0.09 -0.15 36.90
N VAL D 77 -0.24 1.04 36.38
CA VAL D 77 -1.56 1.67 36.32
C VAL D 77 -1.47 2.39 35.01
N THR D 78 -2.61 2.56 34.35
CA THR D 78 -2.56 3.03 32.99
C THR D 78 -3.65 4.05 32.77
N SER D 79 -3.54 4.82 31.68
CA SER D 79 -4.54 5.80 31.33
C SER D 79 -4.65 5.82 29.80
N GLY D 80 -5.85 5.98 29.24
CA GLY D 80 -6.03 6.00 27.79
C GLY D 80 -6.91 4.87 27.32
N LEU D 81 -6.68 4.39 26.10
CA LEU D 81 -7.49 3.31 25.50
C LEU D 81 -7.36 2.03 26.34
N VAL D 82 -8.48 1.54 26.92
CA VAL D 82 -8.43 0.44 27.92
C VAL D 82 -8.02 -0.90 27.32
N ALA D 83 -8.51 -1.20 26.13
CA ALA D 83 -8.11 -2.43 25.44
C ALA D 83 -6.62 -2.45 25.14
N ASP D 84 -6.07 -1.35 24.62
CA ASP D 84 -4.65 -1.17 24.33
C ASP D 84 -3.89 -1.38 25.65
N ALA D 85 -4.45 -0.87 26.74
CA ALA D 85 -3.77 -0.90 28.02
C ALA D 85 -3.72 -2.35 28.45
N ARG D 86 -4.83 -3.08 28.29
CA ARG D 86 -4.86 -4.47 28.68
C ARG D 86 -3.75 -5.31 27.99
N VAL D 87 -3.56 -5.08 26.71
CA VAL D 87 -2.58 -5.78 25.87
C VAL D 87 -1.12 -5.48 26.32
N LEU D 88 -0.85 -4.24 26.74
CA LEU D 88 0.46 -3.80 27.26
C LEU D 88 0.78 -4.40 28.63
N VAL D 89 -0.21 -4.38 29.50
CA VAL D 89 -0.13 -5.11 30.75
C VAL D 89 0.10 -6.62 30.53
N ASP D 90 -0.59 -7.26 29.59
CA ASP D 90 -0.36 -8.69 29.35
C ASP D 90 1.10 -8.88 28.90
N PHE D 91 1.53 -8.06 27.95
CA PHE D 91 2.94 -8.00 27.53
C PHE D 91 3.95 -7.82 28.67
N ALA D 92 3.74 -6.82 29.54
CA ALA D 92 4.55 -6.62 30.75
C ALA D 92 4.61 -7.89 31.65
N ARG D 93 3.47 -8.50 31.92
CA ARG D 93 3.46 -9.72 32.71
C ARG D 93 4.31 -10.86 32.14
N ILE D 94 4.13 -11.12 30.84
CA ILE D 94 4.83 -12.21 30.15
C ILE D 94 6.33 -11.91 30.05
N SER D 95 6.65 -10.66 29.79
CA SER D 95 7.99 -10.21 29.71
C SER D 95 8.69 -10.29 31.09
N ALA D 96 7.99 -9.99 32.20
CA ALA D 96 8.60 -10.16 33.54
C ALA D 96 8.97 -11.62 33.83
N GLN D 97 8.05 -12.53 33.52
CA GLN D 97 8.30 -13.97 33.60
C GLN D 97 9.45 -14.48 32.70
N GLN D 98 9.55 -14.00 31.47
CA GLN D 98 10.69 -14.34 30.61
C GLN D 98 12.04 -14.00 31.24
N GLU D 99 12.13 -12.83 31.88
CA GLU D 99 13.37 -12.37 32.53
C GLU D 99 13.67 -13.26 33.74
N LYS D 100 12.66 -13.57 34.53
CA LYS D 100 12.82 -14.41 35.71
C LYS D 100 13.28 -15.81 35.37
N VAL D 101 12.69 -16.41 34.33
CA VAL D 101 13.11 -17.71 33.83
C VAL D 101 14.58 -17.66 33.31
N THR D 102 14.96 -16.54 32.70
CA THR D 102 16.25 -16.46 32.05
C THR D 102 17.35 -16.30 33.04
N TYR D 103 17.16 -15.41 34.03
CA TYR D 103 18.22 -15.05 35.01
C TYR D 103 17.94 -15.51 36.41
N GLY D 104 16.73 -16.02 36.66
CA GLY D 104 16.34 -16.42 37.98
C GLY D 104 15.72 -15.31 38.80
N SER D 105 15.78 -14.08 38.33
CA SER D 105 15.08 -12.98 38.97
C SER D 105 15.15 -11.73 38.15
N LEU D 106 14.58 -10.66 38.70
CA LEU D 106 14.42 -9.43 37.98
C LEU D 106 15.19 -8.34 38.74
N VAL D 107 16.41 -8.08 38.29
CA VAL D 107 17.32 -7.28 39.06
C VAL D 107 16.93 -5.80 39.02
N ASN D 108 16.71 -5.27 37.81
CA ASN D 108 16.44 -3.84 37.62
C ASN D 108 15.17 -3.66 36.80
N ILE D 109 14.06 -3.34 37.50
CA ILE D 109 12.75 -3.01 36.91
C ILE D 109 12.80 -2.08 35.70
N GLU D 110 13.85 -1.30 35.55
CA GLU D 110 13.91 -0.37 34.43
C GLU D 110 13.97 -1.14 33.08
N ASN D 111 14.64 -2.28 33.07
CA ASN D 111 14.73 -3.08 31.89
C ASN D 111 13.38 -3.61 31.44
N LEU D 112 12.52 -3.95 32.42
CA LEU D 112 11.15 -4.35 32.09
C LEU D 112 10.43 -3.17 31.40
N VAL D 113 10.51 -1.99 32.01
CA VAL D 113 9.84 -0.81 31.47
C VAL D 113 10.30 -0.49 30.04
N LYS D 114 11.61 -0.63 29.80
CA LYS D 114 12.22 -0.47 28.46
C LYS D 114 11.70 -1.47 27.41
N ARG D 115 11.57 -2.75 27.77
CA ARG D 115 11.00 -3.73 26.82
C ARG D 115 9.58 -3.32 26.45
N VAL D 116 8.79 -2.85 27.42
CA VAL D 116 7.44 -2.36 27.18
C VAL D 116 7.50 -1.13 26.28
N ALA D 117 8.43 -0.20 26.59
CA ALA D 117 8.48 1.09 25.91
C ALA D 117 8.95 0.90 24.46
N ASP D 118 9.79 -0.12 24.29
CA ASP D 118 10.34 -0.49 22.96
C ASP D 118 9.29 -0.99 21.98
N GLN D 119 8.37 -1.76 22.51
CA GLN D 119 7.28 -2.33 21.81
C GLN D 119 6.33 -1.19 21.44
N MET D 120 6.21 -0.18 22.29
CA MET D 120 5.41 1.00 21.95
C MET D 120 6.11 1.85 20.88
N GLN D 121 7.45 1.98 20.99
CA GLN D 121 8.27 2.82 20.09
C GLN D 121 8.15 2.29 18.65
N GLN D 122 8.14 0.96 18.56
CA GLN D 122 8.12 0.25 17.32
C GLN D 122 6.85 0.56 16.52
N TYR D 123 5.74 0.69 17.25
CA TYR D 123 4.42 1.02 16.69
C TYR D 123 4.30 2.49 16.27
N THR D 124 5.33 3.31 16.53
CA THR D 124 5.38 4.71 16.08
C THR D 124 6.30 4.83 14.89
N GLN D 125 6.97 3.73 14.53
CA GLN D 125 7.98 3.75 13.49
C GLN D 125 7.67 2.97 12.21
N TYR D 126 7.06 1.78 12.36
CA TYR D 126 6.70 0.87 11.25
C TYR D 126 5.31 1.17 10.79
N GLY D 127 5.12 1.24 9.47
CA GLY D 127 3.78 1.43 8.88
C GLY D 127 2.84 0.23 9.07
N GLY D 128 1.56 0.43 8.77
CA GLY D 128 0.58 -0.62 8.92
C GLY D 128 0.15 -0.93 10.34
N VAL D 129 0.48 -0.04 11.29
CA VAL D 129 0.02 -0.11 12.69
C VAL D 129 -0.14 1.30 13.21
N ARG D 130 -0.97 1.49 14.23
CA ARG D 130 -1.06 2.79 14.88
C ARG D 130 -0.40 2.66 16.27
N PRO D 131 0.05 3.77 16.87
CA PRO D 131 0.58 3.70 18.23
C PRO D 131 -0.43 3.17 19.23
N TYR D 132 0.06 2.73 20.39
CA TYR D 132 -0.78 2.53 21.57
C TYR D 132 -1.22 3.86 22.16
N GLY D 133 -2.50 4.02 22.46
CA GLY D 133 -3.00 5.22 23.12
C GLY D 133 -2.97 5.09 24.62
N VAL D 134 -1.77 4.91 25.19
CA VAL D 134 -1.62 4.54 26.58
C VAL D 134 -0.39 5.15 27.26
N SER D 135 -0.58 5.59 28.51
CA SER D 135 0.53 5.87 29.44
C SER D 135 0.44 4.93 30.63
N LEU D 136 1.58 4.54 31.16
CA LEU D 136 1.64 3.59 32.23
C LEU D 136 2.50 4.24 33.26
N ILE D 137 2.17 3.98 34.54
CA ILE D 137 3.15 4.13 35.60
C ILE D 137 3.49 2.73 36.10
N PHE D 138 4.79 2.43 36.21
CA PHE D 138 5.26 1.24 36.91
C PHE D 138 5.86 1.57 38.28
N ALA D 139 5.54 0.76 39.28
CA ALA D 139 6.20 0.88 40.58
C ALA D 139 6.46 -0.47 41.24
N GLY D 140 7.61 -0.59 41.90
CA GLY D 140 7.93 -1.76 42.70
C GLY D 140 9.30 -1.59 43.31
N ILE D 141 9.87 -2.73 43.71
CA ILE D 141 11.17 -2.81 44.38
C ILE D 141 12.02 -3.79 43.62
N ASP D 142 13.28 -3.44 43.40
CA ASP D 142 14.26 -4.35 42.81
C ASP D 142 15.61 -4.22 43.62
N GLN D 143 16.73 -4.76 43.11
CA GLN D 143 17.99 -4.73 43.87
C GLN D 143 18.43 -3.33 44.11
N ILE D 144 17.99 -2.40 43.26
CA ILE D 144 18.39 -1.02 43.45
C ILE D 144 17.54 -0.38 44.55
N GLY D 145 16.36 -0.93 44.82
CA GLY D 145 15.40 -0.35 45.77
C GLY D 145 14.07 0.03 45.12
N PRO D 146 13.28 0.89 45.79
CA PRO D 146 11.97 1.31 45.27
C PRO D 146 12.07 2.12 43.96
N ARG D 147 11.20 1.80 42.99
CA ARG D 147 11.26 2.40 41.63
C ARG D 147 9.94 2.93 41.19
N LEU D 148 10.00 4.01 40.44
CA LEU D 148 8.82 4.63 39.92
C LEU D 148 9.11 5.21 38.52
N PHE D 149 8.47 4.64 37.50
CA PHE D 149 8.69 5.02 36.11
C PHE D 149 7.39 5.41 35.45
N ASP D 150 7.45 6.28 34.44
CA ASP D 150 6.30 6.46 33.58
C ASP D 150 6.71 6.04 32.17
N CYS D 151 5.73 5.85 31.30
CA CYS D 151 5.98 5.40 29.97
C CYS D 151 4.84 5.93 29.07
N ASP D 152 5.16 6.56 27.95
CA ASP D 152 4.11 7.12 27.14
C ASP D 152 3.92 6.46 25.75
N PRO D 153 2.92 6.89 24.96
CA PRO D 153 2.70 6.39 23.59
C PRO D 153 3.92 6.29 22.68
N ALA D 154 4.85 7.21 22.85
CA ALA D 154 6.12 7.21 22.11
C ALA D 154 7.10 6.15 22.57
N GLY D 155 6.91 5.60 23.76
CA GLY D 155 7.92 4.78 24.36
C GLY D 155 8.91 5.57 25.18
N THR D 156 8.65 6.86 25.34
CA THR D 156 9.45 7.70 26.26
C THR D 156 9.25 7.27 27.73
N ILE D 157 10.34 7.08 28.46
CA ILE D 157 10.32 6.83 29.91
C ILE D 157 11.12 7.82 30.78
N ASN D 158 10.74 7.91 32.03
CA ASN D 158 11.39 8.76 33.00
C ASN D 158 11.20 8.09 34.34
N GLU D 159 12.23 8.16 35.19
CA GLU D 159 12.10 7.73 36.56
C GLU D 159 11.82 8.92 37.48
N TYR D 160 10.97 8.68 38.47
CA TYR D 160 10.41 9.73 39.31
C TYR D 160 10.50 9.43 40.81
N LYS D 161 10.31 10.51 41.59
CA LYS D 161 10.03 10.47 43.04
C LYS D 161 8.52 10.43 43.22
N ALA D 162 7.82 11.21 42.41
CA ALA D 162 6.36 11.18 42.35
C ALA D 162 5.93 11.62 40.96
N THR D 163 4.78 11.15 40.47
CA THR D 163 4.30 11.50 39.14
C THR D 163 2.85 11.15 38.97
N ALA D 164 2.25 11.54 37.85
CA ALA D 164 0.83 11.19 37.61
C ALA D 164 0.51 11.09 36.12
N ILE D 165 -0.61 10.44 35.84
CA ILE D 165 -1.10 10.31 34.48
C ILE D 165 -2.62 10.51 34.54
N GLY D 166 -3.25 10.79 33.39
CA GLY D 166 -4.73 10.92 33.32
C GLY D 166 -5.13 12.39 33.15
N SER D 167 -6.43 12.71 33.21
CA SER D 167 -6.88 14.12 33.04
C SER D 167 -6.40 15.08 34.14
N GLY D 168 -6.25 14.57 35.36
CA GLY D 168 -5.81 15.38 36.49
C GLY D 168 -4.30 15.52 36.66
N LYS D 169 -3.55 15.04 35.67
CA LYS D 169 -2.09 15.01 35.73
C LYS D 169 -1.45 16.33 36.17
N ASP D 170 -1.83 17.40 35.48
CA ASP D 170 -1.23 18.73 35.72
C ASP D 170 -1.42 19.33 37.14
N ALA D 171 -2.64 19.23 37.65
CA ALA D 171 -2.96 19.58 39.01
C ALA D 171 -2.23 18.72 40.03
N VAL D 172 -2.32 17.39 39.90
CA VAL D 172 -1.61 16.46 40.79
C VAL D 172 -0.12 16.76 40.84
N VAL D 173 0.48 16.99 39.68
CA VAL D 173 1.92 17.26 39.58
C VAL D 173 2.29 18.63 40.16
N SER D 174 1.49 19.66 39.82
CA SER D 174 1.49 20.97 40.50
C SER D 174 1.56 20.85 41.99
N PHE D 175 0.53 20.21 42.53
CA PHE D 175 0.40 19.98 43.94
C PHE D 175 1.62 19.28 44.54
N LEU D 176 2.09 18.20 43.93
CA LEU D 176 3.24 17.47 44.48
C LEU D 176 4.54 18.28 44.35
N GLU D 177 4.68 19.02 43.25
CA GLU D 177 5.85 19.90 43.04
C GLU D 177 6.01 20.95 44.15
N ARG D 178 4.87 21.46 44.64
CA ARG D 178 4.78 22.28 45.86
C ARG D 178 4.96 21.44 47.15
N GLU D 179 4.08 20.45 47.39
CA GLU D 179 3.97 19.75 48.68
C GLU D 179 4.77 18.48 48.86
N TYR D 180 5.32 17.90 47.79
CA TYR D 180 5.94 16.57 47.94
C TYR D 180 7.17 16.64 48.84
N LYS D 181 7.36 15.60 49.65
CA LYS D 181 8.54 15.54 50.49
C LYS D 181 9.11 14.11 50.49
N GLU D 182 10.43 13.99 50.33
CA GLU D 182 11.11 12.69 50.28
C GLU D 182 11.08 12.00 51.62
N ASN D 183 10.88 10.70 51.59
CA ASN D 183 11.04 9.85 52.77
C ASN D 183 9.95 9.94 53.80
N LEU D 184 8.76 10.37 53.40
CA LEU D 184 7.60 10.27 54.27
C LEU D 184 7.37 8.80 54.69
N PRO D 185 6.75 8.57 55.86
CA PRO D 185 6.30 7.21 56.17
C PRO D 185 5.09 6.93 55.31
N GLU D 186 4.68 5.66 55.27
CA GLU D 186 3.58 5.18 54.42
C GLU D 186 2.27 5.99 54.59
N LYS D 187 1.75 6.08 55.82
CA LYS D 187 0.49 6.81 56.12
C LYS D 187 0.49 8.28 55.63
N GLU D 188 1.61 8.95 55.81
CA GLU D 188 1.72 10.37 55.45
C GLU D 188 1.77 10.55 53.92
N ALA D 189 2.62 9.72 53.30
CA ALA D 189 2.66 9.54 51.83
C ALA D 189 1.26 9.30 51.25
N VAL D 190 0.53 8.34 51.80
CA VAL D 190 -0.81 8.06 51.32
C VAL D 190 -1.72 9.26 51.47
N THR D 191 -1.51 10.04 52.53
CA THR D 191 -2.33 11.22 52.87
C THR D 191 -1.99 12.38 51.95
N LEU D 192 -0.71 12.61 51.73
CA LEU D 192 -0.26 13.59 50.72
C LEU D 192 -0.82 13.24 49.33
N GLY D 193 -0.74 11.94 48.98
CA GLY D 193 -1.27 11.39 47.75
C GLY D 193 -2.73 11.64 47.53
N ILE D 194 -3.57 11.36 48.54
CA ILE D 194 -5.03 11.56 48.48
C ILE D 194 -5.44 13.02 48.33
N LYS D 195 -4.79 13.87 49.12
CA LYS D 195 -5.03 15.30 49.09
C LYS D 195 -4.76 15.78 47.66
N ALA D 196 -3.58 15.40 47.16
CA ALA D 196 -3.10 15.73 45.81
C ALA D 196 -4.08 15.32 44.71
N LEU D 197 -4.72 14.17 44.90
CA LEU D 197 -5.76 13.68 44.01
C LEU D 197 -7.08 14.47 44.16
N LYS D 198 -7.40 14.86 45.40
CA LYS D 198 -8.55 15.75 45.67
C LYS D 198 -8.43 17.10 44.96
N SER D 199 -7.20 17.63 44.91
CA SER D 199 -6.98 18.94 44.32
C SER D 199 -7.21 19.01 42.81
N SER D 200 -7.21 17.86 42.15
CA SER D 200 -7.30 17.84 40.68
C SER D 200 -8.74 17.78 40.18
N LEU D 201 -9.68 17.55 41.09
CA LEU D 201 -11.10 17.48 40.76
C LEU D 201 -11.72 18.85 40.51
N GLU D 202 -12.90 18.86 39.86
CA GLU D 202 -13.74 20.06 39.77
C GLU D 202 -14.44 20.32 41.12
N GLU D 203 -14.42 21.60 41.53
CA GLU D 203 -15.06 22.13 42.76
C GLU D 203 -16.45 21.57 43.10
N GLY D 204 -16.58 20.99 44.30
CA GLY D 204 -17.84 20.39 44.72
C GLY D 204 -18.08 18.95 44.30
N GLU D 205 -17.43 18.52 43.21
CA GLU D 205 -17.41 17.10 42.82
C GLU D 205 -16.54 16.27 43.79
N GLU D 206 -17.12 15.19 44.33
CA GLU D 206 -16.55 14.45 45.46
C GLU D 206 -15.67 13.29 45.00
N LEU D 207 -14.65 12.97 45.81
CA LEU D 207 -13.76 11.84 45.54
C LEU D 207 -14.33 10.56 46.13
N LYS D 208 -14.76 9.66 45.25
CA LYS D 208 -15.17 8.34 45.68
C LYS D 208 -13.93 7.43 45.88
N ALA D 209 -14.17 6.20 46.36
CA ALA D 209 -13.11 5.22 46.65
C ALA D 209 -12.01 5.05 45.57
N PRO D 210 -10.81 5.60 45.82
CA PRO D 210 -9.67 5.33 44.95
C PRO D 210 -9.07 3.95 45.24
N GLU D 211 -8.37 3.37 44.26
CA GLU D 211 -7.53 2.20 44.50
C GLU D 211 -6.21 2.66 45.10
N ILE D 212 -5.67 1.90 46.05
CA ILE D 212 -4.38 2.19 46.66
C ILE D 212 -3.63 0.88 46.79
N ALA D 213 -2.35 0.89 46.42
CA ALA D 213 -1.42 -0.22 46.60
C ALA D 213 -0.07 0.35 47.01
N SER D 214 0.67 -0.40 47.82
CA SER D 214 1.97 0.05 48.27
C SER D 214 2.80 -1.17 48.42
N ILE D 215 4.12 -0.96 48.39
CA ILE D 215 5.09 -2.01 48.63
C ILE D 215 6.28 -1.40 49.40
N THR D 216 6.82 -2.17 50.35
CA THR D 216 7.98 -1.72 51.15
C THR D 216 9.07 -2.78 51.01
N VAL D 217 10.33 -2.35 51.10
CA VAL D 217 11.48 -3.29 50.95
C VAL D 217 11.32 -4.59 51.76
N GLY D 218 11.71 -5.73 51.17
CA GLY D 218 11.57 -7.01 51.80
C GLY D 218 10.14 -7.49 51.91
N ASN D 219 9.18 -6.76 51.32
CA ASN D 219 7.79 -7.29 51.27
C ASN D 219 7.22 -7.41 49.84
N LYS D 220 6.13 -8.16 49.73
CA LYS D 220 5.34 -8.22 48.50
C LYS D 220 4.38 -7.04 48.52
N TYR D 221 3.80 -6.73 47.36
CA TYR D 221 2.75 -5.74 47.28
C TYR D 221 1.59 -6.08 48.19
N ARG D 222 0.93 -5.05 48.72
CA ARG D 222 -0.43 -5.19 49.23
C ARG D 222 -1.36 -4.17 48.59
N ILE D 223 -2.58 -4.62 48.31
CA ILE D 223 -3.66 -3.78 47.81
C ILE D 223 -4.50 -3.40 49.04
N TYR D 224 -4.65 -2.11 49.29
CA TYR D 224 -5.52 -1.65 50.37
C TYR D 224 -6.96 -2.06 50.01
N ASP D 225 -7.66 -2.61 51.00
CA ASP D 225 -9.08 -2.99 50.87
C ASP D 225 -9.99 -1.75 50.97
N GLN D 226 -11.19 -1.87 50.40
CA GLN D 226 -12.22 -0.81 50.38
C GLN D 226 -12.35 -0.01 51.69
N GLU D 227 -12.38 -0.73 52.81
CA GLU D 227 -12.54 -0.14 54.14
C GLU D 227 -11.32 0.68 54.52
N GLU D 228 -10.13 0.14 54.27
CA GLU D 228 -8.87 0.76 54.67
C GLU D 228 -8.56 2.03 53.88
N VAL D 229 -9.02 2.08 52.63
CA VAL D 229 -8.91 3.30 51.83
C VAL D 229 -9.77 4.42 52.43
N LYS D 230 -11.03 4.09 52.71
CA LYS D 230 -12.06 5.01 53.26
C LYS D 230 -11.54 5.87 54.42
N LYS D 231 -10.76 5.23 55.29
CA LYS D 231 -10.02 5.85 56.38
C LYS D 231 -9.27 7.15 56.01
N PHE D 232 -8.73 7.21 54.80
CA PHE D 232 -7.92 8.36 54.36
C PHE D 232 -8.75 9.45 53.69
N LEU D 233 -10.02 9.17 53.46
CA LEU D 233 -10.90 10.11 52.79
C LEU D 233 -11.33 11.22 53.75
N ILE E 12 8.46 9.64 1.20
CA ILE E 12 9.01 9.43 2.57
C ILE E 12 10.34 8.62 2.45
N THR E 13 10.37 7.86 1.37
CA THR E 13 11.63 7.47 0.79
C THR E 13 11.41 7.94 -0.63
N VAL E 14 11.52 9.25 -0.84
CA VAL E 14 11.27 9.79 -2.19
C VAL E 14 12.18 10.99 -2.47
N PHE E 15 12.76 11.09 -3.66
CA PHE E 15 13.50 12.30 -4.03
C PHE E 15 12.54 13.45 -4.44
N SER E 16 12.85 14.67 -3.99
CA SER E 16 12.26 15.89 -4.53
C SER E 16 12.97 16.20 -5.88
N PRO E 17 12.38 17.09 -6.70
CA PRO E 17 13.00 17.52 -7.96
C PRO E 17 14.43 18.05 -7.92
N ASP E 18 14.86 18.66 -6.80
CA ASP E 18 16.30 18.99 -6.59
C ASP E 18 17.11 17.90 -5.93
N GLY E 19 16.56 16.68 -5.82
CA GLY E 19 17.31 15.55 -5.31
C GLY E 19 17.47 15.54 -3.81
N ARG E 20 16.50 16.10 -3.09
CA ARG E 20 16.47 16.08 -1.62
C ARG E 20 15.51 15.01 -1.08
N LEU E 21 15.85 14.54 0.12
CA LEU E 21 15.03 13.59 0.87
C LEU E 21 14.36 14.33 2.05
N PHE E 22 13.22 14.96 1.79
CA PHE E 22 12.59 15.78 2.82
C PHE E 22 12.21 15.07 4.12
N GLN E 23 11.79 13.80 4.08
CA GLN E 23 11.56 13.05 5.34
C GLN E 23 12.82 12.96 6.21
N VAL E 24 13.97 12.84 5.55
CA VAL E 24 15.24 12.78 6.26
C VAL E 24 15.51 14.16 6.83
N GLU E 25 15.37 15.18 5.98
CA GLU E 25 15.50 16.58 6.40
C GLU E 25 14.58 16.93 7.57
N TYR E 26 13.36 16.39 7.60
CA TYR E 26 12.44 16.62 8.73
C TYR E 26 12.82 15.88 10.05
N ALA E 27 13.37 14.66 9.92
CA ALA E 27 13.82 13.90 11.07
C ALA E 27 14.93 14.71 11.74
N ARG E 28 15.68 15.45 10.95
CA ARG E 28 16.77 16.35 11.45
C ARG E 28 16.29 17.51 12.29
N GLU E 29 15.14 18.04 11.92
CA GLU E 29 14.44 19.08 12.67
C GLU E 29 14.14 18.64 14.11
N ALA E 30 13.86 17.33 14.31
CA ALA E 30 13.61 16.74 15.61
C ALA E 30 14.90 16.71 16.42
N VAL E 31 16.01 16.51 15.71
CA VAL E 31 17.30 16.51 16.41
C VAL E 31 17.63 17.90 16.97
N LYS E 32 17.35 18.94 16.17
CA LYS E 32 17.58 20.34 16.56
C LYS E 32 16.84 20.71 17.83
N LYS E 33 15.86 19.91 18.24
CA LYS E 33 15.08 20.25 19.44
C LYS E 33 15.64 19.57 20.66
N GLY E 34 16.64 18.71 20.48
CA GLY E 34 17.27 18.07 21.61
C GLY E 34 18.23 18.98 22.33
N SER E 35 18.55 18.65 23.57
CA SER E 35 19.57 19.40 24.28
C SER E 35 20.88 19.14 23.61
N THR E 36 21.65 20.21 23.50
CA THR E 36 23.03 20.19 23.07
C THR E 36 23.94 19.20 23.81
N ALA E 37 24.80 18.56 23.03
CA ALA E 37 25.89 17.78 23.60
C ALA E 37 27.06 17.93 22.68
N LEU E 38 28.25 17.65 23.20
CA LEU E 38 29.44 17.82 22.43
C LEU E 38 30.47 16.82 22.86
N GLY E 39 31.44 16.66 21.98
CA GLY E 39 32.62 15.90 22.31
C GLY E 39 33.83 16.57 21.70
N MET E 40 34.97 16.31 22.32
CA MET E 40 36.23 16.79 21.78
C MET E 40 37.38 15.84 22.12
N LYS E 41 38.30 15.75 21.18
CA LYS E 41 39.54 15.02 21.39
C LYS E 41 40.54 15.92 22.09
N PHE E 42 41.25 15.37 23.08
CA PHE E 42 42.37 16.03 23.77
C PHE E 42 43.61 15.15 23.79
N ALA E 43 44.65 15.59 24.51
CA ALA E 43 45.91 14.83 24.61
C ALA E 43 45.68 13.38 25.09
N ASN E 44 45.79 12.43 24.15
CA ASN E 44 45.63 10.98 24.46
C ASN E 44 44.24 10.60 25.02
N GLY E 45 43.20 11.33 24.61
CA GLY E 45 41.88 11.19 25.20
C GLY E 45 40.79 11.77 24.36
N VAL E 46 39.57 11.52 24.81
CA VAL E 46 38.37 12.07 24.19
C VAL E 46 37.35 12.22 25.31
N LEU E 47 36.52 13.26 25.18
CA LEU E 47 35.50 13.48 26.16
C LEU E 47 34.18 13.83 25.50
N LEU E 48 33.12 13.60 26.27
CA LEU E 48 31.75 13.94 25.90
C LEU E 48 31.18 14.83 26.97
N ILE E 49 30.45 15.87 26.56
CA ILE E 49 29.70 16.69 27.54
C ILE E 49 28.29 16.85 27.06
N SER E 50 27.37 16.74 28.01
CA SER E 50 25.96 16.84 27.70
C SER E 50 25.21 17.79 28.65
N ASP E 51 24.47 18.70 28.04
CA ASP E 51 23.59 19.55 28.80
C ASP E 51 22.44 18.75 29.46
N LYS E 52 22.17 19.08 30.72
CA LYS E 52 21.05 18.44 31.43
C LYS E 52 19.85 19.39 31.64
N LYS E 53 18.90 19.28 30.70
CA LYS E 53 17.63 20.01 30.79
C LYS E 53 16.66 19.34 31.80
N VAL E 54 16.98 19.49 33.09
CA VAL E 54 16.16 19.00 34.23
C VAL E 54 15.03 19.99 34.58
N ARG E 55 13.79 19.52 34.51
CA ARG E 55 12.64 20.42 34.57
C ARG E 55 11.84 20.38 35.89
N SER E 56 12.10 19.38 36.73
CA SER E 56 11.25 19.11 37.89
C SER E 56 12.07 18.46 38.99
N ARG E 57 11.80 18.84 40.24
CA ARG E 57 12.46 18.20 41.38
C ARG E 57 11.84 16.84 41.73
N LEU E 58 10.76 16.47 41.03
CA LEU E 58 10.06 15.20 41.21
C LEU E 58 10.65 14.09 40.32
N ILE E 59 11.55 14.50 39.42
CA ILE E 59 12.27 13.61 38.50
C ILE E 59 13.52 13.08 39.18
N GLU E 60 13.75 11.77 39.09
CA GLU E 60 15.01 11.19 39.52
C GLU E 60 16.16 11.64 38.61
N GLN E 61 17.15 12.28 39.22
CA GLN E 61 18.44 12.61 38.57
C GLN E 61 19.24 11.35 38.21
N ASN E 62 19.53 10.50 39.19
CA ASN E 62 20.21 9.23 38.96
C ASN E 62 20.01 8.71 37.52
N SER E 63 18.73 8.58 37.14
CA SER E 63 18.32 7.85 35.95
C SER E 63 18.54 8.58 34.61
N ILE E 64 18.15 9.86 34.48
CA ILE E 64 18.30 10.49 33.17
C ILE E 64 19.77 10.58 32.79
N GLU E 65 20.19 9.68 31.89
CA GLU E 65 21.51 9.80 31.31
C GLU E 65 21.45 9.95 29.79
N LYS E 66 21.99 11.08 29.34
CA LYS E 66 22.10 11.36 27.93
C LYS E 66 23.40 10.71 27.43
N ILE E 67 24.41 10.60 28.30
CA ILE E 67 25.64 9.89 28.00
C ILE E 67 25.48 8.39 28.34
N GLN E 68 25.79 7.52 27.37
CA GLN E 68 25.53 6.07 27.51
C GLN E 68 26.77 5.25 27.18
N LEU E 69 27.27 4.47 28.12
CA LEU E 69 28.38 3.57 27.76
C LEU E 69 27.92 2.52 26.73
N ILE E 70 28.68 2.37 25.65
CA ILE E 70 28.42 1.36 24.64
C ILE E 70 29.19 0.11 25.04
N ASP E 71 30.46 0.31 25.40
CA ASP E 71 31.19 -0.61 26.29
C ASP E 71 32.15 0.21 27.20
N ASP E 72 33.23 -0.37 27.73
CA ASP E 72 34.13 0.36 28.63
C ASP E 72 35.03 1.38 27.92
N TYR E 73 35.04 1.34 26.60
CA TYR E 73 35.96 2.14 25.83
C TYR E 73 35.21 3.02 24.88
N VAL E 74 33.89 2.97 24.93
CA VAL E 74 33.10 3.60 23.89
C VAL E 74 31.82 4.09 24.52
N ALA E 75 31.51 5.35 24.24
CA ALA E 75 30.29 5.98 24.74
C ALA E 75 29.62 6.74 23.63
N ALA E 76 28.34 6.99 23.84
CA ALA E 76 27.52 7.77 22.89
C ALA E 76 26.70 8.77 23.67
N VAL E 77 26.28 9.81 22.97
CA VAL E 77 25.39 10.79 23.51
C VAL E 77 24.49 11.01 22.29
N THR E 78 23.21 11.25 22.54
CA THR E 78 22.21 11.36 21.44
C THR E 78 21.38 12.62 21.63
N SER E 79 20.67 13.02 20.56
CA SER E 79 19.78 14.16 20.59
C SER E 79 18.62 13.89 19.62
N GLY E 80 17.41 14.32 19.95
CA GLY E 80 16.23 14.06 19.13
C GLY E 80 15.22 13.21 19.90
N LEU E 81 14.48 12.34 19.21
CA LEU E 81 13.43 11.49 19.83
C LEU E 81 14.09 10.50 20.75
N VAL E 82 13.71 10.48 22.04
CA VAL E 82 14.49 9.73 23.05
C VAL E 82 14.24 8.23 23.01
N ALA E 83 13.03 7.85 22.59
CA ALA E 83 12.69 6.44 22.36
C ALA E 83 13.50 5.88 21.19
N ASP E 84 13.52 6.57 20.03
CA ASP E 84 14.34 6.20 18.86
C ASP E 84 15.80 6.03 19.27
N ALA E 85 16.30 7.02 20.00
CA ALA E 85 17.69 7.03 20.47
C ALA E 85 18.01 5.83 21.34
N ARG E 86 17.09 5.52 22.27
CA ARG E 86 17.24 4.37 23.16
C ARG E 86 17.43 3.09 22.32
N VAL E 87 16.62 2.96 21.28
CA VAL E 87 16.63 1.79 20.39
C VAL E 87 17.96 1.68 19.64
N LEU E 88 18.46 2.81 19.15
CA LEU E 88 19.78 2.88 18.54
C LEU E 88 20.95 2.60 19.48
N VAL E 89 20.84 3.09 20.72
CA VAL E 89 21.85 2.78 21.69
C VAL E 89 21.86 1.26 21.97
N ASP E 90 20.69 0.62 22.13
CA ASP E 90 20.59 -0.81 22.33
C ASP E 90 21.23 -1.53 21.16
N PHE E 91 20.88 -1.15 19.94
CA PHE E 91 21.45 -1.73 18.74
C PHE E 91 22.98 -1.63 18.76
N ALA E 92 23.52 -0.46 19.09
CA ALA E 92 24.98 -0.28 19.17
C ALA E 92 25.65 -1.15 20.27
N ARG E 93 25.06 -1.20 21.46
CA ARG E 93 25.51 -2.14 22.49
C ARG E 93 25.65 -3.62 22.03
N ILE E 94 24.58 -4.15 21.45
CA ILE E 94 24.54 -5.52 20.95
C ILE E 94 25.51 -5.70 19.80
N SER E 95 25.59 -4.72 18.89
CA SER E 95 26.46 -4.80 17.73
C SER E 95 27.97 -4.83 18.10
N ALA E 96 28.36 -4.09 19.14
CA ALA E 96 29.71 -4.11 19.71
C ALA E 96 30.08 -5.45 20.27
N GLN E 97 29.19 -6.01 21.08
CA GLN E 97 29.36 -7.36 21.61
C GLN E 97 29.46 -8.44 20.56
N GLN E 98 28.67 -8.34 19.47
CA GLN E 98 28.83 -9.24 18.32
C GLN E 98 30.22 -9.15 17.68
N GLU E 99 30.77 -7.94 17.55
CA GLU E 99 32.10 -7.82 16.98
C GLU E 99 33.16 -8.41 17.93
N LYS E 100 32.93 -8.28 19.24
CA LYS E 100 33.89 -8.79 20.23
C LYS E 100 33.92 -10.32 20.30
N VAL E 101 32.74 -10.92 20.16
CA VAL E 101 32.58 -12.36 20.11
C VAL E 101 33.27 -12.93 18.84
N THR E 102 33.08 -12.26 17.71
CA THR E 102 33.58 -12.70 16.43
C THR E 102 35.10 -12.65 16.33
N TYR E 103 35.70 -11.47 16.57
CA TYR E 103 37.12 -11.27 16.47
C TYR E 103 37.83 -11.24 17.83
N GLY E 104 37.13 -11.13 18.94
CA GLY E 104 37.80 -11.10 20.24
C GLY E 104 38.04 -9.68 20.75
N SER E 105 37.92 -8.70 19.86
CA SER E 105 38.02 -7.31 20.27
C SER E 105 37.48 -6.37 19.17
N LEU E 106 37.40 -5.10 19.54
CA LEU E 106 36.88 -4.08 18.68
C LEU E 106 38.07 -3.23 18.25
N VAL E 107 38.62 -3.51 17.07
CA VAL E 107 39.89 -2.91 16.69
C VAL E 107 39.70 -1.45 16.29
N ASN E 108 38.64 -1.17 15.50
CA ASN E 108 38.35 0.18 14.94
C ASN E 108 36.89 0.58 15.11
N ILE E 109 36.62 1.46 16.08
CA ILE E 109 35.29 2.03 16.40
C ILE E 109 34.50 2.52 15.21
N GLU E 110 35.19 2.91 14.16
CA GLU E 110 34.54 3.42 12.99
C GLU E 110 33.58 2.36 12.41
N ASN E 111 33.98 1.08 12.49
CA ASN E 111 33.12 -0.01 11.99
C ASN E 111 31.80 -0.15 12.74
N LEU E 112 31.86 -0.09 14.08
CA LEU E 112 30.66 0.01 14.90
C LEU E 112 29.72 1.15 14.47
N VAL E 113 30.28 2.34 14.27
CA VAL E 113 29.51 3.52 13.94
C VAL E 113 28.84 3.34 12.56
N LYS E 114 29.60 2.81 11.61
CA LYS E 114 29.10 2.43 10.31
C LYS E 114 27.91 1.44 10.33
N ARG E 115 27.96 0.42 11.22
CA ARG E 115 26.84 -0.50 11.39
C ARG E 115 25.59 0.24 11.89
N VAL E 116 25.73 1.04 12.95
CA VAL E 116 24.65 1.89 13.41
C VAL E 116 24.14 2.82 12.26
N ALA E 117 25.07 3.44 11.57
CA ALA E 117 24.71 4.39 10.53
C ALA E 117 24.02 3.71 9.34
N ASP E 118 24.37 2.44 9.07
CA ASP E 118 23.71 1.65 8.03
C ASP E 118 22.26 1.31 8.31
N GLN E 119 21.98 0.97 9.56
CA GLN E 119 20.66 0.69 10.05
C GLN E 119 19.81 1.96 9.84
N MET E 120 20.37 3.12 10.17
CA MET E 120 19.68 4.39 9.96
C MET E 120 19.53 4.71 8.46
N GLN E 121 20.57 4.40 7.68
CA GLN E 121 20.46 4.61 6.24
C GLN E 121 19.28 3.84 5.63
N GLN E 122 19.12 2.60 6.09
CA GLN E 122 18.15 1.67 5.56
C GLN E 122 16.71 2.19 5.76
N TYR E 123 16.46 2.82 6.91
CA TYR E 123 15.15 3.45 7.18
C TYR E 123 14.92 4.75 6.40
N THR E 124 15.84 5.15 5.51
CA THR E 124 15.61 6.32 4.66
C THR E 124 15.41 5.88 3.20
N GLN E 125 15.54 4.57 2.95
CA GLN E 125 15.46 4.05 1.60
C GLN E 125 14.26 3.11 1.33
N TYR E 126 13.90 2.30 2.32
CA TYR E 126 12.77 1.36 2.24
C TYR E 126 11.49 2.01 2.72
N GLY E 127 10.41 1.81 1.96
CA GLY E 127 9.07 2.14 2.45
C GLY E 127 8.58 1.31 3.65
N GLY E 128 7.48 1.74 4.26
CA GLY E 128 6.97 0.97 5.38
C GLY E 128 7.59 1.38 6.70
N VAL E 129 8.51 2.37 6.67
CA VAL E 129 9.21 2.86 7.86
C VAL E 129 9.56 4.35 7.75
N ARG E 130 9.65 5.00 8.90
CA ARG E 130 10.17 6.35 8.96
C ARG E 130 11.64 6.34 9.47
N PRO E 131 12.41 7.35 9.06
CA PRO E 131 13.76 7.51 9.58
C PRO E 131 13.78 7.64 11.08
N TYR E 132 14.93 7.37 11.70
CA TYR E 132 15.09 7.65 13.12
C TYR E 132 15.29 9.16 13.28
N GLY E 133 14.65 9.78 14.26
CA GLY E 133 14.82 11.22 14.53
C GLY E 133 15.93 11.44 15.54
N VAL E 134 17.14 10.99 15.19
CA VAL E 134 18.27 10.97 16.14
C VAL E 134 19.57 11.34 15.50
N SER E 135 20.40 12.07 16.23
CA SER E 135 21.85 12.17 15.98
C SER E 135 22.59 11.64 17.18
N LEU E 136 23.74 11.01 16.91
CA LEU E 136 24.56 10.44 17.95
C LEU E 136 25.96 11.00 17.86
N ILE E 137 26.60 11.13 19.01
CA ILE E 137 28.08 11.32 18.98
C ILE E 137 28.66 10.08 19.65
N PHE E 138 29.54 9.38 18.93
CA PHE E 138 30.33 8.28 19.51
C PHE E 138 31.77 8.74 19.78
N ALA E 139 32.29 8.35 20.92
CA ALA E 139 33.63 8.74 21.33
C ALA E 139 34.32 7.59 22.09
N GLY E 140 35.55 7.23 21.70
CA GLY E 140 36.29 6.28 22.50
C GLY E 140 37.71 6.02 22.06
N ILE E 141 38.32 5.01 22.66
CA ILE E 141 39.67 4.59 22.30
C ILE E 141 39.60 3.26 21.63
N ASP E 142 40.21 3.16 20.46
CA ASP E 142 40.41 1.85 19.86
C ASP E 142 41.92 1.66 19.62
N GLN E 143 42.30 0.92 18.58
CA GLN E 143 43.69 0.60 18.35
C GLN E 143 44.34 1.60 17.44
N ILE E 144 43.53 2.53 16.98
CA ILE E 144 44.05 3.64 16.22
C ILE E 144 44.30 4.76 17.21
N GLY E 145 43.45 4.86 18.23
CA GLY E 145 43.58 5.90 19.22
C GLY E 145 42.22 6.43 19.62
N PRO E 146 42.18 7.65 20.14
CA PRO E 146 40.91 8.28 20.51
C PRO E 146 40.17 8.68 19.24
N ARG E 147 38.85 8.46 19.26
CA ARG E 147 37.98 8.61 18.09
C ARG E 147 36.76 9.40 18.47
N LEU E 148 36.23 10.13 17.51
CA LEU E 148 35.08 10.94 17.73
C LEU E 148 34.34 10.98 16.40
N PHE E 149 33.08 10.54 16.43
CA PHE E 149 32.27 10.46 15.23
C PHE E 149 30.89 11.06 15.52
N ASP E 150 30.24 11.59 14.50
CA ASP E 150 28.83 11.78 14.65
C ASP E 150 28.06 11.00 13.57
N CYS E 151 26.77 10.91 13.78
CA CYS E 151 25.91 10.10 12.95
C CYS E 151 24.57 10.78 12.95
N ASP E 152 23.95 10.94 11.79
CA ASP E 152 22.70 11.68 11.73
C ASP E 152 21.56 10.81 11.15
N PRO E 153 20.32 11.34 11.11
CA PRO E 153 19.21 10.63 10.56
C PRO E 153 19.42 9.99 9.21
N ALA E 154 20.26 10.56 8.35
CA ALA E 154 20.49 9.96 7.05
C ALA E 154 21.45 8.79 7.12
N GLY E 155 22.05 8.58 8.28
CA GLY E 155 23.18 7.67 8.41
C GLY E 155 24.45 8.24 7.84
N THR E 156 24.54 9.57 7.83
CA THR E 156 25.77 10.26 7.42
C THR E 156 26.74 10.26 8.60
N ILE E 157 28.01 9.88 8.35
CA ILE E 157 29.03 10.01 9.41
C ILE E 157 30.28 10.85 9.08
N ASN E 158 30.80 11.53 10.10
CA ASN E 158 32.09 12.19 10.01
C ASN E 158 32.91 11.87 11.26
N GLU E 159 34.22 11.78 11.08
CA GLU E 159 35.16 11.86 12.20
C GLU E 159 35.58 13.31 12.46
N TYR E 160 35.78 13.64 13.72
CA TYR E 160 36.02 14.99 14.18
C TYR E 160 37.10 15.07 15.27
N LYS E 161 37.62 16.29 15.45
CA LYS E 161 38.43 16.67 16.61
C LYS E 161 37.51 17.19 17.70
N ALA E 162 36.44 17.86 17.27
CA ALA E 162 35.46 18.41 18.18
C ALA E 162 34.17 18.52 17.41
N THR E 163 33.04 18.30 18.06
CA THR E 163 31.77 18.43 17.37
C THR E 163 30.65 18.55 18.39
N ALA E 164 29.44 18.86 17.91
CA ALA E 164 28.28 19.10 18.76
C ALA E 164 26.98 18.65 18.05
N ILE E 165 25.95 18.34 18.85
CA ILE E 165 24.61 18.02 18.32
C ILE E 165 23.55 18.72 19.14
N GLY E 166 22.34 18.86 18.58
CA GLY E 166 21.18 19.34 19.37
C GLY E 166 20.88 20.79 19.04
N SER E 167 20.10 21.45 19.88
CA SER E 167 19.61 22.80 19.57
C SER E 167 20.78 23.77 19.48
N GLY E 168 21.64 23.70 20.49
CA GLY E 168 22.84 24.54 20.55
C GLY E 168 23.96 24.19 19.58
N LYS E 169 23.72 23.35 18.57
CA LYS E 169 24.83 22.86 17.75
C LYS E 169 25.65 23.98 17.05
N ASP E 170 24.95 24.90 16.40
CA ASP E 170 25.58 25.92 15.55
C ASP E 170 26.49 26.88 16.34
N ALA E 171 25.99 27.33 17.49
CA ALA E 171 26.73 28.16 18.43
C ALA E 171 27.99 27.45 18.97
N VAL E 172 27.84 26.19 19.33
CA VAL E 172 28.94 25.43 19.94
C VAL E 172 30.02 25.16 18.88
N VAL E 173 29.59 24.78 17.69
CA VAL E 173 30.52 24.46 16.60
C VAL E 173 31.30 25.70 16.17
N SER E 174 30.60 26.85 16.09
CA SER E 174 31.25 28.18 15.90
C SER E 174 32.28 28.53 16.97
N PHE E 175 31.89 28.47 18.23
CA PHE E 175 32.82 28.61 19.31
C PHE E 175 34.07 27.74 19.13
N LEU E 176 33.89 26.43 19.05
CA LEU E 176 34.98 25.46 18.83
C LEU E 176 35.84 25.73 17.61
N GLU E 177 35.23 26.13 16.51
CA GLU E 177 35.98 26.52 15.34
C GLU E 177 36.90 27.73 15.66
N ARG E 178 36.40 28.66 16.47
CA ARG E 178 37.19 29.83 16.83
C ARG E 178 38.28 29.47 17.82
N GLU E 179 38.03 28.47 18.67
CA GLU E 179 38.81 28.35 19.89
C GLU E 179 39.50 27.04 20.13
N TYR E 180 39.12 26.00 19.36
CA TYR E 180 39.55 24.65 19.65
C TYR E 180 40.96 24.46 19.13
N LYS E 181 41.82 23.89 19.96
CA LYS E 181 43.04 23.32 19.42
C LYS E 181 43.27 21.92 19.94
N GLU E 182 43.98 21.14 19.13
CA GLU E 182 44.31 19.77 19.48
C GLU E 182 45.29 19.70 20.62
N ASN E 183 45.18 18.60 21.34
CA ASN E 183 46.14 18.15 22.33
C ASN E 183 46.10 18.84 23.67
N LEU E 184 45.01 19.55 23.97
CA LEU E 184 44.84 20.17 25.30
C LEU E 184 44.94 19.15 26.43
N PRO E 185 45.35 19.57 27.64
CA PRO E 185 45.23 18.70 28.80
C PRO E 185 43.75 18.54 29.04
N GLU E 186 43.36 17.48 29.74
CA GLU E 186 41.95 17.17 29.96
C GLU E 186 41.13 18.33 30.58
N LYS E 187 41.62 18.89 31.70
CA LYS E 187 40.95 19.99 32.41
C LYS E 187 40.77 21.19 31.47
N GLU E 188 41.71 21.43 30.58
CA GLU E 188 41.62 22.57 29.66
C GLU E 188 40.59 22.29 28.58
N ALA E 189 40.47 21.02 28.15
CA ALA E 189 39.40 20.60 27.22
C ALA E 189 38.00 20.73 27.82
N VAL E 190 37.83 20.25 29.06
CA VAL E 190 36.55 20.38 29.77
C VAL E 190 36.10 21.82 29.88
N THR E 191 37.00 22.66 30.40
CA THR E 191 36.83 24.10 30.52
C THR E 191 36.44 24.73 29.19
N LEU E 192 37.17 24.37 28.13
CA LEU E 192 36.74 24.78 26.80
C LEU E 192 35.29 24.30 26.47
N GLY E 193 34.99 23.03 26.73
CA GLY E 193 33.66 22.46 26.44
C GLY E 193 32.51 23.19 27.12
N ILE E 194 32.65 23.40 28.43
CA ILE E 194 31.72 24.25 29.19
C ILE E 194 31.52 25.65 28.60
N LYS E 195 32.59 26.32 28.20
CA LYS E 195 32.49 27.64 27.55
C LYS E 195 31.71 27.54 26.23
N ALA E 196 32.07 26.54 25.41
CA ALA E 196 31.36 26.30 24.14
C ALA E 196 29.85 26.17 24.41
N LEU E 197 29.52 25.42 25.45
CA LEU E 197 28.13 25.17 25.87
C LEU E 197 27.42 26.42 26.40
N LYS E 198 28.05 27.14 27.34
CA LYS E 198 27.55 28.45 27.80
C LYS E 198 27.28 29.40 26.64
N SER E 199 28.15 29.43 25.64
CA SER E 199 28.00 30.34 24.50
C SER E 199 26.73 30.13 23.68
N SER E 200 26.03 29.02 23.95
CA SER E 200 24.80 28.64 23.24
C SER E 200 23.55 28.93 24.08
N LEU E 201 23.74 29.30 25.34
CA LEU E 201 22.65 29.48 26.30
C LEU E 201 21.64 30.61 26.06
N GLU E 202 22.08 31.83 25.77
CA GLU E 202 21.18 33.03 25.78
C GLU E 202 21.26 33.89 27.06
N GLU E 203 21.85 35.09 26.91
CA GLU E 203 21.84 36.19 27.91
C GLU E 203 21.09 35.92 29.22
N GLY E 204 21.85 35.78 30.30
CA GLY E 204 21.29 35.64 31.64
C GLY E 204 20.66 34.29 31.96
N GLU E 205 20.52 33.40 30.95
CA GLU E 205 20.19 31.98 31.18
C GLU E 205 21.41 31.24 31.76
N GLU E 206 21.18 30.43 32.79
CA GLU E 206 22.29 29.90 33.58
C GLU E 206 22.57 28.45 33.23
N LEU E 207 23.84 28.09 33.06
CA LEU E 207 24.26 26.69 32.90
C LEU E 207 24.07 25.86 34.19
N LYS E 208 23.21 24.86 34.07
CA LYS E 208 22.97 23.85 35.08
C LYS E 208 24.04 22.80 34.86
N ALA E 209 24.32 22.00 35.88
CA ALA E 209 25.43 21.05 35.82
C ALA E 209 25.26 19.95 34.73
N PRO E 210 26.14 19.95 33.74
CA PRO E 210 26.01 19.03 32.61
C PRO E 210 26.49 17.61 32.98
N GLU E 211 26.36 16.67 32.05
CA GLU E 211 26.99 15.36 32.19
C GLU E 211 28.38 15.44 31.55
N ILE E 212 29.40 14.87 32.20
CA ILE E 212 30.71 14.79 31.57
C ILE E 212 31.30 13.39 31.73
N ALA E 213 31.90 12.91 30.64
CA ALA E 213 32.58 11.62 30.61
C ALA E 213 33.86 11.78 29.80
N SER E 214 34.92 11.09 30.24
CA SER E 214 36.16 11.08 29.49
C SER E 214 36.87 9.73 29.57
N ILE E 215 37.75 9.50 28.62
CA ILE E 215 38.59 8.32 28.60
C ILE E 215 39.95 8.72 28.02
N THR E 216 41.03 8.13 28.53
CA THR E 216 42.38 8.33 27.95
C THR E 216 43.01 6.98 27.64
N VAL E 217 43.95 6.96 26.70
CA VAL E 217 44.61 5.72 26.28
C VAL E 217 45.13 4.91 27.49
N GLY E 218 44.87 3.61 27.49
CA GLY E 218 45.31 2.75 28.57
C GLY E 218 44.27 2.59 29.64
N ASN E 219 43.23 3.42 29.62
CA ASN E 219 42.17 3.36 30.61
C ASN E 219 40.78 3.05 30.05
N LYS E 220 39.83 2.89 30.98
CA LYS E 220 38.41 2.80 30.75
C LYS E 220 37.74 4.15 31.00
N TYR E 221 36.55 4.33 30.42
CA TYR E 221 35.75 5.50 30.64
C TYR E 221 35.62 5.81 32.11
N ARG E 222 35.53 7.11 32.41
CA ARG E 222 34.95 7.52 33.65
C ARG E 222 33.88 8.56 33.42
N ILE E 223 32.87 8.48 34.26
CA ILE E 223 31.83 9.47 34.32
C ILE E 223 32.15 10.39 35.50
N TYR E 224 32.27 11.70 35.24
CA TYR E 224 32.49 12.65 36.31
C TYR E 224 31.26 12.61 37.19
N ASP E 225 31.42 12.59 38.50
CA ASP E 225 30.24 12.77 39.35
C ASP E 225 29.92 14.25 39.46
N GLN E 226 28.73 14.57 40.00
CA GLN E 226 28.14 15.93 39.98
C GLN E 226 29.01 17.00 40.65
N GLU E 227 29.67 16.64 41.75
CA GLU E 227 30.55 17.56 42.50
C GLU E 227 31.81 17.92 41.69
N GLU E 228 32.29 16.93 40.94
CA GLU E 228 33.41 17.13 40.03
C GLU E 228 33.04 18.08 38.88
N VAL E 229 31.82 17.97 38.36
CA VAL E 229 31.35 18.87 37.31
C VAL E 229 31.16 20.33 37.81
N LYS E 230 30.60 20.48 39.01
CA LYS E 230 30.39 21.81 39.62
C LYS E 230 31.66 22.68 39.62
N LYS E 231 32.79 22.03 39.94
CA LYS E 231 34.09 22.70 39.97
C LYS E 231 34.43 23.45 38.70
N PHE E 232 33.83 23.04 37.59
CA PHE E 232 34.03 23.70 36.31
C PHE E 232 32.97 24.76 36.07
N LEU E 233 31.95 24.80 36.92
CA LEU E 233 30.82 25.70 36.68
C LEU E 233 30.99 27.13 37.18
N ILE F 12 8.01 5.95 -8.18
CA ILE F 12 9.49 5.73 -8.07
C ILE F 12 9.89 4.80 -9.21
N THR F 13 8.90 3.96 -9.52
CA THR F 13 9.01 2.99 -10.58
C THR F 13 8.04 3.39 -11.64
N VAL F 14 7.88 4.68 -11.92
CA VAL F 14 6.84 5.05 -12.89
C VAL F 14 7.35 5.78 -14.16
N PHE F 15 6.94 5.30 -15.34
CA PHE F 15 7.10 6.10 -16.55
C PHE F 15 6.15 7.33 -16.57
N SER F 16 6.71 8.46 -17.00
CA SER F 16 5.95 9.60 -17.49
C SER F 16 5.56 9.30 -18.96
N PRO F 17 4.59 10.04 -19.52
CA PRO F 17 4.16 9.85 -20.93
C PRO F 17 5.25 9.92 -21.99
N ASP F 18 6.33 10.67 -21.70
CA ASP F 18 7.49 10.72 -22.56
C ASP F 18 8.55 9.63 -22.36
N GLY F 19 8.29 8.63 -21.52
CA GLY F 19 9.22 7.51 -21.30
C GLY F 19 10.34 7.78 -20.30
N ARG F 20 10.13 8.75 -19.41
CA ARG F 20 11.09 9.12 -18.40
C ARG F 20 10.78 8.57 -17.00
N LEU F 21 11.85 8.36 -16.24
CA LEU F 21 11.78 7.93 -14.87
C LEU F 21 12.18 9.10 -14.00
N PHE F 22 11.23 9.96 -13.61
CA PHE F 22 11.63 11.19 -12.90
C PHE F 22 12.30 11.00 -11.54
N GLN F 23 11.98 9.93 -10.81
CA GLN F 23 12.70 9.62 -9.55
C GLN F 23 14.20 9.40 -9.78
N VAL F 24 14.51 8.75 -10.90
CA VAL F 24 15.88 8.45 -11.27
C VAL F 24 16.53 9.76 -11.64
N GLU F 25 15.84 10.55 -12.47
CA GLU F 25 16.26 11.90 -12.82
C GLU F 25 16.49 12.81 -11.57
N TYR F 26 15.64 12.69 -10.53
CA TYR F 26 15.87 13.45 -9.29
C TYR F 26 17.03 12.94 -8.43
N ALA F 27 17.28 11.64 -8.47
CA ALA F 27 18.43 11.10 -7.78
C ALA F 27 19.70 11.65 -8.43
N ARG F 28 19.65 11.85 -9.74
CA ARG F 28 20.78 12.44 -10.47
C ARG F 28 21.12 13.86 -10.07
N GLU F 29 20.09 14.64 -9.70
CA GLU F 29 20.27 15.97 -9.15
C GLU F 29 21.02 15.98 -7.83
N ALA F 30 20.90 14.95 -7.01
CA ALA F 30 21.69 14.88 -5.76
C ALA F 30 23.16 14.61 -6.09
N VAL F 31 23.42 13.79 -7.09
CA VAL F 31 24.77 13.51 -7.56
C VAL F 31 25.48 14.78 -8.07
N LYS F 32 24.77 15.56 -8.91
CA LYS F 32 25.19 16.91 -9.34
C LYS F 32 25.62 17.88 -8.23
N LYS F 33 25.21 17.65 -7.00
CA LYS F 33 25.64 18.50 -5.89
C LYS F 33 26.93 18.05 -5.24
N GLY F 34 27.42 16.86 -5.55
CA GLY F 34 28.62 16.40 -4.85
C GLY F 34 29.88 17.07 -5.34
N SER F 35 30.97 16.90 -4.59
CA SER F 35 32.30 17.32 -5.01
C SER F 35 32.77 16.61 -6.28
N THR F 36 33.55 17.31 -7.09
CA THR F 36 34.02 16.77 -8.37
C THR F 36 35.15 15.78 -8.20
N ALA F 37 35.07 14.69 -8.96
CA ALA F 37 36.13 13.70 -8.97
C ALA F 37 36.27 13.30 -10.41
N LEU F 38 37.44 12.77 -10.76
CA LEU F 38 37.66 12.37 -12.13
C LEU F 38 38.59 11.18 -12.13
N GLY F 39 38.58 10.45 -13.24
CA GLY F 39 39.60 9.45 -13.52
C GLY F 39 40.10 9.62 -14.93
N MET F 40 41.34 9.20 -15.16
CA MET F 40 41.88 9.07 -16.52
C MET F 40 42.83 7.91 -16.66
N LYS F 41 42.72 7.21 -17.77
CA LYS F 41 43.77 6.28 -18.14
C LYS F 41 45.00 6.99 -18.71
N PHE F 42 46.17 6.59 -18.21
CA PHE F 42 47.45 6.95 -18.79
C PHE F 42 48.26 5.70 -19.22
N ALA F 43 49.51 5.87 -19.64
CA ALA F 43 50.27 4.75 -20.21
C ALA F 43 50.49 3.71 -19.13
N ASN F 44 49.93 2.53 -19.36
CA ASN F 44 50.08 1.38 -18.44
C ASN F 44 49.40 1.52 -17.04
N GLY F 45 48.42 2.40 -16.91
CA GLY F 45 47.90 2.75 -15.60
C GLY F 45 46.61 3.52 -15.66
N VAL F 46 46.06 3.81 -14.49
CA VAL F 46 44.81 4.56 -14.37
C VAL F 46 44.89 5.31 -13.05
N LEU F 47 44.30 6.49 -12.97
CA LEU F 47 44.30 7.25 -11.71
C LEU F 47 42.94 7.88 -11.41
N LEU F 48 42.77 8.28 -10.15
CA LEU F 48 41.60 9.00 -9.71
C LEU F 48 42.02 10.24 -8.94
N ILE F 49 41.34 11.34 -9.18
CA ILE F 49 41.57 12.55 -8.38
C ILE F 49 40.23 12.97 -7.85
N SER F 50 40.18 13.28 -6.57
CA SER F 50 38.95 13.74 -5.98
C SER F 50 39.13 15.05 -5.26
N ASP F 51 38.29 16.02 -5.61
CA ASP F 51 38.19 17.20 -4.83
C ASP F 51 37.53 16.89 -3.49
N LYS F 52 37.63 17.83 -2.56
CA LYS F 52 36.99 17.69 -1.26
C LYS F 52 36.49 19.07 -0.86
N LYS F 53 35.17 19.23 -0.81
CA LYS F 53 34.60 20.35 -0.07
C LYS F 53 34.79 20.01 1.43
N VAL F 54 35.83 20.58 2.03
CA VAL F 54 36.14 20.34 3.46
C VAL F 54 35.75 21.52 4.41
N ARG F 55 34.45 21.76 4.48
CA ARG F 55 33.85 22.81 5.33
C ARG F 55 33.98 22.55 6.86
N SER F 56 35.18 22.81 7.39
CA SER F 56 35.43 22.92 8.84
C SER F 56 36.74 22.28 9.22
N ARG F 57 37.62 23.08 9.82
CA ARG F 57 38.90 22.60 10.32
C ARG F 57 38.74 21.57 11.43
N LEU F 58 37.50 21.37 11.91
CA LEU F 58 37.22 20.38 12.96
C LEU F 58 37.02 18.94 12.45
N ILE F 59 36.85 18.77 11.15
CA ILE F 59 36.83 17.45 10.57
C ILE F 59 38.24 16.86 10.68
N GLU F 60 38.34 15.59 11.03
CA GLU F 60 39.52 14.80 10.79
C GLU F 60 39.50 14.50 9.29
N GLN F 61 40.50 14.99 8.57
CA GLN F 61 40.43 15.00 7.11
C GLN F 61 41.09 13.80 6.46
N ASN F 62 42.09 13.22 7.12
CA ASN F 62 42.60 11.90 6.71
C ASN F 62 41.61 10.80 7.14
N SER F 63 40.34 11.03 6.83
CA SER F 63 39.22 10.19 7.27
C SER F 63 38.04 10.44 6.33
N ILE F 64 36.98 9.61 6.45
CA ILE F 64 35.80 9.56 5.53
C ILE F 64 36.05 10.05 4.06
N GLU F 65 37.21 9.68 3.54
CA GLU F 65 37.69 10.15 2.24
C GLU F 65 36.92 9.55 1.06
N LYS F 66 36.94 10.25 -0.07
CA LYS F 66 36.07 9.92 -1.20
C LYS F 66 36.60 8.81 -2.12
N ILE F 67 37.92 8.62 -2.15
CA ILE F 67 38.50 7.50 -2.91
C ILE F 67 38.58 6.34 -1.94
N GLN F 68 38.00 5.21 -2.34
CA GLN F 68 37.83 4.07 -1.49
C GLN F 68 38.38 2.86 -2.24
N LEU F 69 39.29 2.13 -1.61
CA LEU F 69 39.78 0.85 -2.16
C LEU F 69 38.69 -0.22 -2.03
N ILE F 70 38.38 -0.86 -3.14
CA ILE F 70 37.50 -2.04 -3.19
C ILE F 70 38.32 -3.33 -2.94
N ASP F 71 39.42 -3.50 -3.68
CA ASP F 71 40.47 -4.41 -3.26
C ASP F 71 41.80 -3.71 -3.52
N ASP F 72 42.89 -4.47 -3.63
CA ASP F 72 44.21 -3.88 -3.90
C ASP F 72 44.37 -3.35 -5.30
N TYR F 73 43.56 -3.84 -6.23
CA TYR F 73 43.71 -3.49 -7.63
C TYR F 73 42.57 -2.69 -8.17
N VAL F 74 41.63 -2.30 -7.31
CA VAL F 74 40.40 -1.64 -7.72
C VAL F 74 39.99 -0.57 -6.73
N ALA F 75 39.61 0.59 -7.23
CA ALA F 75 39.16 1.66 -6.37
C ALA F 75 37.96 2.36 -6.97
N ALA F 76 37.21 3.03 -6.09
CA ALA F 76 36.02 3.80 -6.50
C ALA F 76 36.01 5.17 -5.86
N VAL F 77 35.32 6.08 -6.51
CA VAL F 77 35.08 7.40 -5.97
C VAL F 77 33.63 7.69 -6.25
N THR F 78 32.96 8.37 -5.33
CA THR F 78 31.51 8.58 -5.46
C THR F 78 31.12 10.03 -5.31
N SER F 79 29.92 10.37 -5.80
CA SER F 79 29.32 11.68 -5.62
C SER F 79 27.81 11.53 -5.45
N GLY F 80 27.18 12.29 -4.56
CA GLY F 80 25.76 12.18 -4.24
C GLY F 80 25.60 11.94 -2.75
N LEU F 81 24.54 11.26 -2.33
CA LEU F 81 24.33 11.06 -0.89
C LEU F 81 25.40 10.14 -0.32
N VAL F 82 26.04 10.57 0.78
CA VAL F 82 27.21 9.91 1.29
C VAL F 82 26.88 8.59 1.91
N ALA F 83 25.74 8.53 2.60
CA ALA F 83 25.29 7.31 3.25
C ALA F 83 24.92 6.23 2.23
N ASP F 84 24.25 6.59 1.13
CA ASP F 84 23.89 5.66 0.06
C ASP F 84 25.20 5.15 -0.58
N ALA F 85 26.13 6.09 -0.78
CA ALA F 85 27.43 5.79 -1.38
C ALA F 85 28.21 4.76 -0.53
N ARG F 86 28.27 4.96 0.79
CA ARG F 86 28.90 3.99 1.67
C ARG F 86 28.38 2.55 1.48
N VAL F 87 27.06 2.44 1.38
CA VAL F 87 26.34 1.17 1.25
C VAL F 87 26.68 0.46 -0.07
N LEU F 88 26.85 1.23 -1.14
CA LEU F 88 27.26 0.72 -2.43
C LEU F 88 28.72 0.33 -2.44
N VAL F 89 29.54 1.10 -1.75
CA VAL F 89 30.94 0.73 -1.64
C VAL F 89 31.09 -0.56 -0.82
N ASP F 90 30.33 -0.74 0.26
CA ASP F 90 30.36 -2.00 1.03
C ASP F 90 29.82 -3.14 0.19
N PHE F 91 28.72 -2.91 -0.50
CA PHE F 91 28.26 -3.91 -1.45
C PHE F 91 29.37 -4.31 -2.44
N ALA F 92 30.14 -3.33 -2.94
CA ALA F 92 31.15 -3.64 -3.99
C ALA F 92 32.33 -4.45 -3.41
N ARG F 93 32.80 -4.06 -2.22
CA ARG F 93 33.79 -4.85 -1.51
C ARG F 93 33.36 -6.30 -1.24
N ILE F 94 32.12 -6.52 -0.76
CA ILE F 94 31.63 -7.91 -0.47
C ILE F 94 31.57 -8.68 -1.79
N SER F 95 31.04 -8.04 -2.83
CA SER F 95 30.82 -8.70 -4.10
C SER F 95 32.17 -9.08 -4.81
N ALA F 96 33.18 -8.22 -4.66
CA ALA F 96 34.54 -8.51 -5.13
C ALA F 96 35.11 -9.75 -4.43
N GLN F 97 35.03 -9.82 -3.10
CA GLN F 97 35.41 -11.03 -2.35
C GLN F 97 34.68 -12.33 -2.70
N GLN F 98 33.37 -12.27 -2.91
CA GLN F 98 32.58 -13.42 -3.33
C GLN F 98 33.11 -13.91 -4.65
N GLU F 99 33.41 -12.99 -5.57
CA GLU F 99 33.95 -13.40 -6.88
C GLU F 99 35.32 -14.10 -6.74
N LYS F 100 36.18 -13.54 -5.90
CA LYS F 100 37.51 -14.09 -5.64
C LYS F 100 37.45 -15.46 -4.95
N VAL F 101 36.50 -15.64 -4.02
CA VAL F 101 36.28 -16.92 -3.34
C VAL F 101 35.78 -17.97 -4.33
N THR F 102 34.92 -17.53 -5.22
CA THR F 102 34.30 -18.42 -6.20
C THR F 102 35.27 -18.91 -7.26
N TYR F 103 36.07 -17.99 -7.83
CA TYR F 103 36.90 -18.29 -8.99
C TYR F 103 38.37 -18.21 -8.69
N GLY F 104 38.75 -17.73 -7.51
CA GLY F 104 40.16 -17.53 -7.15
C GLY F 104 40.72 -16.18 -7.54
N SER F 105 40.01 -15.46 -8.40
CA SER F 105 40.37 -14.09 -8.75
C SER F 105 39.24 -13.36 -9.45
N LEU F 106 39.55 -12.13 -9.84
CA LEU F 106 38.62 -11.23 -10.42
C LEU F 106 39.23 -10.89 -11.74
N VAL F 107 38.73 -11.50 -12.79
CA VAL F 107 39.36 -11.45 -14.10
C VAL F 107 39.05 -10.16 -14.85
N ASN F 108 37.78 -9.76 -14.81
CA ASN F 108 37.30 -8.60 -15.55
C ASN F 108 36.47 -7.70 -14.66
N ILE F 109 37.02 -6.54 -14.28
CA ILE F 109 36.37 -5.54 -13.45
C ILE F 109 34.96 -5.12 -13.93
N GLU F 110 34.71 -5.21 -15.23
CA GLU F 110 33.39 -4.88 -15.74
C GLU F 110 32.26 -5.64 -15.04
N ASN F 111 32.52 -6.88 -14.62
CA ASN F 111 31.48 -7.71 -13.98
C ASN F 111 31.10 -7.27 -12.60
N LEU F 112 32.09 -6.98 -11.78
CA LEU F 112 31.93 -6.26 -10.51
C LEU F 112 31.07 -5.00 -10.71
N VAL F 113 31.47 -4.14 -11.63
CA VAL F 113 30.71 -2.91 -11.94
C VAL F 113 29.26 -3.17 -12.27
N LYS F 114 29.00 -4.13 -13.15
CA LYS F 114 27.63 -4.56 -13.47
C LYS F 114 26.79 -5.08 -12.28
N ARG F 115 27.44 -5.75 -11.32
CA ARG F 115 26.70 -6.24 -10.17
C ARG F 115 26.24 -5.06 -9.32
N VAL F 116 27.12 -4.08 -9.17
CA VAL F 116 26.79 -2.88 -8.44
C VAL F 116 25.70 -2.15 -9.20
N ALA F 117 25.84 -2.08 -10.52
CA ALA F 117 24.95 -1.31 -11.36
C ALA F 117 23.61 -2.00 -11.43
N ASP F 118 23.60 -3.34 -11.37
CA ASP F 118 22.35 -4.11 -11.31
C ASP F 118 21.58 -3.91 -10.03
N GLN F 119 22.28 -3.88 -8.91
CA GLN F 119 21.62 -3.57 -7.68
C GLN F 119 20.92 -2.16 -7.72
N MET F 120 21.57 -1.20 -8.37
CA MET F 120 21.02 0.15 -8.48
C MET F 120 19.78 0.19 -9.37
N GLN F 121 19.82 -0.61 -10.45
CA GLN F 121 18.74 -0.70 -11.42
C GLN F 121 17.48 -1.23 -10.76
N GLN F 122 17.64 -2.25 -9.93
CA GLN F 122 16.53 -2.87 -9.18
C GLN F 122 15.76 -1.86 -8.35
N TYR F 123 16.48 -0.93 -7.73
CA TYR F 123 15.85 0.10 -6.90
C TYR F 123 15.23 1.21 -7.72
N THR F 124 15.17 1.04 -9.04
CA THR F 124 14.42 1.95 -9.91
C THR F 124 13.26 1.22 -10.58
N GLN F 125 13.09 -0.09 -10.30
CA GLN F 125 12.05 -0.88 -10.92
C GLN F 125 11.00 -1.39 -9.93
N TYR F 126 11.44 -1.71 -8.70
CA TYR F 126 10.56 -2.29 -7.66
C TYR F 126 10.01 -1.18 -6.87
N GLY F 127 8.71 -1.25 -6.57
CA GLY F 127 8.08 -0.26 -5.68
C GLY F 127 8.57 -0.48 -4.24
N GLY F 128 8.35 0.49 -3.38
CA GLY F 128 8.72 0.28 -1.97
C GLY F 128 10.17 0.56 -1.65
N VAL F 129 10.91 1.12 -2.62
CA VAL F 129 12.27 1.65 -2.39
C VAL F 129 12.48 2.89 -3.24
N ARG F 130 13.40 3.74 -2.80
CA ARG F 130 13.89 4.80 -3.68
C ARG F 130 15.24 4.38 -4.33
N PRO F 131 15.57 5.00 -5.47
CA PRO F 131 16.89 4.82 -6.06
C PRO F 131 18.03 5.25 -5.14
N TYR F 132 19.23 4.79 -5.47
CA TYR F 132 20.39 5.32 -4.78
C TYR F 132 20.71 6.69 -5.42
N GLY F 133 20.91 7.73 -4.61
CA GLY F 133 21.34 9.02 -5.15
C GLY F 133 22.86 9.13 -5.28
N VAL F 134 23.45 8.24 -6.08
CA VAL F 134 24.90 8.15 -6.16
C VAL F 134 25.36 7.90 -7.59
N SER F 135 26.49 8.53 -7.96
CA SER F 135 27.36 8.09 -9.07
C SER F 135 28.75 7.66 -8.58
N LEU F 136 29.32 6.68 -9.28
CA LEU F 136 30.58 6.08 -8.91
C LEU F 136 31.48 6.06 -10.17
N ILE F 137 32.77 6.27 -9.96
CA ILE F 137 33.75 5.87 -10.98
C ILE F 137 34.58 4.75 -10.35
N PHE F 138 34.72 3.69 -11.12
CA PHE F 138 35.59 2.56 -10.81
C PHE F 138 36.79 2.65 -11.74
N ALA F 139 37.97 2.51 -11.13
CA ALA F 139 39.25 2.43 -11.85
C ALA F 139 40.13 1.30 -11.29
N GLY F 140 40.73 0.52 -12.19
CA GLY F 140 41.75 -0.43 -11.74
C GLY F 140 42.32 -1.22 -12.86
N ILE F 141 43.04 -2.27 -12.46
CA ILE F 141 43.71 -3.21 -13.38
C ILE F 141 43.14 -4.62 -13.19
N ASP F 142 42.72 -5.25 -14.26
CA ASP F 142 42.29 -6.63 -14.25
C ASP F 142 43.08 -7.35 -15.37
N GLN F 143 42.60 -8.50 -15.80
CA GLN F 143 43.33 -9.28 -16.78
C GLN F 143 43.30 -8.69 -18.19
N ILE F 144 42.41 -7.73 -18.42
CA ILE F 144 42.32 -7.00 -19.68
C ILE F 144 43.32 -5.83 -19.71
N GLY F 145 43.61 -5.26 -18.55
CA GLY F 145 44.45 -4.06 -18.45
C GLY F 145 43.77 -3.02 -17.57
N PRO F 146 44.21 -1.76 -17.65
CA PRO F 146 43.60 -0.68 -16.86
C PRO F 146 42.20 -0.29 -17.34
N ARG F 147 41.30 -0.09 -16.36
CA ARG F 147 39.84 0.10 -16.61
C ARG F 147 39.35 1.32 -15.90
N LEU F 148 38.37 1.98 -16.50
CA LEU F 148 37.79 3.15 -15.91
C LEU F 148 36.35 3.15 -16.33
N PHE F 149 35.45 3.06 -15.33
CA PHE F 149 34.00 2.96 -15.57
C PHE F 149 33.29 4.02 -14.76
N ASP F 150 32.12 4.41 -15.21
CA ASP F 150 31.27 5.18 -14.32
C ASP F 150 29.91 4.52 -14.26
N CYS F 151 29.12 4.90 -13.27
CA CYS F 151 27.88 4.21 -13.01
C CYS F 151 26.99 5.20 -12.27
N ASP F 152 25.73 5.31 -12.71
CA ASP F 152 24.86 6.40 -12.24
C ASP F 152 23.63 5.84 -11.52
N PRO F 153 22.75 6.69 -10.99
CA PRO F 153 21.57 6.23 -10.24
C PRO F 153 20.68 5.18 -10.94
N ALA F 154 20.65 5.17 -12.26
CA ALA F 154 19.88 4.20 -13.05
C ALA F 154 20.51 2.81 -13.12
N GLY F 155 21.80 2.72 -12.81
CA GLY F 155 22.57 1.53 -13.10
C GLY F 155 23.18 1.56 -14.50
N THR F 156 23.22 2.75 -15.14
CA THR F 156 23.83 2.97 -16.46
C THR F 156 25.36 2.99 -16.32
N ILE F 157 26.07 2.16 -17.07
CA ILE F 157 27.56 2.22 -17.01
C ILE F 157 28.14 2.56 -18.37
N ASN F 158 29.32 3.15 -18.34
CA ASN F 158 30.15 3.36 -19.52
C ASN F 158 31.60 3.14 -19.13
N GLU F 159 32.40 2.72 -20.11
CA GLU F 159 33.85 2.70 -19.96
C GLU F 159 34.52 3.86 -20.68
N TYR F 160 35.55 4.42 -20.05
CA TYR F 160 36.11 5.71 -20.42
C TYR F 160 37.64 5.67 -20.44
N LYS F 161 38.22 6.66 -21.14
CA LYS F 161 39.65 6.98 -21.08
C LYS F 161 39.83 8.05 -20.03
N ALA F 162 38.85 8.94 -19.95
CA ALA F 162 38.81 9.93 -18.87
C ALA F 162 37.35 10.26 -18.63
N THR F 163 37.04 10.70 -17.42
CA THR F 163 35.65 11.01 -17.05
C THR F 163 35.62 11.73 -15.70
N ALA F 164 34.46 12.30 -15.36
CA ALA F 164 34.31 12.99 -14.08
C ALA F 164 32.89 12.88 -13.57
N ILE F 165 32.73 13.12 -12.26
CA ILE F 165 31.42 13.11 -11.60
C ILE F 165 31.33 14.29 -10.62
N GLY F 166 30.12 14.72 -10.31
CA GLY F 166 29.95 15.78 -9.31
C GLY F 166 29.67 17.14 -9.92
N SER F 167 29.67 18.20 -9.10
CA SER F 167 29.22 19.52 -9.57
C SER F 167 29.99 20.00 -10.82
N GLY F 168 31.30 19.74 -10.86
CA GLY F 168 32.13 20.21 -11.97
C GLY F 168 32.31 19.24 -13.12
N LYS F 169 31.44 18.25 -13.24
CA LYS F 169 31.62 17.22 -14.25
C LYS F 169 31.75 17.87 -15.63
N ASP F 170 30.80 18.75 -15.95
CA ASP F 170 30.69 19.39 -17.26
C ASP F 170 31.96 20.15 -17.70
N ALA F 171 32.48 20.98 -16.79
CA ALA F 171 33.71 21.73 -17.01
C ALA F 171 34.92 20.79 -17.19
N VAL F 172 35.01 19.77 -16.33
CA VAL F 172 36.16 18.87 -16.29
C VAL F 172 36.19 18.07 -17.56
N VAL F 173 35.01 17.65 -18.03
CA VAL F 173 34.90 16.88 -19.24
C VAL F 173 35.22 17.73 -20.48
N SER F 174 34.59 18.91 -20.58
CA SER F 174 34.96 19.89 -21.60
C SER F 174 36.47 20.05 -21.69
N PHE F 175 37.07 20.36 -20.55
CA PHE F 175 38.49 20.58 -20.47
C PHE F 175 39.24 19.36 -20.99
N LEU F 176 38.93 18.18 -20.44
CA LEU F 176 39.57 16.92 -20.82
C LEU F 176 39.37 16.57 -22.28
N GLU F 177 38.26 16.99 -22.86
CA GLU F 177 37.96 16.65 -24.24
C GLU F 177 38.80 17.46 -25.23
N ARG F 178 39.24 18.64 -24.80
CA ARG F 178 40.19 19.49 -25.54
C ARG F 178 41.61 19.03 -25.26
N GLU F 179 41.90 18.85 -23.97
CA GLU F 179 43.26 18.67 -23.48
C GLU F 179 43.75 17.25 -23.39
N TYR F 180 42.87 16.27 -23.60
CA TYR F 180 43.22 14.90 -23.24
C TYR F 180 44.10 14.21 -24.27
N LYS F 181 45.20 13.63 -23.78
CA LYS F 181 46.12 12.84 -24.60
C LYS F 181 46.24 11.41 -24.04
N GLU F 182 45.98 10.42 -24.89
CA GLU F 182 46.15 9.03 -24.47
C GLU F 182 47.60 8.77 -24.11
N ASN F 183 47.82 7.94 -23.09
CA ASN F 183 49.13 7.35 -22.83
C ASN F 183 50.24 8.28 -22.40
N LEU F 184 49.87 9.30 -21.64
CA LEU F 184 50.80 10.18 -20.90
C LEU F 184 51.48 9.40 -19.80
N PRO F 185 52.67 9.84 -19.39
CA PRO F 185 53.30 9.31 -18.18
C PRO F 185 52.55 9.76 -16.93
N GLU F 186 52.60 8.96 -15.87
CA GLU F 186 51.87 9.23 -14.64
C GLU F 186 51.86 10.69 -14.18
N LYS F 187 53.05 11.30 -14.12
CA LYS F 187 53.25 12.68 -13.66
C LYS F 187 52.50 13.70 -14.51
N GLU F 188 52.45 13.44 -15.81
CA GLU F 188 51.82 14.35 -16.77
C GLU F 188 50.29 14.20 -16.80
N ALA F 189 49.84 12.95 -16.63
CA ALA F 189 48.42 12.63 -16.41
C ALA F 189 47.89 13.35 -15.15
N VAL F 190 48.54 13.13 -14.02
CA VAL F 190 48.19 13.87 -12.81
C VAL F 190 48.14 15.40 -13.01
N THR F 191 49.02 15.94 -13.87
CA THR F 191 49.17 17.39 -14.01
C THR F 191 48.01 17.91 -14.82
N LEU F 192 47.67 17.20 -15.87
CA LEU F 192 46.49 17.49 -16.65
C LEU F 192 45.22 17.41 -15.76
N GLY F 193 45.14 16.40 -14.90
CA GLY F 193 44.00 16.19 -14.03
C GLY F 193 43.83 17.33 -13.06
N ILE F 194 44.91 17.76 -12.41
CA ILE F 194 44.83 18.95 -11.57
C ILE F 194 44.36 20.17 -12.38
N LYS F 195 44.89 20.33 -13.60
CA LYS F 195 44.45 21.41 -14.48
C LYS F 195 42.93 21.34 -14.63
N ALA F 196 42.45 20.23 -15.17
CA ALA F 196 41.02 20.01 -15.44
C ALA F 196 40.13 20.33 -14.22
N LEU F 197 40.56 19.86 -13.05
CA LEU F 197 39.87 20.12 -11.79
C LEU F 197 39.92 21.62 -11.43
N LYS F 198 41.07 22.26 -11.61
CA LYS F 198 41.21 23.70 -11.36
C LYS F 198 40.31 24.57 -12.25
N SER F 199 40.03 24.11 -13.47
CA SER F 199 39.22 24.89 -14.42
C SER F 199 37.72 24.87 -14.14
N SER F 200 37.30 24.19 -13.08
CA SER F 200 35.87 24.05 -12.76
C SER F 200 35.53 24.87 -11.53
N LEU F 201 36.46 25.71 -11.11
CA LEU F 201 36.55 26.13 -9.72
C LEU F 201 36.30 27.62 -9.48
N GLU F 202 35.15 28.16 -9.90
CA GLU F 202 34.77 29.59 -9.66
C GLU F 202 35.94 30.55 -9.37
N GLU F 203 36.09 31.58 -10.20
CA GLU F 203 37.13 32.63 -10.01
C GLU F 203 37.47 32.94 -8.54
N GLY F 204 38.76 33.07 -8.25
CA GLY F 204 39.21 33.37 -6.89
C GLY F 204 39.15 32.21 -5.91
N GLU F 205 38.32 31.22 -6.23
CA GLU F 205 38.25 29.98 -5.44
C GLU F 205 39.48 29.14 -5.76
N GLU F 206 40.18 28.74 -4.70
CA GLU F 206 41.49 28.12 -4.80
C GLU F 206 41.37 26.62 -4.59
N LEU F 207 42.20 25.84 -5.29
CA LEU F 207 42.18 24.37 -5.14
C LEU F 207 42.92 23.88 -3.90
N LYS F 208 42.15 23.38 -2.93
CA LYS F 208 42.72 22.73 -1.75
C LYS F 208 43.28 21.39 -2.23
N ALA F 209 44.18 20.80 -1.44
CA ALA F 209 44.82 19.53 -1.83
C ALA F 209 43.80 18.39 -2.06
N PRO F 210 43.61 18.02 -3.33
CA PRO F 210 42.73 16.93 -3.68
C PRO F 210 43.26 15.56 -3.20
N GLU F 211 42.38 14.56 -3.19
CA GLU F 211 42.80 13.17 -3.04
C GLU F 211 43.24 12.68 -4.41
N ILE F 212 44.37 11.96 -4.44
CA ILE F 212 44.88 11.31 -5.67
C ILE F 212 45.30 9.88 -5.36
N ALA F 213 44.98 8.98 -6.29
CA ALA F 213 45.39 7.59 -6.20
C ALA F 213 45.67 7.08 -7.61
N SER F 214 46.69 6.23 -7.72
CA SER F 214 47.06 5.65 -9.02
C SER F 214 47.42 4.17 -8.89
N ILE F 215 47.29 3.46 -10.01
CA ILE F 215 47.79 2.10 -10.16
C ILE F 215 48.31 1.90 -11.58
N THR F 216 49.45 1.19 -11.70
CA THR F 216 50.02 0.77 -13.01
C THR F 216 50.13 -0.77 -13.10
N VAL F 217 50.17 -1.30 -14.32
CA VAL F 217 50.10 -2.75 -14.55
C VAL F 217 51.18 -3.49 -13.77
N GLY F 218 50.82 -4.61 -13.14
CA GLY F 218 51.74 -5.33 -12.30
C GLY F 218 51.91 -4.78 -10.89
N ASN F 219 51.24 -3.67 -10.57
CA ASN F 219 51.31 -3.17 -9.19
C ASN F 219 49.96 -3.13 -8.48
N LYS F 220 49.99 -2.70 -7.22
CA LYS F 220 48.84 -2.43 -6.42
C LYS F 220 48.64 -0.95 -6.40
N TYR F 221 47.44 -0.52 -5.99
CA TYR F 221 47.09 0.88 -5.84
C TYR F 221 48.04 1.55 -4.92
N ARG F 222 48.31 2.83 -5.20
CA ARG F 222 48.92 3.69 -4.21
C ARG F 222 48.14 4.99 -4.08
N ILE F 223 48.06 5.46 -2.84
CA ILE F 223 47.40 6.71 -2.51
C ILE F 223 48.49 7.77 -2.31
N TYR F 224 48.47 8.81 -3.15
CA TYR F 224 49.41 9.91 -2.98
C TYR F 224 49.15 10.57 -1.63
N ASP F 225 50.13 10.58 -0.74
CA ASP F 225 49.96 11.28 0.53
C ASP F 225 49.99 12.80 0.33
N GLN F 226 49.71 13.50 1.43
CA GLN F 226 49.53 14.96 1.50
C GLN F 226 50.56 15.80 0.72
N GLU F 227 51.85 15.53 0.93
CA GLU F 227 52.92 16.38 0.39
C GLU F 227 53.16 16.20 -1.12
N GLU F 228 53.04 14.97 -1.62
CA GLU F 228 53.16 14.67 -3.06
C GLU F 228 52.06 15.39 -3.85
N VAL F 229 50.87 15.48 -3.28
CA VAL F 229 49.76 16.21 -3.91
C VAL F 229 50.06 17.73 -3.99
N LYS F 230 50.72 18.24 -2.94
CA LYS F 230 51.17 19.65 -2.90
C LYS F 230 52.28 19.96 -3.92
N LYS F 231 53.18 19.00 -4.15
CA LYS F 231 54.17 19.06 -5.21
C LYS F 231 53.52 19.41 -6.56
N PHE F 232 52.20 19.26 -6.64
CA PHE F 232 51.43 19.50 -7.86
C PHE F 232 50.59 20.78 -7.77
N LEU F 233 50.50 21.35 -6.56
CA LEU F 233 49.66 22.54 -6.33
C LEU F 233 50.38 23.89 -6.53
N ILE G 12 -0.24 1.13 -13.21
CA ILE G 12 0.90 0.44 -13.94
C ILE G 12 0.41 -0.88 -14.57
N THR G 13 -0.54 -1.43 -13.83
CA THR G 13 -1.23 -2.64 -14.22
C THR G 13 -2.67 -2.26 -14.36
N VAL G 14 -2.94 -1.05 -14.84
CA VAL G 14 -4.35 -0.69 -14.90
C VAL G 14 -4.89 -0.51 -16.31
N PHE G 15 -6.05 -1.10 -16.61
CA PHE G 15 -6.76 -0.76 -17.83
C PHE G 15 -7.36 0.66 -17.77
N SER G 16 -7.16 1.41 -18.85
CA SER G 16 -7.96 2.60 -19.14
C SER G 16 -9.35 2.14 -19.62
N PRO G 17 -10.33 3.06 -19.64
CA PRO G 17 -11.67 2.76 -20.18
C PRO G 17 -11.66 2.22 -21.61
N ASP G 18 -10.73 2.66 -22.46
CA ASP G 18 -10.57 2.05 -23.80
C ASP G 18 -9.78 0.75 -23.78
N GLY G 19 -9.34 0.27 -22.62
CA GLY G 19 -8.67 -1.04 -22.56
C GLY G 19 -7.17 -0.95 -22.82
N ARG G 20 -6.60 0.23 -22.60
CA ARG G 20 -5.18 0.44 -22.81
C ARG G 20 -4.40 0.30 -21.52
N LEU G 21 -3.13 -0.06 -21.66
CA LEU G 21 -2.21 -0.12 -20.51
C LEU G 21 -1.22 1.02 -20.66
N PHE G 22 -1.54 2.19 -20.11
CA PHE G 22 -0.69 3.37 -20.43
C PHE G 22 0.78 3.29 -20.01
N GLN G 23 1.07 2.58 -18.92
CA GLN G 23 2.45 2.42 -18.46
C GLN G 23 3.25 1.67 -19.49
N VAL G 24 2.59 0.73 -20.16
CA VAL G 24 3.24 -0.09 -21.19
C VAL G 24 3.52 0.75 -22.41
N GLU G 25 2.52 1.52 -22.83
CA GLU G 25 2.65 2.50 -23.91
C GLU G 25 3.70 3.56 -23.62
N TYR G 26 3.77 4.05 -22.38
CA TYR G 26 4.87 4.95 -22.02
C TYR G 26 6.26 4.30 -22.02
N ALA G 27 6.33 3.01 -21.77
CA ALA G 27 7.62 2.32 -21.77
C ALA G 27 8.06 2.20 -23.23
N ARG G 28 7.12 2.04 -24.16
CA ARG G 28 7.39 2.14 -25.58
C ARG G 28 8.01 3.48 -26.05
N GLU G 29 7.61 4.58 -25.40
CA GLU G 29 8.18 5.90 -25.67
C GLU G 29 9.67 5.95 -25.33
N ALA G 30 10.07 5.36 -24.23
CA ALA G 30 11.50 5.26 -23.90
C ALA G 30 12.25 4.43 -24.95
N VAL G 31 11.62 3.39 -25.46
CA VAL G 31 12.26 2.59 -26.53
C VAL G 31 12.55 3.40 -27.80
N LYS G 32 11.62 4.29 -28.16
CA LYS G 32 11.72 5.14 -29.35
C LYS G 32 12.91 6.10 -29.32
N LYS G 33 13.38 6.44 -28.12
CA LYS G 33 14.52 7.35 -28.00
C LYS G 33 15.83 6.63 -28.21
N GLY G 34 15.82 5.30 -28.28
CA GLY G 34 17.08 4.58 -28.42
C GLY G 34 17.57 4.56 -29.86
N SER G 35 18.85 4.18 -30.02
CA SER G 35 19.50 4.03 -31.33
C SER G 35 18.95 2.93 -32.19
N THR G 36 19.03 3.17 -33.48
CA THR G 36 18.42 2.27 -34.44
C THR G 36 19.20 0.98 -34.56
N ALA G 37 18.49 -0.12 -34.56
CA ALA G 37 19.13 -1.36 -34.90
C ALA G 37 18.19 -2.14 -35.77
N LEU G 38 18.74 -3.06 -36.53
CA LEU G 38 17.93 -3.82 -37.45
C LEU G 38 18.53 -5.20 -37.57
N GLY G 39 17.72 -6.14 -38.07
CA GLY G 39 18.25 -7.42 -38.46
C GLY G 39 17.56 -7.92 -39.71
N MET G 40 18.23 -8.78 -40.46
CA MET G 40 17.62 -9.41 -41.61
C MET G 40 18.13 -10.80 -41.88
N LYS G 41 17.23 -11.65 -42.34
CA LYS G 41 17.59 -12.97 -42.87
C LYS G 41 18.03 -12.86 -44.33
N PHE G 42 18.98 -13.73 -44.70
CA PHE G 42 19.61 -13.79 -46.01
C PHE G 42 19.92 -15.26 -46.29
N ALA G 43 20.44 -15.58 -47.49
CA ALA G 43 20.71 -16.97 -47.90
C ALA G 43 21.38 -17.77 -46.78
N ASN G 44 20.65 -18.73 -46.21
CA ASN G 44 21.21 -19.56 -45.13
C ASN G 44 21.73 -18.77 -43.90
N GLY G 45 21.15 -17.62 -43.58
CA GLY G 45 21.74 -16.82 -42.52
C GLY G 45 20.93 -15.69 -41.94
N VAL G 46 21.53 -14.98 -41.00
CA VAL G 46 20.84 -13.89 -40.37
C VAL G 46 21.90 -12.91 -39.81
N LEU G 47 21.61 -11.61 -39.89
CA LEU G 47 22.53 -10.57 -39.39
C LEU G 47 21.83 -9.49 -38.53
N LEU G 48 22.64 -8.77 -37.77
CA LEU G 48 22.20 -7.64 -36.99
C LEU G 48 23.14 -6.47 -37.26
N ILE G 49 22.59 -5.27 -37.36
CA ILE G 49 23.36 -4.04 -37.56
C ILE G 49 22.78 -3.10 -36.54
N SER G 50 23.66 -2.46 -35.80
CA SER G 50 23.26 -1.57 -34.75
C SER G 50 23.97 -0.22 -34.87
N ASP G 51 23.21 0.86 -35.05
CA ASP G 51 23.80 2.18 -35.05
C ASP G 51 24.42 2.49 -33.69
N LYS G 52 25.73 2.72 -33.70
CA LYS G 52 26.49 3.00 -32.49
C LYS G 52 26.02 4.32 -31.82
N LYS G 53 25.96 5.40 -32.61
CA LYS G 53 25.62 6.76 -32.14
C LYS G 53 26.42 7.12 -30.88
N VAL G 54 27.74 7.19 -31.04
CA VAL G 54 28.67 7.63 -29.98
C VAL G 54 28.98 9.13 -30.06
N ARG G 55 29.63 9.64 -29.03
CA ARG G 55 30.01 11.05 -28.93
C ARG G 55 30.88 11.32 -27.69
N SER G 56 32.07 11.86 -27.96
CA SER G 56 33.14 12.07 -26.99
C SER G 56 34.18 11.02 -27.26
N ARG G 57 35.31 11.46 -27.77
CA ARG G 57 36.48 10.65 -27.94
C ARG G 57 36.99 10.10 -26.59
N LEU G 58 36.31 10.47 -25.50
CA LEU G 58 36.71 10.03 -24.16
C LEU G 58 36.11 8.68 -23.70
N ILE G 59 35.05 8.25 -24.38
CA ILE G 59 34.42 6.94 -24.16
C ILE G 59 35.30 5.90 -24.80
N GLU G 60 35.56 4.80 -24.09
CA GLU G 60 36.05 3.60 -24.74
C GLU G 60 35.04 3.08 -25.74
N GLN G 61 35.20 3.44 -27.01
CA GLN G 61 34.41 2.83 -28.08
C GLN G 61 34.88 1.38 -28.13
N ASN G 62 34.01 0.49 -28.54
CA ASN G 62 34.28 -0.95 -28.46
C ASN G 62 34.43 -1.41 -27.02
N SER G 63 33.39 -1.14 -26.24
CA SER G 63 33.25 -1.70 -24.91
C SER G 63 31.79 -2.08 -24.57
N ILE G 64 30.88 -1.10 -24.52
CA ILE G 64 29.51 -1.36 -23.99
C ILE G 64 28.51 -1.78 -25.10
N GLU G 65 29.04 -2.51 -26.08
CA GLU G 65 28.33 -3.05 -27.25
C GLU G 65 26.81 -3.22 -27.17
N LYS G 66 26.14 -2.76 -28.20
CA LYS G 66 24.71 -2.93 -28.35
C LYS G 66 24.35 -4.34 -28.82
N ILE G 67 25.17 -4.96 -29.66
CA ILE G 67 24.91 -6.33 -30.09
C ILE G 67 25.50 -7.24 -29.04
N GLN G 68 24.67 -8.12 -28.44
CA GLN G 68 25.10 -9.01 -27.36
C GLN G 68 24.86 -10.49 -27.72
N LEU G 69 25.90 -11.30 -27.58
CA LEU G 69 25.78 -12.74 -27.75
C LEU G 69 25.02 -13.31 -26.55
N ILE G 70 24.05 -14.16 -26.84
CA ILE G 70 23.30 -14.88 -25.83
C ILE G 70 23.97 -16.23 -25.62
N ASP G 71 24.24 -16.90 -26.71
CA ASP G 71 25.28 -17.93 -26.76
C ASP G 71 25.97 -17.80 -28.13
N ASP G 72 26.75 -18.80 -28.54
CA ASP G 72 27.53 -18.77 -29.77
C ASP G 72 26.63 -18.75 -30.98
N TYR G 73 25.35 -19.10 -30.79
CA TYR G 73 24.38 -19.26 -31.92
C TYR G 73 23.26 -18.26 -31.91
N VAL G 74 23.23 -17.40 -30.89
CA VAL G 74 22.12 -16.49 -30.67
C VAL G 74 22.64 -15.16 -30.20
N ALA G 75 22.19 -14.11 -30.85
CA ALA G 75 22.51 -12.76 -30.42
C ALA G 75 21.24 -11.90 -30.27
N ALA G 76 21.35 -10.85 -29.46
CA ALA G 76 20.28 -9.86 -29.30
C ALA G 76 20.80 -8.44 -29.50
N VAL G 77 19.93 -7.54 -29.89
CA VAL G 77 20.28 -6.13 -29.85
C VAL G 77 19.09 -5.48 -29.17
N THR G 78 19.32 -4.43 -28.40
CA THR G 78 18.22 -3.81 -27.63
C THR G 78 18.13 -2.32 -27.89
N SER G 79 17.01 -1.71 -27.45
CA SER G 79 16.80 -0.24 -27.51
C SER G 79 15.88 0.20 -26.35
N GLY G 80 16.16 1.36 -25.79
CA GLY G 80 15.40 1.85 -24.67
C GLY G 80 16.34 2.02 -23.50
N LEU G 81 15.84 1.82 -22.28
CA LEU G 81 16.63 2.00 -21.05
C LEU G 81 17.75 0.96 -20.99
N VAL G 82 18.97 1.42 -20.78
CA VAL G 82 20.16 0.60 -21.04
C VAL G 82 20.37 -0.36 -19.90
N ALA G 83 20.15 0.13 -18.69
CA ALA G 83 20.19 -0.70 -17.51
C ALA G 83 19.10 -1.80 -17.47
N ASP G 84 17.82 -1.48 -17.71
CA ASP G 84 16.80 -2.53 -17.93
C ASP G 84 17.28 -3.52 -18.97
N ALA G 85 17.86 -3.02 -20.06
CA ALA G 85 18.27 -3.88 -21.19
C ALA G 85 19.35 -4.90 -20.81
N ARG G 86 20.29 -4.46 -20.01
CA ARG G 86 21.38 -5.30 -19.52
C ARG G 86 20.82 -6.45 -18.69
N VAL G 87 19.87 -6.11 -17.81
CA VAL G 87 19.18 -7.09 -16.95
C VAL G 87 18.44 -8.19 -17.74
N LEU G 88 17.71 -7.80 -18.78
CA LEU G 88 17.06 -8.71 -19.72
C LEU G 88 18.01 -9.61 -20.54
N VAL G 89 19.16 -9.06 -20.92
CA VAL G 89 20.15 -9.80 -21.67
C VAL G 89 20.80 -10.85 -20.74
N ASP G 90 21.13 -10.45 -19.51
CA ASP G 90 21.61 -11.39 -18.47
C ASP G 90 20.59 -12.51 -18.23
N PHE G 91 19.30 -12.17 -18.06
CA PHE G 91 18.23 -13.14 -17.95
C PHE G 91 18.20 -14.07 -19.20
N ALA G 92 18.23 -13.52 -20.41
CA ALA G 92 18.28 -14.36 -21.64
C ALA G 92 19.49 -15.36 -21.63
N ARG G 93 20.65 -14.89 -21.15
CA ARG G 93 21.84 -15.76 -21.09
C ARG G 93 21.70 -16.93 -20.14
N ILE G 94 21.18 -16.65 -18.95
CA ILE G 94 20.99 -17.69 -17.93
C ILE G 94 19.90 -18.65 -18.39
N SER G 95 18.82 -18.09 -18.92
CA SER G 95 17.74 -18.90 -19.45
C SER G 95 18.16 -19.82 -20.61
N ALA G 96 19.06 -19.37 -21.51
CA ALA G 96 19.62 -20.24 -22.55
C ALA G 96 20.37 -21.45 -21.97
N GLN G 97 21.21 -21.19 -20.97
CA GLN G 97 22.03 -22.22 -20.34
C GLN G 97 21.16 -23.23 -19.61
N GLN G 98 20.17 -22.74 -18.86
CA GLN G 98 19.22 -23.61 -18.22
C GLN G 98 18.60 -24.56 -19.20
N GLU G 99 18.28 -24.10 -20.42
CA GLU G 99 17.61 -24.99 -21.38
C GLU G 99 18.59 -26.07 -21.85
N LYS G 100 19.84 -25.66 -22.04
CA LYS G 100 20.90 -26.54 -22.55
C LYS G 100 21.32 -27.61 -21.55
N VAL G 101 21.38 -27.24 -20.27
CA VAL G 101 21.59 -28.18 -19.20
C VAL G 101 20.44 -29.22 -19.12
N THR G 102 19.20 -28.78 -19.27
CA THR G 102 18.02 -29.64 -19.21
C THR G 102 17.93 -30.59 -20.38
N TYR G 103 18.06 -30.07 -21.61
CA TYR G 103 17.85 -30.93 -22.78
C TYR G 103 19.10 -31.25 -23.53
N GLY G 104 20.18 -30.54 -23.27
CA GLY G 104 21.45 -30.74 -23.97
C GLY G 104 21.67 -29.80 -25.11
N SER G 105 20.66 -29.02 -25.47
CA SER G 105 20.76 -28.08 -26.58
C SER G 105 19.50 -27.24 -26.64
N LEU G 106 19.56 -26.21 -27.47
CA LEU G 106 18.50 -25.30 -27.60
C LEU G 106 17.96 -25.53 -29.04
N VAL G 107 16.85 -26.25 -29.16
CA VAL G 107 16.27 -26.70 -30.44
C VAL G 107 15.56 -25.58 -31.20
N ASN G 108 14.74 -24.78 -30.49
CA ASN G 108 13.93 -23.73 -31.11
C ASN G 108 14.11 -22.43 -30.31
N ILE G 109 14.86 -21.48 -30.88
CA ILE G 109 15.09 -20.12 -30.30
C ILE G 109 13.78 -19.43 -29.87
N GLU G 110 12.67 -19.75 -30.50
CA GLU G 110 11.44 -19.06 -30.12
C GLU G 110 11.09 -19.22 -28.63
N ASN G 111 11.39 -20.38 -28.06
CA ASN G 111 11.04 -20.65 -26.68
C ASN G 111 11.84 -19.77 -25.75
N LEU G 112 13.12 -19.58 -26.04
CA LEU G 112 13.95 -18.61 -25.31
C LEU G 112 13.34 -17.22 -25.34
N VAL G 113 12.96 -16.78 -26.52
CA VAL G 113 12.35 -15.45 -26.70
C VAL G 113 11.04 -15.32 -25.88
N LYS G 114 10.23 -16.39 -25.89
CA LYS G 114 9.03 -16.47 -25.06
C LYS G 114 9.30 -16.35 -23.56
N ARG G 115 10.40 -16.93 -23.08
CA ARG G 115 10.72 -16.85 -21.66
C ARG G 115 11.07 -15.43 -21.25
N VAL G 116 11.79 -14.74 -22.13
CA VAL G 116 12.17 -13.33 -21.94
C VAL G 116 10.91 -12.47 -22.01
N ALA G 117 10.10 -12.71 -23.05
CA ALA G 117 8.85 -11.99 -23.22
C ALA G 117 7.92 -12.16 -22.00
N ASP G 118 7.84 -13.38 -21.43
CA ASP G 118 6.98 -13.71 -20.26
C ASP G 118 7.41 -12.96 -19.02
N GLN G 119 8.71 -12.88 -18.81
CA GLN G 119 9.27 -12.06 -17.77
C GLN G 119 8.89 -10.59 -17.95
N MET G 120 8.83 -10.11 -19.20
CA MET G 120 8.42 -8.73 -19.47
C MET G 120 6.94 -8.50 -19.23
N GLN G 121 6.14 -9.48 -19.68
CA GLN G 121 4.68 -9.48 -19.49
C GLN G 121 4.29 -9.39 -18.01
N GLN G 122 4.91 -10.19 -17.16
CA GLN G 122 4.64 -10.23 -15.72
C GLN G 122 4.73 -8.83 -15.16
N TYR G 123 5.72 -8.10 -15.64
CA TYR G 123 5.95 -6.75 -15.15
C TYR G 123 4.96 -5.70 -15.66
N THR G 124 3.98 -6.11 -16.47
CA THR G 124 2.86 -5.24 -16.85
C THR G 124 1.58 -5.68 -16.19
N GLN G 125 1.62 -6.78 -15.42
CA GLN G 125 0.42 -7.32 -14.82
C GLN G 125 0.36 -7.19 -13.30
N TYR G 126 1.51 -7.40 -12.62
CA TYR G 126 1.63 -7.37 -11.17
C TYR G 126 1.97 -5.96 -10.71
N GLY G 127 1.28 -5.49 -9.67
CA GLY G 127 1.61 -4.20 -9.06
C GLY G 127 2.94 -4.34 -8.31
N GLY G 128 3.54 -3.22 -7.98
CA GLY G 128 4.80 -3.23 -7.23
C GLY G 128 6.04 -3.13 -8.11
N VAL G 129 5.85 -3.08 -9.45
CA VAL G 129 6.95 -3.03 -10.43
C VAL G 129 6.49 -2.20 -11.61
N ARG G 130 7.44 -1.65 -12.38
CA ARG G 130 7.15 -1.01 -13.66
C ARG G 130 7.61 -1.94 -14.79
N PRO G 131 7.01 -1.81 -15.96
CA PRO G 131 7.50 -2.54 -17.17
C PRO G 131 8.99 -2.23 -17.42
N TYR G 132 9.65 -3.05 -18.22
CA TYR G 132 10.97 -2.73 -18.77
C TYR G 132 10.78 -1.79 -19.94
N GLY G 133 11.60 -0.75 -20.01
CA GLY G 133 11.55 0.19 -21.13
C GLY G 133 12.51 -0.24 -22.24
N VAL G 134 12.26 -1.44 -22.79
CA VAL G 134 13.18 -2.11 -23.68
C VAL G 134 12.48 -2.81 -24.79
N SER G 135 13.06 -2.71 -25.99
CA SER G 135 12.71 -3.62 -27.09
C SER G 135 13.92 -4.41 -27.45
N LEU G 136 13.72 -5.61 -27.97
CA LEU G 136 14.82 -6.45 -28.32
C LEU G 136 14.58 -7.08 -29.68
N ILE G 137 15.71 -7.31 -30.38
CA ILE G 137 15.70 -8.23 -31.52
C ILE G 137 16.61 -9.39 -31.16
N PHE G 138 16.09 -10.60 -31.38
CA PHE G 138 16.86 -11.81 -31.24
C PHE G 138 17.04 -12.36 -32.65
N ALA G 139 18.30 -12.76 -32.93
CA ALA G 139 18.69 -13.38 -34.21
C ALA G 139 19.66 -14.52 -33.98
N GLY G 140 19.40 -15.67 -34.60
CA GLY G 140 20.34 -16.78 -34.55
C GLY G 140 19.89 -17.94 -35.41
N ILE G 141 20.47 -19.11 -35.18
CA ILE G 141 20.15 -20.30 -35.92
C ILE G 141 19.86 -21.41 -34.94
N ASP G 142 18.73 -22.09 -35.14
CA ASP G 142 18.36 -23.21 -34.30
C ASP G 142 18.12 -24.42 -35.19
N GLN G 143 17.44 -25.44 -34.69
CA GLN G 143 17.31 -26.62 -35.50
C GLN G 143 16.29 -26.48 -36.61
N ILE G 144 15.66 -25.31 -36.69
CA ILE G 144 14.65 -25.01 -37.74
C ILE G 144 15.26 -24.17 -38.86
N GLY G 145 16.26 -23.36 -38.54
CA GLY G 145 16.93 -22.52 -39.52
C GLY G 145 17.26 -21.17 -38.89
N PRO G 146 17.64 -20.18 -39.70
CA PRO G 146 17.91 -18.83 -39.18
C PRO G 146 16.62 -18.18 -38.70
N ARG G 147 16.70 -17.49 -37.56
CA ARG G 147 15.52 -16.93 -36.88
C ARG G 147 15.73 -15.49 -36.56
N LEU G 148 14.65 -14.72 -36.56
CA LEU G 148 14.67 -13.33 -36.19
C LEU G 148 13.32 -12.91 -35.57
N PHE G 149 13.40 -12.42 -34.34
CA PHE G 149 12.21 -12.11 -33.56
C PHE G 149 12.47 -10.76 -33.01
N ASP G 150 11.39 -10.05 -32.71
CA ASP G 150 11.53 -8.91 -31.86
C ASP G 150 10.58 -9.08 -30.68
N CYS G 151 10.72 -8.21 -29.70
CA CYS G 151 10.06 -8.38 -28.44
C CYS G 151 9.94 -7.00 -27.86
N ASP G 152 8.74 -6.62 -27.41
CA ASP G 152 8.60 -5.27 -26.91
C ASP G 152 8.37 -5.21 -25.36
N PRO G 153 8.24 -4.01 -24.79
CA PRO G 153 7.89 -3.85 -23.37
C PRO G 153 6.70 -4.65 -22.87
N ALA G 154 5.74 -4.92 -23.75
CA ALA G 154 4.57 -5.66 -23.33
C ALA G 154 4.82 -7.18 -23.25
N GLY G 155 5.98 -7.60 -23.76
CA GLY G 155 6.27 -9.01 -24.02
C GLY G 155 5.63 -9.53 -25.26
N THR G 156 5.22 -8.63 -26.14
CA THR G 156 4.69 -8.99 -27.49
C THR G 156 5.86 -9.39 -28.39
N ILE G 157 5.73 -10.46 -29.14
CA ILE G 157 6.81 -10.92 -30.03
C ILE G 157 6.36 -11.22 -31.45
N ASN G 158 7.24 -10.97 -32.41
CA ASN G 158 6.98 -11.37 -33.79
C ASN G 158 8.20 -12.01 -34.42
N GLU G 159 7.98 -12.94 -35.35
CA GLU G 159 9.06 -13.40 -36.24
C GLU G 159 9.15 -12.65 -37.59
N TYR G 160 10.35 -12.39 -38.07
CA TYR G 160 10.54 -11.54 -39.25
C TYR G 160 11.54 -12.07 -40.27
N LYS G 161 11.42 -11.55 -41.49
CA LYS G 161 12.50 -11.60 -42.48
C LYS G 161 13.46 -10.39 -42.33
N ALA G 162 12.93 -9.23 -41.96
CA ALA G 162 13.74 -8.09 -41.54
C ALA G 162 12.92 -7.20 -40.59
N THR G 163 13.58 -6.49 -39.67
CA THR G 163 12.87 -5.63 -38.74
C THR G 163 13.81 -4.64 -38.10
N ALA G 164 13.26 -3.68 -37.35
CA ALA G 164 14.10 -2.67 -36.71
C ALA G 164 13.47 -2.21 -35.41
N ILE G 165 14.29 -1.57 -34.57
CA ILE G 165 13.88 -0.98 -33.29
C ILE G 165 14.64 0.32 -33.09
N GLY G 166 14.07 1.23 -32.30
CA GLY G 166 14.78 2.44 -31.94
C GLY G 166 14.25 3.62 -32.70
N SER G 167 14.91 4.78 -32.55
CA SER G 167 14.37 6.05 -33.05
C SER G 167 14.15 6.05 -34.54
N GLY G 168 15.08 5.45 -35.27
CA GLY G 168 14.96 5.37 -36.72
C GLY G 168 14.22 4.16 -37.27
N LYS G 169 13.41 3.49 -36.47
CA LYS G 169 12.68 2.29 -36.90
C LYS G 169 11.78 2.47 -38.12
N ASP G 170 11.00 3.53 -38.13
CA ASP G 170 9.95 3.67 -39.15
C ASP G 170 10.54 3.88 -40.54
N ALA G 171 11.59 4.70 -40.62
CA ALA G 171 12.30 4.89 -41.86
C ALA G 171 12.91 3.57 -42.33
N VAL G 172 13.55 2.87 -41.39
CA VAL G 172 14.27 1.62 -41.71
C VAL G 172 13.34 0.54 -42.20
N VAL G 173 12.17 0.43 -41.59
CA VAL G 173 11.17 -0.57 -41.99
C VAL G 173 10.59 -0.19 -43.36
N SER G 174 10.18 1.07 -43.47
CA SER G 174 9.71 1.66 -44.73
C SER G 174 10.68 1.33 -45.88
N PHE G 175 11.95 1.65 -45.67
CA PHE G 175 12.98 1.36 -46.65
C PHE G 175 13.13 -0.12 -46.97
N LEU G 176 13.16 -0.98 -45.95
CA LEU G 176 13.25 -2.43 -46.13
C LEU G 176 12.01 -3.00 -46.81
N GLU G 177 10.86 -2.41 -46.51
CA GLU G 177 9.61 -2.78 -47.15
C GLU G 177 9.67 -2.63 -48.69
N ARG G 178 10.48 -1.67 -49.16
CA ARG G 178 10.76 -1.49 -50.58
C ARG G 178 11.92 -2.38 -51.10
N GLU G 179 13.06 -2.29 -50.43
CA GLU G 179 14.30 -2.79 -50.95
C GLU G 179 14.62 -4.23 -50.59
N TYR G 180 13.99 -4.75 -49.53
CA TYR G 180 14.32 -6.09 -49.04
C TYR G 180 13.94 -7.19 -50.03
N LYS G 181 14.96 -7.96 -50.43
CA LYS G 181 14.80 -9.19 -51.21
C LYS G 181 15.18 -10.36 -50.32
N GLU G 182 14.42 -11.46 -50.41
CA GLU G 182 14.69 -12.71 -49.66
C GLU G 182 16.16 -13.17 -49.54
N ASN G 183 16.59 -14.07 -50.43
CA ASN G 183 17.73 -14.97 -50.18
C ASN G 183 19.10 -14.43 -50.61
N LEU G 184 19.46 -13.24 -50.12
CA LEU G 184 20.69 -12.52 -50.52
C LEU G 184 22.01 -13.12 -50.00
N PRO G 185 23.10 -12.94 -50.74
CA PRO G 185 24.42 -13.30 -50.18
C PRO G 185 24.72 -12.37 -49.02
N GLU G 186 25.53 -12.82 -48.06
CA GLU G 186 25.78 -12.05 -46.84
C GLU G 186 26.26 -10.61 -47.11
N LYS G 187 27.23 -10.45 -48.02
CA LYS G 187 27.78 -9.13 -48.38
C LYS G 187 26.74 -8.21 -49.00
N GLU G 188 25.84 -8.76 -49.80
CA GLU G 188 24.75 -7.97 -50.35
C GLU G 188 23.69 -7.63 -49.30
N ALA G 189 23.51 -8.55 -48.34
CA ALA G 189 22.59 -8.30 -47.23
C ALA G 189 23.12 -7.16 -46.37
N VAL G 190 24.39 -7.24 -45.97
CA VAL G 190 25.01 -6.20 -45.14
C VAL G 190 24.91 -4.81 -45.78
N THR G 191 25.07 -4.74 -47.12
CA THR G 191 24.97 -3.47 -47.89
C THR G 191 23.56 -2.92 -47.83
N LEU G 192 22.59 -3.76 -48.19
CA LEU G 192 21.20 -3.34 -48.10
C LEU G 192 20.92 -2.79 -46.67
N GLY G 193 21.46 -3.47 -45.65
CA GLY G 193 21.29 -3.02 -44.27
C GLY G 193 21.89 -1.66 -43.96
N ILE G 194 23.12 -1.44 -44.41
CA ILE G 194 23.75 -0.11 -44.25
C ILE G 194 22.95 0.96 -45.00
N LYS G 195 22.48 0.61 -46.20
CA LYS G 195 21.59 1.48 -46.95
C LYS G 195 20.38 1.87 -46.10
N ALA G 196 19.66 0.86 -45.61
CA ALA G 196 18.45 1.07 -44.80
C ALA G 196 18.71 1.98 -43.64
N LEU G 197 19.83 1.75 -42.96
CA LEU G 197 20.18 2.52 -41.79
C LEU G 197 20.51 3.98 -42.10
N LYS G 198 21.15 4.22 -43.24
CA LYS G 198 21.48 5.59 -43.70
C LYS G 198 20.21 6.41 -43.91
N SER G 199 19.22 5.79 -44.58
CA SER G 199 17.93 6.43 -44.86
C SER G 199 17.18 6.95 -43.63
N SER G 200 17.57 6.50 -42.44
CA SER G 200 16.86 6.90 -41.22
C SER G 200 17.48 8.15 -40.59
N LEU G 201 18.66 8.50 -41.08
CA LEU G 201 19.37 9.69 -40.61
C LEU G 201 18.76 10.96 -41.18
N GLU G 202 18.79 12.04 -40.40
CA GLU G 202 18.38 13.37 -40.87
C GLU G 202 19.34 13.89 -41.95
N GLU G 203 18.86 14.83 -42.78
CA GLU G 203 19.64 15.39 -43.90
C GLU G 203 21.10 15.68 -43.53
N GLY G 204 22.01 15.17 -44.36
CA GLY G 204 23.45 15.41 -44.20
C GLY G 204 24.06 14.94 -42.89
N GLU G 205 23.36 14.02 -42.20
CA GLU G 205 23.89 13.38 -40.98
C GLU G 205 24.72 12.18 -41.43
N GLU G 206 25.79 11.90 -40.68
CA GLU G 206 26.80 10.94 -41.11
C GLU G 206 26.89 9.66 -40.26
N LEU G 207 26.62 8.52 -40.90
CA LEU G 207 26.68 7.19 -40.28
C LEU G 207 28.11 6.81 -39.97
N LYS G 208 28.47 6.76 -38.68
CA LYS G 208 29.84 6.40 -38.32
C LYS G 208 29.90 5.01 -37.67
N ALA G 209 30.43 4.05 -38.42
CA ALA G 209 30.68 2.66 -37.96
C ALA G 209 29.63 2.06 -36.99
N PRO G 210 28.63 1.39 -37.54
CA PRO G 210 27.76 0.52 -36.75
C PRO G 210 28.48 -0.76 -36.27
N GLU G 211 27.88 -1.49 -35.34
CA GLU G 211 28.32 -2.86 -35.08
C GLU G 211 27.59 -3.73 -36.09
N ILE G 212 28.28 -4.75 -36.61
CA ILE G 212 27.65 -5.76 -37.47
C ILE G 212 28.03 -7.12 -36.95
N ALA G 213 27.04 -8.02 -36.92
CA ALA G 213 27.25 -9.41 -36.57
C ALA G 213 26.39 -10.28 -37.47
N SER G 214 26.89 -11.46 -37.79
CA SER G 214 26.18 -12.37 -38.67
C SER G 214 26.50 -13.83 -38.34
N ILE G 215 25.64 -14.71 -38.85
CA ILE G 215 25.78 -16.14 -38.62
C ILE G 215 25.13 -16.83 -39.79
N THR G 216 25.67 -17.98 -40.19
CA THR G 216 25.07 -18.78 -41.28
C THR G 216 25.06 -20.22 -40.81
N VAL G 217 24.16 -21.02 -41.36
CA VAL G 217 23.97 -22.42 -40.97
C VAL G 217 25.31 -23.17 -40.87
N GLY G 218 25.49 -23.93 -39.79
CA GLY G 218 26.76 -24.65 -39.58
C GLY G 218 27.92 -23.89 -38.94
N ASN G 219 27.81 -22.57 -38.79
CA ASN G 219 28.86 -21.81 -38.09
C ASN G 219 28.36 -21.10 -36.82
N LYS G 220 29.30 -20.52 -36.09
CA LYS G 220 29.01 -19.70 -34.94
C LYS G 220 28.90 -18.28 -35.45
N TYR G 221 28.64 -17.36 -34.53
CA TYR G 221 28.51 -15.97 -34.86
C TYR G 221 29.87 -15.40 -35.14
N ARG G 222 29.90 -14.44 -36.06
CA ARG G 222 30.99 -13.52 -36.12
C ARG G 222 30.51 -12.08 -35.96
N ILE G 223 31.19 -11.41 -35.04
CA ILE G 223 31.21 -9.96 -34.91
C ILE G 223 32.26 -9.43 -35.90
N TYR G 224 31.84 -8.58 -36.82
CA TYR G 224 32.75 -7.81 -37.64
C TYR G 224 33.55 -6.89 -36.73
N ASP G 225 34.85 -6.77 -36.98
CA ASP G 225 35.59 -5.74 -36.27
C ASP G 225 35.55 -4.39 -37.02
N GLN G 226 36.03 -3.34 -36.36
CA GLN G 226 36.00 -1.97 -36.89
C GLN G 226 36.50 -1.83 -38.35
N GLU G 227 37.61 -2.49 -38.71
CA GLU G 227 38.16 -2.42 -40.09
C GLU G 227 37.24 -3.02 -41.14
N GLU G 228 36.46 -4.02 -40.75
CA GLU G 228 35.59 -4.73 -41.70
C GLU G 228 34.30 -3.97 -42.05
N VAL G 229 33.79 -3.20 -41.08
CA VAL G 229 32.60 -2.36 -41.27
C VAL G 229 32.83 -1.14 -42.19
N LYS G 230 33.96 -0.45 -41.99
CA LYS G 230 34.41 0.71 -42.82
C LYS G 230 34.40 0.46 -44.33
N LYS G 231 34.81 -0.75 -44.74
CA LYS G 231 34.63 -1.26 -46.10
C LYS G 231 33.19 -1.09 -46.64
N PHE G 232 32.18 -1.13 -45.76
CA PHE G 232 30.77 -1.02 -46.21
C PHE G 232 30.27 0.42 -46.25
N LEU G 233 31.02 1.34 -45.63
CA LEU G 233 30.63 2.75 -45.60
C LEU G 233 31.11 3.46 -46.89
N THR H 9 -5.55 -62.28 5.28
CA THR H 9 -6.61 -61.65 4.49
C THR H 9 -6.59 -62.38 3.16
N THR H 10 -7.78 -62.55 2.59
CA THR H 10 -7.88 -62.97 1.20
C THR H 10 -8.89 -62.13 0.49
N THR H 11 -8.48 -61.59 -0.66
CA THR H 11 -9.42 -60.91 -1.56
C THR H 11 -9.17 -61.33 -2.99
N VAL H 12 -10.23 -61.27 -3.81
CA VAL H 12 -10.17 -61.70 -5.21
C VAL H 12 -11.05 -60.81 -6.11
N GLY H 13 -10.59 -60.56 -7.32
CA GLY H 13 -11.38 -59.91 -8.32
C GLY H 13 -11.29 -60.65 -9.67
N ILE H 14 -12.44 -60.99 -10.26
CA ILE H 14 -12.40 -61.60 -11.60
C ILE H 14 -13.23 -60.82 -12.59
N THR H 15 -12.77 -60.71 -13.82
CA THR H 15 -13.68 -60.23 -14.84
C THR H 15 -14.33 -61.39 -15.57
N LEU H 16 -15.56 -61.16 -16.06
CA LEU H 16 -16.27 -62.07 -17.02
C LEU H 16 -16.81 -61.22 -18.16
N LYS H 17 -17.56 -61.81 -19.10
CA LYS H 17 -18.04 -61.10 -20.30
C LYS H 17 -18.46 -59.63 -20.02
N ASP H 18 -19.48 -59.46 -19.19
CA ASP H 18 -19.91 -58.12 -18.82
C ASP H 18 -20.05 -57.98 -17.33
N ALA H 19 -19.16 -58.61 -16.56
CA ALA H 19 -19.26 -58.55 -15.13
C ALA H 19 -17.90 -58.52 -14.45
N VAL H 20 -17.90 -57.96 -13.24
CA VAL H 20 -16.75 -58.03 -12.34
C VAL H 20 -17.31 -58.63 -11.09
N ILE H 21 -16.56 -59.55 -10.49
CA ILE H 21 -16.96 -60.18 -9.25
C ILE H 21 -15.80 -59.98 -8.28
N MET H 22 -16.09 -59.46 -7.09
CA MET H 22 -15.06 -59.17 -6.10
C MET H 22 -15.49 -59.83 -4.82
N ALA H 23 -14.55 -60.35 -4.06
CA ALA H 23 -14.89 -61.00 -2.80
C ALA H 23 -13.74 -60.99 -1.80
N THR H 24 -14.08 -61.01 -0.52
CA THR H 24 -13.11 -61.09 0.56
C THR H 24 -13.63 -62.01 1.65
N GLU H 25 -12.75 -62.37 2.59
CA GLU H 25 -13.20 -62.86 3.90
C GLU H 25 -13.10 -61.66 4.87
N ARG H 26 -13.04 -61.91 6.17
CA ARG H 26 -13.30 -60.86 7.14
C ARG H 26 -12.44 -60.90 8.38
N ARG H 27 -11.42 -61.77 8.44
CA ARG H 27 -10.66 -61.89 9.68
C ARG H 27 -9.74 -60.72 9.95
N VAL H 28 -9.74 -60.17 11.16
CA VAL H 28 -8.75 -59.15 11.53
C VAL H 28 -7.87 -59.70 12.67
N THR H 29 -6.58 -59.85 12.40
CA THR H 29 -5.66 -60.39 13.40
C THR H 29 -4.60 -59.39 13.82
N MET H 30 -4.02 -59.64 14.99
CA MET H 30 -2.80 -59.02 15.44
C MET H 30 -1.89 -60.19 15.79
N GLU H 31 -1.00 -60.52 14.86
CA GLU H 31 -0.21 -61.74 14.97
C GLU H 31 -1.21 -62.92 14.89
N ASN H 32 -1.19 -63.79 15.88
CA ASN H 32 -2.08 -64.98 15.89
C ASN H 32 -3.40 -64.69 16.57
N PHE H 33 -3.52 -63.51 17.18
CA PHE H 33 -4.67 -63.12 17.98
C PHE H 33 -5.79 -62.66 17.04
N ILE H 34 -6.88 -63.42 16.98
CA ILE H 34 -8.03 -63.05 16.17
C ILE H 34 -8.84 -61.99 16.94
N MET H 35 -8.69 -60.73 16.54
CA MET H 35 -9.39 -59.66 17.24
C MET H 35 -10.83 -59.45 16.75
N HIS H 36 -11.04 -59.51 15.44
CA HIS H 36 -12.36 -59.31 14.86
C HIS H 36 -12.59 -60.42 13.86
N LYS H 37 -13.67 -61.17 14.02
CA LYS H 37 -14.00 -62.22 13.07
C LYS H 37 -14.64 -61.64 11.79
N ASN H 38 -14.99 -60.37 11.88
CA ASN H 38 -15.97 -59.81 10.99
C ASN H 38 -15.69 -58.40 10.52
N GLY H 39 -14.46 -58.08 10.10
CA GLY H 39 -14.15 -56.75 9.58
C GLY H 39 -14.63 -56.61 8.14
N LYS H 40 -14.59 -55.41 7.61
CA LYS H 40 -15.06 -55.18 6.25
C LYS H 40 -13.88 -54.84 5.34
N LYS H 41 -13.76 -55.54 4.23
CA LYS H 41 -12.58 -55.42 3.38
C LYS H 41 -12.95 -55.17 1.93
N LEU H 42 -14.27 -55.10 1.66
CA LEU H 42 -14.80 -54.87 0.31
C LEU H 42 -15.69 -53.63 0.36
N PHE H 43 -15.47 -52.67 -0.53
CA PHE H 43 -16.20 -51.43 -0.48
C PHE H 43 -16.64 -51.00 -1.87
N GLN H 44 -17.85 -50.45 -1.95
CA GLN H 44 -18.25 -49.77 -3.14
C GLN H 44 -17.60 -48.37 -3.05
N ILE H 45 -16.91 -47.95 -4.11
CA ILE H 45 -16.33 -46.62 -4.09
C ILE H 45 -16.88 -45.68 -5.17
N ASP H 46 -17.68 -46.20 -6.10
CA ASP H 46 -18.34 -45.39 -7.10
C ASP H 46 -19.51 -46.25 -7.63
N THR H 47 -20.37 -45.71 -8.50
CA THR H 47 -21.58 -46.41 -8.99
C THR H 47 -21.28 -47.83 -9.52
N TYR H 48 -20.21 -48.00 -10.29
CA TYR H 48 -19.85 -49.33 -10.80
C TYR H 48 -18.41 -49.68 -10.43
N THR H 49 -17.98 -49.31 -9.22
CA THR H 49 -16.61 -49.52 -8.83
C THR H 49 -16.52 -49.98 -7.40
N GLY H 50 -15.74 -51.04 -7.19
CA GLY H 50 -15.53 -51.63 -5.86
C GLY H 50 -14.04 -51.66 -5.62
N MET H 51 -13.67 -51.78 -4.35
CA MET H 51 -12.29 -51.87 -3.94
C MET H 51 -12.18 -52.89 -2.81
N THR H 52 -11.15 -53.73 -2.83
CA THR H 52 -10.82 -54.56 -1.68
C THR H 52 -9.50 -54.08 -1.06
N ILE H 53 -9.34 -54.31 0.24
CA ILE H 53 -8.17 -53.87 0.95
C ILE H 53 -7.42 -55.01 1.66
N ALA H 54 -6.08 -54.97 1.66
CA ALA H 54 -5.24 -55.92 2.40
C ALA H 54 -4.10 -55.15 3.01
N GLY H 55 -3.65 -55.51 4.20
CA GLY H 55 -2.50 -54.85 4.78
C GLY H 55 -2.88 -54.07 6.01
N LEU H 56 -2.18 -52.98 6.23
CA LEU H 56 -2.33 -52.28 7.46
C LEU H 56 -3.72 -51.67 7.46
N VAL H 57 -4.49 -51.95 8.51
CA VAL H 57 -5.91 -51.59 8.55
C VAL H 57 -6.11 -50.07 8.50
N GLY H 58 -5.41 -49.34 9.36
CA GLY H 58 -5.52 -47.88 9.38
C GLY H 58 -5.30 -47.20 8.03
N ASP H 59 -4.24 -47.62 7.30
CA ASP H 59 -3.86 -47.07 5.99
C ASP H 59 -4.89 -47.40 4.93
N ALA H 60 -5.30 -48.66 4.88
CA ALA H 60 -6.32 -49.08 3.97
C ALA H 60 -7.65 -48.32 4.16
N GLN H 61 -8.06 -48.08 5.41
CA GLN H 61 -9.31 -47.39 5.74
C GLN H 61 -9.30 -45.91 5.35
N VAL H 62 -8.20 -45.22 5.65
CA VAL H 62 -7.91 -43.89 5.13
C VAL H 62 -8.03 -43.85 3.58
N LEU H 63 -7.52 -44.88 2.87
CA LEU H 63 -7.61 -44.92 1.40
C LEU H 63 -9.01 -45.07 0.89
N VAL H 64 -9.81 -45.87 1.58
CA VAL H 64 -11.19 -46.11 1.22
C VAL H 64 -11.96 -44.81 1.39
N ARG H 65 -11.82 -44.13 2.53
CA ARG H 65 -12.43 -42.79 2.68
C ARG H 65 -12.03 -41.79 1.61
N TYR H 66 -10.72 -41.66 1.36
N TYR H 66 -10.72 -41.71 1.35
CA TYR H 66 -10.30 -40.77 0.28
CA TYR H 66 -10.15 -40.85 0.30
C TYR H 66 -11.06 -41.16 -1.00
C TYR H 66 -10.72 -41.13 -1.10
N MET H 67 -10.93 -42.41 -1.42
CA MET H 67 -11.45 -42.83 -2.73
C MET H 67 -12.97 -42.60 -2.89
N LYS H 68 -13.76 -42.96 -1.88
CA LYS H 68 -15.17 -42.60 -1.90
C LYS H 68 -15.41 -41.11 -2.14
N ALA H 69 -14.62 -40.25 -1.49
CA ALA H 69 -14.78 -38.81 -1.55
C ALA H 69 -14.32 -38.25 -2.89
N GLU H 70 -13.16 -38.70 -3.33
CA GLU H 70 -12.61 -38.20 -4.57
C GLU H 70 -13.43 -38.67 -5.79
N LEU H 71 -13.89 -39.93 -5.79
CA LEU H 71 -14.70 -40.44 -6.91
C LEU H 71 -16.06 -39.72 -6.96
N GLU H 72 -16.62 -39.40 -5.78
CA GLU H 72 -17.84 -38.62 -5.74
C GLU H 72 -17.63 -37.18 -6.30
N LEU H 73 -16.57 -36.52 -5.88
CA LEU H 73 -16.22 -35.17 -6.36
C LEU H 73 -16.02 -35.17 -7.90
N TYR H 74 -15.15 -36.07 -8.37
CA TYR H 74 -14.88 -36.22 -9.78
C TYR H 74 -16.17 -36.39 -10.63
N ARG H 75 -17.08 -37.21 -10.13
CA ARG H 75 -18.33 -37.50 -10.79
C ARG H 75 -19.19 -36.21 -10.87
N LEU H 76 -19.26 -35.44 -9.79
CA LEU H 76 -19.94 -34.16 -9.80
C LEU H 76 -19.31 -33.14 -10.76
N GLN H 77 -17.96 -33.07 -10.75
CA GLN H 77 -17.22 -32.12 -11.57
C GLN H 77 -17.25 -32.48 -13.05
N ARG H 78 -17.10 -33.76 -13.35
CA ARG H 78 -17.04 -34.25 -14.73
C ARG H 78 -18.38 -34.69 -15.31
N ARG H 79 -19.36 -35.00 -14.45
CA ARG H 79 -20.67 -35.53 -14.84
C ARG H 79 -20.58 -36.90 -15.51
N VAL H 80 -19.47 -37.59 -15.30
CA VAL H 80 -19.33 -38.99 -15.70
C VAL H 80 -18.50 -39.65 -14.62
N ASN H 81 -18.66 -40.94 -14.45
CA ASN H 81 -17.83 -41.70 -13.53
C ASN H 81 -16.41 -41.72 -14.02
N MET H 82 -15.49 -41.55 -13.08
CA MET H 82 -14.07 -41.82 -13.34
C MET H 82 -13.90 -43.21 -14.02
N PRO H 83 -13.25 -43.26 -15.18
CA PRO H 83 -12.90 -44.56 -15.79
C PRO H 83 -12.10 -45.39 -14.81
N ILE H 84 -12.31 -46.71 -14.81
CA ILE H 84 -11.64 -47.64 -13.87
C ILE H 84 -10.12 -47.53 -13.95
N GLU H 85 -9.59 -47.44 -15.14
CA GLU H 85 -8.18 -47.23 -15.29
C GLU H 85 -7.71 -45.93 -14.66
N ALA H 86 -8.60 -44.93 -14.59
CA ALA H 86 -8.25 -43.62 -14.08
C ALA H 86 -8.21 -43.69 -12.56
N VAL H 87 -9.08 -44.51 -11.97
CA VAL H 87 -9.07 -44.75 -10.55
C VAL H 87 -7.69 -45.35 -10.17
N ALA H 88 -7.29 -46.36 -10.93
CA ALA H 88 -6.03 -47.08 -10.64
C ALA H 88 -4.81 -46.17 -10.83
N THR H 89 -4.83 -45.32 -11.85
CA THR H 89 -3.80 -44.32 -12.12
C THR H 89 -3.70 -43.30 -10.97
N LEU H 90 -4.87 -42.81 -10.52
CA LEU H 90 -4.94 -41.92 -9.36
C LEU H 90 -4.24 -42.53 -8.12
N LEU H 91 -4.60 -43.76 -7.77
CA LEU H 91 -4.07 -44.51 -6.63
C LEU H 91 -2.58 -44.79 -6.79
N SER H 92 -2.25 -45.16 -8.01
CA SER H 92 -0.88 -45.40 -8.44
C SER H 92 -0.03 -44.12 -8.19
N ASN H 93 -0.49 -42.95 -8.66
CA ASN H 93 0.17 -41.67 -8.32
C ASN H 93 0.25 -41.36 -6.82
N MET H 94 -0.86 -41.48 -6.09
CA MET H 94 -0.88 -41.26 -4.64
C MET H 94 0.09 -42.12 -3.84
N LEU H 95 0.17 -43.42 -4.15
CA LEU H 95 0.97 -44.37 -3.37
C LEU H 95 2.46 -44.24 -3.70
N ASN H 96 2.72 -44.00 -4.98
CA ASN H 96 4.09 -43.81 -5.43
C ASN H 96 4.64 -42.52 -4.84
N GLN H 97 3.84 -41.45 -4.75
CA GLN H 97 4.36 -40.17 -4.23
C GLN H 97 4.97 -40.36 -2.86
N VAL H 98 4.41 -41.28 -2.08
CA VAL H 98 4.87 -41.46 -0.73
C VAL H 98 5.54 -42.80 -0.56
N LYS H 99 6.16 -43.31 -1.62
CA LYS H 99 6.70 -44.66 -1.57
C LYS H 99 7.75 -44.98 -0.46
N TYR H 100 8.39 -43.96 0.09
CA TYR H 100 9.43 -44.17 1.14
C TYR H 100 8.76 -44.10 2.52
N MET H 101 7.58 -43.49 2.55
CA MET H 101 6.71 -43.49 3.74
C MET H 101 5.32 -44.09 3.38
N PRO H 102 5.28 -45.36 3.02
CA PRO H 102 4.14 -45.87 2.25
C PRO H 102 2.83 -46.15 3.01
N TYR H 103 1.73 -46.14 2.26
CA TYR H 103 0.52 -46.87 2.65
C TYR H 103 0.91 -48.34 2.53
N MET H 104 0.93 -49.05 3.65
N MET H 104 0.86 -49.06 3.65
CA MET H 104 1.29 -50.48 3.64
CA MET H 104 1.25 -50.46 3.69
C MET H 104 0.09 -51.38 3.29
C MET H 104 0.07 -51.38 3.30
N VAL H 105 -0.32 -51.30 2.03
CA VAL H 105 -1.55 -51.95 1.53
C VAL H 105 -1.35 -52.67 0.19
N GLN H 106 -2.20 -53.64 -0.13
CA GLN H 106 -2.39 -54.08 -1.52
C GLN H 106 -3.83 -53.79 -1.80
N LEU H 107 -4.11 -53.37 -3.00
CA LEU H 107 -5.46 -52.96 -3.31
C LEU H 107 -5.89 -53.61 -4.60
N LEU H 108 -7.16 -53.98 -4.69
CA LEU H 108 -7.77 -54.31 -5.97
C LEU H 108 -8.84 -53.30 -6.28
N VAL H 109 -8.89 -52.88 -7.53
CA VAL H 109 -9.91 -51.98 -8.00
C VAL H 109 -10.60 -52.65 -9.20
N GLY H 110 -11.92 -52.72 -9.13
CA GLY H 110 -12.71 -53.42 -10.14
C GLY H 110 -13.97 -52.66 -10.45
N GLY H 111 -14.36 -52.70 -11.70
CA GLY H 111 -15.60 -52.07 -12.10
C GLY H 111 -15.84 -52.09 -13.58
N ILE H 112 -16.92 -51.41 -13.99
CA ILE H 112 -17.37 -51.39 -15.38
C ILE H 112 -17.35 -49.96 -15.93
N ASP H 113 -16.64 -49.72 -17.00
CA ASP H 113 -16.91 -48.48 -17.74
C ASP H 113 -17.52 -48.88 -19.11
N THR H 114 -16.73 -48.90 -20.19
CA THR H 114 -17.19 -49.53 -21.45
C THR H 114 -16.89 -51.03 -21.51
N ALA H 115 -16.26 -51.57 -20.46
CA ALA H 115 -15.78 -52.94 -20.41
C ALA H 115 -15.44 -53.21 -18.98
N PRO H 116 -15.45 -54.47 -18.56
CA PRO H 116 -15.08 -54.84 -17.18
C PRO H 116 -13.56 -54.68 -16.92
N HIS H 117 -13.17 -54.31 -15.70
CA HIS H 117 -11.71 -54.21 -15.38
C HIS H 117 -11.40 -54.60 -13.97
N VAL H 118 -10.29 -55.30 -13.76
CA VAL H 118 -9.75 -55.50 -12.42
C VAL H 118 -8.29 -55.02 -12.40
N PHE H 119 -7.98 -54.15 -11.44
CA PHE H 119 -6.62 -53.63 -11.25
C PHE H 119 -6.07 -54.01 -9.88
N SER H 120 -4.79 -54.40 -9.92
CA SER H 120 -4.03 -54.76 -8.74
C SER H 120 -3.03 -53.65 -8.45
N ILE H 121 -3.07 -53.05 -7.26
CA ILE H 121 -2.16 -51.95 -6.95
C ILE H 121 -1.32 -52.24 -5.69
N ASP H 122 -0.01 -52.04 -5.77
CA ASP H 122 0.90 -52.33 -4.66
C ASP H 122 1.26 -51.04 -3.90
N ALA H 123 2.05 -51.19 -2.84
CA ALA H 123 2.41 -50.04 -1.94
C ALA H 123 3.38 -49.00 -2.56
N ALA H 124 4.01 -49.36 -3.67
CA ALA H 124 4.76 -48.37 -4.46
C ALA H 124 3.92 -47.75 -5.61
N GLY H 125 2.65 -48.09 -5.73
CA GLY H 125 1.88 -47.56 -6.84
C GLY H 125 2.01 -48.32 -8.15
N GLY H 126 2.55 -49.53 -8.09
CA GLY H 126 2.55 -50.39 -9.26
C GLY H 126 1.13 -50.91 -9.48
N SER H 127 0.56 -50.57 -10.61
CA SER H 127 -0.79 -50.91 -10.92
C SER H 127 -0.78 -51.69 -12.22
N VAL H 128 -1.37 -52.89 -12.20
CA VAL H 128 -1.40 -53.74 -13.41
C VAL H 128 -2.81 -54.38 -13.61
N GLU H 129 -3.33 -54.24 -14.83
CA GLU H 129 -4.65 -54.78 -15.17
C GLU H 129 -4.54 -56.28 -15.39
N ASP H 130 -5.53 -57.04 -14.98
CA ASP H 130 -5.47 -58.45 -15.24
C ASP H 130 -6.90 -58.99 -15.38
N ILE H 131 -7.06 -60.19 -15.93
CA ILE H 131 -8.39 -60.83 -15.96
C ILE H 131 -8.86 -61.31 -14.59
N TYR H 132 -7.90 -61.67 -13.72
CA TYR H 132 -8.19 -61.87 -12.30
C TYR H 132 -6.96 -61.59 -11.47
N ALA H 133 -7.15 -61.34 -10.18
CA ALA H 133 -6.04 -61.02 -9.29
C ALA H 133 -6.46 -61.34 -7.90
N SER H 134 -5.49 -61.50 -7.01
CA SER H 134 -5.85 -61.82 -5.63
C SER H 134 -4.84 -61.18 -4.69
N THR H 135 -5.30 -60.72 -3.52
CA THR H 135 -4.37 -60.14 -2.55
C THR H 135 -4.53 -60.71 -1.16
N GLY H 136 -3.60 -60.35 -0.27
CA GLY H 136 -3.58 -60.78 1.11
C GLY H 136 -2.75 -62.04 1.29
N SER H 137 -2.54 -62.41 2.56
CA SER H 137 -1.81 -63.63 2.88
C SER H 137 -2.41 -64.90 2.25
N GLY H 138 -3.71 -64.89 1.97
CA GLY H 138 -4.39 -66.08 1.40
C GLY H 138 -4.36 -66.20 -0.13
N SER H 139 -3.81 -65.18 -0.80
CA SER H 139 -3.87 -65.10 -2.24
C SER H 139 -3.17 -66.21 -3.00
N PRO H 140 -2.05 -66.75 -2.55
CA PRO H 140 -1.44 -67.85 -3.32
C PRO H 140 -2.34 -69.07 -3.46
N PHE H 141 -3.17 -69.35 -2.44
CA PHE H 141 -4.13 -70.44 -2.48
C PHE H 141 -5.28 -70.14 -3.45
N VAL H 142 -5.74 -68.90 -3.47
CA VAL H 142 -6.65 -68.45 -4.47
C VAL H 142 -6.06 -68.60 -5.86
N TYR H 143 -4.85 -68.09 -6.09
CA TYR H 143 -4.25 -68.23 -7.42
C TYR H 143 -4.22 -69.70 -7.91
N GLY H 144 -3.97 -70.64 -6.99
CA GLY H 144 -4.04 -72.06 -7.32
C GLY H 144 -5.45 -72.51 -7.80
N VAL H 145 -6.49 -72.17 -7.03
CA VAL H 145 -7.84 -72.46 -7.44
C VAL H 145 -8.17 -71.82 -8.82
N LEU H 146 -7.81 -70.56 -9.04
CA LEU H 146 -8.16 -69.87 -10.26
C LEU H 146 -7.41 -70.39 -11.48
N GLU H 147 -6.12 -70.71 -11.30
CA GLU H 147 -5.34 -71.31 -12.40
C GLU H 147 -6.04 -72.57 -12.93
N SER H 148 -6.54 -73.34 -12.00
CA SER H 148 -7.00 -74.64 -12.31
C SER H 148 -8.44 -74.61 -12.84
N GLN H 149 -9.25 -73.65 -12.36
CA GLN H 149 -10.70 -73.68 -12.53
C GLN H 149 -11.34 -72.52 -13.25
N TYR H 150 -10.68 -71.38 -13.29
CA TYR H 150 -11.18 -70.19 -13.97
C TYR H 150 -11.28 -70.35 -15.48
N SER H 151 -12.39 -69.86 -16.01
CA SER H 151 -12.63 -69.78 -17.43
C SER H 151 -13.26 -68.43 -17.76
N GLU H 152 -12.73 -67.79 -18.82
CA GLU H 152 -13.29 -66.54 -19.36
C GLU H 152 -14.78 -66.65 -19.80
N LYS H 153 -15.28 -67.87 -19.96
CA LYS H 153 -16.62 -68.10 -20.46
C LYS H 153 -17.64 -68.40 -19.39
N MET H 154 -17.20 -68.42 -18.14
CA MET H 154 -18.10 -68.60 -17.03
C MET H 154 -19.25 -67.57 -17.03
N THR H 155 -20.36 -67.97 -16.43
CA THR H 155 -21.48 -67.08 -16.19
C THR H 155 -21.21 -66.41 -14.83
N VAL H 156 -21.95 -65.34 -14.53
CA VAL H 156 -21.90 -64.76 -13.20
C VAL H 156 -22.06 -65.78 -12.08
N ASP H 157 -23.04 -66.67 -12.23
CA ASP H 157 -23.34 -67.69 -11.24
C ASP H 157 -22.19 -68.63 -11.01
N GLU H 158 -21.53 -69.06 -12.07
CA GLU H 158 -20.39 -69.90 -11.84
C GLU H 158 -19.13 -69.13 -11.36
N GLY H 159 -18.92 -67.91 -11.85
CA GLY H 159 -17.94 -67.01 -11.28
C GLY H 159 -18.10 -66.78 -9.78
N VAL H 160 -19.35 -66.64 -9.30
CA VAL H 160 -19.62 -66.46 -7.89
C VAL H 160 -19.22 -67.71 -7.11
N ASP H 161 -19.51 -68.87 -7.69
CA ASP H 161 -19.17 -70.12 -7.02
C ASP H 161 -17.65 -70.29 -6.98
N LEU H 162 -17.00 -69.86 -8.06
CA LEU H 162 -15.56 -69.95 -8.19
C LEU H 162 -14.82 -69.19 -7.04
N VAL H 163 -15.22 -67.93 -6.81
CA VAL H 163 -14.58 -67.09 -5.80
C VAL H 163 -14.89 -67.57 -4.38
N ILE H 164 -16.04 -68.19 -4.18
CA ILE H 164 -16.40 -68.75 -2.87
C ILE H 164 -15.49 -69.94 -2.60
N ARG H 165 -15.30 -70.78 -3.61
CA ARG H 165 -14.37 -71.90 -3.53
C ARG H 165 -12.93 -71.48 -3.25
N ALA H 166 -12.46 -70.52 -4.03
CA ALA H 166 -11.12 -69.98 -3.95
C ALA H 166 -10.88 -69.44 -2.52
N ILE H 167 -11.81 -68.62 -2.04
CA ILE H 167 -11.70 -68.08 -0.71
C ILE H 167 -11.91 -69.15 0.36
N SER H 168 -12.76 -70.14 0.08
CA SER H 168 -12.93 -71.27 1.01
C SER H 168 -11.63 -72.04 1.19
N ALA H 169 -10.92 -72.25 0.08
CA ALA H 169 -9.63 -72.90 0.05
C ALA H 169 -8.59 -72.06 0.80
N ALA H 170 -8.53 -70.75 0.53
CA ALA H 170 -7.63 -69.85 1.28
C ALA H 170 -7.87 -69.91 2.81
N LYS H 171 -9.15 -69.88 3.21
CA LYS H 171 -9.47 -69.92 4.63
C LYS H 171 -8.99 -71.21 5.29
N GLN H 172 -9.00 -72.31 4.54
CA GLN H 172 -8.63 -73.62 5.04
C GLN H 172 -7.16 -73.67 5.35
N ARG H 173 -6.36 -72.90 4.60
CA ARG H 173 -4.89 -73.03 4.64
C ARG H 173 -4.14 -71.77 5.13
N ASP H 174 -4.88 -70.69 5.34
CA ASP H 174 -4.28 -69.44 5.79
C ASP H 174 -4.93 -69.01 7.11
N SER H 175 -4.21 -69.12 8.21
CA SER H 175 -4.79 -68.79 9.49
C SER H 175 -5.10 -67.31 9.68
N ALA H 176 -4.53 -66.43 8.85
CA ALA H 176 -4.86 -65.01 8.84
C ALA H 176 -6.09 -64.67 7.96
N SER H 177 -6.75 -65.70 7.47
CA SER H 177 -8.02 -65.59 6.76
C SER H 177 -9.08 -66.36 7.50
N GLY H 178 -10.31 -65.86 7.44
CA GLY H 178 -11.44 -66.55 8.05
C GLY H 178 -12.66 -65.66 8.11
N GLY H 179 -13.78 -66.20 8.59
CA GLY H 179 -15.03 -65.48 8.69
C GLY H 179 -15.86 -65.60 7.44
N MET H 180 -16.96 -64.86 7.43
CA MET H 180 -17.93 -64.90 6.35
C MET H 180 -17.33 -64.31 5.09
N ILE H 181 -17.62 -64.98 3.97
CA ILE H 181 -17.22 -64.55 2.66
C ILE H 181 -18.20 -63.47 2.20
N ASP H 182 -17.63 -62.35 1.77
CA ASP H 182 -18.33 -61.22 1.16
C ASP H 182 -18.21 -61.20 -0.33
N VAL H 183 -19.35 -61.11 -1.03
CA VAL H 183 -19.28 -61.06 -2.48
C VAL H 183 -20.07 -59.89 -3.03
N ALA H 184 -19.51 -59.24 -4.07
CA ALA H 184 -20.21 -58.25 -4.85
C ALA H 184 -20.07 -58.56 -6.33
N VAL H 185 -21.16 -58.34 -7.05
CA VAL H 185 -21.17 -58.44 -8.54
C VAL H 185 -21.40 -57.08 -9.12
N ILE H 186 -20.61 -56.73 -10.13
CA ILE H 186 -20.76 -55.43 -10.78
C ILE H 186 -21.09 -55.60 -12.27
N THR H 187 -22.24 -55.05 -12.66
CA THR H 187 -22.74 -55.00 -14.06
C THR H 187 -23.27 -53.59 -14.40
N ARG H 188 -23.28 -53.28 -15.68
CA ARG H 188 -23.96 -52.08 -16.19
C ARG H 188 -25.46 -52.12 -15.87
N LYS H 189 -26.11 -53.26 -16.13
CA LYS H 189 -27.55 -53.40 -15.88
C LYS H 189 -27.96 -53.23 -14.42
N ASP H 190 -27.22 -53.86 -13.48
CA ASP H 190 -27.59 -53.75 -12.03
C ASP H 190 -26.73 -52.82 -11.14
N GLY H 191 -25.65 -52.27 -11.67
CA GLY H 191 -24.73 -51.53 -10.83
C GLY H 191 -23.91 -52.46 -9.92
N TYR H 192 -23.51 -51.95 -8.76
CA TYR H 192 -22.70 -52.71 -7.84
C TYR H 192 -23.70 -53.35 -6.88
N VAL H 193 -23.71 -54.67 -6.83
CA VAL H 193 -24.63 -55.40 -5.97
C VAL H 193 -23.84 -56.32 -4.99
N GLN H 194 -23.98 -56.06 -3.71
CA GLN H 194 -23.47 -56.97 -2.72
C GLN H 194 -24.46 -58.09 -2.52
N LEU H 195 -24.03 -59.33 -2.77
CA LEU H 195 -24.89 -60.49 -2.58
C LEU H 195 -25.24 -60.60 -1.13
N PRO H 196 -26.51 -60.85 -0.80
CA PRO H 196 -26.89 -61.03 0.62
C PRO H 196 -26.26 -62.30 1.22
N THR H 197 -25.95 -62.22 2.52
CA THR H 197 -25.29 -63.30 3.29
C THR H 197 -25.93 -64.65 3.19
N ASP H 198 -27.26 -64.67 3.12
CA ASP H 198 -28.04 -65.92 3.05
C ASP H 198 -27.88 -66.59 1.68
N GLN H 199 -27.69 -65.80 0.62
CA GLN H 199 -27.40 -66.35 -0.71
C GLN H 199 -25.99 -66.99 -0.80
N ILE H 200 -24.98 -66.33 -0.20
CA ILE H 200 -23.62 -66.84 -0.09
C ILE H 200 -23.57 -68.14 0.71
N GLU H 201 -24.31 -68.17 1.82
CA GLU H 201 -24.41 -69.38 2.67
C GLU H 201 -25.12 -70.51 1.97
N SER H 202 -26.15 -70.20 1.21
CA SER H 202 -26.80 -71.20 0.39
C SER H 202 -25.81 -71.82 -0.58
N ARG H 203 -25.00 -70.99 -1.24
CA ARG H 203 -23.97 -71.50 -2.14
C ARG H 203 -22.90 -72.36 -1.49
N ILE H 204 -22.48 -71.98 -0.29
CA ILE H 204 -21.48 -72.74 0.46
C ILE H 204 -21.96 -74.19 0.71
N ARG H 205 -23.22 -74.31 1.13
CA ARG H 205 -23.88 -75.58 1.34
C ARG H 205 -23.94 -76.36 0.04
N LYS H 206 -24.60 -75.81 -0.98
CA LYS H 206 -24.70 -76.51 -2.25
C LYS H 206 -23.37 -77.07 -2.74
N LEU H 207 -22.28 -76.31 -2.59
CA LEU H 207 -20.95 -76.71 -3.08
C LEU H 207 -20.17 -77.63 -2.11
N GLY H 208 -20.68 -77.80 -0.89
CA GLY H 208 -20.11 -78.72 0.07
C GLY H 208 -19.01 -78.21 0.97
N LEU H 209 -19.11 -76.97 1.45
CA LEU H 209 -18.01 -76.27 2.17
C LEU H 209 -18.34 -75.86 3.65
N ILE H 210 -17.49 -75.01 4.27
CA ILE H 210 -17.65 -74.55 5.71
C ILE H 210 -17.15 -73.12 6.13
N LEU H 211 -17.66 -72.65 7.29
CA LEU H 211 -17.44 -71.28 7.98
C LEU H 211 -18.27 -70.07 7.43
N THR I 9 -2.87 -53.73 31.93
CA THR I 9 -4.23 -53.17 31.76
C THR I 9 -5.20 -54.18 31.19
N THR I 10 -6.45 -54.06 31.63
CA THR I 10 -7.56 -54.79 31.04
C THR I 10 -8.77 -53.85 30.86
N THR I 11 -9.28 -53.75 29.64
CA THR I 11 -10.54 -53.05 29.43
C THR I 11 -11.39 -53.88 28.52
N VAL I 12 -12.72 -53.68 28.61
CA VAL I 12 -13.69 -54.43 27.79
C VAL I 12 -14.88 -53.52 27.48
N GLY I 13 -15.49 -53.76 26.32
CA GLY I 13 -16.69 -53.09 25.85
C GLY I 13 -17.64 -54.14 25.28
N ILE I 14 -18.89 -54.17 25.75
CA ILE I 14 -19.87 -55.09 25.13
C ILE I 14 -21.12 -54.37 24.72
N THR I 15 -21.75 -54.84 23.65
CA THR I 15 -23.06 -54.31 23.32
C THR I 15 -24.12 -55.32 23.72
N LEU I 16 -25.29 -54.79 24.04
CA LEU I 16 -26.51 -55.57 24.32
C LEU I 16 -27.61 -54.90 23.51
N LYS I 17 -28.86 -55.35 23.70
CA LYS I 17 -30.01 -54.89 22.91
C LYS I 17 -30.07 -53.35 22.77
N ASP I 18 -30.12 -52.68 23.91
CA ASP I 18 -30.23 -51.23 23.97
C ASP I 18 -29.24 -50.68 24.98
N ALA I 19 -28.07 -51.30 25.02
CA ALA I 19 -27.10 -50.96 26.04
C ALA I 19 -25.68 -51.21 25.55
N VAL I 20 -24.77 -50.40 26.09
CA VAL I 20 -23.36 -50.64 25.99
C VAL I 20 -22.88 -50.77 27.41
N ILE I 21 -22.04 -51.75 27.68
CA ILE I 21 -21.35 -51.81 28.98
C ILE I 21 -19.85 -51.82 28.73
N MET I 22 -19.14 -50.98 29.50
CA MET I 22 -17.70 -50.77 29.39
C MET I 22 -17.07 -50.91 30.76
N ALA I 23 -15.85 -51.44 30.82
CA ALA I 23 -15.17 -51.65 32.10
C ALA I 23 -13.64 -51.80 32.01
N THR I 24 -12.96 -51.44 33.08
CA THR I 24 -11.53 -51.56 33.20
C THR I 24 -11.16 -51.99 34.62
N GLU I 25 -9.88 -52.33 34.84
CA GLU I 25 -9.29 -52.26 36.15
C GLU I 25 -8.46 -50.96 36.19
N ARG I 26 -7.54 -50.84 37.16
CA ARG I 26 -6.97 -49.55 37.55
C ARG I 26 -5.45 -49.58 37.81
N ARG I 27 -4.77 -50.67 37.46
CA ARG I 27 -3.36 -50.77 37.83
C ARG I 27 -2.44 -49.99 36.87
N VAL I 28 -1.49 -49.23 37.41
CA VAL I 28 -0.51 -48.51 36.64
C VAL I 28 0.86 -49.04 37.04
N THR I 29 1.53 -49.73 36.12
CA THR I 29 2.84 -50.24 36.39
C THR I 29 3.97 -49.52 35.65
N MET I 30 5.17 -49.62 36.20
CA MET I 30 6.37 -49.27 35.46
C MET I 30 7.19 -50.54 35.54
N GLU I 31 7.12 -51.34 34.45
CA GLU I 31 7.53 -52.75 34.45
C GLU I 31 6.85 -53.57 35.54
N ASN I 32 7.60 -54.01 36.55
CA ASN I 32 7.01 -54.83 37.63
C ASN I 32 6.53 -53.96 38.76
N PHE I 33 6.91 -52.70 38.74
CA PHE I 33 6.72 -51.80 39.89
C PHE I 33 5.27 -51.27 39.89
N ILE I 34 4.47 -51.68 40.85
CA ILE I 34 3.11 -51.15 40.96
C ILE I 34 3.14 -49.73 41.52
N MET I 35 3.18 -48.75 40.62
CA MET I 35 3.18 -47.37 41.02
C MET I 35 1.82 -46.87 41.54
N HIS I 36 0.73 -47.16 40.85
CA HIS I 36 -0.60 -46.71 41.28
C HIS I 36 -1.57 -47.83 41.16
N LYS I 37 -2.35 -48.03 42.21
CA LYS I 37 -3.26 -49.16 42.26
C LYS I 37 -4.60 -48.74 41.71
N ASN I 38 -4.83 -47.42 41.68
CA ASN I 38 -6.10 -46.82 41.29
C ASN I 38 -5.99 -45.74 40.22
N GLY I 39 -5.44 -46.05 39.04
CA GLY I 39 -5.49 -45.12 37.92
C GLY I 39 -6.89 -45.10 37.33
N LYS I 40 -7.19 -44.19 36.42
CA LYS I 40 -8.50 -44.18 35.80
C LYS I 40 -8.30 -44.45 34.33
N LYS I 41 -9.07 -45.39 33.79
CA LYS I 41 -8.88 -45.86 32.41
C LYS I 41 -10.17 -45.86 31.60
N LEU I 42 -11.27 -45.45 32.25
CA LEU I 42 -12.59 -45.35 31.65
C LEU I 42 -13.16 -43.93 31.81
N PHE I 43 -13.58 -43.31 30.69
CA PHE I 43 -14.00 -41.90 30.66
C PHE I 43 -15.26 -41.72 29.87
N GLN I 44 -16.08 -40.79 30.35
CA GLN I 44 -17.19 -40.31 29.57
C GLN I 44 -16.62 -39.22 28.67
N ILE I 45 -16.85 -39.33 27.36
CA ILE I 45 -16.35 -38.32 26.43
C ILE I 45 -17.51 -37.61 25.74
N ASP I 46 -18.74 -38.10 25.91
CA ASP I 46 -19.88 -37.42 25.37
C ASP I 46 -21.08 -37.96 26.10
N THR I 47 -22.25 -37.37 25.88
CA THR I 47 -23.50 -37.71 26.57
C THR I 47 -23.76 -39.20 26.60
N TYR I 48 -23.66 -39.84 25.44
CA TYR I 48 -23.86 -41.29 25.35
C TYR I 48 -22.60 -42.03 24.85
N THR I 49 -21.42 -41.60 25.28
CA THR I 49 -20.16 -42.11 24.75
C THR I 49 -19.07 -42.25 25.79
N GLY I 50 -18.45 -43.41 25.79
CA GLY I 50 -17.39 -43.67 26.76
C GLY I 50 -16.17 -44.13 25.98
N MET I 51 -15.02 -44.03 26.61
CA MET I 51 -13.79 -44.47 25.99
C MET I 51 -12.95 -45.20 27.03
N THR I 52 -12.29 -46.29 26.62
CA THR I 52 -11.26 -46.87 27.49
C THR I 52 -9.88 -46.72 26.86
N ILE I 53 -8.86 -46.71 27.72
CA ILE I 53 -7.50 -46.45 27.26
C ILE I 53 -6.53 -47.54 27.75
N ALA I 54 -5.62 -47.95 26.87
CA ALA I 54 -4.56 -48.91 27.21
C ALA I 54 -3.30 -48.41 26.52
N GLY I 55 -2.13 -48.67 27.09
CA GLY I 55 -0.85 -48.31 26.45
C GLY I 55 -0.21 -47.13 27.16
N LEU I 56 0.52 -46.29 26.43
CA LEU I 56 1.31 -45.25 27.10
C LEU I 56 0.35 -44.26 27.78
N VAL I 57 0.52 -44.03 29.08
CA VAL I 57 -0.43 -43.19 29.86
C VAL I 57 -0.49 -41.73 29.40
N GLY I 58 0.67 -41.08 29.22
CA GLY I 58 0.67 -39.75 28.64
C GLY I 58 -0.09 -39.60 27.32
N ASP I 59 0.14 -40.50 26.35
CA ASP I 59 -0.60 -40.42 25.06
C ASP I 59 -2.09 -40.57 25.30
N ALA I 60 -2.47 -41.60 26.05
CA ALA I 60 -3.87 -41.88 26.28
C ALA I 60 -4.57 -40.69 26.96
N GLN I 61 -3.90 -40.07 27.96
CA GLN I 61 -4.47 -38.95 28.71
C GLN I 61 -4.59 -37.69 27.83
N VAL I 62 -3.56 -37.38 27.06
CA VAL I 62 -3.72 -36.40 25.98
C VAL I 62 -4.94 -36.68 25.08
N LEU I 63 -5.13 -37.92 24.63
CA LEU I 63 -6.29 -38.21 23.76
C LEU I 63 -7.64 -38.07 24.45
N VAL I 64 -7.71 -38.46 25.72
CA VAL I 64 -8.93 -38.28 26.48
C VAL I 64 -9.34 -36.79 26.51
N ARG I 65 -8.37 -35.90 26.73
CA ARG I 65 -8.67 -34.46 26.72
C ARG I 65 -9.08 -33.93 25.33
N TYR I 66 -8.38 -34.33 24.26
N TYR I 66 -8.40 -34.39 24.27
CA TYR I 66 -8.78 -33.90 22.93
CA TYR I 66 -8.68 -33.99 22.88
C TYR I 66 -10.23 -34.32 22.74
C TYR I 66 -10.08 -34.43 22.45
N MET I 67 -10.51 -35.62 22.90
CA MET I 67 -11.85 -36.14 22.63
C MET I 67 -12.98 -35.51 23.46
N LYS I 68 -12.80 -35.32 24.76
CA LYS I 68 -13.83 -34.59 25.52
C LYS I 68 -14.05 -33.20 24.87
N ALA I 69 -12.96 -32.49 24.55
CA ALA I 69 -12.98 -31.16 23.94
C ALA I 69 -13.65 -31.13 22.59
N GLU I 70 -13.19 -31.99 21.69
CA GLU I 70 -13.76 -32.08 20.33
C GLU I 70 -15.20 -32.53 20.28
N LEU I 71 -15.63 -33.47 21.13
CA LEU I 71 -17.02 -33.97 21.03
C LEU I 71 -18.00 -32.95 21.55
N GLU I 72 -17.57 -32.18 22.55
CA GLU I 72 -18.31 -31.03 23.03
C GLU I 72 -18.37 -29.88 22.01
N LEU I 73 -17.25 -29.52 21.39
CA LEU I 73 -17.29 -28.53 20.29
C LEU I 73 -18.29 -28.96 19.21
N TYR I 74 -18.16 -30.22 18.76
CA TYR I 74 -19.01 -30.72 17.68
C TYR I 74 -20.53 -30.67 17.98
N ARG I 75 -20.89 -31.04 19.19
CA ARG I 75 -22.26 -31.09 19.66
C ARG I 75 -22.84 -29.65 19.74
N LEU I 76 -22.01 -28.70 20.17
CA LEU I 76 -22.38 -27.29 20.17
C LEU I 76 -22.58 -26.75 18.75
N GLN I 77 -21.62 -27.08 17.86
CA GLN I 77 -21.72 -26.73 16.46
C GLN I 77 -22.86 -27.42 15.71
N ARG I 78 -23.06 -28.72 15.91
CA ARG I 78 -24.04 -29.48 15.09
C ARG I 78 -25.43 -29.57 15.74
N ARG I 79 -25.49 -29.35 17.07
CA ARG I 79 -26.71 -29.47 17.88
C ARG I 79 -27.21 -30.91 18.05
N VAL I 80 -26.33 -31.87 17.82
CA VAL I 80 -26.60 -33.28 18.05
C VAL I 80 -25.26 -33.86 18.38
N ASN I 81 -25.25 -35.02 19.02
CA ASN I 81 -24.03 -35.74 19.31
C ASN I 81 -23.42 -36.34 18.10
N MET I 82 -22.10 -36.31 18.07
CA MET I 82 -21.33 -37.01 17.06
C MET I 82 -21.71 -38.47 17.08
N PRO I 83 -22.15 -39.04 15.95
CA PRO I 83 -22.42 -40.48 15.87
C PRO I 83 -21.19 -41.30 16.26
N ILE I 84 -21.40 -42.46 16.92
CA ILE I 84 -20.29 -43.26 17.47
C ILE I 84 -19.30 -43.58 16.35
N GLU I 85 -19.80 -43.92 15.18
CA GLU I 85 -18.93 -44.28 14.07
C GLU I 85 -18.06 -43.09 13.64
N ALA I 86 -18.64 -41.89 13.75
CA ALA I 86 -17.93 -40.65 13.44
C ALA I 86 -16.82 -40.38 14.46
N VAL I 87 -17.05 -40.71 15.74
CA VAL I 87 -16.00 -40.66 16.77
C VAL I 87 -14.85 -41.62 16.41
N ALA I 88 -15.17 -42.86 16.05
CA ALA I 88 -14.12 -43.85 15.70
C ALA I 88 -13.38 -43.36 14.44
N THR I 89 -14.12 -42.76 13.51
CA THR I 89 -13.53 -42.27 12.27
C THR I 89 -12.57 -41.08 12.50
N LEU I 90 -13.00 -40.18 13.38
CA LEU I 90 -12.17 -39.04 13.74
C LEU I 90 -10.86 -39.51 14.37
N LEU I 91 -10.96 -40.38 15.37
CA LEU I 91 -9.78 -40.92 16.08
C LEU I 91 -8.85 -41.67 15.11
N SER I 92 -9.50 -42.41 14.26
CA SER I 92 -8.85 -43.19 13.28
C SER I 92 -8.04 -42.25 12.32
N ASN I 93 -8.62 -41.14 11.86
CA ASN I 93 -7.84 -40.14 11.11
C ASN I 93 -6.67 -39.52 11.92
N MET I 94 -6.92 -39.14 13.17
CA MET I 94 -5.87 -38.58 14.01
C MET I 94 -4.67 -39.50 14.21
N LEU I 95 -4.93 -40.79 14.46
CA LEU I 95 -3.87 -41.69 14.84
C LEU I 95 -3.08 -42.09 13.61
N ASN I 96 -3.79 -42.28 12.50
CA ASN I 96 -3.11 -42.58 11.24
C ASN I 96 -2.22 -41.43 10.74
N GLN I 97 -2.67 -40.18 10.90
CA GLN I 97 -1.93 -39.01 10.43
C GLN I 97 -0.55 -38.92 11.08
N VAL I 98 -0.43 -39.54 12.26
CA VAL I 98 0.84 -39.58 12.97
C VAL I 98 1.37 -41.01 13.18
N LYS I 99 1.04 -41.93 12.28
CA LYS I 99 1.42 -43.33 12.49
C LYS I 99 2.94 -43.62 12.66
N TYR I 100 3.81 -42.81 12.04
CA TYR I 100 5.27 -43.03 12.12
C TYR I 100 5.83 -42.41 13.43
N MET I 101 5.06 -41.49 14.03
CA MET I 101 5.32 -40.96 15.38
C MET I 101 4.05 -41.12 16.28
N PRO I 102 3.63 -42.36 16.53
CA PRO I 102 2.26 -42.65 16.98
C PRO I 102 1.93 -42.34 18.44
N TYR I 103 0.63 -42.18 18.72
CA TYR I 103 0.05 -42.40 20.05
C TYR I 103 0.14 -43.90 20.31
N MET I 104 0.80 -44.29 21.40
N MET I 104 0.78 -44.28 21.41
CA MET I 104 1.04 -45.68 21.70
CA MET I 104 1.05 -45.66 21.74
C MET I 104 -0.06 -46.25 22.60
C MET I 104 -0.07 -46.25 22.61
N VAL I 105 -1.21 -46.49 21.96
CA VAL I 105 -2.46 -46.80 22.63
C VAL I 105 -3.29 -47.79 21.88
N GLN I 106 -4.21 -48.41 22.61
CA GLN I 106 -5.37 -49.08 22.00
C GLN I 106 -6.53 -48.44 22.68
N LEU I 107 -7.57 -48.12 21.89
CA LEU I 107 -8.73 -47.43 22.41
C LEU I 107 -9.95 -48.27 22.18
N LEU I 108 -10.85 -48.24 23.14
CA LEU I 108 -12.21 -48.68 22.86
C LEU I 108 -13.12 -47.47 22.90
N VAL I 109 -13.98 -47.39 21.89
CA VAL I 109 -15.01 -46.34 21.89
C VAL I 109 -16.37 -47.02 21.88
N GLY I 110 -17.25 -46.61 22.80
CA GLY I 110 -18.56 -47.26 22.98
C GLY I 110 -19.66 -46.25 23.22
N GLY I 111 -20.85 -46.52 22.72
CA GLY I 111 -22.01 -45.68 23.03
C GLY I 111 -23.25 -45.99 22.20
N ILE I 112 -24.30 -45.18 22.42
CA ILE I 112 -25.56 -45.30 21.67
C ILE I 112 -25.80 -44.06 20.79
N ASP I 113 -26.11 -44.28 19.52
CA ASP I 113 -26.77 -43.24 18.72
C ASP I 113 -28.18 -43.75 18.39
N THR I 114 -28.43 -44.23 17.17
CA THR I 114 -29.66 -45.01 16.92
C THR I 114 -29.55 -46.48 17.36
N ALA I 115 -28.38 -46.90 17.83
CA ALA I 115 -28.11 -48.28 18.21
C ALA I 115 -26.85 -48.32 19.10
N PRO I 116 -26.63 -49.41 19.83
CA PRO I 116 -25.39 -49.56 20.60
C PRO I 116 -24.22 -49.81 19.65
N HIS I 117 -23.03 -49.32 19.97
CA HIS I 117 -21.81 -49.68 19.22
C HIS I 117 -20.60 -49.73 20.12
N VAL I 118 -19.73 -50.71 19.85
CA VAL I 118 -18.36 -50.74 20.38
C VAL I 118 -17.36 -50.75 19.21
N PHE I 119 -16.40 -49.82 19.22
CA PHE I 119 -15.33 -49.78 18.22
C PHE I 119 -13.97 -49.96 18.90
N SER I 120 -13.12 -50.75 18.25
CA SER I 120 -11.74 -50.90 18.65
C SER I 120 -10.80 -50.14 17.69
N ILE I 121 -9.96 -49.26 18.25
CA ILE I 121 -9.01 -48.48 17.48
C ILE I 121 -7.56 -48.71 17.88
N ASP I 122 -6.69 -48.92 16.89
CA ASP I 122 -5.27 -49.21 17.18
C ASP I 122 -4.35 -48.02 16.91
N ALA I 123 -3.05 -48.15 17.22
CA ALA I 123 -2.10 -47.01 17.14
C ALA I 123 -1.85 -46.50 15.74
N ALA I 124 -2.20 -47.29 14.71
CA ALA I 124 -2.11 -46.83 13.31
C ALA I 124 -3.42 -46.27 12.80
N GLY I 125 -4.46 -46.20 13.63
CA GLY I 125 -5.75 -45.69 13.16
C GLY I 125 -6.72 -46.72 12.60
N GLY I 126 -6.42 -48.01 12.72
CA GLY I 126 -7.39 -49.00 12.31
C GLY I 126 -8.53 -49.06 13.29
N SER I 127 -9.77 -49.08 12.78
CA SER I 127 -10.96 -49.05 13.60
C SER I 127 -11.88 -50.12 13.08
N VAL I 128 -12.34 -50.99 13.97
CA VAL I 128 -13.27 -52.04 13.61
C VAL I 128 -14.40 -52.10 14.67
N GLU I 129 -15.64 -52.10 14.17
CA GLU I 129 -16.81 -52.31 15.01
C GLU I 129 -16.94 -53.77 15.43
N ASP I 130 -17.35 -54.02 16.66
CA ASP I 130 -17.58 -55.40 17.06
C ASP I 130 -18.74 -55.48 18.06
N ILE I 131 -19.21 -56.71 18.36
CA ILE I 131 -20.28 -56.88 19.38
C ILE I 131 -19.66 -56.77 20.75
N TYR I 132 -18.42 -57.20 20.87
CA TYR I 132 -17.63 -56.96 22.08
C TYR I 132 -16.13 -56.88 21.71
N ALA I 133 -15.33 -56.30 22.62
CA ALA I 133 -13.94 -56.12 22.39
C ALA I 133 -13.20 -55.95 23.71
N SER I 134 -11.89 -56.22 23.70
CA SER I 134 -11.08 -56.03 24.92
C SER I 134 -9.65 -55.55 24.54
N THR I 135 -9.05 -54.72 25.37
CA THR I 135 -7.71 -54.21 25.11
C THR I 135 -6.87 -54.37 26.38
N GLY I 136 -5.56 -54.17 26.23
CA GLY I 136 -4.59 -54.26 27.29
C GLY I 136 -3.93 -55.64 27.38
N SER I 137 -2.91 -55.75 28.23
CA SER I 137 -2.22 -57.02 28.48
C SER I 137 -3.23 -58.09 28.98
N GLY I 138 -4.28 -57.67 29.69
CA GLY I 138 -5.23 -58.61 30.23
C GLY I 138 -6.27 -59.10 29.25
N SER I 139 -6.32 -58.48 28.05
CA SER I 139 -7.39 -58.81 27.08
C SER I 139 -7.53 -60.26 26.65
N PRO I 140 -6.46 -61.05 26.43
CA PRO I 140 -6.70 -62.45 25.97
C PRO I 140 -7.51 -63.28 27.01
N PHE I 141 -7.36 -63.02 28.32
CA PHE I 141 -8.15 -63.69 29.36
C PHE I 141 -9.61 -63.33 29.31
N VAL I 142 -9.88 -62.04 29.10
CA VAL I 142 -11.22 -61.55 28.83
C VAL I 142 -11.82 -62.22 27.59
N TYR I 143 -11.06 -62.31 26.51
CA TYR I 143 -11.65 -62.94 25.31
C TYR I 143 -12.04 -64.40 25.55
N GLY I 144 -11.31 -65.09 26.44
CA GLY I 144 -11.65 -66.46 26.87
C GLY I 144 -13.01 -66.57 27.54
N VAL I 145 -13.21 -65.75 28.57
CA VAL I 145 -14.45 -65.61 29.29
C VAL I 145 -15.59 -65.15 28.35
N LEU I 146 -15.32 -64.21 27.45
CA LEU I 146 -16.39 -63.72 26.55
C LEU I 146 -16.86 -64.74 25.53
N GLU I 147 -15.91 -65.40 24.88
CA GLU I 147 -16.22 -66.53 23.98
C GLU I 147 -17.12 -67.58 24.64
N SER I 148 -16.80 -67.90 25.89
CA SER I 148 -17.44 -68.99 26.58
C SER I 148 -18.86 -68.59 27.07
N GLN I 149 -18.98 -67.39 27.66
CA GLN I 149 -20.15 -66.96 28.39
C GLN I 149 -20.95 -65.78 27.80
N TYR I 150 -20.47 -65.12 26.74
CA TYR I 150 -21.26 -64.02 26.20
C TYR I 150 -22.44 -64.51 25.37
N SER I 151 -23.55 -63.84 25.58
CA SER I 151 -24.73 -64.01 24.79
C SER I 151 -25.35 -62.63 24.52
N GLU I 152 -25.71 -62.44 23.26
CA GLU I 152 -26.40 -61.25 22.76
C GLU I 152 -27.74 -60.98 23.46
N LYS I 153 -28.30 -62.04 24.06
CA LYS I 153 -29.62 -61.99 24.69
C LYS I 153 -29.55 -61.65 26.16
N MET I 154 -28.35 -61.40 26.67
CA MET I 154 -28.16 -61.06 28.07
C MET I 154 -28.83 -59.77 28.46
N THR I 155 -29.28 -59.70 29.69
CA THR I 155 -29.76 -58.43 30.22
C THR I 155 -28.56 -57.59 30.64
N VAL I 156 -28.84 -56.33 30.97
CA VAL I 156 -27.85 -55.44 31.52
C VAL I 156 -27.22 -56.01 32.80
N ASP I 157 -28.01 -56.53 33.74
CA ASP I 157 -27.42 -57.04 35.02
C ASP I 157 -26.50 -58.23 34.78
N GLU I 158 -26.91 -59.11 33.87
CA GLU I 158 -26.07 -60.21 33.43
C GLU I 158 -24.77 -59.73 32.74
N GLY I 159 -24.88 -58.78 31.79
CA GLY I 159 -23.73 -58.14 31.13
C GLY I 159 -22.72 -57.54 32.11
N VAL I 160 -23.22 -56.87 33.15
CA VAL I 160 -22.38 -56.30 34.16
C VAL I 160 -21.69 -57.41 34.94
N ASP I 161 -22.41 -58.50 35.22
CA ASP I 161 -21.80 -59.63 35.94
C ASP I 161 -20.72 -60.26 35.07
N LEU I 162 -21.01 -60.38 33.78
CA LEU I 162 -20.11 -60.91 32.77
C LEU I 162 -18.74 -60.20 32.71
N VAL I 163 -18.75 -58.87 32.58
CA VAL I 163 -17.54 -58.06 32.55
C VAL I 163 -16.76 -58.10 33.87
N ILE I 164 -17.48 -58.22 35.00
CA ILE I 164 -16.77 -58.35 36.28
C ILE I 164 -16.02 -59.68 36.27
N ARG I 165 -16.67 -60.72 35.77
CA ARG I 165 -16.01 -62.02 35.71
C ARG I 165 -14.78 -62.00 34.82
N ALA I 166 -14.91 -61.35 33.66
CA ALA I 166 -13.91 -61.36 32.64
C ALA I 166 -12.73 -60.58 33.16
N ILE I 167 -13.00 -59.42 33.76
CA ILE I 167 -11.92 -58.63 34.33
C ILE I 167 -11.31 -59.30 35.55
N SER I 168 -12.12 -60.00 36.35
CA SER I 168 -11.59 -60.70 37.53
C SER I 168 -10.67 -61.85 37.15
N ALA I 169 -10.98 -62.52 36.06
CA ALA I 169 -10.14 -63.59 35.50
C ALA I 169 -8.83 -62.99 34.96
N ALA I 170 -8.93 -61.92 34.16
CA ALA I 170 -7.73 -61.21 33.70
C ALA I 170 -6.78 -60.76 34.86
N LYS I 171 -7.34 -60.19 35.93
CA LYS I 171 -6.54 -59.77 37.02
C LYS I 171 -5.82 -60.93 37.70
N GLN I 172 -6.42 -62.13 37.68
CA GLN I 172 -5.85 -63.30 38.31
C GLN I 172 -4.62 -63.80 37.58
N ARG I 173 -4.58 -63.52 36.28
CA ARG I 173 -3.57 -64.08 35.38
C ARG I 173 -2.65 -63.03 34.72
N ASP I 174 -2.95 -61.76 34.92
CA ASP I 174 -2.14 -60.73 34.29
C ASP I 174 -1.72 -59.79 35.35
N SER I 175 -0.42 -59.77 35.64
CA SER I 175 0.12 -59.08 36.78
C SER I 175 0.23 -57.59 36.50
N ALA I 176 -0.01 -57.22 35.23
CA ALA I 176 -0.11 -55.81 34.83
C ALA I 176 -1.58 -55.30 34.90
N SER I 177 -2.46 -56.14 35.46
CA SER I 177 -3.84 -55.76 35.80
C SER I 177 -4.16 -55.92 37.30
N GLY I 178 -4.99 -55.04 37.84
CA GLY I 178 -5.28 -55.08 39.26
C GLY I 178 -6.16 -53.93 39.71
N GLY I 179 -6.51 -53.96 40.99
CA GLY I 179 -7.26 -52.88 41.61
C GLY I 179 -8.73 -52.97 41.30
N MET I 180 -9.47 -51.96 41.73
CA MET I 180 -10.94 -52.03 41.71
C MET I 180 -11.47 -52.05 40.26
N ILE I 181 -12.49 -52.87 40.01
CA ILE I 181 -13.14 -52.87 38.75
C ILE I 181 -14.06 -51.64 38.63
N ASP I 182 -13.95 -50.97 37.50
CA ASP I 182 -14.70 -49.80 37.15
C ASP I 182 -15.71 -50.13 36.03
N VAL I 183 -17.00 -49.82 36.22
CA VAL I 183 -17.99 -50.15 35.20
C VAL I 183 -18.92 -48.98 34.92
N ALA I 184 -19.26 -48.82 33.64
CA ALA I 184 -20.21 -47.82 33.18
C ALA I 184 -21.20 -48.51 32.28
N VAL I 185 -22.47 -48.11 32.41
CA VAL I 185 -23.55 -48.59 31.54
C VAL I 185 -24.05 -47.36 30.78
N ILE I 186 -24.31 -47.54 29.48
CA ILE I 186 -24.76 -46.46 28.65
C ILE I 186 -26.05 -46.87 27.97
N THR I 187 -27.09 -46.06 28.14
CA THR I 187 -28.41 -46.27 27.51
C THR I 187 -28.99 -44.93 27.07
N ARG I 188 -30.03 -44.97 26.23
CA ARG I 188 -30.74 -43.76 25.87
C ARG I 188 -31.55 -43.26 27.07
N LYS I 189 -32.22 -44.17 27.76
CA LYS I 189 -33.08 -43.84 28.90
C LYS I 189 -32.29 -43.09 29.97
N ASP I 190 -31.12 -43.59 30.34
CA ASP I 190 -30.36 -43.00 31.44
C ASP I 190 -29.04 -42.33 31.12
N GLY I 191 -28.68 -42.27 29.84
CA GLY I 191 -27.35 -41.75 29.45
C GLY I 191 -26.20 -42.65 29.94
N TYR I 192 -25.00 -42.08 30.06
CA TYR I 192 -23.82 -42.75 30.59
C TYR I 192 -23.93 -42.74 32.09
N VAL I 193 -23.97 -43.93 32.69
CA VAL I 193 -23.90 -43.99 34.13
C VAL I 193 -22.80 -44.93 34.57
N GLN I 194 -21.88 -44.39 35.34
CA GLN I 194 -20.88 -45.21 35.99
C GLN I 194 -21.49 -45.85 37.24
N LEU I 195 -21.30 -47.16 37.40
CA LEU I 195 -21.86 -47.83 38.56
C LEU I 195 -21.06 -47.44 39.80
N PRO I 196 -21.74 -47.26 40.94
CA PRO I 196 -21.06 -46.96 42.20
C PRO I 196 -20.19 -48.13 42.61
N THR I 197 -19.10 -47.84 43.30
CA THR I 197 -18.15 -48.85 43.79
C THR I 197 -18.79 -49.94 44.63
N ASP I 198 -19.72 -49.55 45.53
CA ASP I 198 -20.38 -50.51 46.44
C ASP I 198 -21.26 -51.52 45.69
N GLN I 199 -21.94 -51.05 44.66
CA GLN I 199 -22.64 -51.91 43.70
C GLN I 199 -21.72 -52.95 43.00
N ILE I 200 -20.53 -52.52 42.56
CA ILE I 200 -19.56 -53.44 41.94
C ILE I 200 -19.08 -54.48 42.96
N GLU I 201 -18.70 -54.02 44.17
CA GLU I 201 -18.27 -54.91 45.28
C GLU I 201 -19.34 -55.90 45.71
N SER I 202 -20.55 -55.41 45.88
CA SER I 202 -21.68 -56.28 46.13
C SER I 202 -21.74 -57.41 45.08
N ARG I 203 -21.61 -57.08 43.80
CA ARG I 203 -21.61 -58.13 42.76
C ARG I 203 -20.39 -59.08 42.77
N ILE I 204 -19.21 -58.55 43.06
CA ILE I 204 -18.01 -59.36 43.30
C ILE I 204 -18.26 -60.44 44.38
N ARG I 205 -18.91 -60.07 45.49
CA ARG I 205 -19.24 -60.99 46.58
C ARG I 205 -20.25 -62.03 46.12
N LYS I 206 -21.35 -61.57 45.53
CA LYS I 206 -22.43 -62.45 45.13
C LYS I 206 -21.94 -63.47 44.12
N LEU I 207 -20.92 -63.10 43.35
CA LEU I 207 -20.41 -63.98 42.31
C LEU I 207 -19.33 -64.92 42.87
N GLY I 208 -18.79 -64.61 44.03
CA GLY I 208 -17.77 -65.44 44.67
C GLY I 208 -16.34 -65.16 44.22
N LEU I 209 -15.91 -63.89 44.26
CA LEU I 209 -14.62 -63.45 43.68
C LEU I 209 -13.69 -62.66 44.67
N ILE I 210 -12.72 -61.88 44.14
CA ILE I 210 -11.74 -61.02 44.91
C ILE I 210 -11.24 -59.71 44.22
N LEU I 211 -10.44 -58.90 44.97
CA LEU I 211 -9.78 -57.54 44.65
C LEU I 211 -10.67 -56.32 44.23
N THR J 9 18.45 -40.51 44.11
CA THR J 9 17.45 -39.52 44.61
C THR J 9 16.34 -40.25 45.27
N THR J 10 15.82 -39.62 46.32
CA THR J 10 14.55 -40.07 46.90
C THR J 10 13.65 -38.86 47.17
N THR J 11 12.41 -38.92 46.68
CA THR J 11 11.43 -37.93 47.05
C THR J 11 10.12 -38.62 47.39
N VAL J 12 9.29 -37.97 48.18
CA VAL J 12 8.01 -38.57 48.57
C VAL J 12 7.02 -37.43 48.78
N GLY J 13 5.74 -37.73 48.55
CA GLY J 13 4.66 -36.83 48.89
C GLY J 13 3.53 -37.68 49.46
N ILE J 14 2.93 -37.21 50.56
CA ILE J 14 1.80 -37.92 51.15
C ILE J 14 0.65 -36.96 51.38
N THR J 15 -0.58 -37.42 51.23
CA THR J 15 -1.70 -36.62 51.67
C THR J 15 -2.16 -37.12 53.05
N LEU J 16 -2.57 -36.17 53.89
CA LEU J 16 -3.33 -36.46 55.12
C LEU J 16 -4.63 -35.67 55.02
N LYS J 17 -5.53 -35.75 56.02
CA LYS J 17 -6.84 -35.07 55.96
C LYS J 17 -6.87 -33.63 55.41
N ASP J 18 -6.03 -32.77 55.98
CA ASP J 18 -5.99 -31.36 55.56
C ASP J 18 -4.59 -30.87 55.31
N ALA J 19 -3.69 -31.77 54.95
CA ALA J 19 -2.32 -31.43 54.77
C ALA J 19 -1.70 -32.27 53.63
N VAL J 20 -0.69 -31.69 52.99
CA VAL J 20 0.23 -32.43 52.15
C VAL J 20 1.61 -32.33 52.78
N ILE J 21 2.35 -33.45 52.79
CA ILE J 21 3.74 -33.42 53.25
C ILE J 21 4.63 -33.98 52.13
N MET J 22 5.63 -33.21 51.72
CA MET J 22 6.56 -33.64 50.72
C MET J 22 7.98 -33.58 51.27
N ALA J 23 8.86 -34.47 50.80
CA ALA J 23 10.23 -34.52 51.31
C ALA J 23 11.19 -35.16 50.30
N THR J 24 12.48 -34.80 50.41
CA THR J 24 13.56 -35.34 49.59
C THR J 24 14.83 -35.47 50.40
N GLU J 25 15.80 -36.20 49.86
CA GLU J 25 17.23 -36.05 50.23
C GLU J 25 17.95 -35.08 49.24
N ARG J 26 19.28 -35.09 49.20
CA ARG J 26 20.00 -33.99 48.54
C ARG J 26 21.24 -34.40 47.79
N ARG J 27 21.47 -35.70 47.64
CA ARG J 27 22.68 -36.15 46.99
C ARG J 27 22.57 -35.97 45.49
N VAL J 28 23.66 -35.47 44.90
CA VAL J 28 23.77 -35.33 43.47
C VAL J 28 25.01 -36.15 43.04
N THR J 29 24.79 -37.21 42.28
CA THR J 29 25.88 -38.02 41.76
C THR J 29 26.08 -37.91 40.24
N MET J 30 27.29 -38.26 39.83
CA MET J 30 27.67 -38.50 38.46
C MET J 30 28.16 -39.94 38.50
N GLU J 31 27.25 -40.87 38.25
CA GLU J 31 27.47 -42.29 38.57
C GLU J 31 27.78 -42.52 40.07
N ASN J 32 28.96 -43.07 40.38
CA ASN J 32 29.32 -43.34 41.79
C ASN J 32 29.88 -42.09 42.48
N PHE J 33 30.24 -41.10 41.66
CA PHE J 33 30.92 -39.86 42.09
C PHE J 33 29.93 -38.87 42.72
N ILE J 34 30.09 -38.64 44.04
CA ILE J 34 29.23 -37.70 44.78
C ILE J 34 29.70 -36.25 44.58
N MET J 35 29.11 -35.57 43.61
CA MET J 35 29.50 -34.22 43.22
C MET J 35 29.05 -33.25 44.34
N HIS J 36 27.79 -33.36 44.74
CA HIS J 36 27.21 -32.40 45.70
C HIS J 36 26.42 -33.13 46.77
N LYS J 37 26.74 -32.86 48.03
CA LYS J 37 26.08 -33.55 49.12
C LYS J 37 24.74 -32.89 49.47
N ASN J 38 24.58 -31.66 49.04
CA ASN J 38 23.48 -30.78 49.48
C ASN J 38 22.77 -30.08 48.29
N GLY J 39 22.17 -30.85 47.37
CA GLY J 39 21.42 -30.28 46.27
C GLY J 39 20.00 -29.97 46.75
N LYS J 40 19.20 -29.30 45.94
CA LYS J 40 17.84 -28.95 46.34
C LYS J 40 16.87 -29.62 45.39
N LYS J 41 15.91 -30.35 45.94
CA LYS J 41 15.05 -31.17 45.13
C LYS J 41 13.58 -30.93 45.39
N LEU J 42 13.31 -29.98 46.29
CA LEU J 42 11.94 -29.66 46.76
C LEU J 42 11.77 -28.16 46.66
N PHE J 43 10.69 -27.73 46.05
CA PHE J 43 10.53 -26.34 45.73
C PHE J 43 9.09 -25.97 45.93
N GLN J 44 8.87 -24.77 46.44
CA GLN J 44 7.56 -24.20 46.40
C GLN J 44 7.41 -23.61 45.01
N ILE J 45 6.31 -23.95 44.35
CA ILE J 45 6.01 -23.40 43.04
C ILE J 45 4.72 -22.55 43.01
N ASP J 46 3.96 -22.51 44.11
CA ASP J 46 2.83 -21.60 44.23
C ASP J 46 2.48 -21.50 45.71
N THR J 47 1.50 -20.67 46.07
CA THR J 47 1.21 -20.34 47.47
C THR J 47 1.03 -21.62 48.26
N TYR J 48 0.23 -22.55 47.69
CA TYR J 48 -0.12 -23.86 48.32
C TYR J 48 0.37 -25.10 47.55
N THR J 49 1.48 -24.96 46.81
CA THR J 49 1.97 -25.98 45.88
C THR J 49 3.47 -26.19 45.90
N GLY J 50 3.86 -27.45 46.07
CA GLY J 50 5.27 -27.81 46.04
C GLY J 50 5.50 -28.82 44.95
N MET J 51 6.75 -28.95 44.53
CA MET J 51 7.08 -29.94 43.51
C MET J 51 8.40 -30.58 43.92
N THR J 52 8.52 -31.90 43.74
CA THR J 52 9.83 -32.54 43.80
C THR J 52 10.31 -32.98 42.41
N ILE J 53 11.62 -33.11 42.28
CA ILE J 53 12.27 -33.44 41.03
C ILE J 53 13.22 -34.63 41.20
N ALA J 54 13.21 -35.50 40.20
CA ALA J 54 14.15 -36.63 40.13
C ALA J 54 14.50 -36.71 38.64
N GLY J 55 15.65 -37.30 38.31
CA GLY J 55 16.04 -37.43 36.96
C GLY J 55 17.12 -36.43 36.62
N LEU J 56 17.15 -36.02 35.35
CA LEU J 56 18.24 -35.21 34.82
C LEU J 56 18.15 -33.80 35.42
N VAL J 57 19.20 -33.37 36.11
CA VAL J 57 19.17 -32.12 36.90
C VAL J 57 18.84 -30.87 36.05
N GLY J 58 19.57 -30.72 34.95
CA GLY J 58 19.29 -29.62 34.05
C GLY J 58 17.85 -29.54 33.56
N ASP J 59 17.27 -30.67 33.16
CA ASP J 59 15.83 -30.74 32.81
C ASP J 59 14.90 -30.30 33.93
N ALA J 60 15.12 -30.86 35.10
CA ALA J 60 14.27 -30.67 36.21
C ALA J 60 14.37 -29.20 36.71
N GLN J 61 15.56 -28.60 36.65
CA GLN J 61 15.75 -27.19 37.01
C GLN J 61 15.05 -26.20 36.05
N VAL J 62 15.12 -26.47 34.75
CA VAL J 62 14.34 -25.76 33.77
C VAL J 62 12.83 -25.84 34.07
N LEU J 63 12.31 -27.04 34.36
CA LEU J 63 10.89 -27.20 34.75
C LEU J 63 10.46 -26.45 35.99
N VAL J 64 11.29 -26.44 37.02
CA VAL J 64 11.00 -25.66 38.21
C VAL J 64 10.85 -24.17 37.87
N ARG J 65 11.79 -23.63 37.10
CA ARG J 65 11.68 -22.22 36.72
C ARG J 65 10.41 -21.93 35.89
N TYR J 66 10.07 -22.80 34.94
N TYR J 66 10.06 -22.83 34.98
CA TYR J 66 8.84 -22.60 34.18
CA TYR J 66 8.86 -22.72 34.12
C TYR J 66 7.67 -22.62 35.15
C TYR J 66 7.55 -22.81 34.94
N MET J 67 7.54 -23.70 35.93
CA MET J 67 6.41 -23.82 36.84
C MET J 67 6.26 -22.61 37.75
N LYS J 68 7.33 -22.17 38.44
CA LYS J 68 7.22 -20.97 39.28
C LYS J 68 6.69 -19.77 38.45
N ALA J 69 7.24 -19.56 37.27
CA ALA J 69 6.85 -18.46 36.41
C ALA J 69 5.43 -18.58 35.93
N GLU J 70 5.04 -19.76 35.45
CA GLU J 70 3.69 -19.91 34.91
C GLU J 70 2.60 -19.86 35.99
N LEU J 71 2.88 -20.44 37.17
CA LEU J 71 1.83 -20.49 38.16
C LEU J 71 1.64 -19.10 38.70
N GLU J 72 2.71 -18.30 38.76
CA GLU J 72 2.58 -16.92 39.21
C GLU J 72 1.83 -16.05 38.18
N LEU J 73 2.20 -16.17 36.92
CA LEU J 73 1.43 -15.55 35.85
C LEU J 73 -0.07 -15.89 35.89
N TYR J 74 -0.39 -17.18 35.93
CA TYR J 74 -1.78 -17.66 35.97
C TYR J 74 -2.58 -17.07 37.15
N ARG J 75 -1.92 -16.95 38.28
CA ARG J 75 -2.51 -16.45 39.50
C ARG J 75 -2.83 -14.94 39.32
N LEU J 76 -1.88 -14.19 38.77
CA LEU J 76 -2.10 -12.78 38.44
C LEU J 76 -3.24 -12.63 37.47
N GLN J 77 -3.28 -13.48 36.43
CA GLN J 77 -4.33 -13.43 35.43
C GLN J 77 -5.72 -13.88 35.88
N ARG J 78 -5.80 -14.95 36.68
CA ARG J 78 -7.06 -15.53 37.10
C ARG J 78 -7.53 -15.02 38.48
N ARG J 79 -6.62 -14.40 39.25
CA ARG J 79 -6.92 -13.99 40.62
C ARG J 79 -7.38 -15.15 41.52
N VAL J 80 -7.00 -16.37 41.14
CA VAL J 80 -7.02 -17.55 42.01
C VAL J 80 -5.77 -18.39 41.66
N ASN J 81 -5.37 -19.24 42.59
CA ASN J 81 -4.27 -20.15 42.37
C ASN J 81 -4.72 -21.22 41.42
N MET J 82 -3.81 -21.67 40.55
CA MET J 82 -4.10 -22.81 39.67
C MET J 82 -4.42 -24.03 40.54
N PRO J 83 -5.54 -24.71 40.28
CA PRO J 83 -5.85 -25.93 41.01
C PRO J 83 -4.76 -26.98 40.78
N ILE J 84 -4.57 -27.85 41.79
CA ILE J 84 -3.45 -28.79 41.73
C ILE J 84 -3.58 -29.71 40.53
N GLU J 85 -4.80 -30.11 40.22
CA GLU J 85 -5.01 -31.02 39.12
C GLU J 85 -4.67 -30.31 37.79
N ALA J 86 -4.93 -28.99 37.73
CA ALA J 86 -4.60 -28.16 36.59
C ALA J 86 -3.09 -28.07 36.42
N VAL J 87 -2.36 -28.03 37.54
CA VAL J 87 -0.90 -27.93 37.46
C VAL J 87 -0.37 -29.20 36.82
N ALA J 88 -0.95 -30.32 37.18
CA ALA J 88 -0.52 -31.63 36.75
C ALA J 88 -0.85 -31.81 35.28
N THR J 89 -2.03 -31.32 34.86
CA THR J 89 -2.47 -31.30 33.46
C THR J 89 -1.59 -30.40 32.56
N LEU J 90 -1.27 -29.22 33.06
CA LEU J 90 -0.31 -28.36 32.40
C LEU J 90 1.01 -29.10 32.16
N LEU J 91 1.59 -29.70 33.22
CA LEU J 91 2.89 -30.42 33.13
C LEU J 91 2.80 -31.61 32.18
N SER J 92 1.70 -32.31 32.30
CA SER J 92 1.37 -33.47 31.52
C SER J 92 1.33 -33.11 30.02
N ASN J 93 0.65 -32.03 29.66
CA ASN J 93 0.71 -31.49 28.29
C ASN J 93 2.10 -31.11 27.80
N MET J 94 2.86 -30.38 28.63
CA MET J 94 4.24 -29.98 28.28
C MET J 94 5.22 -31.11 27.95
N LEU J 95 5.18 -32.19 28.75
CA LEU J 95 6.16 -33.23 28.66
C LEU J 95 5.78 -34.15 27.53
N ASN J 96 4.49 -34.36 27.40
CA ASN J 96 3.99 -35.19 26.33
C ASN J 96 4.30 -34.52 24.99
N GLN J 97 4.16 -33.19 24.91
CA GLN J 97 4.42 -32.46 23.64
C GLN J 97 5.83 -32.72 23.11
N VAL J 98 6.75 -33.03 24.01
CA VAL J 98 8.12 -33.26 23.65
C VAL J 98 8.56 -34.67 23.98
N LYS J 99 7.64 -35.63 23.91
CA LYS J 99 7.96 -36.97 24.41
C LYS J 99 9.07 -37.71 23.68
N TYR J 100 9.31 -37.40 22.39
CA TYR J 100 10.40 -38.08 21.63
C TYR J 100 11.74 -37.32 21.84
N MET J 101 11.67 -36.10 22.38
CA MET J 101 12.86 -35.43 22.92
C MET J 101 12.67 -34.94 24.38
N PRO J 102 12.49 -35.90 25.30
CA PRO J 102 11.83 -35.63 26.58
C PRO J 102 12.61 -34.84 27.64
N TYR J 103 11.88 -34.22 28.57
CA TYR J 103 12.49 -33.92 29.86
C TYR J 103 12.60 -35.26 30.56
N MET J 104 13.83 -35.63 30.90
N MET J 104 13.82 -35.63 30.90
CA MET J 104 14.11 -36.91 31.54
CA MET J 104 14.07 -36.92 31.51
C MET J 104 13.90 -36.83 33.05
C MET J 104 13.90 -36.81 33.02
N VAL J 105 12.64 -36.76 33.47
CA VAL J 105 12.33 -36.50 34.89
C VAL J 105 11.14 -37.29 35.34
N GLN J 106 11.03 -37.39 36.67
CA GLN J 106 9.83 -37.85 37.33
C GLN J 106 9.51 -36.72 38.28
N LEU J 107 8.25 -36.33 38.37
CA LEU J 107 7.91 -35.17 39.18
C LEU J 107 6.85 -35.53 40.18
N LEU J 108 6.92 -34.92 41.37
CA LEU J 108 5.72 -34.94 42.23
C LEU J 108 5.21 -33.55 42.37
N VAL J 109 3.89 -33.40 42.30
CA VAL J 109 3.27 -32.10 42.53
C VAL J 109 2.24 -32.28 43.63
N GLY J 110 2.34 -31.46 44.64
CA GLY J 110 1.49 -31.56 45.81
C GLY J 110 1.02 -30.19 46.21
N GLY J 111 -0.19 -30.19 46.77
CA GLY J 111 -0.79 -28.98 47.28
C GLY J 111 -2.21 -29.18 47.72
N ILE J 112 -2.80 -28.08 48.19
CA ILE J 112 -4.15 -27.98 48.72
C ILE J 112 -4.88 -26.98 47.83
N ASP J 113 -6.02 -27.38 47.25
CA ASP J 113 -6.96 -26.39 46.70
C ASP J 113 -8.19 -26.39 47.62
N THR J 114 -9.24 -27.16 47.27
CA THR J 114 -10.33 -27.44 48.18
C THR J 114 -10.03 -28.68 48.99
N ALA J 115 -9.02 -29.44 48.55
CA ALA J 115 -8.60 -30.70 49.16
C ALA J 115 -7.09 -30.91 48.92
N PRO J 116 -6.46 -31.78 49.69
CA PRO J 116 -5.05 -32.07 49.47
C PRO J 116 -4.86 -32.99 48.25
N HIS J 117 -3.77 -32.82 47.50
CA HIS J 117 -3.52 -33.68 46.31
C HIS J 117 -2.05 -33.94 46.16
N VAL J 118 -1.74 -35.20 45.79
CA VAL J 118 -0.43 -35.57 45.24
C VAL J 118 -0.60 -36.16 43.82
N PHE J 119 0.16 -35.61 42.88
CA PHE J 119 0.23 -36.14 41.53
C PHE J 119 1.68 -36.58 41.19
N SER J 120 1.78 -37.67 40.46
CA SER J 120 3.05 -38.20 40.01
C SER J 120 3.03 -38.14 38.46
N ILE J 121 3.99 -37.40 37.89
CA ILE J 121 4.07 -37.14 36.47
C ILE J 121 5.39 -37.70 35.86
N ASP J 122 5.25 -38.54 34.83
CA ASP J 122 6.38 -39.19 34.17
C ASP J 122 6.82 -38.42 32.96
N ALA J 123 7.88 -38.91 32.31
CA ALA J 123 8.61 -38.18 31.22
C ALA J 123 7.81 -38.16 29.88
N ALA J 124 6.77 -38.98 29.78
CA ALA J 124 5.83 -38.90 28.63
C ALA J 124 4.58 -38.10 28.98
N GLY J 125 4.52 -37.47 30.15
CA GLY J 125 3.34 -36.68 30.46
C GLY J 125 2.23 -37.49 31.11
N GLY J 126 2.49 -38.73 31.50
CA GLY J 126 1.50 -39.48 32.24
C GLY J 126 1.42 -38.99 33.68
N SER J 127 0.22 -38.65 34.11
CA SER J 127 -0.04 -38.06 35.40
C SER J 127 -1.12 -38.82 36.12
N VAL J 128 -0.80 -39.25 37.34
CA VAL J 128 -1.75 -39.98 38.17
C VAL J 128 -1.79 -39.45 39.60
N GLU J 129 -3.01 -39.20 40.09
CA GLU J 129 -3.23 -38.84 41.50
C GLU J 129 -3.16 -40.06 42.41
N ASP J 130 -2.63 -39.87 43.61
CA ASP J 130 -2.61 -40.95 44.57
C ASP J 130 -2.61 -40.38 46.01
N ILE J 131 -2.80 -41.21 47.04
CA ILE J 131 -2.71 -40.70 48.43
C ILE J 131 -1.30 -40.45 48.87
N TYR J 132 -0.39 -41.28 48.36
CA TYR J 132 1.04 -41.05 48.46
C TYR J 132 1.86 -41.51 47.19
N ALA J 133 3.08 -40.99 47.05
CA ALA J 133 3.92 -41.44 45.97
C ALA J 133 5.37 -41.10 46.26
N SER J 134 6.30 -41.73 45.56
CA SER J 134 7.71 -41.49 45.77
C SER J 134 8.40 -41.60 44.40
N THR J 135 9.49 -40.86 44.22
CA THR J 135 10.26 -40.96 43.00
C THR J 135 11.77 -41.01 43.27
N GLY J 136 12.49 -41.39 42.23
CA GLY J 136 13.92 -41.57 42.27
C GLY J 136 14.33 -42.99 42.52
N SER J 137 15.63 -43.21 42.44
CA SER J 137 16.19 -44.54 42.64
C SER J 137 15.82 -45.07 44.04
N GLY J 138 15.61 -44.15 44.98
CA GLY J 138 15.33 -44.58 46.34
C GLY J 138 13.91 -44.95 46.62
N SER J 139 13.02 -44.74 45.65
CA SER J 139 11.57 -44.90 45.88
C SER J 139 11.07 -46.31 46.26
N PRO J 140 11.64 -47.39 45.76
CA PRO J 140 11.14 -48.72 46.15
C PRO J 140 11.21 -48.92 47.68
N PHE J 141 12.33 -48.52 48.29
CA PHE J 141 12.54 -48.56 49.74
C PHE J 141 11.51 -47.77 50.51
N VAL J 142 11.20 -46.57 49.99
CA VAL J 142 10.16 -45.72 50.53
C VAL J 142 8.79 -46.37 50.46
N TYR J 143 8.50 -46.99 49.32
CA TYR J 143 7.21 -47.67 49.13
C TYR J 143 7.02 -48.82 50.11
N GLY J 144 8.12 -49.47 50.46
CA GLY J 144 8.12 -50.45 51.52
C GLY J 144 7.72 -49.86 52.88
N VAL J 145 8.32 -48.76 53.29
CA VAL J 145 7.97 -48.12 54.56
C VAL J 145 6.50 -47.68 54.54
N LEU J 146 6.06 -47.03 53.47
CA LEU J 146 4.72 -46.49 53.40
C LEU J 146 3.64 -47.57 53.41
N GLU J 147 3.85 -48.62 52.64
CA GLU J 147 2.92 -49.74 52.61
C GLU J 147 2.72 -50.31 54.00
N SER J 148 3.78 -50.37 54.78
CA SER J 148 3.71 -51.00 56.08
C SER J 148 3.19 -50.06 57.16
N GLN J 149 3.40 -48.77 57.00
CA GLN J 149 3.20 -47.86 58.12
C GLN J 149 2.29 -46.67 57.87
N TYR J 150 1.89 -46.43 56.62
CA TYR J 150 1.10 -45.27 56.34
C TYR J 150 -0.31 -45.53 56.83
N SER J 151 -0.90 -44.49 57.38
CA SER J 151 -2.31 -44.49 57.73
C SER J 151 -2.88 -43.14 57.35
N GLU J 152 -4.04 -43.19 56.69
CA GLU J 152 -4.79 -41.97 56.30
C GLU J 152 -5.17 -41.08 57.49
N LYS J 153 -5.17 -41.69 58.70
CA LYS J 153 -5.57 -41.03 59.96
C LYS J 153 -4.42 -40.35 60.67
N MET J 154 -3.21 -40.50 60.17
CA MET J 154 -2.07 -39.82 60.80
C MET J 154 -2.23 -38.32 60.94
N THR J 155 -1.65 -37.76 61.98
CA THR J 155 -1.56 -36.32 62.11
C THR J 155 -0.30 -35.83 61.38
N VAL J 156 -0.20 -34.51 61.22
CA VAL J 156 0.94 -33.92 60.57
C VAL J 156 2.27 -34.36 61.20
N ASP J 157 2.40 -34.25 62.53
CA ASP J 157 3.64 -34.66 63.18
C ASP J 157 4.00 -36.12 62.93
N GLU J 158 2.99 -36.99 62.96
CA GLU J 158 3.17 -38.40 62.59
C GLU J 158 3.63 -38.61 61.10
N GLY J 159 2.92 -37.96 60.16
CA GLY J 159 3.22 -38.00 58.75
C GLY J 159 4.64 -37.50 58.49
N VAL J 160 5.08 -36.48 59.24
CA VAL J 160 6.42 -35.92 59.12
C VAL J 160 7.45 -36.97 59.52
N ASP J 161 7.13 -37.69 60.61
CA ASP J 161 7.97 -38.77 61.13
C ASP J 161 8.09 -39.92 60.15
N LEU J 162 6.95 -40.26 59.56
CA LEU J 162 6.85 -41.31 58.55
C LEU J 162 7.83 -41.03 57.36
N VAL J 163 7.73 -39.84 56.76
CA VAL J 163 8.56 -39.52 55.59
C VAL J 163 10.04 -39.43 55.96
N ILE J 164 10.34 -39.04 57.19
CA ILE J 164 11.72 -39.10 57.68
C ILE J 164 12.18 -40.56 57.79
N ARG J 165 11.35 -41.44 58.34
CA ARG J 165 11.67 -42.87 58.39
C ARG J 165 11.92 -43.41 56.97
N ALA J 166 10.97 -43.11 56.07
CA ALA J 166 10.96 -43.63 54.73
C ALA J 166 12.24 -43.21 53.99
N ILE J 167 12.54 -41.93 54.04
CA ILE J 167 13.74 -41.42 53.39
C ILE J 167 15.06 -41.87 54.01
N SER J 168 15.06 -42.00 55.34
CA SER J 168 16.20 -42.53 56.08
C SER J 168 16.52 -43.97 55.69
N ALA J 169 15.48 -44.80 55.57
CA ALA J 169 15.56 -46.15 55.04
C ALA J 169 16.14 -46.16 53.60
N ALA J 170 15.61 -45.33 52.70
CA ALA J 170 16.14 -45.23 51.34
C ALA J 170 17.64 -44.85 51.33
N LYS J 171 17.99 -43.85 52.14
CA LYS J 171 19.38 -43.46 52.28
C LYS J 171 20.34 -44.60 52.68
N GLN J 172 19.87 -45.52 53.51
CA GLN J 172 20.64 -46.66 53.96
C GLN J 172 20.89 -47.71 52.85
N ARG J 173 19.94 -47.84 51.94
CA ARG J 173 20.03 -48.89 50.95
C ARG J 173 20.22 -48.36 49.53
N ASP J 174 20.16 -47.06 49.33
CA ASP J 174 20.34 -46.52 47.96
C ASP J 174 21.48 -45.54 47.95
N SER J 175 22.60 -45.93 47.37
CA SER J 175 23.80 -45.09 47.36
C SER J 175 23.72 -43.85 46.52
N ALA J 176 22.68 -43.74 45.68
CA ALA J 176 22.41 -42.51 44.90
C ALA J 176 21.50 -41.53 45.69
N SER J 177 21.27 -41.86 46.97
CA SER J 177 20.49 -41.03 47.88
C SER J 177 21.33 -40.73 49.11
N GLY J 178 21.20 -39.52 49.66
CA GLY J 178 22.07 -39.10 50.76
C GLY J 178 21.86 -37.65 51.13
N GLY J 179 22.48 -37.26 52.24
CA GLY J 179 22.44 -35.87 52.68
C GLY J 179 21.22 -35.57 53.51
N MET J 180 21.09 -34.31 53.89
CA MET J 180 20.03 -33.92 54.80
C MET J 180 18.63 -34.13 54.18
N ILE J 181 17.69 -34.59 54.99
CA ILE J 181 16.31 -34.66 54.61
C ILE J 181 15.68 -33.25 54.67
N ASP J 182 15.00 -32.88 53.56
CA ASP J 182 14.23 -31.64 53.40
C ASP J 182 12.74 -31.96 53.48
N VAL J 183 11.99 -31.23 54.31
CA VAL J 183 10.55 -31.50 54.44
C VAL J 183 9.75 -30.20 54.40
N ALA J 184 8.61 -30.22 53.71
CA ALA J 184 7.74 -29.08 53.68
C ALA J 184 6.35 -29.61 53.94
N VAL J 185 5.55 -28.85 54.69
CA VAL J 185 4.14 -29.21 54.99
C VAL J 185 3.25 -28.14 54.39
N ILE J 186 2.18 -28.55 53.71
CA ILE J 186 1.32 -27.57 53.09
C ILE J 186 -0.06 -27.73 53.66
N THR J 187 -0.59 -26.64 54.21
CA THR J 187 -1.98 -26.60 54.73
C THR J 187 -2.59 -25.29 54.28
N ARG J 188 -3.91 -25.17 54.33
CA ARG J 188 -4.56 -23.88 54.06
C ARG J 188 -4.27 -22.84 55.14
N LYS J 189 -4.38 -23.25 56.41
CA LYS J 189 -4.12 -22.33 57.52
C LYS J 189 -2.74 -21.69 57.40
N ASP J 190 -1.71 -22.49 57.14
CA ASP J 190 -0.33 -21.97 57.15
C ASP J 190 0.37 -21.79 55.81
N GLY J 191 -0.22 -22.28 54.71
CA GLY J 191 0.47 -22.29 53.43
C GLY J 191 1.56 -23.37 53.35
N TYR J 192 2.57 -23.13 52.51
CA TYR J 192 3.72 -24.04 52.31
C TYR J 192 4.72 -23.66 53.35
N VAL J 193 5.09 -24.59 54.21
CA VAL J 193 6.08 -24.31 55.25
C VAL J 193 7.21 -25.32 55.12
N GLN J 194 8.39 -24.79 54.80
CA GLN J 194 9.61 -25.56 54.79
C GLN J 194 10.08 -25.72 56.26
N LEU J 195 10.10 -26.95 56.76
CA LEU J 195 10.47 -27.20 58.15
C LEU J 195 11.95 -26.92 58.36
N PRO J 196 12.27 -26.20 59.45
CA PRO J 196 13.67 -25.85 59.73
C PRO J 196 14.52 -27.10 59.93
N THR J 197 15.78 -27.02 59.55
CA THR J 197 16.65 -28.17 59.62
C THR J 197 16.76 -28.65 61.05
N ASP J 198 16.97 -27.71 61.97
CA ASP J 198 17.14 -28.05 63.38
C ASP J 198 15.96 -28.94 63.83
N GLN J 199 14.73 -28.60 63.42
CA GLN J 199 13.55 -29.43 63.71
C GLN J 199 13.57 -30.87 63.08
N ILE J 200 14.06 -30.99 61.84
CA ILE J 200 14.24 -32.31 61.25
C ILE J 200 15.33 -33.12 61.95
N GLU J 201 16.49 -32.52 62.21
CA GLU J 201 17.54 -33.20 63.01
C GLU J 201 17.04 -33.70 64.37
N SER J 202 16.22 -32.89 65.03
CA SER J 202 15.65 -33.24 66.31
C SER J 202 14.76 -34.48 66.19
N ARG J 203 13.97 -34.56 65.12
CA ARG J 203 13.16 -35.75 64.88
C ARG J 203 13.99 -36.98 64.53
N ILE J 204 15.10 -36.79 63.82
CA ILE J 204 16.00 -37.89 63.49
C ILE J 204 16.65 -38.42 64.78
N ARG J 205 17.11 -37.49 65.64
CA ARG J 205 17.60 -37.75 67.00
C ARG J 205 16.53 -38.49 67.76
N LYS J 206 15.37 -37.86 67.94
CA LYS J 206 14.25 -38.50 68.67
C LYS J 206 14.01 -39.92 68.16
N LEU J 207 13.68 -40.07 66.88
CA LEU J 207 13.27 -41.37 66.32
C LEU J 207 14.34 -42.45 66.34
N GLY J 208 15.59 -42.05 66.61
CA GLY J 208 16.74 -42.97 66.69
C GLY J 208 17.42 -43.33 65.38
N LEU J 209 17.70 -42.35 64.51
CA LEU J 209 18.27 -42.60 63.17
C LEU J 209 19.66 -41.94 62.88
N ILE J 210 20.08 -41.94 61.60
CA ILE J 210 21.46 -41.54 61.15
C ILE J 210 21.58 -40.68 59.84
N LEU J 211 22.82 -40.21 59.55
CA LEU J 211 23.22 -39.40 58.33
C LEU J 211 22.78 -37.90 58.33
N THR K 9 42.65 -32.28 32.47
CA THR K 9 42.31 -30.93 33.02
C THR K 9 42.02 -31.10 34.49
N THR K 10 42.44 -30.14 35.29
CA THR K 10 41.97 -30.01 36.66
C THR K 10 41.60 -28.57 36.95
N THR K 11 40.40 -28.38 37.50
CA THR K 11 39.99 -27.07 37.96
C THR K 11 39.30 -27.13 39.30
N VAL K 12 39.40 -26.02 40.05
CA VAL K 12 38.83 -25.98 41.40
C VAL K 12 38.33 -24.60 41.74
N GLY K 13 37.22 -24.56 42.48
CA GLY K 13 36.74 -23.32 43.02
C GLY K 13 36.36 -23.57 44.45
N ILE K 14 36.76 -22.68 45.37
CA ILE K 14 36.32 -22.77 46.77
C ILE K 14 35.86 -21.40 47.32
N THR K 15 34.92 -21.45 48.23
CA THR K 15 34.52 -20.23 48.92
C THR K 15 35.16 -20.21 50.33
N LEU K 16 35.47 -18.99 50.78
CA LEU K 16 35.91 -18.67 52.17
C LEU K 16 35.00 -17.55 52.66
N LYS K 17 35.27 -16.95 53.83
CA LYS K 17 34.30 -15.98 54.46
C LYS K 17 33.86 -14.88 53.46
N ASP K 18 34.85 -14.22 52.86
CA ASP K 18 34.58 -13.12 51.96
C ASP K 18 35.50 -13.25 50.75
N ALA K 19 35.81 -14.50 50.36
CA ALA K 19 36.62 -14.75 49.17
C ALA K 19 36.15 -15.96 48.33
N VAL K 20 36.44 -15.90 47.04
CA VAL K 20 36.37 -17.07 46.19
C VAL K 20 37.77 -17.26 45.70
N ILE K 21 38.28 -18.50 45.74
CA ILE K 21 39.54 -18.86 45.06
C ILE K 21 39.29 -19.86 43.91
N MET K 22 39.78 -19.53 42.72
CA MET K 22 39.66 -20.40 41.58
C MET K 22 41.05 -20.69 41.06
N ALA K 23 41.24 -21.91 40.56
CA ALA K 23 42.54 -22.36 40.08
C ALA K 23 42.45 -23.50 39.05
N THR K 24 43.41 -23.54 38.13
CA THR K 24 43.52 -24.59 37.13
C THR K 24 44.99 -24.96 36.85
N GLU K 25 45.20 -26.09 36.17
CA GLU K 25 46.44 -26.27 35.45
C GLU K 25 46.19 -25.86 33.96
N ARG K 26 47.08 -26.25 33.04
CA ARG K 26 47.15 -25.63 31.73
C ARG K 26 47.42 -26.59 30.59
N ARG K 27 47.36 -27.90 30.84
CA ARG K 27 47.72 -28.90 29.87
C ARG K 27 46.63 -29.15 28.84
N VAL K 28 47.01 -29.19 27.56
CA VAL K 28 46.05 -29.49 26.51
C VAL K 28 46.53 -30.75 25.75
N THR K 29 45.76 -31.84 25.84
CA THR K 29 46.09 -33.06 25.13
C THR K 29 45.12 -33.36 24.02
N MET K 30 45.63 -34.00 22.97
CA MET K 30 44.86 -34.90 22.08
C MET K 30 45.24 -36.35 22.41
N GLU K 31 44.40 -37.00 23.22
CA GLU K 31 44.68 -38.28 23.90
C GLU K 31 45.93 -38.23 24.80
N ASN K 32 46.97 -39.01 24.47
CA ASN K 32 48.23 -39.04 25.24
C ASN K 32 49.18 -37.92 24.82
N PHE K 33 48.89 -37.30 23.68
CA PHE K 33 49.73 -36.33 23.01
C PHE K 33 49.55 -34.93 23.64
N ILE K 34 50.60 -34.43 24.30
CA ILE K 34 50.54 -33.13 24.92
C ILE K 34 50.83 -32.02 23.91
N MET K 35 49.78 -31.50 23.33
CA MET K 35 49.90 -30.48 22.30
C MET K 35 50.34 -29.15 22.93
N HIS K 36 49.72 -28.76 24.04
CA HIS K 36 50.04 -27.44 24.61
C HIS K 36 50.30 -27.52 26.12
N LYS K 37 51.46 -27.03 26.53
CA LYS K 37 51.78 -27.10 27.94
C LYS K 37 51.18 -25.92 28.71
N ASN K 38 50.88 -24.82 28.03
CA ASN K 38 50.22 -23.68 28.69
C ASN K 38 48.99 -23.12 28.02
N GLY K 39 47.89 -23.87 28.02
CA GLY K 39 46.60 -23.28 27.67
C GLY K 39 45.93 -22.61 28.87
N LYS K 40 44.86 -21.88 28.64
CA LYS K 40 44.27 -21.08 29.70
C LYS K 40 42.88 -21.61 30.00
N LYS K 41 42.58 -21.85 31.28
CA LYS K 41 41.33 -22.53 31.61
C LYS K 41 40.53 -21.78 32.66
N LEU K 42 41.08 -20.61 33.06
CA LEU K 42 40.55 -19.74 34.09
C LEU K 42 40.36 -18.33 33.51
N PHE K 43 39.17 -17.75 33.64
CA PHE K 43 38.90 -16.50 32.95
C PHE K 43 38.10 -15.60 33.83
N GLN K 44 38.40 -14.31 33.80
CA GLN K 44 37.54 -13.30 34.41
C GLN K 44 36.46 -13.07 33.38
N ILE K 45 35.20 -13.12 33.82
CA ILE K 45 34.06 -12.92 32.94
C ILE K 45 33.18 -11.70 33.40
N ASP K 46 33.37 -11.26 34.64
CA ASP K 46 32.79 -10.00 35.10
C ASP K 46 33.68 -9.47 36.21
N THR K 47 33.35 -8.30 36.73
CA THR K 47 34.19 -7.54 37.69
C THR K 47 34.56 -8.40 38.90
N TYR K 48 33.55 -9.10 39.44
CA TYR K 48 33.71 -10.01 40.60
C TYR K 48 33.33 -11.47 40.24
N THR K 49 33.57 -11.85 38.99
CA THR K 49 33.17 -13.18 38.51
C THR K 49 34.23 -13.87 37.70
N GLY K 50 34.51 -15.12 38.02
CA GLY K 50 35.46 -15.90 37.21
C GLY K 50 34.83 -17.20 36.73
N MET K 51 35.41 -17.78 35.68
CA MET K 51 34.90 -19.05 35.17
C MET K 51 36.08 -19.99 34.87
N THR K 52 35.95 -21.27 35.23
CA THR K 52 36.87 -22.29 34.73
C THR K 52 36.20 -23.19 33.72
N ILE K 53 36.99 -23.73 32.80
CA ILE K 53 36.51 -24.59 31.75
C ILE K 53 37.15 -26.00 31.71
N ALA K 54 36.35 -27.02 31.38
CA ALA K 54 36.89 -28.38 31.18
C ALA K 54 36.07 -29.01 30.08
N GLY K 55 36.61 -29.99 29.36
CA GLY K 55 35.85 -30.63 28.26
C GLY K 55 36.33 -30.14 26.91
N LEU K 56 35.48 -30.15 25.90
CA LEU K 56 35.93 -29.79 24.54
C LEU K 56 36.40 -28.31 24.46
N VAL K 57 37.65 -28.08 24.05
CA VAL K 57 38.27 -26.75 24.09
C VAL K 57 37.49 -25.71 23.29
N GLY K 58 37.09 -26.05 22.06
CA GLY K 58 36.32 -25.14 21.21
C GLY K 58 34.96 -24.69 21.71
N ASP K 59 34.17 -25.63 22.24
CA ASP K 59 32.96 -25.30 23.00
C ASP K 59 33.22 -24.36 24.20
N ALA K 60 34.17 -24.73 25.05
CA ALA K 60 34.47 -23.98 26.26
C ALA K 60 34.87 -22.54 25.91
N GLN K 61 35.72 -22.38 24.89
CA GLN K 61 36.16 -21.06 24.41
C GLN K 61 35.02 -20.19 23.83
N VAL K 62 34.23 -20.76 22.93
CA VAL K 62 33.00 -20.11 22.53
C VAL K 62 32.17 -19.64 23.75
N LEU K 63 31.99 -20.51 24.76
CA LEU K 63 31.25 -20.15 25.99
C LEU K 63 31.89 -19.02 26.78
N VAL K 64 33.20 -19.04 26.87
CA VAL K 64 33.87 -17.96 27.55
C VAL K 64 33.65 -16.60 26.85
N ARG K 65 33.73 -16.59 25.51
CA ARG K 65 33.45 -15.35 24.77
C ARG K 65 32.01 -14.87 24.95
N TYR K 66 31.02 -15.75 24.85
N TYR K 66 31.05 -15.79 24.89
CA TYR K 66 29.64 -15.33 25.06
CA TYR K 66 29.61 -15.52 25.06
C TYR K 66 29.53 -14.70 26.44
C TYR K 66 29.28 -14.94 26.45
N MET K 67 29.99 -15.43 27.47
CA MET K 67 29.79 -14.99 28.85
C MET K 67 30.46 -13.65 29.09
N LYS K 68 31.66 -13.44 28.58
CA LYS K 68 32.26 -12.10 28.67
C LYS K 68 31.36 -11.00 28.03
N ALA K 69 30.96 -11.21 26.77
CA ALA K 69 30.00 -10.37 26.04
C ALA K 69 28.71 -10.07 26.80
N GLU K 70 28.01 -11.12 27.23
CA GLU K 70 26.69 -10.96 27.83
C GLU K 70 26.77 -10.37 29.22
N LEU K 71 27.78 -10.73 30.01
CA LEU K 71 27.92 -10.12 31.34
C LEU K 71 28.26 -8.60 31.25
N GLU K 72 29.12 -8.21 30.31
CA GLU K 72 29.40 -6.80 30.01
C GLU K 72 28.12 -6.09 29.52
N LEU K 73 27.40 -6.72 28.61
CA LEU K 73 26.20 -6.11 28.09
C LEU K 73 25.17 -5.91 29.22
N TYR K 74 25.00 -6.94 30.07
CA TYR K 74 24.03 -6.89 31.17
C TYR K 74 24.31 -5.78 32.20
N ARG K 75 25.58 -5.63 32.56
CA ARG K 75 26.03 -4.65 33.54
C ARG K 75 25.81 -3.20 32.99
N LEU K 76 26.14 -3.01 31.72
CA LEU K 76 25.81 -1.76 31.04
C LEU K 76 24.31 -1.51 31.06
N GLN K 77 23.50 -2.53 30.84
CA GLN K 77 22.05 -2.34 30.80
C GLN K 77 21.46 -2.16 32.17
N ARG K 78 21.92 -2.93 33.16
CA ARG K 78 21.31 -2.92 34.52
C ARG K 78 21.98 -1.93 35.49
N ARG K 79 23.21 -1.53 35.18
CA ARG K 79 24.04 -0.67 36.02
C ARG K 79 24.44 -1.39 37.30
N VAL K 80 24.19 -2.69 37.35
CA VAL K 80 24.79 -3.56 38.35
C VAL K 80 25.31 -4.87 37.68
N ASN K 81 26.19 -5.57 38.38
CA ASN K 81 26.73 -6.80 37.88
C ASN K 81 25.67 -7.84 37.99
N MET K 82 25.59 -8.73 37.01
CA MET K 82 24.73 -9.90 37.14
C MET K 82 25.10 -10.68 38.46
N PRO K 83 24.11 -10.94 39.31
CA PRO K 83 24.32 -11.82 40.49
C PRO K 83 24.89 -13.17 40.04
N ILE K 84 25.73 -13.78 40.89
CA ILE K 84 26.39 -15.03 40.51
C ILE K 84 25.37 -16.16 40.22
N GLU K 85 24.32 -16.23 41.02
CA GLU K 85 23.26 -17.21 40.78
C GLU K 85 22.65 -17.05 39.40
N ALA K 86 22.61 -15.78 38.95
CA ALA K 86 22.00 -15.35 37.69
C ALA K 86 22.90 -15.72 36.50
N VAL K 87 24.19 -15.67 36.73
CA VAL K 87 25.15 -16.13 35.77
C VAL K 87 24.96 -17.62 35.49
N ALA K 88 24.85 -18.42 36.55
CA ALA K 88 24.74 -19.85 36.46
C ALA K 88 23.40 -20.25 35.87
N THR K 89 22.37 -19.49 36.19
CA THR K 89 21.04 -19.74 35.68
C THR K 89 21.02 -19.49 34.18
N LEU K 90 21.65 -18.39 33.77
CA LEU K 90 21.77 -18.04 32.36
C LEU K 90 22.49 -19.18 31.64
N LEU K 91 23.64 -19.60 32.17
CA LEU K 91 24.41 -20.69 31.52
C LEU K 91 23.63 -22.00 31.48
N SER K 92 22.91 -22.24 32.56
CA SER K 92 22.12 -23.42 32.74
C SER K 92 20.95 -23.48 31.73
N ASN K 93 20.28 -22.36 31.44
CA ASN K 93 19.33 -22.33 30.31
C ASN K 93 19.93 -22.58 28.95
N MET K 94 21.10 -21.98 28.68
CA MET K 94 21.77 -22.04 27.40
C MET K 94 22.19 -23.43 27.03
N LEU K 95 22.76 -24.15 28.01
CA LEU K 95 23.27 -25.49 27.82
C LEU K 95 22.10 -26.49 27.73
N ASN K 96 21.08 -26.27 28.54
CA ASN K 96 19.94 -27.14 28.49
C ASN K 96 19.24 -27.04 27.13
N GLN K 97 19.13 -25.82 26.58
CA GLN K 97 18.40 -25.61 25.34
C GLN K 97 19.00 -26.41 24.22
N VAL K 98 20.29 -26.72 24.34
CA VAL K 98 20.92 -27.54 23.33
C VAL K 98 21.42 -28.88 23.84
N LYS K 99 20.76 -29.47 24.82
CA LYS K 99 21.30 -30.66 25.48
C LYS K 99 21.51 -31.88 24.58
N TYR K 100 20.86 -31.91 23.40
CA TYR K 100 20.94 -33.04 22.46
C TYR K 100 21.99 -32.76 21.39
N MET K 101 22.41 -31.49 21.29
CA MET K 101 23.58 -31.09 20.51
C MET K 101 24.50 -30.23 21.44
N PRO K 102 25.02 -30.82 22.51
CA PRO K 102 25.50 -30.03 23.66
C PRO K 102 26.87 -29.35 23.56
N TYR K 103 27.07 -28.31 24.36
CA TYR K 103 28.42 -27.90 24.68
C TYR K 103 28.99 -29.01 25.53
N MET K 104 30.11 -29.58 25.13
CA MET K 104 30.70 -30.69 25.87
C MET K 104 31.68 -30.20 26.91
N VAL K 105 31.15 -29.63 27.97
CA VAL K 105 31.89 -28.86 28.95
C VAL K 105 31.39 -29.19 30.32
N GLN K 106 32.28 -29.04 31.31
CA GLN K 106 31.90 -28.82 32.73
C GLN K 106 32.42 -27.43 33.06
N LEU K 107 31.61 -26.61 33.70
CA LEU K 107 32.04 -25.26 33.99
C LEU K 107 32.01 -24.99 35.50
N LEU K 108 32.92 -24.14 35.97
CA LEU K 108 32.75 -23.55 37.33
C LEU K 108 32.58 -22.06 37.19
N VAL K 109 31.57 -21.54 37.87
CA VAL K 109 31.36 -20.13 37.96
C VAL K 109 31.54 -19.69 39.43
N GLY K 110 32.48 -18.78 39.67
CA GLY K 110 32.62 -18.24 41.04
C GLY K 110 32.60 -16.73 41.05
N GLY K 111 32.08 -16.14 42.13
CA GLY K 111 32.21 -14.72 42.36
C GLY K 111 31.60 -14.27 43.66
N ILE K 112 31.60 -12.95 43.87
CA ILE K 112 30.98 -12.33 45.05
C ILE K 112 29.89 -11.38 44.56
N ASP K 113 28.66 -11.54 45.07
CA ASP K 113 27.71 -10.44 44.94
C ASP K 113 27.56 -9.84 46.36
N THR K 114 26.59 -10.30 47.14
CA THR K 114 26.51 -9.96 48.58
C THR K 114 27.15 -11.07 49.41
N ALA K 115 27.63 -12.12 48.73
CA ALA K 115 28.24 -13.26 49.38
C ALA K 115 29.07 -14.02 48.32
N PRO K 116 30.03 -14.82 48.78
CA PRO K 116 30.83 -15.63 47.87
C PRO K 116 29.98 -16.82 47.37
N HIS K 117 30.15 -17.20 46.11
CA HIS K 117 29.46 -18.37 45.54
C HIS K 117 30.39 -19.16 44.63
N VAL K 118 30.26 -20.48 44.67
CA VAL K 118 30.79 -21.33 43.62
C VAL K 118 29.67 -22.22 43.07
N PHE K 119 29.53 -22.20 41.73
CA PHE K 119 28.51 -22.98 40.99
C PHE K 119 29.16 -23.93 39.97
N SER K 120 28.68 -25.15 39.98
CA SER K 120 29.16 -26.18 39.07
C SER K 120 28.04 -26.44 38.05
N ILE K 121 28.38 -26.42 36.74
CA ILE K 121 27.38 -26.52 35.63
C ILE K 121 27.81 -27.59 34.60
N ASP K 122 26.89 -28.54 34.33
CA ASP K 122 27.20 -29.72 33.51
C ASP K 122 26.66 -29.44 32.12
N ALA K 123 26.96 -30.34 31.17
CA ALA K 123 26.61 -30.18 29.73
C ALA K 123 25.10 -30.17 29.43
N ALA K 124 24.29 -30.58 30.39
CA ALA K 124 22.84 -30.49 30.24
C ALA K 124 22.24 -29.31 30.98
N GLY K 125 23.05 -28.37 31.49
CA GLY K 125 22.50 -27.20 32.19
C GLY K 125 22.16 -27.40 33.65
N GLY K 126 22.55 -28.55 34.20
CA GLY K 126 22.46 -28.81 35.63
C GLY K 126 23.44 -27.93 36.37
N SER K 127 22.93 -27.20 37.34
CA SER K 127 23.69 -26.18 38.04
C SER K 127 23.45 -26.34 39.51
N VAL K 128 24.52 -26.58 40.25
CA VAL K 128 24.44 -26.76 41.69
C VAL K 128 25.50 -25.93 42.41
N GLU K 129 25.04 -25.16 43.39
CA GLU K 129 25.90 -24.41 44.29
C GLU K 129 26.53 -25.28 45.35
N ASP K 130 27.78 -25.01 45.62
CA ASP K 130 28.48 -25.77 46.65
C ASP K 130 29.52 -24.89 47.33
N ILE K 131 30.04 -25.38 48.45
CA ILE K 131 31.13 -24.68 49.16
C ILE K 131 32.46 -24.76 48.42
N TYR K 132 32.69 -25.88 47.73
CA TYR K 132 33.82 -26.03 46.83
C TYR K 132 33.47 -27.06 45.73
N ALA K 133 34.27 -27.11 44.67
CA ALA K 133 33.95 -27.96 43.52
C ALA K 133 35.16 -28.04 42.64
N SER K 134 35.24 -29.14 41.91
CA SER K 134 36.39 -29.37 41.05
C SER K 134 35.86 -30.03 39.77
N THR K 135 36.54 -29.81 38.64
CA THR K 135 36.10 -30.43 37.40
C THR K 135 37.32 -30.89 36.63
N GLY K 136 37.08 -31.70 35.59
CA GLY K 136 38.12 -32.27 34.77
C GLY K 136 38.46 -33.68 35.23
N SER K 137 39.30 -34.35 34.47
CA SER K 137 39.81 -35.67 34.83
C SER K 137 40.56 -35.63 36.16
N GLY K 138 41.20 -34.50 36.48
CA GLY K 138 42.01 -34.40 37.71
C GLY K 138 41.18 -34.29 38.95
N SER K 139 39.90 -33.97 38.78
CA SER K 139 39.03 -33.61 39.93
C SER K 139 38.84 -34.64 41.03
N PRO K 140 38.84 -35.95 40.79
CA PRO K 140 38.70 -36.84 41.96
C PRO K 140 39.86 -36.71 42.95
N PHE K 141 41.10 -36.55 42.47
CA PHE K 141 42.29 -36.28 43.27
C PHE K 141 42.14 -35.01 44.13
N VAL K 142 41.66 -33.93 43.49
CA VAL K 142 41.28 -32.72 44.18
C VAL K 142 40.23 -32.91 45.28
N TYR K 143 39.13 -33.58 44.98
CA TYR K 143 38.13 -33.87 46.03
C TYR K 143 38.68 -34.65 47.24
N GLY K 144 39.69 -35.50 47.01
CA GLY K 144 40.41 -36.17 48.08
C GLY K 144 41.14 -35.19 49.00
N VAL K 145 41.95 -34.30 48.43
CA VAL K 145 42.64 -33.26 49.17
C VAL K 145 41.67 -32.31 49.94
N LEU K 146 40.62 -31.84 49.26
CA LEU K 146 39.67 -30.89 49.87
C LEU K 146 38.89 -31.52 51.00
N GLU K 147 38.46 -32.75 50.77
CA GLU K 147 37.75 -33.53 51.80
C GLU K 147 38.60 -33.68 53.04
N SER K 148 39.89 -33.90 52.87
CA SER K 148 40.74 -34.09 54.04
C SER K 148 41.16 -32.76 54.72
N GLN K 149 41.30 -31.68 53.95
CA GLN K 149 42.01 -30.50 54.40
C GLN K 149 41.26 -29.15 54.33
N TYR K 150 40.14 -29.10 53.63
CA TYR K 150 39.40 -27.85 53.57
C TYR K 150 38.77 -27.54 54.90
N SER K 151 38.88 -26.28 55.29
CA SER K 151 38.15 -25.69 56.43
C SER K 151 37.46 -24.41 55.98
N GLU K 152 36.18 -24.23 56.37
CA GLU K 152 35.42 -22.94 56.20
C GLU K 152 36.13 -21.75 56.87
N LYS K 153 36.95 -22.05 57.90
CA LYS K 153 37.70 -21.04 58.66
C LYS K 153 38.93 -20.51 57.94
N MET K 154 39.37 -21.19 56.88
CA MET K 154 40.64 -20.82 56.28
C MET K 154 40.67 -19.35 55.85
N THR K 155 41.88 -18.81 55.86
CA THR K 155 42.15 -17.50 55.35
C THR K 155 42.45 -17.64 53.84
N VAL K 156 42.53 -16.51 53.15
CA VAL K 156 42.85 -16.48 51.76
C VAL K 156 44.25 -17.08 51.47
N ASP K 157 45.21 -16.87 52.36
CA ASP K 157 46.54 -17.44 52.15
C ASP K 157 46.53 -18.98 52.27
N GLU K 158 45.81 -19.48 53.26
CA GLU K 158 45.63 -20.90 53.48
C GLU K 158 44.89 -21.62 52.31
N GLY K 159 43.76 -21.03 51.86
CA GLY K 159 42.97 -21.51 50.75
C GLY K 159 43.78 -21.53 49.47
N VAL K 160 44.60 -20.50 49.27
CA VAL K 160 45.46 -20.45 48.11
C VAL K 160 46.46 -21.62 48.13
N ASP K 161 47.02 -21.91 49.31
CA ASP K 161 47.96 -23.01 49.44
C ASP K 161 47.23 -24.31 49.13
N LEU K 162 46.03 -24.44 49.69
CA LEU K 162 45.20 -25.64 49.58
C LEU K 162 44.91 -26.02 48.11
N VAL K 163 44.47 -25.07 47.31
CA VAL K 163 44.21 -25.36 45.92
C VAL K 163 45.52 -25.68 45.17
N ILE K 164 46.63 -25.05 45.54
CA ILE K 164 47.91 -25.44 44.93
C ILE K 164 48.24 -26.90 45.27
N ARG K 165 48.04 -27.28 46.54
CA ARG K 165 48.23 -28.67 46.97
C ARG K 165 47.34 -29.66 46.20
N ALA K 166 46.04 -29.34 46.14
CA ALA K 166 45.03 -30.14 45.47
C ALA K 166 45.36 -30.31 43.99
N ILE K 167 45.67 -29.21 43.33
CA ILE K 167 46.02 -29.32 41.94
C ILE K 167 47.37 -29.98 41.75
N SER K 168 48.24 -29.86 42.75
CA SER K 168 49.54 -30.47 42.58
C SER K 168 49.40 -31.97 42.68
N ALA K 169 48.51 -32.39 43.56
CA ALA K 169 48.21 -33.78 43.78
C ALA K 169 47.60 -34.39 42.50
N ALA K 170 46.66 -33.66 41.87
CA ALA K 170 46.04 -34.10 40.64
C ALA K 170 47.02 -34.27 39.47
N LYS K 171 47.90 -33.30 39.27
CA LYS K 171 48.93 -33.41 38.26
C LYS K 171 49.80 -34.65 38.43
N GLN K 172 50.04 -35.03 39.69
CA GLN K 172 50.89 -36.17 39.97
C GLN K 172 50.28 -37.47 39.50
N ARG K 173 48.93 -37.52 39.45
CA ARG K 173 48.18 -38.76 39.18
C ARG K 173 47.25 -38.76 37.93
N ASP K 174 47.09 -37.60 37.32
CA ASP K 174 46.22 -37.50 36.20
C ASP K 174 47.09 -36.99 35.08
N SER K 175 47.36 -37.86 34.10
CA SER K 175 48.33 -37.52 33.10
C SER K 175 47.79 -36.52 32.06
N ALA K 176 46.49 -36.24 32.10
CA ALA K 176 45.84 -35.21 31.29
C ALA K 176 45.80 -33.81 31.99
N SER K 177 46.41 -33.74 33.19
CA SER K 177 46.64 -32.49 33.93
C SER K 177 48.16 -32.19 33.98
N GLY K 178 48.57 -30.93 33.82
CA GLY K 178 50.00 -30.62 33.70
C GLY K 178 50.23 -29.12 33.55
N GLY K 179 51.48 -28.69 33.70
CA GLY K 179 51.87 -27.32 33.51
C GLY K 179 51.68 -26.45 34.75
N MET K 180 51.78 -25.14 34.55
CA MET K 180 51.75 -24.15 35.62
C MET K 180 50.33 -24.02 36.24
N ILE K 181 50.25 -23.96 37.56
CA ILE K 181 49.00 -23.68 38.21
C ILE K 181 48.64 -22.15 38.13
N ASP K 182 47.45 -21.80 37.62
CA ASP K 182 46.94 -20.41 37.64
C ASP K 182 46.00 -20.32 38.79
N VAL K 183 45.99 -19.21 39.50
CA VAL K 183 45.09 -18.97 40.61
C VAL K 183 44.57 -17.54 40.54
N ALA K 184 43.30 -17.37 40.86
CA ALA K 184 42.69 -16.06 40.97
C ALA K 184 42.00 -16.01 42.30
N VAL K 185 42.06 -14.85 42.98
CA VAL K 185 41.29 -14.66 44.23
C VAL K 185 40.29 -13.57 43.93
N ILE K 186 39.06 -13.76 44.42
CA ILE K 186 38.04 -12.76 44.17
C ILE K 186 37.50 -12.19 45.47
N THR K 187 37.68 -10.87 45.65
CA THR K 187 37.13 -10.16 46.83
C THR K 187 36.30 -8.90 46.46
N ARG K 188 35.52 -8.39 47.41
CA ARG K 188 34.93 -7.05 47.29
C ARG K 188 36.02 -5.96 47.26
N LYS K 189 36.91 -5.97 48.25
CA LYS K 189 38.03 -5.05 48.34
C LYS K 189 38.79 -4.91 47.01
N ASP K 190 39.24 -6.03 46.43
CA ASP K 190 40.11 -5.96 45.26
C ASP K 190 39.49 -6.45 43.98
N GLY K 191 38.28 -6.99 44.04
CA GLY K 191 37.73 -7.62 42.84
C GLY K 191 38.50 -8.87 42.44
N TYR K 192 38.36 -9.26 41.18
CA TYR K 192 39.04 -10.44 40.64
C TYR K 192 40.48 -10.09 40.38
N VAL K 193 41.38 -10.87 41.00
CA VAL K 193 42.82 -10.62 40.93
C VAL K 193 43.56 -11.93 40.61
N GLN K 194 44.27 -11.95 39.49
CA GLN K 194 45.05 -13.08 39.08
C GLN K 194 46.44 -13.07 39.75
N LEU K 195 46.72 -14.05 40.60
CA LEU K 195 48.05 -14.13 41.22
C LEU K 195 49.17 -14.22 40.18
N PRO K 196 50.27 -13.52 40.46
CA PRO K 196 51.45 -13.57 39.57
C PRO K 196 52.10 -14.92 39.68
N THR K 197 52.69 -15.38 38.59
CA THR K 197 53.23 -16.73 38.54
C THR K 197 54.30 -16.94 39.59
N ASP K 198 55.13 -15.92 39.79
CA ASP K 198 56.24 -16.00 40.75
C ASP K 198 55.75 -16.16 42.19
N GLN K 199 54.62 -15.56 42.54
CA GLN K 199 54.05 -15.82 43.85
C GLN K 199 53.59 -17.30 44.01
N ILE K 200 52.99 -17.85 42.96
CA ILE K 200 52.57 -19.25 42.97
C ILE K 200 53.79 -20.18 43.01
N GLU K 201 54.83 -19.89 42.20
CA GLU K 201 56.10 -20.66 42.23
C GLU K 201 56.78 -20.65 43.60
N SER K 202 56.71 -19.49 44.25
CA SER K 202 57.23 -19.34 45.58
C SER K 202 56.49 -20.24 46.55
N ARG K 203 55.18 -20.31 46.41
CA ARG K 203 54.35 -21.15 47.28
C ARG K 203 54.54 -22.65 47.06
N ILE K 204 54.62 -23.07 45.80
CA ILE K 204 54.94 -24.45 45.41
C ILE K 204 56.25 -24.93 46.04
N ARG K 205 57.21 -24.00 46.12
CA ARG K 205 58.58 -24.21 46.60
C ARG K 205 58.54 -24.22 48.11
N LYS K 206 57.87 -23.23 48.70
CA LYS K 206 57.65 -23.24 50.16
C LYS K 206 56.85 -24.45 50.68
N LEU K 207 55.91 -24.97 49.90
CA LEU K 207 55.08 -26.09 50.38
C LEU K 207 55.75 -27.45 50.14
N GLY K 208 56.68 -27.50 49.19
CA GLY K 208 57.47 -28.70 48.88
C GLY K 208 56.99 -29.59 47.74
N LEU K 209 56.67 -28.98 46.59
CA LEU K 209 55.91 -29.62 45.49
C LEU K 209 56.62 -29.63 44.08
N ILE K 210 55.90 -30.04 43.01
CA ILE K 210 56.41 -30.18 41.58
C ILE K 210 55.36 -30.37 40.42
N LEU K 211 55.85 -30.22 39.16
CA LEU K 211 55.25 -30.76 37.87
C LEU K 211 54.75 -29.76 36.73
N THR L 9 51.14 -35.51 6.22
CA THR L 9 51.49 -34.06 6.21
C THR L 9 52.32 -33.73 7.41
N THR L 10 53.23 -32.76 7.23
CA THR L 10 53.92 -32.13 8.34
C THR L 10 53.92 -30.64 8.06
N THR L 11 53.42 -29.86 9.03
CA THR L 11 53.62 -28.43 9.10
C THR L 11 54.04 -28.04 10.53
N VAL L 12 54.71 -26.87 10.64
CA VAL L 12 55.30 -26.38 11.87
C VAL L 12 55.30 -24.85 11.77
N GLY L 13 55.11 -24.19 12.92
CA GLY L 13 55.21 -22.77 13.05
C GLY L 13 56.02 -22.52 14.31
N ILE L 14 57.02 -21.62 14.24
CA ILE L 14 57.78 -21.26 15.45
C ILE L 14 57.87 -19.76 15.64
N THR L 15 57.85 -19.31 16.89
CA THR L 15 58.09 -17.89 17.14
C THR L 15 59.54 -17.72 17.60
N LEU L 16 60.19 -16.69 17.06
CA LEU L 16 61.47 -16.18 17.60
C LEU L 16 61.21 -14.78 18.13
N LYS L 17 62.25 -14.05 18.56
CA LYS L 17 62.03 -12.73 19.19
C LYS L 17 61.16 -11.73 18.39
N ASP L 18 61.52 -11.51 17.13
CA ASP L 18 60.74 -10.65 16.22
C ASP L 18 60.43 -11.35 14.92
N ALA L 19 60.26 -12.67 14.99
CA ALA L 19 59.96 -13.42 13.78
C ALA L 19 59.01 -14.62 14.01
N VAL L 20 58.37 -15.02 12.92
CA VAL L 20 57.62 -16.24 12.88
C VAL L 20 58.16 -16.97 11.69
N ILE L 21 58.40 -18.26 11.84
CA ILE L 21 58.83 -19.11 10.74
C ILE L 21 57.83 -20.27 10.59
N MET L 22 57.33 -20.49 9.38
CA MET L 22 56.36 -21.53 9.15
C MET L 22 56.87 -22.37 8.01
N ALA L 23 56.68 -23.68 8.09
CA ALA L 23 57.08 -24.58 7.01
C ALA L 23 56.22 -25.86 6.94
N THR L 24 56.12 -26.42 5.73
CA THR L 24 55.41 -27.69 5.49
C THR L 24 56.24 -28.50 4.48
N GLU L 25 55.79 -29.73 4.23
CA GLU L 25 56.24 -30.50 3.06
C GLU L 25 55.06 -30.50 2.12
N ARG L 26 55.00 -31.38 1.13
CA ARG L 26 54.14 -31.11 0.00
C ARG L 26 53.43 -32.35 -0.52
N ARG L 27 53.54 -33.48 0.19
CA ARG L 27 52.99 -34.75 -0.27
C ARG L 27 51.50 -34.83 -0.01
N VAL L 28 50.79 -35.29 -1.04
CA VAL L 28 49.36 -35.53 -1.02
C VAL L 28 49.13 -37.03 -1.37
N THR L 29 48.55 -37.76 -0.43
CA THR L 29 48.32 -39.21 -0.57
C THR L 29 46.84 -39.57 -0.54
N MET L 30 46.49 -40.63 -1.25
CA MET L 30 45.23 -41.32 -1.03
C MET L 30 45.61 -42.68 -0.46
N GLU L 31 45.53 -42.77 0.87
CA GLU L 31 46.09 -43.88 1.65
C GLU L 31 47.60 -44.02 1.41
N ASN L 32 48.03 -45.13 0.80
CA ASN L 32 49.46 -45.31 0.50
C ASN L 32 49.83 -44.72 -0.87
N PHE L 33 48.85 -44.25 -1.62
CA PHE L 33 49.01 -43.82 -3.00
C PHE L 33 49.47 -42.34 -3.06
N ILE L 34 50.70 -42.10 -3.48
CA ILE L 34 51.24 -40.73 -3.58
C ILE L 34 50.74 -40.06 -4.88
N MET L 35 49.67 -39.29 -4.79
CA MET L 35 49.00 -38.71 -5.94
C MET L 35 49.75 -37.47 -6.40
N HIS L 36 50.22 -36.68 -5.44
CA HIS L 36 50.90 -35.44 -5.77
C HIS L 36 52.08 -35.30 -4.90
N LYS L 37 53.22 -35.06 -5.54
CA LYS L 37 54.47 -34.96 -4.80
C LYS L 37 54.66 -33.53 -4.33
N ASN L 38 54.07 -32.56 -5.04
CA ASN L 38 54.28 -31.17 -4.69
C ASN L 38 52.97 -30.40 -4.58
N GLY L 39 52.20 -30.61 -3.51
CA GLY L 39 51.01 -29.80 -3.26
C GLY L 39 51.44 -28.61 -2.41
N LYS L 40 50.56 -27.66 -2.20
CA LYS L 40 50.90 -26.46 -1.45
C LYS L 40 50.15 -26.46 -0.13
N LYS L 41 50.84 -26.21 0.97
CA LYS L 41 50.20 -26.42 2.27
C LYS L 41 50.43 -25.22 3.16
N LEU L 42 51.14 -24.21 2.60
CA LEU L 42 51.52 -22.97 3.31
C LEU L 42 51.13 -21.72 2.51
N PHE L 43 50.37 -20.84 3.14
CA PHE L 43 49.76 -19.73 2.43
C PHE L 43 49.91 -18.44 3.16
N GLN L 44 50.14 -17.39 2.39
CA GLN L 44 50.07 -16.06 2.95
C GLN L 44 48.58 -15.72 2.89
N ILE L 45 48.04 -15.26 4.02
CA ILE L 45 46.63 -14.88 4.08
C ILE L 45 46.43 -13.43 4.45
N ASP L 46 47.53 -12.75 4.79
CA ASP L 46 47.51 -11.30 5.06
C ASP L 46 48.97 -10.80 5.02
N THR L 47 49.17 -9.48 5.07
CA THR L 47 50.49 -8.85 4.93
C THR L 47 51.58 -9.53 5.79
N TYR L 48 51.27 -9.76 7.06
CA TYR L 48 52.18 -10.43 8.00
C TYR L 48 51.55 -11.70 8.63
N THR L 49 50.73 -12.42 7.86
CA THR L 49 50.03 -13.57 8.40
C THR L 49 50.17 -14.75 7.45
N GLY L 50 50.57 -15.88 8.02
CA GLY L 50 50.63 -17.13 7.27
C GLY L 50 49.68 -18.18 7.85
N MET L 51 49.25 -19.13 7.01
CA MET L 51 48.48 -20.27 7.47
C MET L 51 49.02 -21.58 6.90
N THR L 52 49.12 -22.63 7.73
CA THR L 52 49.34 -23.99 7.20
C THR L 52 48.10 -24.85 7.33
N ILE L 53 47.97 -25.81 6.42
CA ILE L 53 46.81 -26.73 6.39
C ILE L 53 47.17 -28.25 6.49
N ALA L 54 46.36 -29.00 7.24
CA ALA L 54 46.44 -30.48 7.33
C ALA L 54 45.04 -31.00 7.39
N GLY L 55 44.81 -32.25 7.03
CA GLY L 55 43.46 -32.80 7.06
C GLY L 55 42.89 -32.88 5.67
N LEU L 56 41.58 -32.88 5.55
CA LEU L 56 40.90 -33.08 4.25
C LEU L 56 41.19 -31.88 3.34
N VAL L 57 41.76 -32.14 2.17
CA VAL L 57 42.26 -31.09 1.26
C VAL L 57 41.16 -30.10 0.86
N GLY L 58 39.99 -30.60 0.49
CA GLY L 58 38.89 -29.72 0.04
C GLY L 58 38.46 -28.71 1.12
N ASP L 59 38.38 -29.17 2.38
CA ASP L 59 38.01 -28.27 3.48
C ASP L 59 39.08 -27.23 3.74
N ALA L 60 40.34 -27.65 3.84
CA ALA L 60 41.46 -26.76 4.06
C ALA L 60 41.52 -25.65 2.99
N GLN L 61 41.38 -26.03 1.70
CA GLN L 61 41.48 -25.07 0.58
C GLN L 61 40.34 -24.04 0.61
N VAL L 62 39.13 -24.47 0.99
CA VAL L 62 37.98 -23.58 1.21
C VAL L 62 38.31 -22.55 2.32
N LEU L 63 38.92 -23.03 3.39
CA LEU L 63 39.27 -22.16 4.48
C LEU L 63 40.31 -21.11 4.10
N VAL L 64 41.28 -21.52 3.29
CA VAL L 64 42.29 -20.62 2.81
C VAL L 64 41.69 -19.53 1.93
N ARG L 65 40.86 -19.90 0.95
CA ARG L 65 40.18 -18.90 0.12
C ARG L 65 39.34 -17.96 0.98
N TYR L 66 38.60 -18.52 1.94
N TYR L 66 38.63 -18.52 1.99
CA TYR L 66 37.80 -17.65 2.79
CA TYR L 66 37.77 -17.74 2.89
C TYR L 66 38.75 -16.71 3.53
C TYR L 66 38.59 -16.80 3.77
N MET L 67 39.76 -17.27 4.21
CA MET L 67 40.65 -16.42 5.05
C MET L 67 41.29 -15.27 4.28
N LYS L 68 41.74 -15.55 3.06
CA LYS L 68 42.29 -14.53 2.17
C LYS L 68 41.32 -13.40 1.90
N ALA L 69 40.10 -13.76 1.52
CA ALA L 69 39.03 -12.83 1.25
C ALA L 69 38.65 -12.04 2.47
N GLU L 70 38.34 -12.72 3.57
CA GLU L 70 38.01 -11.99 4.80
C GLU L 70 39.12 -11.07 5.36
N LEU L 71 40.37 -11.51 5.36
CA LEU L 71 41.44 -10.67 5.90
C LEU L 71 41.69 -9.42 5.02
N GLU L 72 41.59 -9.59 3.69
CA GLU L 72 41.70 -8.49 2.72
C GLU L 72 40.59 -7.47 2.96
N LEU L 73 39.37 -7.97 3.10
CA LEU L 73 38.20 -7.14 3.37
C LEU L 73 38.34 -6.42 4.73
N TYR L 74 38.66 -7.17 5.79
CA TYR L 74 38.82 -6.57 7.10
C TYR L 74 39.81 -5.39 7.08
N ARG L 75 40.88 -5.54 6.31
CA ARG L 75 41.98 -4.57 6.23
C ARG L 75 41.56 -3.32 5.44
N LEU L 76 40.73 -3.52 4.43
CA LEU L 76 40.11 -2.42 3.70
C LEU L 76 39.18 -1.64 4.64
N GLN L 77 38.37 -2.36 5.42
CA GLN L 77 37.35 -1.76 6.29
C GLN L 77 37.95 -1.05 7.47
N ARG L 78 38.92 -1.69 8.12
CA ARG L 78 39.49 -1.24 9.39
C ARG L 78 40.75 -0.34 9.23
N ARG L 79 41.45 -0.45 8.11
CA ARG L 79 42.68 0.31 7.82
C ARG L 79 43.87 -0.24 8.56
N VAL L 80 43.67 -1.34 9.28
CA VAL L 80 44.73 -2.09 9.91
C VAL L 80 44.51 -3.62 9.68
N ASN L 81 45.59 -4.40 9.74
CA ASN L 81 45.50 -5.84 9.58
C ASN L 81 44.80 -6.45 10.76
N MET L 82 44.00 -7.48 10.51
CA MET L 82 43.39 -8.20 11.63
C MET L 82 44.53 -8.68 12.59
N PRO L 83 44.48 -8.33 13.88
CA PRO L 83 45.41 -8.92 14.85
C PRO L 83 45.44 -10.45 14.73
N ILE L 84 46.61 -11.06 14.98
CA ILE L 84 46.75 -12.52 14.88
C ILE L 84 45.77 -13.28 15.76
N GLU L 85 45.64 -12.87 17.02
CA GLU L 85 44.66 -13.46 17.89
C GLU L 85 43.22 -13.36 17.31
N ALA L 86 42.92 -12.24 16.66
CA ALA L 86 41.62 -12.05 16.04
C ALA L 86 41.39 -13.04 14.88
N VAL L 87 42.44 -13.33 14.09
CA VAL L 87 42.36 -14.34 13.01
C VAL L 87 42.00 -15.75 13.57
N ALA L 88 42.62 -16.11 14.69
CA ALA L 88 42.43 -17.37 15.38
C ALA L 88 41.03 -17.48 15.98
N THR L 89 40.55 -16.37 16.56
CA THR L 89 39.19 -16.30 17.09
C THR L 89 38.14 -16.40 15.97
N LEU L 90 38.39 -15.75 14.84
CA LEU L 90 37.46 -15.83 13.71
C LEU L 90 37.34 -17.29 13.26
N LEU L 91 38.47 -17.93 12.96
CA LEU L 91 38.49 -19.34 12.55
C LEU L 91 37.87 -20.27 13.58
N SER L 92 38.09 -19.95 14.85
CA SER L 92 37.62 -20.75 15.95
C SER L 92 36.08 -20.67 16.05
N ASN L 93 35.50 -19.49 15.87
CA ASN L 93 34.05 -19.38 15.70
C ASN L 93 33.48 -20.10 14.46
N MET L 94 34.12 -19.91 13.31
CA MET L 94 33.70 -20.57 12.07
C MET L 94 33.63 -22.10 12.16
N LEU L 95 34.63 -22.72 12.81
CA LEU L 95 34.77 -24.17 12.85
C LEU L 95 33.87 -24.77 13.91
N ASN L 96 33.76 -24.07 15.03
CA ASN L 96 32.88 -24.52 16.14
C ASN L 96 31.40 -24.48 15.77
N GLN L 97 31.05 -23.47 14.98
CA GLN L 97 29.69 -23.32 14.47
C GLN L 97 29.23 -24.56 13.70
N VAL L 98 30.15 -25.26 13.05
CA VAL L 98 29.79 -26.43 12.24
C VAL L 98 30.36 -27.72 12.81
N LYS L 99 30.54 -27.76 14.12
CA LYS L 99 31.36 -28.81 14.73
C LYS L 99 30.82 -30.25 14.54
N TYR L 100 29.52 -30.37 14.23
CA TYR L 100 28.86 -31.67 14.03
C TYR L 100 28.86 -32.02 12.51
N MET L 101 29.08 -31.02 11.66
CA MET L 101 29.41 -31.24 10.24
C MET L 101 30.74 -30.54 9.82
N PRO L 102 31.84 -30.94 10.45
CA PRO L 102 33.00 -30.07 10.55
C PRO L 102 33.91 -29.91 9.32
N TYR L 103 34.75 -28.86 9.35
CA TYR L 103 35.93 -28.84 8.52
C TYR L 103 36.93 -29.79 9.16
N MET L 104 37.35 -30.79 8.38
CA MET L 104 38.24 -31.87 8.84
C MET L 104 39.72 -31.50 8.64
N VAL L 105 40.12 -30.51 9.43
CA VAL L 105 41.39 -29.83 9.29
C VAL L 105 42.07 -29.57 10.64
N GLN L 106 43.39 -29.43 10.63
CA GLN L 106 44.15 -28.81 11.70
C GLN L 106 44.82 -27.63 11.02
N LEU L 107 44.76 -26.47 11.67
CA LEU L 107 45.32 -25.28 11.08
C LEU L 107 46.37 -24.66 11.99
N LEU L 108 47.38 -24.05 11.37
CA LEU L 108 48.31 -23.19 12.12
C LEU L 108 48.15 -21.79 11.55
N VAL L 109 48.01 -20.80 12.44
CA VAL L 109 47.99 -19.40 12.05
C VAL L 109 49.20 -18.71 12.70
N GLY L 110 50.07 -18.16 11.87
CA GLY L 110 51.17 -17.36 12.40
C GLY L 110 51.29 -15.98 11.78
N GLY L 111 51.83 -15.06 12.57
CA GLY L 111 52.10 -13.73 12.09
C GLY L 111 52.63 -12.78 13.11
N ILE L 112 52.78 -11.53 12.65
CA ILE L 112 53.27 -10.41 13.44
C ILE L 112 52.20 -9.35 13.58
N ASP L 113 51.82 -8.98 14.80
CA ASP L 113 51.17 -7.66 15.02
C ASP L 113 52.07 -6.72 15.86
N THR L 114 51.87 -6.57 17.17
CA THR L 114 52.90 -5.96 17.98
C THR L 114 53.91 -7.00 18.49
N ALA L 115 53.64 -8.29 18.21
CA ALA L 115 54.51 -9.36 18.69
C ALA L 115 54.33 -10.54 17.73
N PRO L 116 55.24 -11.48 17.75
CA PRO L 116 55.08 -12.72 16.96
C PRO L 116 54.07 -13.68 17.62
N HIS L 117 53.30 -14.41 16.82
CA HIS L 117 52.30 -15.35 17.35
C HIS L 117 52.16 -16.58 16.51
N VAL L 118 51.99 -17.72 17.19
CA VAL L 118 51.54 -18.95 16.53
C VAL L 118 50.33 -19.52 17.25
N PHE L 119 49.27 -19.77 16.49
CA PHE L 119 48.04 -20.38 17.04
C PHE L 119 47.78 -21.71 16.38
N SER L 120 47.37 -22.66 17.19
CA SER L 120 46.97 -23.98 16.69
C SER L 120 45.45 -24.10 16.80
N ILE L 121 44.78 -24.52 15.75
CA ILE L 121 43.29 -24.53 15.71
C ILE L 121 42.80 -25.87 15.19
N ASP L 122 41.91 -26.52 15.95
CA ASP L 122 41.40 -27.86 15.63
C ASP L 122 40.03 -27.81 14.98
N ALA L 123 39.50 -28.99 14.62
CA ALA L 123 38.26 -29.13 13.82
C ALA L 123 37.00 -28.68 14.57
N ALA L 124 37.09 -28.58 15.89
CA ALA L 124 36.01 -28.02 16.71
C ALA L 124 36.22 -26.52 17.06
N GLY L 125 37.23 -25.90 16.46
CA GLY L 125 37.51 -24.48 16.69
C GLY L 125 38.19 -24.22 18.02
N GLY L 126 38.78 -25.23 18.68
CA GLY L 126 39.68 -24.95 19.77
C GLY L 126 40.98 -24.33 19.26
N SER L 127 41.44 -23.32 19.98
CA SER L 127 42.54 -22.45 19.52
C SER L 127 43.40 -22.11 20.71
N VAL L 128 44.68 -22.43 20.59
CA VAL L 128 45.59 -22.26 21.69
C VAL L 128 46.86 -21.64 21.11
N GLU L 129 47.32 -20.56 21.73
CA GLU L 129 48.59 -19.91 21.33
C GLU L 129 49.76 -20.68 21.88
N ASP L 130 50.86 -20.72 21.15
CA ASP L 130 52.04 -21.47 21.59
C ASP L 130 53.35 -20.88 21.07
N ILE L 131 54.44 -21.25 21.70
CA ILE L 131 55.77 -20.73 21.34
C ILE L 131 56.18 -21.41 20.04
N TYR L 132 55.77 -22.67 19.89
CA TYR L 132 55.84 -23.41 18.61
C TYR L 132 54.74 -24.53 18.54
N ALA L 133 54.49 -25.03 17.32
CA ALA L 133 53.43 -25.98 17.08
C ALA L 133 53.61 -26.69 15.74
N SER L 134 52.98 -27.85 15.63
CA SER L 134 53.15 -28.71 14.45
C SER L 134 51.88 -29.51 14.23
N THR L 135 51.56 -29.79 12.98
CA THR L 135 50.35 -30.51 12.64
C THR L 135 50.60 -31.54 11.55
N GLY L 136 49.61 -32.42 11.37
CA GLY L 136 49.67 -33.49 10.39
C GLY L 136 50.23 -34.75 11.04
N SER L 137 50.21 -35.83 10.27
CA SER L 137 50.76 -37.15 10.62
C SER L 137 52.22 -37.06 11.04
N GLY L 138 52.98 -36.14 10.42
CA GLY L 138 54.42 -36.02 10.73
C GLY L 138 54.77 -35.26 12.02
N SER L 139 53.76 -34.65 12.67
CA SER L 139 54.02 -33.73 13.79
C SER L 139 54.70 -34.32 15.02
N PRO L 140 54.36 -35.53 15.46
CA PRO L 140 55.09 -36.11 16.62
C PRO L 140 56.59 -36.11 16.40
N PHE L 141 57.06 -36.41 15.20
CA PHE L 141 58.51 -36.41 14.91
C PHE L 141 59.13 -35.01 15.00
N VAL L 142 58.44 -34.03 14.39
CA VAL L 142 58.72 -32.63 14.58
C VAL L 142 58.80 -32.21 16.07
N TYR L 143 57.80 -32.54 16.88
CA TYR L 143 57.87 -32.22 18.32
C TYR L 143 59.06 -32.81 19.06
N GLY L 144 59.48 -34.01 18.64
CA GLY L 144 60.73 -34.60 19.08
C GLY L 144 61.89 -33.65 18.83
N VAL L 145 62.13 -33.30 17.56
CA VAL L 145 63.23 -32.42 17.22
C VAL L 145 63.16 -31.08 18.00
N LEU L 146 62.01 -30.42 17.99
CA LEU L 146 61.88 -29.12 18.62
C LEU L 146 62.11 -29.19 20.11
N GLU L 147 61.57 -30.22 20.75
CA GLU L 147 61.77 -30.37 22.19
C GLU L 147 63.25 -30.36 22.54
N SER L 148 64.04 -31.02 21.70
CA SER L 148 65.45 -31.25 21.95
C SER L 148 66.31 -30.06 21.54
N GLN L 149 65.90 -29.37 20.47
CA GLN L 149 66.76 -28.40 19.80
C GLN L 149 66.25 -26.96 19.71
N TYR L 150 65.01 -26.71 20.08
CA TYR L 150 64.50 -25.36 20.00
C TYR L 150 65.06 -24.54 21.15
N SER L 151 65.32 -23.26 20.87
CA SER L 151 65.63 -22.23 21.87
C SER L 151 64.98 -20.88 21.46
N GLU L 152 64.42 -20.17 22.44
CA GLU L 152 63.84 -18.83 22.19
C GLU L 152 64.89 -17.78 21.74
N LYS L 153 66.18 -18.05 22.01
CA LYS L 153 67.27 -17.15 21.61
C LYS L 153 67.78 -17.40 20.22
N MET L 154 67.22 -18.37 19.50
CA MET L 154 67.69 -18.60 18.16
C MET L 154 67.53 -17.37 17.24
N THR L 155 68.44 -17.26 16.28
CA THR L 155 68.33 -16.31 15.20
C THR L 155 67.39 -16.89 14.10
N VAL L 156 66.99 -16.04 13.17
CA VAL L 156 66.18 -16.48 12.05
C VAL L 156 66.87 -17.57 11.23
N ASP L 157 68.16 -17.43 10.99
CA ASP L 157 68.89 -18.43 10.20
C ASP L 157 68.92 -19.76 10.94
N GLU L 158 69.10 -19.70 12.24
CA GLU L 158 69.07 -20.90 13.08
C GLU L 158 67.65 -21.56 13.12
N GLY L 159 66.62 -20.73 13.30
CA GLY L 159 65.24 -21.13 13.23
C GLY L 159 64.89 -21.77 11.90
N VAL L 160 65.34 -21.18 10.79
CA VAL L 160 65.09 -21.77 9.50
C VAL L 160 65.75 -23.15 9.43
N ASP L 161 66.95 -23.29 10.00
CA ASP L 161 67.66 -24.57 9.93
C ASP L 161 66.94 -25.61 10.75
N LEU L 162 66.41 -25.18 11.91
CA LEU L 162 65.69 -26.05 12.82
C LEU L 162 64.41 -26.67 12.14
N VAL L 163 63.55 -25.84 11.55
CA VAL L 163 62.32 -26.36 10.95
C VAL L 163 62.65 -27.27 9.78
N ILE L 164 63.71 -26.96 9.02
CA ILE L 164 64.14 -27.83 7.93
C ILE L 164 64.56 -29.20 8.49
N ARG L 165 65.29 -29.20 9.59
CA ARG L 165 65.70 -30.41 10.26
C ARG L 165 64.50 -31.24 10.77
N ALA L 166 63.57 -30.54 11.44
CA ALA L 166 62.36 -31.12 12.02
C ALA L 166 61.53 -31.77 10.93
N ILE L 167 61.32 -31.09 9.81
CA ILE L 167 60.52 -31.67 8.73
C ILE L 167 61.28 -32.77 8.01
N SER L 168 62.60 -32.65 7.92
CA SER L 168 63.41 -33.69 7.32
C SER L 168 63.32 -34.99 8.15
N ALA L 169 63.39 -34.87 9.48
CA ALA L 169 63.17 -36.03 10.36
C ALA L 169 61.76 -36.62 10.13
N ALA L 170 60.73 -35.77 10.05
CA ALA L 170 59.36 -36.24 9.80
C ALA L 170 59.17 -36.93 8.44
N LYS L 171 59.81 -36.42 7.41
CA LYS L 171 59.78 -37.09 6.14
C LYS L 171 60.48 -38.44 6.20
N GLN L 172 61.50 -38.60 7.05
CA GLN L 172 62.17 -39.89 7.10
C GLN L 172 61.33 -40.99 7.74
N ARG L 173 60.39 -40.59 8.63
CA ARG L 173 59.62 -41.53 9.44
C ARG L 173 58.08 -41.58 9.15
N ASP L 174 57.59 -40.66 8.33
CA ASP L 174 56.16 -40.56 8.12
C ASP L 174 55.96 -40.69 6.62
N SER L 175 55.45 -41.83 6.18
CA SER L 175 55.34 -42.07 4.74
C SER L 175 54.23 -41.20 4.14
N ALA L 176 53.43 -40.53 4.99
CA ALA L 176 52.45 -39.56 4.48
C ALA L 176 53.04 -38.13 4.37
N SER L 177 54.35 -38.00 4.62
CA SER L 177 55.02 -36.72 4.48
C SER L 177 56.12 -36.91 3.46
N GLY L 178 56.38 -35.89 2.63
CA GLY L 178 57.45 -35.97 1.65
C GLY L 178 57.49 -34.73 0.78
N GLY L 179 58.41 -34.73 -0.18
CA GLY L 179 58.54 -33.66 -1.16
C GLY L 179 59.36 -32.53 -0.61
N MET L 180 59.38 -31.44 -1.36
CA MET L 180 60.22 -30.30 -1.05
C MET L 180 59.65 -29.57 0.18
N ILE L 181 60.52 -28.99 1.00
CA ILE L 181 60.14 -28.25 2.16
C ILE L 181 59.93 -26.78 1.75
N ASP L 182 58.74 -26.23 2.07
CA ASP L 182 58.39 -24.83 1.85
C ASP L 182 58.66 -24.11 3.13
N VAL L 183 59.40 -23.01 3.11
CA VAL L 183 59.52 -22.22 4.33
C VAL L 183 59.18 -20.78 4.03
N ALA L 184 58.53 -20.13 5.02
CA ALA L 184 58.26 -18.69 5.01
C ALA L 184 58.68 -18.08 6.36
N VAL L 185 59.24 -16.86 6.29
CA VAL L 185 59.67 -16.09 7.46
C VAL L 185 58.83 -14.84 7.45
N ILE L 186 58.30 -14.48 8.61
CA ILE L 186 57.51 -13.27 8.66
C ILE L 186 58.11 -12.31 9.67
N THR L 187 58.48 -11.12 9.20
CA THR L 187 58.95 -10.01 10.09
C THR L 187 58.18 -8.75 9.79
N ARG L 188 58.26 -7.78 10.69
CA ARG L 188 57.73 -6.42 10.40
C ARG L 188 58.60 -5.70 9.34
N LYS L 189 59.91 -5.75 9.52
CA LYS L 189 60.83 -5.21 8.51
C LYS L 189 60.47 -5.69 7.08
N ASP L 190 60.47 -6.98 6.81
CA ASP L 190 60.27 -7.47 5.43
C ASP L 190 58.90 -8.10 5.12
N GLY L 191 57.97 -8.03 6.07
CA GLY L 191 56.69 -8.73 5.94
C GLY L 191 56.82 -10.24 5.82
N TYR L 192 55.87 -10.85 5.09
CA TYR L 192 55.84 -12.29 4.80
C TYR L 192 56.75 -12.66 3.61
N VAL L 193 57.82 -13.41 3.88
CA VAL L 193 58.69 -13.81 2.78
C VAL L 193 58.81 -15.31 2.61
N GLN L 194 58.35 -15.81 1.47
CA GLN L 194 58.64 -17.19 1.11
C GLN L 194 60.10 -17.35 0.64
N LEU L 195 60.90 -18.11 1.41
CA LEU L 195 62.27 -18.41 1.01
C LEU L 195 62.32 -19.14 -0.33
N PRO L 196 63.23 -18.74 -1.22
CA PRO L 196 63.32 -19.41 -2.52
C PRO L 196 63.82 -20.83 -2.32
N THR L 197 63.38 -21.74 -3.19
CA THR L 197 63.69 -23.13 -3.02
C THR L 197 65.19 -23.45 -3.10
N ASP L 198 65.95 -22.64 -3.86
CA ASP L 198 67.40 -22.83 -3.92
C ASP L 198 68.13 -22.47 -2.64
N GLN L 199 67.63 -21.48 -1.89
CA GLN L 199 68.13 -21.27 -0.54
C GLN L 199 67.79 -22.43 0.44
N ILE L 200 66.61 -23.04 0.30
CA ILE L 200 66.25 -24.21 1.13
C ILE L 200 67.13 -25.41 0.75
N GLU L 201 67.29 -25.65 -0.55
CA GLU L 201 68.17 -26.71 -1.05
C GLU L 201 69.61 -26.58 -0.58
N SER L 202 70.13 -25.37 -0.64
CA SER L 202 71.46 -25.08 -0.11
C SER L 202 71.59 -25.39 1.39
N ARG L 203 70.59 -25.01 2.18
CA ARG L 203 70.64 -25.31 3.62
C ARG L 203 70.56 -26.81 3.94
N ILE L 204 69.82 -27.56 3.11
CA ILE L 204 69.71 -29.00 3.23
C ILE L 204 71.10 -29.66 3.07
N ARG L 205 71.84 -29.27 2.01
CA ARG L 205 73.20 -29.78 1.75
C ARG L 205 74.10 -29.39 2.90
N LYS L 206 74.10 -28.12 3.27
CA LYS L 206 74.92 -27.63 4.37
C LYS L 206 74.69 -28.41 5.70
N LEU L 207 73.53 -29.03 5.86
CA LEU L 207 73.20 -29.66 7.14
C LEU L 207 73.40 -31.17 7.06
N GLY L 208 73.58 -31.67 5.83
CA GLY L 208 73.81 -33.08 5.57
C GLY L 208 72.58 -33.98 5.45
N LEU L 209 71.50 -33.48 4.84
CA LEU L 209 70.17 -34.12 4.83
C LEU L 209 69.80 -34.78 3.46
N ILE L 210 68.65 -35.48 3.34
CA ILE L 210 68.23 -36.13 2.04
C ILE L 210 66.74 -36.01 1.53
N LEU L 211 66.20 -37.12 0.97
CA LEU L 211 64.95 -37.20 0.10
C LEU L 211 65.02 -36.37 -1.21
N THR M 9 37.88 -47.81 -14.97
CA THR M 9 38.10 -46.56 -15.78
C THR M 9 39.56 -46.21 -15.70
N THR M 10 40.09 -45.67 -16.79
CA THR M 10 41.39 -45.00 -16.78
C THR M 10 41.36 -43.68 -17.53
N THR M 11 41.80 -42.62 -16.86
CA THR M 11 42.01 -41.34 -17.53
C THR M 11 43.38 -40.77 -17.15
N VAL M 12 43.92 -39.97 -18.08
CA VAL M 12 45.20 -39.28 -17.85
C VAL M 12 45.18 -37.88 -18.45
N GLY M 13 45.90 -36.98 -17.80
CA GLY M 13 46.16 -35.66 -18.28
C GLY M 13 47.66 -35.38 -18.08
N ILE M 14 48.34 -34.94 -19.15
CA ILE M 14 49.76 -34.52 -19.04
C ILE M 14 49.97 -33.14 -19.62
N THR M 15 50.84 -32.36 -18.98
CA THR M 15 51.28 -31.08 -19.53
C THR M 15 52.62 -31.29 -20.23
N LEU M 16 52.78 -30.59 -21.35
CA LEU M 16 54.06 -30.46 -22.07
C LEU M 16 54.30 -28.97 -22.15
N LYS M 17 55.36 -28.54 -22.86
CA LYS M 17 55.79 -27.11 -22.83
C LYS M 17 54.71 -26.07 -23.21
N ASP M 18 53.96 -26.30 -24.28
CA ASP M 18 52.77 -25.45 -24.53
C ASP M 18 51.52 -26.26 -24.96
N ALA M 19 51.31 -27.38 -24.32
CA ALA M 19 50.27 -28.27 -24.74
C ALA M 19 49.78 -29.06 -23.51
N VAL M 20 48.53 -29.50 -23.58
CA VAL M 20 47.98 -30.44 -22.64
C VAL M 20 47.51 -31.61 -23.45
N ILE M 21 47.80 -32.86 -22.99
CA ILE M 21 47.20 -34.06 -23.59
C ILE M 21 46.34 -34.81 -22.54
N MET M 22 45.14 -35.18 -22.95
CA MET M 22 44.15 -35.76 -22.10
C MET M 22 43.68 -36.98 -22.81
N ALA M 23 43.38 -38.04 -22.03
CA ALA M 23 42.95 -39.29 -22.62
C ALA M 23 42.25 -40.21 -21.62
N THR M 24 41.34 -41.02 -22.14
CA THR M 24 40.60 -42.01 -21.35
C THR M 24 40.44 -43.28 -22.18
N GLU M 25 40.02 -44.35 -21.52
CA GLU M 25 39.34 -45.46 -22.22
C GLU M 25 37.79 -45.28 -22.10
N ARG M 26 37.04 -46.35 -22.34
CA ARG M 26 35.60 -46.19 -22.61
C ARG M 26 34.66 -47.25 -22.02
N ARG M 27 35.22 -48.12 -21.16
CA ARG M 27 34.46 -49.22 -20.63
C ARG M 27 33.55 -48.78 -19.48
N VAL M 28 32.28 -49.18 -19.60
CA VAL M 28 31.30 -48.94 -18.57
C VAL M 28 30.82 -50.29 -17.99
N THR M 29 31.09 -50.51 -16.70
CA THR M 29 30.67 -51.74 -16.06
C THR M 29 29.68 -51.54 -14.93
N MET M 30 28.85 -52.57 -14.73
CA MET M 30 28.16 -52.84 -13.47
C MET M 30 28.84 -54.09 -12.91
N GLU M 31 29.74 -53.88 -11.95
CA GLU M 31 30.66 -54.89 -11.47
C GLU M 31 31.50 -55.58 -12.54
N ASN M 32 31.25 -56.85 -12.82
CA ASN M 32 31.99 -57.59 -13.87
C ASN M 32 31.30 -57.40 -15.21
N PHE M 33 30.08 -56.89 -15.17
CA PHE M 33 29.19 -56.86 -16.34
C PHE M 33 29.52 -55.66 -17.22
N ILE M 34 30.00 -55.93 -18.43
CA ILE M 34 30.37 -54.85 -19.35
C ILE M 34 29.13 -54.45 -20.10
N MET M 35 28.46 -53.43 -19.57
CA MET M 35 27.26 -52.89 -20.18
C MET M 35 27.55 -52.15 -21.50
N HIS M 36 28.58 -51.31 -21.52
CA HIS M 36 28.89 -50.53 -22.69
C HIS M 36 30.39 -50.52 -22.95
N LYS M 37 30.76 -50.81 -24.18
CA LYS M 37 32.17 -50.87 -24.50
C LYS M 37 32.72 -49.50 -24.91
N ASN M 38 31.85 -48.60 -25.35
CA ASN M 38 32.33 -47.31 -25.83
C ASN M 38 31.60 -46.11 -25.19
N GLY M 39 31.65 -46.00 -23.85
CA GLY M 39 31.13 -44.80 -23.19
C GLY M 39 32.08 -43.61 -23.43
N LYS M 40 31.72 -42.42 -23.01
CA LYS M 40 32.56 -41.28 -23.34
C LYS M 40 32.97 -40.63 -22.04
N LYS M 41 34.27 -40.45 -21.84
CA LYS M 41 34.78 -40.04 -20.54
C LYS M 41 35.65 -38.79 -20.59
N LEU M 42 35.71 -38.20 -21.78
CA LEU M 42 36.56 -37.07 -22.09
C LEU M 42 35.71 -36.02 -22.81
N PHE M 43 35.75 -34.78 -22.35
CA PHE M 43 34.81 -33.78 -22.86
C PHE M 43 35.52 -32.48 -23.02
N GLN M 44 35.18 -31.77 -24.08
CA GLN M 44 35.49 -30.36 -24.14
C GLN M 44 34.48 -29.60 -23.29
N ILE M 45 34.97 -28.76 -22.40
CA ILE M 45 34.11 -27.89 -21.61
C ILE M 45 34.34 -26.36 -21.87
N ASP M 46 35.39 -26.02 -22.61
CA ASP M 46 35.66 -24.63 -23.04
C ASP M 46 36.60 -24.68 -24.25
N THR M 47 36.95 -23.52 -24.82
CA THR M 47 37.81 -23.41 -26.01
C THR M 47 39.16 -24.12 -25.88
N TYR M 48 39.83 -23.90 -24.76
CA TYR M 48 41.12 -24.49 -24.47
C TYR M 48 41.05 -25.32 -23.18
N THR M 49 39.87 -25.88 -22.85
CA THR M 49 39.64 -26.63 -21.60
C THR M 49 39.01 -27.99 -21.82
N GLY M 50 39.57 -29.00 -21.19
CA GLY M 50 39.02 -30.35 -21.26
C GLY M 50 38.82 -30.88 -19.87
N MET M 51 37.94 -31.89 -19.77
CA MET M 51 37.64 -32.55 -18.50
C MET M 51 37.50 -34.07 -18.70
N THR M 52 38.12 -34.86 -17.84
CA THR M 52 37.78 -36.26 -17.77
C THR M 52 36.97 -36.62 -16.54
N ILE M 53 36.22 -37.72 -16.66
CA ILE M 53 35.39 -38.23 -15.58
C ILE M 53 35.66 -39.70 -15.16
N ALA M 54 35.62 -39.96 -13.86
CA ALA M 54 35.66 -41.32 -13.29
C ALA M 54 34.65 -41.35 -12.14
N GLY M 55 34.05 -42.49 -11.83
CA GLY M 55 33.08 -42.57 -10.77
C GLY M 55 31.64 -42.71 -11.23
N LEU M 56 30.72 -42.17 -10.45
CA LEU M 56 29.31 -42.46 -10.75
C LEU M 56 28.93 -41.67 -12.00
N VAL M 57 28.53 -42.39 -13.03
CA VAL M 57 28.26 -41.82 -14.37
C VAL M 57 27.20 -40.73 -14.35
N GLY M 58 26.09 -40.93 -13.63
CA GLY M 58 25.08 -39.87 -13.57
C GLY M 58 25.60 -38.58 -12.94
N ASP M 59 26.43 -38.68 -11.90
CA ASP M 59 27.00 -37.52 -11.27
C ASP M 59 27.94 -36.79 -12.19
N ALA M 60 28.80 -37.54 -12.84
CA ALA M 60 29.79 -36.98 -13.74
C ALA M 60 29.14 -36.27 -14.91
N GLN M 61 28.04 -36.83 -15.42
CA GLN M 61 27.40 -36.33 -16.65
C GLN M 61 26.70 -35.00 -16.30
N VAL M 62 26.06 -34.93 -15.15
CA VAL M 62 25.55 -33.67 -14.61
C VAL M 62 26.66 -32.61 -14.50
N LEU M 63 27.81 -32.97 -13.96
CA LEU M 63 28.92 -32.01 -13.85
C LEU M 63 29.42 -31.46 -15.16
N VAL M 64 29.59 -32.35 -16.14
CA VAL M 64 29.99 -31.99 -17.49
C VAL M 64 28.98 -30.99 -18.05
N ARG M 65 27.68 -31.27 -17.93
CA ARG M 65 26.67 -30.35 -18.47
C ARG M 65 26.79 -28.97 -17.82
N TYR M 66 26.89 -28.96 -16.49
N TYR M 66 26.95 -28.98 -16.49
CA TYR M 66 26.99 -27.71 -15.78
CA TYR M 66 27.07 -27.78 -15.64
C TYR M 66 28.23 -26.95 -16.29
C TYR M 66 28.29 -26.95 -15.97
N MET M 67 29.39 -27.62 -16.33
CA MET M 67 30.65 -26.93 -16.66
C MET M 67 30.59 -26.34 -18.03
N LYS M 68 30.08 -27.10 -19.00
CA LYS M 68 29.83 -26.55 -20.33
C LYS M 68 29.05 -25.24 -20.30
N ALA M 69 27.90 -25.25 -19.63
CA ALA M 69 27.04 -24.10 -19.46
C ALA M 69 27.72 -22.96 -18.74
N GLU M 70 28.26 -23.24 -17.55
CA GLU M 70 28.87 -22.14 -16.79
C GLU M 70 30.08 -21.48 -17.48
N LEU M 71 30.91 -22.27 -18.19
CA LEU M 71 32.14 -21.77 -18.85
C LEU M 71 31.81 -20.99 -20.11
N GLU M 72 30.76 -21.41 -20.80
CA GLU M 72 30.16 -20.64 -21.88
C GLU M 72 29.53 -19.31 -21.36
N LEU M 73 28.76 -19.37 -20.28
CA LEU M 73 28.24 -18.16 -19.66
C LEU M 73 29.39 -17.21 -19.30
N TYR M 74 30.34 -17.69 -18.50
CA TYR M 74 31.44 -16.87 -18.03
C TYR M 74 32.17 -16.12 -19.15
N ARG M 75 32.44 -16.79 -20.27
CA ARG M 75 33.16 -16.14 -21.34
C ARG M 75 32.33 -15.17 -22.21
N LEU M 76 31.01 -15.34 -22.27
CA LEU M 76 30.15 -14.29 -22.84
C LEU M 76 30.11 -13.06 -21.91
N GLN M 77 29.98 -13.32 -20.62
CA GLN M 77 30.06 -12.26 -19.60
C GLN M 77 31.39 -11.58 -19.51
N ARG M 78 32.49 -12.33 -19.58
CA ARG M 78 33.83 -11.74 -19.29
C ARG M 78 34.60 -11.33 -20.55
N ARG M 79 34.16 -11.84 -21.72
CA ARG M 79 34.88 -11.67 -23.01
C ARG M 79 36.28 -12.31 -22.99
N VAL M 80 36.59 -13.05 -21.93
CA VAL M 80 37.70 -13.99 -21.90
C VAL M 80 37.27 -15.37 -21.36
N ASN M 81 38.08 -16.38 -21.65
CA ASN M 81 37.89 -17.72 -21.12
C ASN M 81 38.20 -17.75 -19.65
N MET M 82 37.49 -18.57 -18.91
CA MET M 82 37.80 -18.76 -17.49
C MET M 82 39.23 -19.36 -17.40
N PRO M 83 40.11 -18.70 -16.66
CA PRO M 83 41.46 -19.25 -16.45
C PRO M 83 41.34 -20.69 -15.91
N ILE M 84 42.30 -21.57 -16.23
CA ILE M 84 42.16 -22.99 -15.81
C ILE M 84 42.11 -23.16 -14.29
N GLU M 85 42.91 -22.39 -13.56
CA GLU M 85 42.86 -22.50 -12.12
C GLU M 85 41.47 -22.11 -11.60
N ALA M 86 40.80 -21.23 -12.33
CA ALA M 86 39.45 -20.75 -11.93
C ALA M 86 38.39 -21.82 -12.17
N VAL M 87 38.57 -22.64 -13.20
CA VAL M 87 37.67 -23.75 -13.49
C VAL M 87 37.74 -24.79 -12.35
N ALA M 88 38.98 -25.06 -11.93
CA ALA M 88 39.30 -25.99 -10.83
C ALA M 88 38.80 -25.46 -9.45
N THR M 89 38.95 -24.16 -9.21
CA THR M 89 38.43 -23.48 -8.01
C THR M 89 36.89 -23.52 -7.95
N LEU M 90 36.24 -23.24 -9.08
CA LEU M 90 34.79 -23.36 -9.19
C LEU M 90 34.27 -24.77 -8.86
N LEU M 91 34.86 -25.78 -9.48
CA LEU M 91 34.50 -27.17 -9.21
C LEU M 91 34.79 -27.51 -7.77
N SER M 92 35.97 -27.13 -7.34
CA SER M 92 36.36 -27.23 -5.97
C SER M 92 35.27 -26.70 -5.02
N ASN M 93 34.78 -25.47 -5.22
CA ASN M 93 33.68 -24.96 -4.38
C ASN M 93 32.37 -25.77 -4.44
N MET M 94 31.96 -26.16 -5.64
CA MET M 94 30.76 -26.93 -5.87
C MET M 94 30.72 -28.29 -5.16
N LEU M 95 31.85 -29.02 -5.20
CA LEU M 95 31.92 -30.37 -4.70
C LEU M 95 32.04 -30.37 -3.18
N ASN M 96 32.79 -29.38 -2.65
CA ASN M 96 33.00 -29.23 -1.23
C ASN M 96 31.71 -28.83 -0.55
N GLN M 97 30.93 -27.98 -1.20
CA GLN M 97 29.65 -27.54 -0.66
C GLN M 97 28.69 -28.70 -0.34
N VAL M 98 28.71 -29.74 -1.17
CA VAL M 98 27.84 -30.86 -0.95
C VAL M 98 28.61 -32.10 -0.53
N LYS M 99 29.66 -31.93 0.27
CA LYS M 99 30.59 -33.03 0.51
C LYS M 99 30.00 -34.21 1.32
N TYR M 100 28.93 -33.96 2.08
CA TYR M 100 28.32 -34.96 2.96
C TYR M 100 27.20 -35.67 2.18
N MET M 101 26.80 -35.10 1.04
CA MET M 101 26.10 -35.85 -0.02
C MET M 101 26.76 -35.65 -1.40
N PRO M 102 27.91 -36.26 -1.61
CA PRO M 102 28.82 -35.83 -2.67
C PRO M 102 28.47 -36.24 -4.14
N TYR M 103 29.02 -35.50 -5.11
CA TYR M 103 29.17 -36.04 -6.48
C TYR M 103 30.27 -37.06 -6.29
N MET M 104 29.98 -38.30 -6.66
N MET M 104 29.99 -38.30 -6.67
CA MET M 104 30.88 -39.43 -6.45
CA MET M 104 30.89 -39.42 -6.43
C MET M 104 31.81 -39.58 -7.66
C MET M 104 31.84 -39.62 -7.60
N VAL M 105 32.76 -38.66 -7.74
CA VAL M 105 33.58 -38.51 -8.93
C VAL M 105 35.02 -38.18 -8.59
N GLN M 106 35.93 -38.53 -9.50
CA GLN M 106 37.26 -37.92 -9.56
C GLN M 106 37.34 -37.22 -10.88
N LEU M 107 37.78 -35.97 -10.87
CA LEU M 107 37.88 -35.25 -12.14
C LEU M 107 39.30 -34.85 -12.53
N LEU M 108 39.54 -34.77 -13.82
CA LEU M 108 40.72 -34.01 -14.32
C LEU M 108 40.24 -32.84 -15.15
N VAL M 109 40.81 -31.69 -14.84
CA VAL M 109 40.65 -30.47 -15.63
C VAL M 109 41.99 -30.13 -16.26
N GLY M 110 42.00 -30.06 -17.58
CA GLY M 110 43.19 -29.66 -18.31
C GLY M 110 42.92 -28.56 -19.31
N GLY M 111 43.93 -27.72 -19.49
CA GLY M 111 43.82 -26.69 -20.50
C GLY M 111 44.94 -25.68 -20.46
N ILE M 112 44.77 -24.65 -21.27
CA ILE M 112 45.84 -23.68 -21.38
C ILE M 112 45.30 -22.24 -21.38
N ASP M 113 45.87 -21.41 -20.54
CA ASP M 113 45.58 -19.98 -20.54
C ASP M 113 46.91 -19.28 -20.91
N THR M 114 47.65 -18.69 -19.96
CA THR M 114 49.04 -18.29 -20.23
C THR M 114 50.05 -19.45 -20.13
N ALA M 115 49.60 -20.61 -19.62
CA ALA M 115 50.45 -21.76 -19.43
C ALA M 115 49.55 -23.00 -19.51
N PRO M 116 50.12 -24.17 -19.80
CA PRO M 116 49.37 -25.43 -19.72
C PRO M 116 49.02 -25.81 -18.26
N HIS M 117 47.87 -26.44 -18.03
CA HIS M 117 47.57 -26.90 -16.65
C HIS M 117 46.80 -28.19 -16.64
N VAL M 118 47.14 -29.05 -15.66
CA VAL M 118 46.34 -30.24 -15.30
C VAL M 118 46.03 -30.18 -13.81
N PHE M 119 44.74 -30.19 -13.50
CA PHE M 119 44.28 -30.20 -12.11
C PHE M 119 43.55 -31.53 -11.85
N SER M 120 43.82 -32.07 -10.68
CA SER M 120 43.15 -33.26 -10.17
C SER M 120 42.16 -32.89 -9.04
N ILE M 121 40.86 -33.16 -9.22
CA ILE M 121 39.77 -32.83 -8.26
C ILE M 121 39.01 -34.04 -7.69
N ASP M 122 38.91 -34.12 -6.35
CA ASP M 122 38.28 -35.25 -5.64
C ASP M 122 36.88 -34.90 -5.18
N ALA M 123 36.14 -35.93 -4.72
CA ALA M 123 34.72 -35.82 -4.31
C ALA M 123 34.46 -34.83 -3.16
N ALA M 124 35.50 -34.40 -2.44
CA ALA M 124 35.33 -33.36 -1.42
C ALA M 124 35.79 -31.96 -1.88
N GLY M 125 36.11 -31.78 -3.19
CA GLY M 125 36.60 -30.49 -3.66
C GLY M 125 38.09 -30.20 -3.49
N GLY M 126 38.88 -31.18 -3.07
CA GLY M 126 40.34 -31.07 -3.11
C GLY M 126 40.83 -30.97 -4.54
N SER M 127 41.63 -29.97 -4.84
CA SER M 127 42.13 -29.70 -6.19
C SER M 127 43.60 -29.40 -6.06
N VAL M 128 44.39 -30.15 -6.80
CA VAL M 128 45.83 -30.01 -6.79
C VAL M 128 46.30 -30.01 -8.23
N GLU M 129 47.14 -29.02 -8.57
CA GLU M 129 47.80 -28.94 -9.87
C GLU M 129 49.00 -29.87 -9.94
N ASP M 130 49.22 -30.45 -11.11
CA ASP M 130 50.34 -31.34 -11.27
C ASP M 130 50.87 -31.28 -12.73
N ILE M 131 52.10 -31.77 -12.91
CA ILE M 131 52.69 -31.96 -14.23
C ILE M 131 51.86 -32.94 -15.02
N TYR M 132 51.43 -34.03 -14.37
CA TYR M 132 50.55 -35.06 -14.96
C TYR M 132 49.74 -35.73 -13.82
N ALA M 133 48.67 -36.44 -14.18
CA ALA M 133 47.76 -37.02 -13.19
C ALA M 133 46.93 -38.05 -13.87
N SER M 134 46.41 -38.98 -13.11
CA SER M 134 45.61 -40.04 -13.69
C SER M 134 44.55 -40.39 -12.67
N THR M 135 43.39 -40.80 -13.15
CA THR M 135 42.30 -41.21 -12.28
C THR M 135 41.67 -42.51 -12.74
N GLY M 136 40.77 -43.03 -11.90
CA GLY M 136 40.06 -44.29 -12.11
C GLY M 136 40.86 -45.48 -11.60
N SER M 137 40.22 -46.64 -11.68
CA SER M 137 40.79 -47.89 -11.22
C SER M 137 42.09 -48.25 -11.98
N GLY M 138 42.25 -47.80 -13.22
CA GLY M 138 43.45 -48.15 -14.00
C GLY M 138 44.64 -47.25 -13.72
N SER M 139 44.42 -46.21 -12.90
CA SER M 139 45.40 -45.17 -12.77
C SER M 139 46.76 -45.56 -12.18
N PRO M 140 46.86 -46.51 -11.23
CA PRO M 140 48.21 -46.90 -10.77
C PRO M 140 49.07 -47.51 -11.87
N PHE M 141 48.44 -48.21 -12.81
CA PHE M 141 49.17 -48.75 -13.96
C PHE M 141 49.74 -47.61 -14.82
N VAL M 142 48.93 -46.56 -15.05
CA VAL M 142 49.36 -45.33 -15.71
C VAL M 142 50.50 -44.65 -14.99
N TYR M 143 50.40 -44.49 -13.68
CA TYR M 143 51.44 -43.80 -12.96
C TYR M 143 52.79 -44.58 -13.03
N GLY M 144 52.73 -45.90 -13.22
CA GLY M 144 53.92 -46.74 -13.42
C GLY M 144 54.60 -46.32 -14.71
N VAL M 145 53.88 -46.42 -15.84
CA VAL M 145 54.34 -45.95 -17.16
C VAL M 145 54.85 -44.49 -17.12
N LEU M 146 54.09 -43.56 -16.52
CA LEU M 146 54.53 -42.16 -16.49
C LEU M 146 55.80 -41.91 -15.68
N GLU M 147 55.94 -42.51 -14.49
CA GLU M 147 57.14 -42.37 -13.66
C GLU M 147 58.35 -42.77 -14.46
N SER M 148 58.17 -43.77 -15.29
CA SER M 148 59.26 -44.40 -15.99
C SER M 148 59.62 -43.69 -17.28
N GLN M 149 58.58 -43.25 -18.00
CA GLN M 149 58.73 -42.80 -19.39
C GLN M 149 58.45 -41.30 -19.65
N TYR M 150 57.78 -40.61 -18.73
CA TYR M 150 57.45 -39.19 -18.95
C TYR M 150 58.69 -38.34 -18.90
N SER M 151 58.76 -37.38 -19.82
CA SER M 151 59.76 -36.33 -19.85
C SER M 151 59.08 -35.00 -20.18
N GLU M 152 59.40 -33.94 -19.41
CA GLU M 152 58.89 -32.58 -19.63
C GLU M 152 59.23 -32.01 -21.03
N LYS M 153 60.22 -32.65 -21.67
CA LYS M 153 60.81 -32.22 -22.95
C LYS M 153 60.18 -32.93 -24.12
N MET M 154 59.23 -33.82 -23.86
CA MET M 154 58.55 -34.50 -24.95
C MET M 154 57.86 -33.54 -25.90
N THR M 155 57.81 -33.93 -27.17
CA THR M 155 56.96 -33.26 -28.12
C THR M 155 55.46 -33.72 -27.96
N VAL M 156 54.53 -32.99 -28.55
CA VAL M 156 53.17 -33.46 -28.65
C VAL M 156 53.06 -34.88 -29.21
N ASP M 157 53.75 -35.17 -30.31
CA ASP M 157 53.70 -36.54 -30.86
C ASP M 157 54.11 -37.61 -29.86
N GLU M 158 55.17 -37.34 -29.12
CA GLU M 158 55.67 -38.26 -28.12
C GLU M 158 54.71 -38.38 -26.90
N GLY M 159 54.10 -37.27 -26.51
CA GLY M 159 53.14 -37.27 -25.41
C GLY M 159 51.90 -38.07 -25.78
N VAL M 160 51.42 -37.89 -27.00
CA VAL M 160 50.33 -38.69 -27.52
C VAL M 160 50.68 -40.14 -27.44
N ASP M 161 51.89 -40.50 -27.85
CA ASP M 161 52.31 -41.91 -27.81
C ASP M 161 52.41 -42.42 -26.37
N LEU M 162 52.94 -41.58 -25.48
CA LEU M 162 53.07 -41.92 -24.08
C LEU M 162 51.69 -42.27 -23.50
N VAL M 163 50.68 -41.40 -23.70
CA VAL M 163 49.38 -41.62 -23.08
C VAL M 163 48.76 -42.89 -23.61
N ILE M 164 48.98 -43.22 -24.88
CA ILE M 164 48.46 -44.45 -25.43
C ILE M 164 49.10 -45.70 -24.80
N ARG M 165 50.45 -45.71 -24.70
CA ARG M 165 51.17 -46.78 -23.96
C ARG M 165 50.67 -46.92 -22.49
N ALA M 166 50.47 -45.80 -21.80
CA ALA M 166 49.99 -45.78 -20.39
C ALA M 166 48.57 -46.38 -20.27
N ILE M 167 47.68 -45.95 -21.15
CA ILE M 167 46.34 -46.47 -21.11
C ILE M 167 46.25 -47.90 -21.59
N SER M 168 47.07 -48.28 -22.58
CA SER M 168 47.10 -49.66 -23.03
C SER M 168 47.57 -50.58 -21.92
N ALA M 169 48.57 -50.16 -21.16
CA ALA M 169 49.02 -50.92 -20.00
C ALA M 169 47.91 -51.09 -18.93
N ALA M 170 47.19 -50.00 -18.61
CA ALA M 170 46.06 -50.07 -17.69
C ALA M 170 44.97 -51.04 -18.17
N LYS M 171 44.60 -50.96 -19.45
CA LYS M 171 43.69 -51.95 -20.04
C LYS M 171 44.18 -53.40 -19.91
N GLN M 172 45.49 -53.64 -19.87
CA GLN M 172 45.93 -55.02 -19.81
C GLN M 172 45.80 -55.59 -18.41
N ARG M 173 45.72 -54.72 -17.42
CA ARG M 173 45.83 -55.13 -16.02
C ARG M 173 44.62 -54.72 -15.15
N ASP M 174 43.70 -53.94 -15.73
CA ASP M 174 42.55 -53.43 -15.01
C ASP M 174 41.34 -53.87 -15.81
N SER M 175 40.69 -54.91 -15.33
CA SER M 175 39.51 -55.39 -15.99
C SER M 175 38.37 -54.38 -16.06
N ALA M 176 38.34 -53.34 -15.20
CA ALA M 176 37.33 -52.24 -15.35
C ALA M 176 37.73 -51.15 -16.34
N SER M 177 38.76 -51.42 -17.15
CA SER M 177 39.25 -50.46 -18.12
C SER M 177 39.31 -51.20 -19.44
N GLY M 178 38.85 -50.57 -20.51
CA GLY M 178 38.77 -51.24 -21.77
C GLY M 178 38.18 -50.35 -22.85
N GLY M 179 38.10 -50.91 -24.05
CA GLY M 179 37.64 -50.17 -25.22
C GLY M 179 38.69 -49.28 -25.91
N MET M 180 38.20 -48.54 -26.92
CA MET M 180 39.04 -47.66 -27.71
C MET M 180 39.55 -46.50 -26.84
N ILE M 181 40.82 -46.15 -27.05
CA ILE M 181 41.43 -45.02 -26.41
C ILE M 181 41.08 -43.74 -27.17
N ASP M 182 40.72 -42.75 -26.36
CA ASP M 182 40.20 -41.46 -26.72
C ASP M 182 41.25 -40.44 -26.31
N VAL M 183 41.64 -39.52 -27.20
CA VAL M 183 42.71 -38.57 -26.92
C VAL M 183 42.34 -37.21 -27.46
N ALA M 184 42.62 -36.20 -26.66
CA ALA M 184 42.50 -34.85 -27.09
C ALA M 184 43.82 -34.09 -26.77
N VAL M 185 44.19 -33.20 -27.69
CA VAL M 185 45.37 -32.36 -27.53
C VAL M 185 44.85 -30.96 -27.44
N ILE M 186 45.41 -30.18 -26.53
CA ILE M 186 44.94 -28.83 -26.37
C ILE M 186 46.12 -27.89 -26.59
N THR M 187 45.99 -26.98 -27.56
CA THR M 187 47.03 -25.98 -27.88
C THR M 187 46.46 -24.58 -28.01
N ARG M 188 47.33 -23.57 -27.94
CA ARG M 188 46.88 -22.19 -28.19
C ARG M 188 46.51 -22.00 -29.65
N LYS M 189 47.28 -22.57 -30.57
CA LYS M 189 46.99 -22.57 -32.01
C LYS M 189 45.58 -23.10 -32.36
N ASP M 190 45.31 -24.36 -32.02
CA ASP M 190 44.06 -25.04 -32.37
C ASP M 190 43.01 -25.17 -31.25
N GLY M 191 43.34 -24.76 -30.04
CA GLY M 191 42.44 -25.02 -28.91
C GLY M 191 42.38 -26.51 -28.61
N TYR M 192 41.23 -26.95 -28.08
CA TYR M 192 41.00 -28.35 -27.74
C TYR M 192 40.63 -29.10 -28.98
N VAL M 193 41.43 -30.12 -29.31
CA VAL M 193 41.16 -30.96 -30.46
C VAL M 193 41.09 -32.46 -30.09
N GLN M 194 39.95 -33.07 -30.39
CA GLN M 194 39.81 -34.52 -30.28
C GLN M 194 40.45 -35.24 -31.46
N LEU M 195 41.39 -36.14 -31.20
CA LEU M 195 42.07 -36.82 -32.29
C LEU M 195 41.16 -37.85 -32.90
N PRO M 196 41.22 -38.00 -34.23
CA PRO M 196 40.45 -39.05 -34.94
C PRO M 196 40.84 -40.45 -34.52
N THR M 197 39.86 -41.35 -34.38
CA THR M 197 40.09 -42.76 -34.09
C THR M 197 41.19 -43.40 -34.94
N ASP M 198 41.09 -43.19 -36.24
CA ASP M 198 41.97 -43.89 -37.19
C ASP M 198 43.41 -43.47 -36.97
N GLN M 199 43.64 -42.24 -36.51
CA GLN M 199 44.98 -41.80 -36.11
C GLN M 199 45.50 -42.49 -34.81
N ILE M 200 44.66 -42.54 -33.78
CA ILE M 200 44.91 -43.34 -32.57
C ILE M 200 45.19 -44.80 -32.93
N GLU M 201 44.33 -45.38 -33.78
CA GLU M 201 44.49 -46.78 -34.21
C GLU M 201 45.81 -47.04 -34.94
N SER M 202 46.19 -46.06 -35.76
CA SER M 202 47.47 -46.12 -36.45
C SER M 202 48.67 -46.06 -35.50
N ARG M 203 48.61 -45.21 -34.47
CA ARG M 203 49.70 -45.15 -33.50
C ARG M 203 49.81 -46.43 -32.69
N ILE M 204 48.68 -47.07 -32.43
CA ILE M 204 48.58 -48.35 -31.72
C ILE M 204 49.31 -49.47 -32.45
N ARG M 205 49.13 -49.59 -33.78
CA ARG M 205 49.90 -50.57 -34.59
C ARG M 205 51.35 -50.21 -34.67
N LYS M 206 51.65 -48.94 -34.93
CA LYS M 206 53.05 -48.50 -35.08
C LYS M 206 53.81 -48.44 -33.75
N LEU M 207 53.11 -48.61 -32.63
CA LEU M 207 53.78 -48.77 -31.33
C LEU M 207 53.89 -50.26 -30.94
N GLY M 208 53.04 -51.09 -31.55
CA GLY M 208 53.01 -52.53 -31.31
C GLY M 208 52.04 -53.04 -30.24
N LEU M 209 50.83 -52.48 -30.15
CA LEU M 209 49.89 -52.73 -29.03
C LEU M 209 48.55 -53.47 -29.41
N ILE M 210 47.51 -53.42 -28.55
CA ILE M 210 46.18 -54.09 -28.85
C ILE M 210 44.86 -53.25 -28.65
N LEU M 211 43.70 -53.82 -29.06
CA LEU M 211 42.31 -53.21 -28.99
C LEU M 211 42.14 -51.88 -29.78
N THR N 9 12.88 -59.35 -15.70
CA THR N 9 12.44 -58.58 -16.87
C THR N 9 13.53 -58.71 -17.92
N THR N 10 13.14 -58.69 -19.18
CA THR N 10 14.08 -58.56 -20.27
C THR N 10 13.55 -57.51 -21.22
N THR N 11 14.35 -56.49 -21.51
CA THR N 11 14.03 -55.60 -22.62
C THR N 11 15.27 -55.45 -23.45
N VAL N 12 15.07 -55.09 -24.71
CA VAL N 12 16.21 -54.89 -25.59
C VAL N 12 15.85 -53.81 -26.60
N GLY N 13 16.86 -53.08 -27.05
CA GLY N 13 16.72 -52.16 -28.14
C GLY N 13 17.95 -52.27 -29.01
N ILE N 14 17.76 -52.29 -30.33
CA ILE N 14 18.89 -52.29 -31.27
C ILE N 14 18.76 -51.22 -32.35
N THR N 15 19.83 -50.60 -32.77
CA THR N 15 19.70 -49.77 -33.95
C THR N 15 20.07 -50.57 -35.22
N LEU N 16 19.41 -50.25 -36.35
CA LEU N 16 19.88 -50.69 -37.71
C LEU N 16 20.04 -49.43 -38.53
N LYS N 17 20.21 -49.53 -39.87
CA LYS N 17 20.65 -48.34 -40.66
C LYS N 17 19.72 -47.12 -40.52
N ASP N 18 18.42 -47.36 -40.69
CA ASP N 18 17.39 -46.35 -40.52
C ASP N 18 16.23 -46.92 -39.68
N ALA N 19 16.54 -47.62 -38.59
CA ALA N 19 15.51 -48.29 -37.80
C ALA N 19 15.95 -48.52 -36.34
N VAL N 20 14.97 -48.60 -35.45
CA VAL N 20 15.22 -48.98 -34.06
C VAL N 20 14.20 -50.07 -33.81
N ILE N 21 14.64 -51.18 -33.25
CA ILE N 21 13.74 -52.23 -32.83
C ILE N 21 13.87 -52.36 -31.32
N MET N 22 12.72 -52.38 -30.64
CA MET N 22 12.68 -52.45 -29.18
C MET N 22 11.75 -53.57 -28.86
N ALA N 23 12.10 -54.34 -27.83
CA ALA N 23 11.30 -55.49 -27.46
C ALA N 23 11.43 -55.82 -25.98
N THR N 24 10.38 -56.42 -25.41
CA THR N 24 10.32 -56.87 -24.00
C THR N 24 9.53 -58.18 -23.84
N GLU N 25 9.61 -58.78 -22.65
CA GLU N 25 8.63 -59.77 -22.30
C GLU N 25 7.65 -59.09 -21.29
N ARG N 26 6.83 -59.85 -20.54
CA ARG N 26 5.65 -59.28 -19.87
C ARG N 26 5.45 -59.74 -18.44
N ARG N 27 6.41 -60.51 -17.89
CA ARG N 27 6.20 -61.09 -16.57
C ARG N 27 6.41 -60.04 -15.46
N VAL N 28 5.48 -60.01 -14.50
CA VAL N 28 5.60 -59.12 -13.36
C VAL N 28 5.56 -60.02 -12.12
N THR N 29 6.64 -60.01 -11.35
CA THR N 29 6.73 -60.85 -10.15
C THR N 29 6.78 -60.03 -8.87
N MET N 30 6.45 -60.68 -7.76
CA MET N 30 6.77 -60.27 -6.39
C MET N 30 7.65 -61.38 -5.81
N GLU N 31 8.96 -61.16 -5.83
CA GLU N 31 9.91 -62.23 -5.60
C GLU N 31 9.65 -63.36 -6.60
N ASN N 32 9.34 -64.57 -6.14
CA ASN N 32 9.08 -65.70 -7.07
C ASN N 32 7.61 -65.77 -7.50
N PHE N 33 6.77 -64.98 -6.86
CA PHE N 33 5.32 -64.99 -7.09
C PHE N 33 4.96 -64.25 -8.39
N ILE N 34 4.59 -65.02 -9.44
CA ILE N 34 4.16 -64.47 -10.70
C ILE N 34 2.75 -63.88 -10.59
N MET N 35 2.71 -62.58 -10.36
CA MET N 35 1.48 -61.84 -10.23
C MET N 35 0.73 -61.67 -11.53
N HIS N 36 1.43 -61.21 -12.55
CA HIS N 36 0.81 -60.95 -13.83
C HIS N 36 1.66 -61.57 -14.92
N LYS N 37 1.02 -62.37 -15.76
CA LYS N 37 1.72 -63.02 -16.85
C LYS N 37 1.93 -62.03 -18.00
N ASN N 38 1.15 -60.97 -18.01
CA ASN N 38 1.11 -60.09 -19.18
C ASN N 38 1.10 -58.59 -18.92
N GLY N 39 2.07 -58.10 -18.15
CA GLY N 39 2.29 -56.64 -17.99
C GLY N 39 2.87 -55.96 -19.22
N LYS N 40 2.83 -54.65 -19.26
CA LYS N 40 3.30 -53.94 -20.46
C LYS N 40 4.60 -53.21 -20.06
N LYS N 41 5.65 -53.33 -20.88
CA LYS N 41 6.94 -52.81 -20.50
C LYS N 41 7.57 -52.00 -21.63
N LEU N 42 6.80 -51.84 -22.70
CA LEU N 42 7.21 -51.10 -23.89
C LEU N 42 6.12 -50.07 -24.27
N PHE N 43 6.53 -48.82 -24.39
CA PHE N 43 5.61 -47.71 -24.60
C PHE N 43 6.15 -46.84 -25.69
N GLN N 44 5.23 -46.31 -26.49
CA GLN N 44 5.55 -45.17 -27.33
C GLN N 44 5.42 -43.93 -26.46
N ILE N 45 6.39 -43.03 -26.53
CA ILE N 45 6.35 -41.83 -25.72
C ILE N 45 6.39 -40.57 -26.60
N ASP N 46 6.57 -40.76 -27.91
CA ASP N 46 6.55 -39.67 -28.86
C ASP N 46 6.38 -40.28 -30.25
N THR N 47 6.20 -39.45 -31.26
CA THR N 47 5.95 -39.91 -32.65
C THR N 47 6.96 -40.98 -33.08
N TYR N 48 8.25 -40.73 -32.85
CA TYR N 48 9.34 -41.65 -33.25
C TYR N 48 10.17 -42.09 -32.04
N THR N 49 9.54 -42.29 -30.89
CA THR N 49 10.32 -42.61 -29.70
C THR N 49 9.63 -43.64 -28.88
N GLY N 50 10.34 -44.69 -28.51
CA GLY N 50 9.81 -45.67 -27.55
C GLY N 50 10.64 -45.74 -26.26
N MET N 51 10.07 -46.34 -25.22
CA MET N 51 10.77 -46.48 -23.97
C MET N 51 10.49 -47.85 -23.41
N THR N 52 11.52 -48.55 -22.93
CA THR N 52 11.23 -49.76 -22.18
C THR N 52 11.57 -49.52 -20.72
N ILE N 53 10.88 -50.25 -19.85
CA ILE N 53 11.04 -50.12 -18.42
C ILE N 53 11.42 -51.47 -17.71
N ALA N 54 12.28 -51.35 -16.71
CA ALA N 54 12.66 -52.45 -15.82
C ALA N 54 12.85 -51.89 -14.44
N GLY N 55 12.66 -52.72 -13.42
CA GLY N 55 12.84 -52.30 -12.05
C GLY N 55 11.52 -52.11 -11.35
N LEU N 56 11.42 -51.18 -10.41
CA LEU N 56 10.21 -51.11 -9.57
C LEU N 56 9.01 -50.56 -10.38
N VAL N 57 7.89 -51.28 -10.35
CA VAL N 57 6.80 -51.04 -11.31
C VAL N 57 6.19 -49.66 -11.13
N GLY N 58 5.86 -49.27 -9.90
CA GLY N 58 5.23 -47.96 -9.70
C GLY N 58 6.07 -46.78 -10.13
N ASP N 59 7.38 -46.86 -9.89
CA ASP N 59 8.37 -45.91 -10.37
C ASP N 59 8.39 -45.83 -11.91
N ALA N 60 8.49 -46.97 -12.57
CA ALA N 60 8.56 -46.98 -14.03
C ALA N 60 7.31 -46.39 -14.65
N GLN N 61 6.15 -46.76 -14.11
CA GLN N 61 4.82 -46.27 -14.54
C GLN N 61 4.66 -44.74 -14.41
N VAL N 62 5.08 -44.22 -13.28
CA VAL N 62 5.12 -42.78 -13.06
C VAL N 62 6.02 -42.13 -14.10
N LEU N 63 7.20 -42.70 -14.35
CA LEU N 63 8.08 -42.14 -15.39
C LEU N 63 7.51 -42.19 -16.79
N VAL N 64 6.85 -43.28 -17.15
CA VAL N 64 6.20 -43.34 -18.49
C VAL N 64 5.10 -42.27 -18.65
N ARG N 65 4.30 -42.04 -17.61
CA ARG N 65 3.28 -40.97 -17.64
C ARG N 65 3.92 -39.58 -17.77
N TYR N 66 4.97 -39.32 -16.99
N TYR N 66 4.99 -39.34 -17.01
CA TYR N 66 5.66 -38.04 -17.10
CA TYR N 66 5.74 -38.08 -17.06
C TYR N 66 6.19 -37.83 -18.53
C TYR N 66 6.31 -37.81 -18.45
N MET N 67 6.90 -38.83 -19.07
CA MET N 67 7.52 -38.68 -20.38
C MET N 67 6.51 -38.51 -21.50
N LYS N 68 5.40 -39.24 -21.44
CA LYS N 68 4.36 -39.04 -22.44
C LYS N 68 3.93 -37.60 -22.42
N ALA N 69 3.78 -37.05 -21.23
CA ALA N 69 3.23 -35.74 -21.02
C ALA N 69 4.24 -34.65 -21.40
N GLU N 70 5.48 -34.81 -20.96
CA GLU N 70 6.46 -33.80 -21.26
C GLU N 70 6.81 -33.76 -22.75
N LEU N 71 6.87 -34.91 -23.43
CA LEU N 71 7.29 -34.94 -24.84
C LEU N 71 6.21 -34.37 -25.73
N GLU N 72 4.93 -34.66 -25.40
CA GLU N 72 3.76 -33.99 -25.98
C GLU N 72 3.81 -32.48 -25.71
N LEU N 73 3.96 -32.07 -24.47
CA LEU N 73 4.10 -30.64 -24.19
C LEU N 73 5.20 -30.05 -25.06
N TYR N 74 6.39 -30.64 -25.02
CA TYR N 74 7.55 -30.15 -25.73
C TYR N 74 7.35 -29.98 -27.23
N ARG N 75 6.72 -30.97 -27.85
CA ARG N 75 6.40 -30.99 -29.26
C ARG N 75 5.44 -29.85 -29.66
N LEU N 76 4.45 -29.56 -28.82
CA LEU N 76 3.53 -28.46 -29.03
C LEU N 76 4.27 -27.12 -28.91
N GLN N 77 5.14 -26.98 -27.90
CA GLN N 77 5.89 -25.75 -27.65
C GLN N 77 6.95 -25.46 -28.72
N ARG N 78 7.69 -26.49 -29.14
CA ARG N 78 8.84 -26.35 -30.06
C ARG N 78 8.43 -26.58 -31.51
N ARG N 79 7.33 -27.31 -31.72
CA ARG N 79 6.80 -27.67 -33.04
C ARG N 79 7.73 -28.58 -33.82
N VAL N 80 8.62 -29.23 -33.09
CA VAL N 80 9.38 -30.38 -33.54
C VAL N 80 9.44 -31.35 -32.34
N ASN N 81 9.71 -32.61 -32.63
CA ASN N 81 9.89 -33.61 -31.59
C ASN N 81 11.16 -33.38 -30.84
N MET N 82 11.12 -33.69 -29.56
CA MET N 82 12.34 -33.73 -28.76
C MET N 82 13.34 -34.73 -29.39
N PRO N 83 14.58 -34.30 -29.66
CA PRO N 83 15.59 -35.22 -30.17
C PRO N 83 15.87 -36.31 -29.15
N ILE N 84 16.20 -37.50 -29.64
CA ILE N 84 16.32 -38.69 -28.75
C ILE N 84 17.38 -38.43 -27.65
N GLU N 85 18.44 -37.73 -28.02
CA GLU N 85 19.46 -37.42 -27.05
C GLU N 85 18.96 -36.46 -25.97
N ALA N 86 17.97 -35.62 -26.35
CA ALA N 86 17.41 -34.62 -25.44
C ALA N 86 16.50 -35.34 -24.47
N VAL N 87 15.79 -36.35 -24.97
CA VAL N 87 14.96 -37.23 -24.16
C VAL N 87 15.81 -37.96 -23.07
N ALA N 88 16.94 -38.52 -23.47
CA ALA N 88 17.86 -39.19 -22.55
C ALA N 88 18.46 -38.22 -21.53
N THR N 89 18.80 -37.01 -22.00
CA THR N 89 19.30 -35.94 -21.13
C THR N 89 18.29 -35.45 -20.07
N LEU N 90 17.04 -35.29 -20.48
CA LEU N 90 15.93 -34.95 -19.60
C LEU N 90 15.77 -36.01 -18.50
N LEU N 91 15.68 -37.28 -18.90
CA LEU N 91 15.63 -38.36 -17.95
C LEU N 91 16.85 -38.40 -17.04
N SER N 92 18.06 -38.22 -17.61
CA SER N 92 19.28 -38.14 -16.78
C SER N 92 19.12 -37.13 -15.65
N ASN N 93 18.75 -35.89 -16.01
CA ASN N 93 18.58 -34.82 -15.02
C ASN N 93 17.57 -35.18 -13.97
N MET N 94 16.41 -35.73 -14.41
CA MET N 94 15.38 -36.16 -13.50
C MET N 94 15.82 -37.22 -12.46
N LEU N 95 16.55 -38.24 -12.90
CA LEU N 95 16.84 -39.36 -12.05
C LEU N 95 18.01 -39.00 -11.12
N ASN N 96 18.97 -38.27 -11.68
CA ASN N 96 20.07 -37.78 -10.87
C ASN N 96 19.62 -36.81 -9.75
N GLN N 97 18.63 -35.96 -10.00
CA GLN N 97 18.17 -34.99 -9.01
C GLN N 97 17.59 -35.65 -7.77
N VAL N 98 17.15 -36.90 -7.90
CA VAL N 98 16.63 -37.64 -6.76
C VAL N 98 17.47 -38.89 -6.48
N LYS N 99 18.75 -38.85 -6.83
CA LYS N 99 19.56 -40.06 -6.75
C LYS N 99 19.57 -40.77 -5.36
N TYR N 100 19.43 -39.99 -4.29
CA TYR N 100 19.47 -40.50 -2.91
C TYR N 100 18.09 -41.00 -2.46
N MET N 101 17.05 -40.64 -3.23
CA MET N 101 15.69 -41.21 -3.07
C MET N 101 15.17 -41.68 -4.46
N PRO N 102 15.86 -42.65 -5.07
CA PRO N 102 15.79 -42.81 -6.54
C PRO N 102 14.52 -43.46 -7.09
N TYR N 103 14.20 -43.20 -8.35
CA TYR N 103 13.41 -44.13 -9.17
C TYR N 103 14.26 -45.39 -9.33
N MET N 104 13.74 -46.53 -8.88
N MET N 104 13.77 -46.52 -8.84
CA MET N 104 14.47 -47.78 -8.93
CA MET N 104 14.53 -47.77 -8.90
C MET N 104 14.26 -48.47 -10.26
C MET N 104 14.29 -48.48 -10.24
N VAL N 105 14.81 -47.87 -11.32
CA VAL N 105 14.59 -48.31 -12.71
C VAL N 105 15.83 -48.39 -13.56
N GLN N 106 15.77 -49.18 -14.63
CA GLN N 106 16.68 -49.09 -15.79
C GLN N 106 15.80 -48.75 -16.96
N LEU N 107 16.21 -47.77 -17.73
CA LEU N 107 15.43 -47.37 -18.88
C LEU N 107 16.19 -47.55 -20.19
N LEU N 108 15.47 -47.93 -21.21
CA LEU N 108 15.97 -47.77 -22.58
C LEU N 108 15.13 -46.72 -23.28
N VAL N 109 15.79 -45.79 -23.96
CA VAL N 109 15.10 -44.81 -24.81
C VAL N 109 15.56 -45.05 -26.27
N GLY N 110 14.61 -45.25 -27.17
CA GLY N 110 14.95 -45.54 -28.58
C GLY N 110 14.12 -44.68 -29.51
N GLY N 111 14.73 -44.23 -30.59
CA GLY N 111 13.94 -43.57 -31.59
C GLY N 111 14.72 -43.07 -32.77
N ILE N 112 14.01 -42.37 -33.67
CA ILE N 112 14.62 -41.73 -34.86
C ILE N 112 14.50 -40.21 -34.79
N ASP N 113 15.62 -39.48 -34.84
CA ASP N 113 15.57 -38.04 -35.18
C ASP N 113 16.21 -37.83 -36.59
N THR N 114 17.48 -37.45 -36.68
CA THR N 114 18.15 -37.55 -37.98
C THR N 114 18.92 -38.84 -38.15
N ALA N 115 18.82 -39.74 -37.17
CA ALA N 115 19.45 -41.05 -37.22
C ALA N 115 18.83 -41.91 -36.12
N PRO N 116 19.01 -43.22 -36.17
CA PRO N 116 18.51 -44.09 -35.11
C PRO N 116 19.40 -43.99 -33.84
N HIS N 117 18.80 -44.12 -32.66
CA HIS N 117 19.55 -43.96 -31.38
C HIS N 117 18.91 -44.84 -30.35
N VAL N 118 19.73 -45.54 -29.58
CA VAL N 118 19.28 -46.27 -28.40
C VAL N 118 20.13 -45.79 -27.21
N PHE N 119 19.46 -45.34 -26.15
CA PHE N 119 20.10 -44.86 -24.95
C PHE N 119 19.72 -45.76 -23.78
N SER N 120 20.69 -46.03 -22.91
CA SER N 120 20.43 -46.80 -21.71
C SER N 120 20.65 -45.88 -20.49
N ILE N 121 19.63 -45.69 -19.64
CA ILE N 121 19.65 -44.78 -18.46
C ILE N 121 19.46 -45.57 -17.14
N ASP N 122 20.29 -45.26 -16.12
CA ASP N 122 20.30 -45.95 -14.85
C ASP N 122 19.65 -45.10 -13.75
N ALA N 123 19.59 -45.63 -12.52
CA ALA N 123 18.79 -45.05 -11.44
C ALA N 123 19.44 -43.80 -10.89
N ALA N 124 20.72 -43.58 -11.22
CA ALA N 124 21.39 -42.32 -10.85
C ALA N 124 21.47 -41.31 -12.00
N GLY N 125 20.82 -41.61 -13.12
CA GLY N 125 20.77 -40.66 -14.23
C GLY N 125 21.95 -40.81 -15.19
N GLY N 126 22.74 -41.85 -15.03
CA GLY N 126 23.73 -42.22 -16.05
C GLY N 126 23.12 -42.63 -17.36
N SER N 127 23.50 -41.95 -18.44
CA SER N 127 22.94 -42.23 -19.77
C SER N 127 24.07 -42.50 -20.77
N VAL N 128 23.98 -43.65 -21.45
CA VAL N 128 24.99 -44.01 -22.43
C VAL N 128 24.30 -44.45 -23.70
N GLU N 129 24.72 -43.89 -24.83
CA GLU N 129 24.22 -44.28 -26.15
C GLU N 129 24.92 -45.57 -26.59
N ASP N 130 24.21 -46.46 -27.26
CA ASP N 130 24.86 -47.64 -27.81
C ASP N 130 24.16 -48.11 -29.10
N ILE N 131 24.80 -49.04 -29.82
CA ILE N 131 24.23 -49.62 -31.03
C ILE N 131 23.13 -50.59 -30.61
N TYR N 132 23.36 -51.32 -29.52
CA TYR N 132 22.32 -52.11 -28.87
C TYR N 132 22.47 -52.11 -27.32
N ALA N 133 21.37 -52.42 -26.63
CA ALA N 133 21.40 -52.44 -25.21
C ALA N 133 20.30 -53.32 -24.67
N SER N 134 20.48 -53.85 -23.47
CA SER N 134 19.46 -54.69 -22.85
C SER N 134 19.38 -54.38 -21.33
N THR N 135 18.17 -54.47 -20.76
CA THR N 135 18.00 -54.29 -19.34
C THR N 135 17.20 -55.41 -18.67
N GLY N 136 17.12 -55.33 -17.36
CA GLY N 136 16.43 -56.28 -16.54
C GLY N 136 17.31 -57.46 -16.21
N SER N 137 16.77 -58.34 -15.37
CA SER N 137 17.41 -59.57 -14.96
C SER N 137 17.80 -60.51 -16.11
N GLY N 138 17.06 -60.49 -17.22
CA GLY N 138 17.35 -61.40 -18.34
C GLY N 138 18.40 -60.84 -19.31
N SER N 139 18.83 -59.59 -19.10
CA SER N 139 19.78 -58.92 -20.03
C SER N 139 21.11 -59.62 -20.30
N PRO N 140 21.73 -60.27 -19.32
CA PRO N 140 22.97 -61.00 -19.63
C PRO N 140 22.75 -62.07 -20.73
N PHE N 141 21.61 -62.73 -20.71
CA PHE N 141 21.30 -63.74 -21.75
C PHE N 141 21.18 -63.14 -23.15
N VAL N 142 20.52 -61.98 -23.24
CA VAL N 142 20.35 -61.21 -24.46
C VAL N 142 21.72 -60.76 -24.96
N TYR N 143 22.56 -60.25 -24.04
CA TYR N 143 23.91 -59.85 -24.45
C TYR N 143 24.72 -60.99 -25.08
N GLY N 144 24.51 -62.22 -24.62
CA GLY N 144 25.11 -63.42 -25.18
C GLY N 144 24.67 -63.61 -26.63
N VAL N 145 23.35 -63.67 -26.87
CA VAL N 145 22.78 -63.78 -28.21
C VAL N 145 23.28 -62.64 -29.11
N LEU N 146 23.13 -61.41 -28.66
CA LEU N 146 23.55 -60.23 -29.45
C LEU N 146 25.02 -60.25 -29.83
N GLU N 147 25.91 -60.56 -28.88
CA GLU N 147 27.35 -60.60 -29.19
C GLU N 147 27.63 -61.57 -30.32
N SER N 148 26.93 -62.68 -30.26
CA SER N 148 27.15 -63.80 -31.15
C SER N 148 26.53 -63.53 -32.54
N GLN N 149 25.37 -62.86 -32.59
CA GLN N 149 24.53 -62.88 -33.79
C GLN N 149 24.15 -61.52 -34.35
N TYR N 150 24.43 -60.46 -33.64
CA TYR N 150 24.06 -59.16 -34.15
C TYR N 150 24.99 -58.71 -35.27
N SER N 151 24.38 -58.08 -36.28
CA SER N 151 25.12 -57.45 -37.35
C SER N 151 24.43 -56.14 -37.69
N GLU N 152 25.22 -55.07 -37.80
CA GLU N 152 24.77 -53.72 -38.18
C GLU N 152 24.13 -53.66 -39.59
N LYS N 153 24.39 -54.68 -40.40
CA LYS N 153 23.96 -54.76 -41.77
C LYS N 153 22.66 -55.49 -41.87
N MET N 154 22.12 -55.93 -40.75
CA MET N 154 20.84 -56.64 -40.73
C MET N 154 19.72 -55.75 -41.24
N THR N 155 18.79 -56.37 -41.93
CA THR N 155 17.54 -55.75 -42.31
C THR N 155 16.59 -55.72 -41.10
N VAL N 156 15.48 -55.02 -41.24
CA VAL N 156 14.46 -55.02 -40.22
C VAL N 156 13.93 -56.41 -39.83
N ASP N 157 13.53 -57.22 -40.82
CA ASP N 157 12.98 -58.56 -40.52
C ASP N 157 14.01 -59.42 -39.78
N GLU N 158 15.28 -59.32 -40.15
CA GLU N 158 16.35 -60.03 -39.43
C GLU N 158 16.51 -59.52 -38.00
N GLY N 159 16.55 -58.20 -37.85
CA GLY N 159 16.49 -57.53 -36.58
C GLY N 159 15.36 -57.98 -35.67
N VAL N 160 14.16 -58.08 -36.23
CA VAL N 160 13.00 -58.51 -35.47
C VAL N 160 13.19 -59.95 -34.98
N ASP N 161 13.66 -60.83 -35.87
CA ASP N 161 13.94 -62.23 -35.51
C ASP N 161 14.99 -62.35 -34.41
N LEU N 162 15.99 -61.47 -34.48
CA LEU N 162 17.13 -61.45 -33.56
C LEU N 162 16.65 -61.16 -32.10
N VAL N 163 15.84 -60.11 -31.93
CA VAL N 163 15.31 -59.76 -30.61
C VAL N 163 14.36 -60.84 -30.09
N ILE N 164 13.61 -61.48 -30.98
CA ILE N 164 12.70 -62.55 -30.55
C ILE N 164 13.55 -63.68 -30.01
N ARG N 165 14.67 -63.95 -30.70
CA ARG N 165 15.61 -64.98 -30.27
C ARG N 165 16.27 -64.68 -28.93
N ALA N 166 16.72 -63.45 -28.76
CA ALA N 166 17.40 -62.97 -27.55
C ALA N 166 16.49 -63.03 -26.34
N ILE N 167 15.25 -62.59 -26.50
CA ILE N 167 14.31 -62.61 -25.39
C ILE N 167 13.81 -64.04 -25.10
N SER N 168 13.66 -64.87 -26.14
CA SER N 168 13.28 -66.27 -25.91
C SER N 168 14.38 -66.97 -25.12
N ALA N 169 15.63 -66.74 -25.49
CA ALA N 169 16.77 -67.26 -24.75
C ALA N 169 16.74 -66.78 -23.28
N ALA N 170 16.54 -65.46 -23.07
CA ALA N 170 16.37 -64.90 -21.74
C ALA N 170 15.22 -65.54 -20.94
N LYS N 171 14.05 -65.69 -21.55
CA LYS N 171 12.94 -66.38 -20.90
C LYS N 171 13.24 -67.77 -20.43
N GLN N 172 14.06 -68.51 -21.18
CA GLN N 172 14.48 -69.86 -20.81
C GLN N 172 15.31 -69.95 -19.54
N ARG N 173 16.08 -68.89 -19.28
CA ARG N 173 17.11 -68.91 -18.25
C ARG N 173 16.90 -67.88 -17.13
N ASP N 174 15.91 -67.01 -17.28
CA ASP N 174 15.67 -66.03 -16.24
C ASP N 174 14.26 -66.26 -15.79
N SER N 175 14.09 -66.73 -14.57
CA SER N 175 12.79 -67.07 -14.12
C SER N 175 11.91 -65.84 -13.88
N ALA N 176 12.52 -64.64 -13.88
CA ALA N 176 11.77 -63.39 -13.71
C ALA N 176 11.35 -62.78 -15.04
N SER N 177 11.50 -63.56 -16.11
CA SER N 177 11.15 -63.15 -17.47
C SER N 177 10.18 -64.17 -18.03
N GLY N 178 9.17 -63.72 -18.76
CA GLY N 178 8.24 -64.63 -19.38
C GLY N 178 7.12 -63.88 -20.08
N GLY N 179 6.21 -64.64 -20.67
CA GLY N 179 5.02 -64.09 -21.29
C GLY N 179 5.25 -63.74 -22.72
N MET N 180 4.22 -63.20 -23.37
CA MET N 180 4.36 -62.90 -24.78
C MET N 180 5.43 -61.83 -24.96
N ILE N 181 6.09 -61.87 -26.11
CA ILE N 181 7.11 -60.94 -26.49
C ILE N 181 6.42 -59.83 -27.28
N ASP N 182 6.73 -58.59 -26.88
CA ASP N 182 6.25 -57.34 -27.45
C ASP N 182 7.38 -56.74 -28.30
N VAL N 183 7.11 -56.42 -29.57
CA VAL N 183 8.08 -55.80 -30.43
C VAL N 183 7.46 -54.54 -31.05
N ALA N 184 8.26 -53.47 -31.13
CA ALA N 184 7.97 -52.27 -31.91
C ALA N 184 9.15 -52.00 -32.83
N VAL N 185 8.82 -51.52 -34.04
CA VAL N 185 9.81 -51.03 -35.02
C VAL N 185 9.56 -49.56 -35.26
N ILE N 186 10.63 -48.79 -35.29
CA ILE N 186 10.52 -47.35 -35.43
C ILE N 186 11.32 -46.92 -36.65
N THR N 187 10.62 -46.31 -37.60
CA THR N 187 11.23 -45.74 -38.82
C THR N 187 10.70 -44.32 -39.07
N ARG N 188 11.42 -43.58 -39.89
CA ARG N 188 10.95 -42.28 -40.34
C ARG N 188 9.75 -42.47 -41.28
N LYS N 189 9.80 -43.50 -42.13
CA LYS N 189 8.74 -43.70 -43.08
C LYS N 189 7.46 -44.05 -42.37
N ASP N 190 7.49 -45.02 -41.47
CA ASP N 190 6.25 -45.48 -40.86
C ASP N 190 6.02 -45.07 -39.43
N GLY N 191 6.93 -44.30 -38.84
CA GLY N 191 6.83 -43.95 -37.41
C GLY N 191 7.09 -45.13 -36.48
N TYR N 192 6.46 -45.10 -35.30
CA TYR N 192 6.56 -46.15 -34.30
C TYR N 192 5.44 -47.14 -34.55
N VAL N 193 5.78 -48.40 -34.81
CA VAL N 193 4.79 -49.40 -35.13
C VAL N 193 4.96 -50.63 -34.23
N GLN N 194 3.97 -50.87 -33.36
CA GLN N 194 3.97 -52.08 -32.58
C GLN N 194 3.55 -53.28 -33.46
N LEU N 195 4.32 -54.35 -33.46
CA LEU N 195 4.00 -55.52 -34.26
C LEU N 195 2.83 -56.23 -33.63
N PRO N 196 1.92 -56.80 -34.43
CA PRO N 196 0.79 -57.56 -33.88
C PRO N 196 1.28 -58.90 -33.39
N THR N 197 0.60 -59.42 -32.37
CA THR N 197 0.96 -60.66 -31.70
C THR N 197 1.04 -61.83 -32.64
N ASP N 198 0.02 -61.95 -33.51
CA ASP N 198 -0.06 -63.06 -34.48
C ASP N 198 1.20 -63.11 -35.38
N GLN N 199 1.75 -61.94 -35.67
CA GLN N 199 2.96 -61.82 -36.46
C GLN N 199 4.24 -62.17 -35.68
N ILE N 200 4.26 -61.83 -34.37
CA ILE N 200 5.35 -62.26 -33.49
C ILE N 200 5.27 -63.78 -33.32
N GLU N 201 4.08 -64.28 -32.97
CA GLU N 201 3.77 -65.73 -32.85
C GLU N 201 4.17 -66.56 -34.08
N SER N 202 3.85 -66.02 -35.25
CA SER N 202 4.20 -66.68 -36.49
C SER N 202 5.70 -66.82 -36.60
N ARG N 203 6.44 -65.76 -36.32
CA ARG N 203 7.91 -65.82 -36.34
C ARG N 203 8.53 -66.79 -35.29
N ILE N 204 7.96 -66.82 -34.09
CA ILE N 204 8.35 -67.77 -33.05
C ILE N 204 8.30 -69.25 -33.56
N ARG N 205 7.27 -69.59 -34.34
CA ARG N 205 7.16 -70.89 -34.99
C ARG N 205 8.22 -71.07 -36.07
N LYS N 206 8.30 -70.16 -37.02
CA LYS N 206 9.24 -70.34 -38.11
C LYS N 206 10.69 -70.39 -37.63
N LEU N 207 10.99 -69.76 -36.48
CA LEU N 207 12.34 -69.79 -35.90
C LEU N 207 12.57 -71.05 -35.05
N GLY N 208 11.49 -71.58 -34.46
CA GLY N 208 11.52 -72.82 -33.67
C GLY N 208 11.45 -72.71 -32.15
N LEU N 209 10.71 -71.71 -31.63
CA LEU N 209 10.76 -71.28 -30.18
C LEU N 209 9.48 -71.55 -29.29
N ILE N 210 9.23 -70.70 -28.22
CA ILE N 210 8.14 -70.93 -27.18
C ILE N 210 7.14 -69.75 -26.70
N LEU N 211 7.11 -69.37 -25.38
CA LEU N 211 6.04 -68.50 -24.67
C LEU N 211 5.45 -67.25 -25.42
N LYS O 10 27.51 43.65 -12.07
CA LYS O 10 27.30 42.16 -11.94
C LYS O 10 26.05 41.75 -11.10
N ARG O 11 25.46 40.63 -11.51
CA ARG O 11 24.14 40.20 -11.06
C ARG O 11 23.96 40.12 -9.53
N ALA O 12 24.88 39.42 -8.87
CA ALA O 12 24.86 39.31 -7.41
C ALA O 12 25.07 40.67 -6.71
N ALA O 13 25.95 41.51 -7.28
CA ALA O 13 26.18 42.88 -6.78
C ALA O 13 24.91 43.75 -6.81
N LEU O 14 24.17 43.69 -7.93
CA LEU O 14 22.86 44.34 -8.05
C LEU O 14 21.87 43.95 -6.92
N ILE O 15 21.80 42.65 -6.59
CA ILE O 15 20.91 42.12 -5.54
C ILE O 15 21.36 42.59 -4.17
N GLN O 16 22.65 42.40 -3.90
CA GLN O 16 23.25 42.86 -2.65
C GLN O 16 23.04 44.36 -2.41
N ASN O 17 23.18 45.20 -3.45
CA ASN O 17 22.87 46.65 -3.29
C ASN O 17 21.43 46.90 -2.89
N LEU O 18 20.53 46.17 -3.56
CA LEU O 18 19.10 46.15 -3.26
C LEU O 18 18.85 45.84 -1.77
N ARG O 19 19.52 44.80 -1.27
CA ARG O 19 19.28 44.30 0.08
C ARG O 19 20.00 45.06 1.21
N ASP O 20 21.21 45.54 0.93
CA ASP O 20 21.98 46.41 1.87
C ASP O 20 21.23 47.70 2.06
N SER O 21 20.62 48.13 0.97
CA SER O 21 19.91 49.38 0.98
C SER O 21 18.50 49.29 1.65
N TYR O 22 17.86 48.11 1.68
CA TYR O 22 16.64 47.88 2.49
C TYR O 22 16.79 46.66 3.40
N THR O 23 17.15 46.90 4.66
CA THR O 23 17.55 45.81 5.57
C THR O 23 16.43 45.52 6.55
N GLU O 24 16.61 44.47 7.35
CA GLU O 24 15.70 44.15 8.43
C GLU O 24 15.53 45.31 9.43
N THR O 25 16.55 46.19 9.49
CA THR O 25 16.51 47.38 10.36
C THR O 25 15.51 48.40 9.84
N SER O 26 15.50 48.61 8.52
CA SER O 26 14.49 49.48 7.88
C SER O 26 13.07 49.07 8.27
N SER O 27 12.74 47.77 8.17
CA SER O 27 11.42 47.28 8.54
C SER O 27 11.18 47.23 10.05
N PHE O 28 12.17 46.81 10.85
CA PHE O 28 12.04 46.94 12.30
C PHE O 28 11.81 48.39 12.76
N ALA O 29 12.53 49.35 12.17
CA ALA O 29 12.29 50.77 12.53
C ALA O 29 10.80 51.12 12.34
N VAL O 30 10.22 50.74 11.20
CA VAL O 30 8.80 51.01 10.94
C VAL O 30 7.90 50.38 12.03
N ILE O 31 8.18 49.13 12.40
CA ILE O 31 7.40 48.41 13.42
C ILE O 31 7.47 49.09 14.80
N GLU O 32 8.66 49.51 15.21
CA GLU O 32 8.86 50.27 16.45
C GLU O 32 8.12 51.61 16.41
N GLU O 33 8.19 52.27 15.26
CA GLU O 33 7.46 53.50 15.08
C GLU O 33 5.96 53.20 15.15
N TRP O 34 5.50 52.14 14.45
CA TRP O 34 4.09 51.69 14.55
C TRP O 34 3.63 51.41 15.98
N ALA O 35 4.47 50.71 16.77
CA ALA O 35 4.06 50.27 18.11
C ALA O 35 3.91 51.45 19.07
N ALA O 36 4.47 52.59 18.70
CA ALA O 36 4.56 53.70 19.64
C ALA O 36 3.86 54.94 19.09
N GLY O 37 4.63 55.82 18.45
CA GLY O 37 4.13 57.06 17.83
C GLY O 37 2.83 56.89 17.05
N THR O 38 2.81 55.96 16.10
CA THR O 38 1.68 55.77 15.20
C THR O 38 0.35 55.47 15.91
N LEU O 39 0.35 54.54 16.85
CA LEU O 39 -0.87 54.20 17.61
C LEU O 39 -1.38 55.36 18.48
N GLN O 40 -0.47 56.15 19.03
CA GLN O 40 -0.84 57.35 19.79
C GLN O 40 -1.41 58.46 18.91
N GLU O 41 -0.81 58.67 17.74
CA GLU O 41 -1.36 59.62 16.78
C GLU O 41 -2.77 59.23 16.37
N ILE O 42 -2.96 57.94 16.04
CA ILE O 42 -4.29 57.41 15.70
C ILE O 42 -5.33 57.67 16.79
N GLU O 43 -4.95 57.48 18.06
CA GLU O 43 -5.86 57.76 19.19
C GLU O 43 -6.15 59.26 19.30
N GLY O 44 -5.17 60.10 18.99
CA GLY O 44 -5.38 61.54 18.94
C GLY O 44 -6.47 61.91 17.94
N ILE O 45 -6.30 61.47 16.69
CA ILE O 45 -7.26 61.69 15.61
C ILE O 45 -8.65 61.14 15.92
N ALA O 46 -8.71 59.96 16.55
CA ALA O 46 -9.98 59.42 17.03
C ALA O 46 -10.63 60.34 18.07
N LYS O 47 -9.82 60.87 18.99
CA LYS O 47 -10.32 61.75 20.06
C LYS O 47 -10.81 63.05 19.46
N ALA O 48 -10.00 63.63 18.57
CA ALA O 48 -10.40 64.83 17.82
C ALA O 48 -11.72 64.61 17.07
N ALA O 49 -11.83 63.46 16.38
CA ALA O 49 -13.04 63.07 15.65
C ALA O 49 -14.29 63.01 16.53
N ALA O 50 -14.17 62.38 17.70
CA ALA O 50 -15.30 62.25 18.62
C ALA O 50 -15.70 63.60 19.21
N GLU O 51 -14.69 64.40 19.52
CA GLU O 51 -14.88 65.76 20.01
C GLU O 51 -15.77 66.51 19.00
N ALA O 52 -15.29 66.62 17.76
CA ALA O 52 -16.02 67.27 16.68
C ALA O 52 -17.41 66.66 16.45
N HIS O 53 -17.55 65.36 16.68
CA HIS O 53 -18.82 64.70 16.44
C HIS O 53 -19.88 65.10 17.49
N GLY O 54 -19.50 65.11 18.77
CA GLY O 54 -20.39 65.58 19.84
C GLY O 54 -20.88 67.01 19.58
N VAL O 55 -19.98 67.85 19.06
CA VAL O 55 -20.27 69.24 18.74
C VAL O 55 -21.36 69.42 17.68
N ILE O 56 -21.24 68.68 16.56
CA ILE O 56 -22.24 68.63 15.49
C ILE O 56 -23.57 68.06 15.99
N ARG O 57 -23.47 66.99 16.79
CA ARG O 57 -24.64 66.29 17.35
C ARG O 57 -25.61 67.21 18.12
N ASN O 58 -25.12 67.98 19.10
CA ASN O 58 -25.98 68.98 19.75
C ASN O 58 -25.84 70.37 19.13
N SER O 59 -26.55 70.54 18.00
CA SER O 59 -26.49 71.71 17.15
C SER O 59 -27.49 71.57 16.01
N THR O 60 -28.23 72.67 15.75
CA THR O 60 -29.21 72.78 14.65
C THR O 60 -28.65 73.54 13.45
N TYR O 61 -29.07 73.11 12.25
CA TYR O 61 -28.51 73.62 11.02
C TYR O 61 -29.55 74.42 10.29
N GLY O 62 -29.16 75.61 9.85
CA GLY O 62 -29.94 76.41 8.93
C GLY O 62 -29.07 76.70 7.73
N ARG O 63 -29.52 77.61 6.87
CA ARG O 63 -28.83 78.00 5.64
C ARG O 63 -27.38 78.42 5.87
N ALA O 64 -27.13 78.99 7.04
CA ALA O 64 -25.82 79.48 7.41
C ALA O 64 -24.71 78.40 7.35
N GLN O 65 -25.11 77.15 7.58
CA GLN O 65 -24.18 76.01 7.56
C GLN O 65 -23.77 75.60 6.15
N ALA O 66 -24.63 75.91 5.17
CA ALA O 66 -24.31 75.73 3.75
C ALA O 66 -23.33 76.77 3.18
N GLU O 67 -23.24 77.92 3.83
CA GLU O 67 -22.51 79.07 3.33
C GLU O 67 -21.05 79.05 3.72
N LYS O 68 -20.72 78.44 4.85
CA LYS O 68 -19.33 78.12 5.12
C LYS O 68 -19.07 76.66 5.57
N SER O 69 -17.97 76.12 5.04
CA SER O 69 -17.48 74.77 5.30
C SER O 69 -16.67 74.70 6.60
N PRO O 70 -16.97 73.75 7.49
CA PRO O 70 -16.45 73.77 8.88
C PRO O 70 -14.97 73.41 9.02
N GLU O 71 -14.15 74.36 9.44
CA GLU O 71 -12.69 74.19 9.43
C GLU O 71 -12.13 73.18 10.48
N GLN O 72 -12.92 72.84 11.49
CA GLN O 72 -12.52 71.86 12.51
C GLN O 72 -12.58 70.43 11.94
N LEU O 73 -13.63 70.15 11.17
CA LEU O 73 -13.84 68.86 10.51
C LEU O 73 -12.82 68.65 9.40
N LEU O 74 -12.52 69.71 8.65
CA LEU O 74 -11.37 69.69 7.73
C LEU O 74 -10.06 69.35 8.47
N GLY O 75 -9.87 69.90 9.66
CA GLY O 75 -8.67 69.65 10.45
C GLY O 75 -8.49 68.19 10.73
N VAL O 76 -9.49 67.59 11.37
CA VAL O 76 -9.60 66.13 11.55
C VAL O 76 -9.35 65.29 10.26
N LEU O 77 -10.07 65.59 9.18
CA LEU O 77 -9.96 64.80 7.96
C LEU O 77 -8.57 64.89 7.32
N GLN O 78 -7.95 66.07 7.48
CA GLN O 78 -6.60 66.36 7.05
C GLN O 78 -5.61 65.62 7.94
N ARG O 79 -5.79 65.67 9.27
CA ARG O 79 -4.98 64.88 10.17
C ARG O 79 -5.04 63.41 9.77
N TYR O 80 -6.26 62.91 9.50
CA TYR O 80 -6.44 61.53 9.09
C TYR O 80 -5.69 61.19 7.82
N GLN O 81 -5.74 62.08 6.83
CA GLN O 81 -5.10 61.78 5.55
C GLN O 81 -3.57 61.70 5.65
N ASP O 82 -2.99 62.59 6.45
CA ASP O 82 -1.54 62.70 6.60
C ASP O 82 -0.99 61.44 7.22
N LEU O 83 -1.63 61.02 8.31
CA LEU O 83 -1.34 59.76 8.96
C LEU O 83 -1.45 58.55 7.99
N CYS O 84 -2.55 58.43 7.24
CA CYS O 84 -2.66 57.35 6.25
C CYS O 84 -1.49 57.40 5.28
N HIS O 85 -1.14 58.59 4.80
CA HIS O 85 -0.02 58.75 3.88
C HIS O 85 1.29 58.20 4.47
N ASN O 86 1.55 58.52 5.75
CA ASN O 86 2.74 58.03 6.42
C ASN O 86 2.76 56.51 6.59
N VAL O 87 1.63 55.95 7.05
CA VAL O 87 1.50 54.53 7.28
C VAL O 87 1.75 53.78 5.97
N TYR O 88 1.06 54.19 4.90
CA TYR O 88 1.25 53.62 3.56
C TYR O 88 2.69 53.60 3.09
N CYS O 89 3.42 54.70 3.31
CA CYS O 89 4.83 54.79 2.92
C CYS O 89 5.71 53.84 3.73
N GLN O 90 5.47 53.81 5.03
CA GLN O 90 6.08 52.88 5.96
C GLN O 90 5.85 51.39 5.62
N ALA O 91 4.60 51.05 5.30
CA ALA O 91 4.22 49.72 4.85
C ALA O 91 4.97 49.27 3.58
N GLU O 92 5.17 50.19 2.64
CA GLU O 92 5.98 49.99 1.43
C GLU O 92 7.46 49.73 1.72
N THR O 93 7.97 50.27 2.82
CA THR O 93 9.31 49.92 3.29
C THR O 93 9.41 48.43 3.69
N ILE O 94 8.51 47.97 4.57
CA ILE O 94 8.37 46.54 4.87
C ILE O 94 8.11 45.73 3.62
N ARG O 95 7.13 46.12 2.81
CA ARG O 95 6.87 45.35 1.62
C ARG O 95 8.16 45.20 0.82
N THR O 96 8.96 46.27 0.79
CA THR O 96 10.23 46.27 0.02
C THR O 96 11.28 45.33 0.63
N VAL O 97 11.45 45.41 1.93
CA VAL O 97 12.40 44.54 2.63
C VAL O 97 12.06 43.04 2.42
N ILE O 98 10.76 42.71 2.34
CA ILE O 98 10.35 41.32 2.07
C ILE O 98 10.53 40.96 0.58
N ALA O 99 9.94 41.74 -0.33
CA ALA O 99 9.85 41.39 -1.75
C ALA O 99 11.19 41.17 -2.43
N ILE O 100 12.22 41.87 -1.98
CA ILE O 100 13.55 41.73 -2.59
C ILE O 100 14.31 40.56 -1.99
N ARG O 101 13.67 39.81 -1.09
CA ARG O 101 14.24 38.62 -0.48
C ARG O 101 13.36 37.38 -0.78
N ILE O 102 12.42 37.51 -1.70
CA ILE O 102 11.72 36.35 -2.16
C ILE O 102 12.77 35.57 -2.97
N PRO O 103 13.02 34.31 -2.61
CA PRO O 103 14.07 33.55 -3.26
C PRO O 103 13.68 33.03 -4.62
N GLU O 104 14.67 32.45 -5.31
CA GLU O 104 14.51 31.66 -6.50
C GLU O 104 13.25 30.77 -6.47
N HIS O 105 12.48 30.80 -7.55
CA HIS O 105 11.20 30.11 -7.64
C HIS O 105 11.38 28.61 -7.75
N LYS O 106 10.90 27.89 -6.74
CA LYS O 106 10.95 26.43 -6.74
C LYS O 106 9.60 25.79 -6.39
N GLU O 107 9.46 24.52 -6.76
CA GLU O 107 8.29 23.75 -6.39
C GLU O 107 8.48 23.12 -5.01
N GLU O 108 9.54 23.47 -4.31
CA GLU O 108 9.89 22.77 -3.09
C GLU O 108 10.58 23.75 -2.14
N ASP O 109 10.74 23.35 -0.88
CA ASP O 109 11.43 24.19 0.10
C ASP O 109 10.81 25.62 0.17
N ASN O 110 9.47 25.69 0.09
CA ASN O 110 8.74 26.96 0.16
C ASN O 110 8.02 27.32 1.48
N LEU O 111 8.46 26.75 2.59
CA LEU O 111 7.79 27.03 3.88
C LEU O 111 8.02 28.49 4.35
N GLY O 112 9.28 28.97 4.25
CA GLY O 112 9.62 30.36 4.52
C GLY O 112 9.01 31.26 3.46
N VAL O 113 9.08 30.84 2.21
CA VAL O 113 8.45 31.59 1.12
C VAL O 113 6.95 31.81 1.42
N ALA O 114 6.30 30.83 2.04
CA ALA O 114 4.88 30.96 2.41
C ALA O 114 4.63 31.99 3.50
N VAL O 115 5.55 32.07 4.48
CA VAL O 115 5.55 33.14 5.49
C VAL O 115 5.67 34.55 4.82
N GLN O 116 6.60 34.70 3.89
CA GLN O 116 6.75 35.94 3.12
C GLN O 116 5.45 36.33 2.40
N HIS O 117 4.84 35.40 1.64
CA HIS O 117 3.51 35.68 1.05
C HIS O 117 2.42 35.97 2.09
N ALA O 118 2.41 35.26 3.24
CA ALA O 118 1.40 35.55 4.27
C ALA O 118 1.52 36.99 4.76
N VAL O 119 2.73 37.42 5.14
CA VAL O 119 2.91 38.81 5.59
C VAL O 119 2.73 39.88 4.51
N LEU O 120 3.21 39.64 3.30
CA LEU O 120 2.92 40.57 2.22
C LEU O 120 1.43 40.78 2.04
N LYS O 121 0.67 39.70 2.17
CA LYS O 121 -0.77 39.72 2.01
C LYS O 121 -1.48 40.59 3.07
N ILE O 122 -1.11 40.42 4.35
CA ILE O 122 -1.64 41.25 5.42
C ILE O 122 -1.23 42.75 5.25
N ILE O 123 -0.05 43.01 4.72
CA ILE O 123 0.34 44.39 4.42
C ILE O 123 -0.45 44.96 3.24
N ASP O 124 -0.75 44.13 2.24
CA ASP O 124 -1.66 44.46 1.16
C ASP O 124 -3.05 44.85 1.63
N GLU O 125 -3.64 44.06 2.53
CA GLU O 125 -4.94 44.39 3.14
C GLU O 125 -4.90 45.76 3.80
N LEU O 126 -3.80 46.03 4.51
CA LEU O 126 -3.59 47.28 5.21
C LEU O 126 -3.49 48.46 4.25
N GLU O 127 -2.82 48.26 3.14
CA GLU O 127 -2.59 49.33 2.19
C GLU O 127 -3.82 49.55 1.33
N ILE O 128 -4.34 48.46 0.76
CA ILE O 128 -5.42 48.54 -0.22
C ILE O 128 -6.73 48.74 0.51
N LYS O 129 -7.09 47.76 1.32
CA LYS O 129 -8.41 47.76 1.93
C LYS O 129 -8.56 48.73 3.11
N THR O 130 -7.63 48.73 4.06
CA THR O 130 -7.75 49.53 5.29
C THR O 130 -7.54 51.05 5.01
N LEU O 131 -6.59 51.39 4.16
CA LEU O 131 -6.29 52.78 3.85
C LEU O 131 -7.02 53.26 2.60
N GLY O 132 -7.76 52.38 1.94
CA GLY O 132 -8.41 52.74 0.68
C GLY O 132 -7.51 53.58 -0.22
N SER O 133 -6.30 53.11 -0.51
CA SER O 133 -5.29 53.86 -1.30
C SER O 133 -5.45 53.89 -2.85
N GLY O 134 -6.20 52.94 -3.41
CA GLY O 134 -6.42 52.84 -4.87
C GLY O 134 -7.49 53.77 -5.43
N GLU O 135 -7.55 53.89 -6.77
CA GLU O 135 -8.55 54.73 -7.45
C GLU O 135 -9.88 54.00 -7.51
N LYS O 136 -9.84 52.73 -7.93
CA LYS O 136 -11.02 51.88 -8.03
C LYS O 136 -10.87 50.73 -7.05
N SER O 137 -11.86 50.57 -6.18
CA SER O 137 -11.89 49.40 -5.31
C SER O 137 -12.35 48.16 -6.10
N GLY O 138 -11.90 46.99 -5.67
CA GLY O 138 -12.27 45.74 -6.35
C GLY O 138 -13.72 45.33 -6.17
N SER O 139 -14.02 44.09 -6.56
CA SER O 139 -15.36 43.51 -6.39
C SER O 139 -15.65 43.15 -4.93
N GLY O 140 -14.59 43.05 -4.11
CA GLY O 140 -14.71 42.86 -2.66
C GLY O 140 -15.38 44.05 -1.99
N GLY O 141 -15.48 45.17 -2.71
CA GLY O 141 -16.08 46.39 -2.18
C GLY O 141 -15.02 47.26 -1.53
N ALA O 142 -15.42 47.98 -0.48
CA ALA O 142 -14.50 48.88 0.23
C ALA O 142 -14.80 48.84 1.73
N PRO O 143 -14.14 47.89 2.42
CA PRO O 143 -14.50 47.50 3.81
C PRO O 143 -14.21 48.53 4.92
N THR O 144 -13.22 49.39 4.71
CA THR O 144 -12.90 50.41 5.69
C THR O 144 -14.02 51.48 5.70
N PRO O 145 -14.36 51.98 6.89
CA PRO O 145 -15.44 53.00 7.02
C PRO O 145 -15.23 54.21 6.11
N ILE O 146 -13.96 54.59 5.91
CA ILE O 146 -13.51 55.72 5.08
C ILE O 146 -12.03 55.57 4.61
N GLY O 147 -11.75 55.93 3.36
CA GLY O 147 -10.37 55.85 2.83
C GLY O 147 -9.40 57.00 3.04
N MET O 148 -8.30 56.95 2.29
CA MET O 148 -7.23 57.95 2.26
C MET O 148 -7.74 59.29 1.71
N TYR O 149 -8.58 59.24 0.68
CA TYR O 149 -9.06 60.45 0.00
C TYR O 149 -10.41 60.88 0.54
N ALA O 150 -10.49 61.00 1.86
CA ALA O 150 -11.74 61.23 2.56
C ALA O 150 -12.10 62.71 2.67
N LEU O 151 -11.08 63.56 2.66
CA LEU O 151 -11.25 65.01 2.55
C LEU O 151 -11.95 65.37 1.23
N ARG O 152 -11.44 64.87 0.12
CA ARG O 152 -12.12 64.99 -1.16
C ARG O 152 -13.56 64.47 -1.13
N GLU O 153 -13.76 63.29 -0.52
CA GLU O 153 -15.07 62.64 -0.38
C GLU O 153 -16.06 63.51 0.36
N TYR O 154 -15.62 64.04 1.49
CA TYR O 154 -16.39 64.95 2.33
C TYR O 154 -16.74 66.23 1.56
N LEU O 155 -15.73 66.92 1.03
CA LEU O 155 -15.94 68.16 0.29
C LEU O 155 -16.91 67.97 -0.84
N SER O 156 -16.77 66.87 -1.56
CA SER O 156 -17.64 66.56 -2.69
C SER O 156 -19.08 66.30 -2.29
N ALA O 157 -19.29 65.45 -1.29
CA ALA O 157 -20.64 65.16 -0.82
C ALA O 157 -21.30 66.43 -0.27
N ARG O 158 -20.51 67.26 0.43
CA ARG O 158 -21.02 68.47 1.05
C ARG O 158 -21.40 69.52 0.00
N SER O 159 -20.53 69.71 -1.00
CA SER O 159 -20.80 70.70 -2.05
C SER O 159 -22.09 70.39 -2.82
N THR O 160 -22.40 69.12 -3.01
CA THR O 160 -23.58 68.74 -3.78
C THR O 160 -24.82 69.20 -3.02
N VAL O 161 -24.77 69.12 -1.70
CA VAL O 161 -25.88 69.50 -0.84
C VAL O 161 -25.92 71.03 -0.65
N GLU O 162 -24.77 71.68 -0.67
CA GLU O 162 -24.72 73.12 -0.50
C GLU O 162 -25.30 73.78 -1.74
N ASP O 163 -24.90 73.30 -2.92
CA ASP O 163 -25.43 73.83 -4.15
C ASP O 163 -26.95 73.74 -4.21
N LYS O 164 -27.51 72.62 -3.76
CA LYS O 164 -28.94 72.45 -3.77
C LYS O 164 -29.62 73.40 -2.79
N LEU O 165 -28.95 73.69 -1.68
CA LEU O 165 -29.52 74.55 -0.66
C LEU O 165 -29.45 76.03 -1.05
N LEU O 166 -28.34 76.41 -1.67
CA LEU O 166 -28.07 77.82 -1.93
C LEU O 166 -28.70 78.26 -3.24
N GLY O 167 -29.02 77.27 -4.08
CA GLY O 167 -29.50 77.52 -5.44
C GLY O 167 -28.41 78.12 -6.31
N GLY O 178 -33.51 79.73 -6.97
CA GLY O 178 -33.51 79.68 -5.48
C GLY O 178 -33.29 78.24 -4.97
N GLY O 179 -32.86 78.14 -3.71
CA GLY O 179 -32.46 76.85 -3.14
C GLY O 179 -33.62 75.94 -2.81
N SER O 180 -33.29 74.68 -2.51
CA SER O 180 -34.30 73.64 -2.26
C SER O 180 -35.10 73.89 -0.98
N GLN O 181 -36.38 73.53 -1.03
CA GLN O 181 -37.29 73.63 0.12
C GLN O 181 -37.26 72.33 0.95
N SER O 182 -36.43 71.35 0.59
CA SER O 182 -36.44 70.06 1.29
C SER O 182 -35.94 70.16 2.73
N PRO O 183 -36.79 69.75 3.66
CA PRO O 183 -36.39 69.67 5.07
C PRO O 183 -35.30 68.59 5.34
N SER O 184 -35.42 67.43 4.68
CA SER O 184 -34.42 66.34 4.78
C SER O 184 -33.07 66.71 4.15
N LEU O 185 -33.10 67.43 3.02
CA LEU O 185 -31.88 67.95 2.42
C LEU O 185 -31.05 68.84 3.39
N LEU O 186 -31.75 69.66 4.17
CA LEU O 186 -31.10 70.47 5.21
C LEU O 186 -30.48 69.59 6.30
N LEU O 187 -31.25 68.59 6.74
CA LEU O 187 -30.78 67.64 7.76
C LEU O 187 -29.62 66.75 7.26
N GLU O 188 -29.63 66.45 5.95
CA GLU O 188 -28.54 65.70 5.30
C GLU O 188 -27.19 66.43 5.40
N LEU O 189 -27.20 67.77 5.31
CA LEU O 189 -25.98 68.57 5.48
C LEU O 189 -25.30 68.32 6.82
N ARG O 190 -26.09 68.36 7.88
CA ARG O 190 -25.62 68.03 9.21
C ARG O 190 -25.24 66.55 9.30
N GLN O 191 -26.01 65.69 8.64
CA GLN O 191 -25.73 64.27 8.63
C GLN O 191 -24.40 63.92 7.90
N ILE O 192 -24.04 64.68 6.87
CA ILE O 192 -22.74 64.51 6.21
C ILE O 192 -21.61 64.92 7.16
N ASP O 193 -21.81 66.02 7.90
CA ASP O 193 -20.85 66.48 8.90
C ASP O 193 -20.64 65.49 10.01
N ALA O 194 -21.73 65.02 10.60
CA ALA O 194 -21.70 64.00 11.64
C ALA O 194 -21.07 62.69 11.16
N ASP O 195 -21.50 62.22 9.99
CA ASP O 195 -21.13 60.90 9.47
C ASP O 195 -19.65 60.83 9.10
N PHE O 196 -19.06 61.95 8.69
CA PHE O 196 -17.66 61.89 8.26
C PHE O 196 -16.74 61.81 9.46
N MET O 197 -17.16 62.44 10.57
CA MET O 197 -16.44 62.34 11.82
C MET O 197 -16.57 60.94 12.39
N LEU O 198 -17.79 60.40 12.30
CA LEU O 198 -18.09 59.04 12.78
C LEU O 198 -17.23 58.05 12.01
N LYS O 199 -17.20 58.20 10.70
CA LYS O 199 -16.33 57.41 9.85
C LYS O 199 -14.83 57.49 10.23
N VAL O 200 -14.35 58.66 10.66
CA VAL O 200 -12.95 58.75 11.12
C VAL O 200 -12.73 57.95 12.40
N GLU O 201 -13.66 58.04 13.34
CA GLU O 201 -13.59 57.28 14.60
C GLU O 201 -13.55 55.75 14.39
N LEU O 202 -14.33 55.28 13.42
CA LEU O 202 -14.43 53.88 13.07
C LEU O 202 -13.16 53.46 12.33
N ALA O 203 -12.81 54.21 11.29
CA ALA O 203 -11.61 53.97 10.53
C ALA O 203 -10.34 53.92 11.38
N THR O 204 -10.15 54.87 12.28
CA THR O 204 -8.93 54.87 13.12
C THR O 204 -8.89 53.65 14.01
N THR O 205 -10.06 53.30 14.55
CA THR O 205 -10.24 52.12 15.42
C THR O 205 -9.85 50.87 14.64
N HIS O 206 -10.43 50.74 13.46
CA HIS O 206 -10.13 49.65 12.59
C HIS O 206 -8.68 49.62 12.10
N LEU O 207 -8.09 50.82 11.98
CA LEU O 207 -6.72 50.97 11.56
C LEU O 207 -5.79 50.46 12.64
N SER O 208 -6.13 50.76 13.88
CA SER O 208 -5.39 50.28 15.04
C SER O 208 -5.32 48.77 15.16
N THR O 209 -6.45 48.11 14.90
CA THR O 209 -6.51 46.65 14.92
C THR O 209 -5.51 46.07 13.92
N MET O 210 -5.51 46.64 12.72
CA MET O 210 -4.69 46.17 11.62
C MET O 210 -3.23 46.36 11.93
N VAL O 211 -2.88 47.58 12.40
CA VAL O 211 -1.51 47.91 12.74
C VAL O 211 -1.02 47.01 13.87
N ARG O 212 -1.86 46.79 14.88
CA ARG O 212 -1.48 45.92 15.97
C ARG O 212 -1.21 44.47 15.49
N ALA O 213 -2.08 43.99 14.61
CA ALA O 213 -1.96 42.68 14.02
C ALA O 213 -0.74 42.57 13.14
N VAL O 214 -0.39 43.64 12.42
CA VAL O 214 0.83 43.59 11.59
C VAL O 214 2.12 43.56 12.44
N ILE O 215 2.10 44.30 13.55
CA ILE O 215 3.23 44.34 14.50
C ILE O 215 3.48 42.94 15.00
N ASN O 216 2.42 42.26 15.44
CA ASN O 216 2.54 40.89 15.95
C ASN O 216 3.03 39.95 14.83
N ALA O 217 2.36 39.99 13.67
CA ALA O 217 2.76 39.20 12.52
C ALA O 217 4.24 39.38 12.17
N TYR O 218 4.74 40.62 12.12
CA TYR O 218 6.13 40.84 11.72
C TYR O 218 7.11 40.32 12.76
N LEU O 219 6.87 40.67 14.02
CA LEU O 219 7.76 40.26 15.09
C LEU O 219 7.83 38.73 15.28
N LEU O 220 6.75 38.02 15.00
CA LEU O 220 6.75 36.56 15.15
C LEU O 220 7.41 35.84 13.97
N ASN O 221 7.59 36.54 12.85
CA ASN O 221 7.93 35.91 11.59
C ASN O 221 9.20 36.44 10.91
N TRP O 222 9.85 37.42 11.53
CA TRP O 222 10.87 38.20 10.82
C TRP O 222 12.04 37.40 10.29
N LYS O 223 12.41 36.34 11.00
CA LYS O 223 13.54 35.50 10.58
C LYS O 223 13.29 34.82 9.26
N LYS O 224 12.15 34.18 9.09
CA LYS O 224 11.81 33.60 7.77
C LYS O 224 11.55 34.61 6.67
N LEU O 225 11.15 35.83 7.06
CA LEU O 225 10.95 36.94 6.10
C LEU O 225 12.28 37.33 5.48
N ILE O 226 13.32 37.37 6.31
CA ILE O 226 14.64 37.79 5.87
C ILE O 226 15.40 36.63 5.24
N GLN O 227 15.37 35.45 5.89
CA GLN O 227 15.99 34.22 5.36
C GLN O 227 14.98 33.05 5.21
N PRO O 228 14.22 33.04 4.12
CA PRO O 228 13.17 32.03 3.92
C PRO O 228 13.64 30.56 3.77
N ARG O 229 14.89 30.34 3.36
CA ARG O 229 15.49 29.02 3.21
C ARG O 229 16.79 29.04 3.98
N THR O 230 17.05 27.99 4.76
CA THR O 230 18.36 27.80 5.36
C THR O 230 18.90 26.50 4.80
N GLY O 231 19.61 26.63 3.66
CA GLY O 231 19.78 25.50 2.72
C GLY O 231 21.17 24.95 2.43
N SER O 232 21.79 24.37 3.47
CA SER O 232 23.03 23.59 3.29
C SER O 232 22.94 22.30 4.14
N ASP O 233 22.87 21.15 3.46
CA ASP O 233 22.93 19.84 4.14
C ASP O 233 24.36 19.24 4.19
N HIS O 234 24.52 18.22 5.01
CA HIS O 234 25.76 17.44 4.99
C HIS O 234 25.49 16.03 4.38
N MET O 235 24.33 15.88 3.70
CA MET O 235 23.91 14.63 3.02
C MET O 235 24.78 14.26 1.83
N VAL O 236 25.15 15.26 1.04
CA VAL O 236 25.96 15.09 -0.18
C VAL O 236 27.45 15.43 0.06
N SER O 237 28.31 14.75 -0.69
CA SER O 237 29.74 15.08 -0.78
C SER O 237 30.21 14.70 -2.19
N LYS P 10 11.57 28.62 -43.32
CA LYS P 10 11.47 27.39 -42.46
C LYS P 10 11.42 27.65 -40.91
N ARG P 11 11.00 26.60 -40.19
CA ARG P 11 10.46 26.67 -38.82
C ARG P 11 11.43 27.00 -37.68
N ALA P 12 12.51 26.25 -37.55
CA ALA P 12 13.53 26.55 -36.52
C ALA P 12 14.21 27.90 -36.73
N ALA P 13 14.38 28.28 -38.01
CA ALA P 13 15.00 29.57 -38.35
C ALA P 13 14.12 30.72 -37.86
N LEU P 14 12.82 30.63 -38.10
CA LEU P 14 11.86 31.65 -37.64
C LEU P 14 11.92 31.82 -36.13
N ILE P 15 12.03 30.71 -35.40
CA ILE P 15 12.18 30.76 -33.95
C ILE P 15 13.51 31.38 -33.55
N GLN P 16 14.58 30.89 -34.19
CA GLN P 16 15.92 31.47 -34.04
C GLN P 16 15.99 32.98 -34.31
N ASN P 17 15.35 33.44 -35.38
CA ASN P 17 15.35 34.88 -35.66
C ASN P 17 14.76 35.69 -34.49
N LEU P 18 13.62 35.26 -33.95
CA LEU P 18 13.00 35.83 -32.73
C LEU P 18 13.95 35.86 -31.54
N ARG P 19 14.49 34.70 -31.21
CA ARG P 19 15.40 34.58 -30.09
C ARG P 19 16.73 35.34 -30.29
N ASP P 20 17.21 35.45 -31.54
CA ASP P 20 18.38 36.30 -31.81
C ASP P 20 18.08 37.79 -31.61
N SER P 21 16.86 38.21 -31.96
CA SER P 21 16.46 39.63 -31.83
C SER P 21 16.23 40.06 -30.39
N TYR P 22 15.73 39.16 -29.54
CA TYR P 22 15.45 39.50 -28.14
C TYR P 22 16.12 38.50 -27.21
N THR P 23 17.34 38.83 -26.81
CA THR P 23 18.16 37.90 -26.04
C THR P 23 18.14 38.25 -24.54
N GLU P 24 18.80 37.41 -23.74
CA GLU P 24 18.92 37.69 -22.32
C GLU P 24 19.58 39.04 -22.11
N THR P 25 20.42 39.47 -23.08
CA THR P 25 21.11 40.78 -22.94
C THR P 25 20.11 41.94 -23.05
N SER P 26 19.11 41.79 -23.94
CA SER P 26 18.00 42.74 -24.04
C SER P 26 17.22 42.90 -22.71
N SER P 27 16.99 41.79 -21.99
CA SER P 27 16.31 41.87 -20.69
C SER P 27 17.23 42.30 -19.55
N PHE P 28 18.48 41.82 -19.54
CA PHE P 28 19.45 42.31 -18.54
C PHE P 28 19.65 43.84 -18.58
N ALA P 29 19.76 44.39 -19.80
CA ALA P 29 19.92 45.85 -20.03
C ALA P 29 18.80 46.66 -19.41
N VAL P 30 17.55 46.20 -19.58
CA VAL P 30 16.40 46.81 -18.90
C VAL P 30 16.59 46.82 -17.38
N ILE P 31 16.96 45.66 -16.84
CA ILE P 31 17.16 45.46 -15.39
C ILE P 31 18.26 46.35 -14.83
N GLU P 32 19.41 46.36 -15.49
CA GLU P 32 20.49 47.29 -15.13
C GLU P 32 19.98 48.74 -15.04
N GLU P 33 19.32 49.17 -16.10
CA GLU P 33 18.69 50.49 -16.19
C GLU P 33 17.66 50.76 -15.08
N TRP P 34 16.86 49.76 -14.71
CA TRP P 34 15.90 49.86 -13.60
C TRP P 34 16.61 50.01 -12.27
N ALA P 35 17.65 49.22 -12.04
CA ALA P 35 18.38 49.28 -10.79
C ALA P 35 19.00 50.65 -10.53
N ALA P 36 19.41 51.33 -11.61
CA ALA P 36 20.08 52.64 -11.49
C ALA P 36 19.19 53.87 -11.80
N GLY P 37 19.12 54.22 -13.08
CA GLY P 37 18.49 55.47 -13.51
C GLY P 37 17.01 55.55 -13.28
N THR P 38 16.31 54.42 -13.47
CA THR P 38 14.86 54.35 -13.40
C THR P 38 14.38 54.70 -11.99
N LEU P 39 15.01 54.11 -10.99
CA LEU P 39 14.68 54.40 -9.59
C LEU P 39 14.96 55.83 -9.15
N GLN P 40 16.05 56.42 -9.68
CA GLN P 40 16.41 57.82 -9.41
C GLN P 40 15.45 58.83 -10.03
N GLU P 41 15.00 58.54 -11.25
CA GLU P 41 13.94 59.32 -11.89
C GLU P 41 12.63 59.27 -11.11
N ILE P 42 12.34 58.12 -10.47
CA ILE P 42 11.19 57.95 -9.60
C ILE P 42 11.27 58.76 -8.28
N GLU P 43 12.44 58.77 -7.65
CA GLU P 43 12.73 59.71 -6.53
C GLU P 43 12.55 61.16 -6.95
N GLY P 44 12.97 61.46 -8.18
CA GLY P 44 12.88 62.79 -8.76
C GLY P 44 11.45 63.28 -8.76
N ILE P 45 10.57 62.51 -9.40
CA ILE P 45 9.15 62.81 -9.53
C ILE P 45 8.48 62.89 -8.16
N ALA P 46 8.92 62.02 -7.26
CA ALA P 46 8.46 62.04 -5.88
C ALA P 46 8.87 63.32 -5.13
N LYS P 47 10.12 63.77 -5.29
CA LYS P 47 10.55 65.09 -4.75
C LYS P 47 9.69 66.20 -5.36
N ALA P 48 9.62 66.22 -6.70
CA ALA P 48 8.84 67.24 -7.40
C ALA P 48 7.38 67.31 -6.91
N ALA P 49 6.78 66.14 -6.63
CA ALA P 49 5.38 66.06 -6.19
C ALA P 49 5.19 66.47 -4.75
N ALA P 50 6.11 66.07 -3.89
CA ALA P 50 6.01 66.40 -2.47
C ALA P 50 6.10 67.91 -2.25
N GLU P 51 6.97 68.58 -3.00
CA GLU P 51 7.08 70.02 -2.89
C GLU P 51 5.85 70.75 -3.50
N ALA P 52 5.41 70.36 -4.70
CA ALA P 52 4.19 70.95 -5.26
C ALA P 52 3.03 70.77 -4.28
N HIS P 53 3.12 69.71 -3.47
CA HIS P 53 2.09 69.43 -2.49
C HIS P 53 2.22 70.39 -1.31
N GLY P 54 3.46 70.69 -0.94
CA GLY P 54 3.76 71.68 0.10
C GLY P 54 3.37 73.11 -0.29
N VAL P 55 3.35 73.42 -1.58
CA VAL P 55 2.84 74.70 -2.09
C VAL P 55 1.32 74.79 -1.93
N ILE P 56 0.59 73.83 -2.50
CA ILE P 56 -0.88 73.77 -2.40
C ILE P 56 -1.40 73.78 -0.95
N ARG P 57 -0.60 73.28 0.00
CA ARG P 57 -1.05 73.24 1.39
C ARG P 57 -1.08 74.63 2.05
N ASN P 58 -0.03 75.42 1.84
CA ASN P 58 -0.06 76.86 2.19
C ASN P 58 -0.64 77.61 1.01
N SER P 59 -1.96 77.53 0.87
CA SER P 59 -2.68 78.18 -0.21
C SER P 59 -4.13 78.28 0.19
N THR P 60 -4.67 79.51 0.11
CA THR P 60 -6.10 79.73 0.15
C THR P 60 -6.55 80.03 -1.27
N TYR P 61 -7.66 79.42 -1.67
CA TYR P 61 -8.12 79.47 -3.05
C TYR P 61 -9.27 80.46 -3.24
N GLY P 62 -9.23 81.17 -4.35
CA GLY P 62 -10.36 81.99 -4.75
C GLY P 62 -10.78 81.54 -6.12
N ARG P 63 -11.66 82.35 -6.73
CA ARG P 63 -12.13 82.11 -8.08
C ARG P 63 -10.99 82.16 -9.10
N ALA P 64 -9.88 82.83 -8.77
CA ALA P 64 -8.71 82.97 -9.65
C ALA P 64 -7.99 81.64 -9.97
N GLN P 65 -7.94 80.74 -8.97
CA GLN P 65 -7.35 79.40 -9.11
C GLN P 65 -8.14 78.51 -10.08
N ALA P 66 -9.40 78.90 -10.31
CA ALA P 66 -10.27 78.27 -11.30
C ALA P 66 -10.03 78.72 -12.77
N GLU P 67 -9.39 79.88 -12.97
CA GLU P 67 -9.23 80.46 -14.30
C GLU P 67 -7.93 80.01 -14.96
N LYS P 68 -7.10 79.31 -14.18
CA LYS P 68 -5.78 78.85 -14.63
C LYS P 68 -5.46 77.45 -14.04
N SER P 69 -5.18 76.49 -14.91
CA SER P 69 -4.59 75.18 -14.53
C SER P 69 -3.12 75.31 -14.14
N PRO P 70 -2.76 74.85 -12.93
CA PRO P 70 -1.44 75.10 -12.38
C PRO P 70 -0.40 74.30 -13.14
N GLU P 71 0.63 75.00 -13.64
CA GLU P 71 1.64 74.46 -14.58
C GLU P 71 2.69 73.54 -13.92
N GLN P 72 3.01 73.81 -12.67
CA GLN P 72 3.85 72.92 -11.86
C GLN P 72 3.20 71.52 -11.64
N LEU P 73 1.88 71.48 -11.41
CA LEU P 73 1.15 70.21 -11.24
C LEU P 73 1.05 69.45 -12.54
N LEU P 74 0.68 70.12 -13.62
CA LEU P 74 0.72 69.54 -14.96
C LEU P 74 2.08 68.88 -15.24
N GLY P 75 3.14 69.57 -14.80
CA GLY P 75 4.51 69.18 -15.03
C GLY P 75 4.89 67.93 -14.27
N VAL P 76 4.65 67.91 -12.95
CA VAL P 76 4.82 66.69 -12.15
C VAL P 76 4.09 65.49 -12.79
N LEU P 77 2.85 65.69 -13.24
CA LEU P 77 2.03 64.62 -13.83
C LEU P 77 2.51 64.18 -15.22
N GLN P 78 2.98 65.14 -16.01
CA GLN P 78 3.56 64.85 -17.33
C GLN P 78 4.83 64.01 -17.18
N ARG P 79 5.62 64.40 -16.18
CA ARG P 79 6.82 63.71 -15.84
C ARG P 79 6.55 62.22 -15.45
N TYR P 80 5.54 62.01 -14.58
CA TYR P 80 5.13 60.67 -14.13
C TYR P 80 4.68 59.81 -15.31
N GLN P 81 3.86 60.40 -16.18
CA GLN P 81 3.36 59.68 -17.34
C GLN P 81 4.48 59.16 -18.21
N ASP P 82 5.51 59.98 -18.48
CA ASP P 82 6.62 59.60 -19.38
C ASP P 82 7.40 58.42 -18.82
N LEU P 83 7.66 58.49 -17.51
CA LEU P 83 8.35 57.46 -16.78
C LEU P 83 7.62 56.12 -16.97
N CYS P 84 6.29 56.13 -16.75
CA CYS P 84 5.39 54.97 -16.85
C CYS P 84 5.40 54.41 -18.26
N HIS P 85 5.53 55.31 -19.23
CA HIS P 85 5.61 54.92 -20.64
C HIS P 85 6.88 54.08 -20.90
N ASN P 86 8.00 54.58 -20.35
CA ASN P 86 9.31 53.95 -20.51
C ASN P 86 9.34 52.58 -19.83
N VAL P 87 8.90 52.53 -18.55
CA VAL P 87 8.84 51.32 -17.74
C VAL P 87 7.96 50.26 -18.40
N TYR P 88 6.77 50.66 -18.87
CA TYR P 88 5.88 49.74 -19.62
C TYR P 88 6.58 49.12 -20.82
N CYS P 89 7.17 49.97 -21.65
CA CYS P 89 7.91 49.56 -22.85
C CYS P 89 9.09 48.61 -22.54
N GLN P 90 9.85 48.97 -21.51
CA GLN P 90 10.93 48.15 -20.99
C GLN P 90 10.44 46.79 -20.45
N ALA P 91 9.39 46.81 -19.65
CA ALA P 91 8.71 45.61 -19.19
C ALA P 91 8.34 44.72 -20.39
N GLU P 92 7.84 45.30 -21.48
CA GLU P 92 7.50 44.54 -22.66
C GLU P 92 8.69 43.82 -23.31
N THR P 93 9.88 44.38 -23.15
CA THR P 93 11.10 43.74 -23.68
C THR P 93 11.39 42.45 -22.89
N ILE P 94 11.28 42.51 -21.56
CA ILE P 94 11.46 41.31 -20.73
C ILE P 94 10.40 40.26 -21.01
N ARG P 95 9.13 40.65 -21.07
CA ARG P 95 8.05 39.70 -21.39
C ARG P 95 8.30 39.04 -22.69
N THR P 96 8.81 39.80 -23.68
CA THR P 96 9.19 39.20 -24.98
C THR P 96 10.32 38.16 -24.84
N VAL P 97 11.37 38.50 -24.12
CA VAL P 97 12.51 37.58 -23.94
C VAL P 97 12.01 36.23 -23.37
N ILE P 98 11.17 36.30 -22.35
CA ILE P 98 10.61 35.10 -21.72
C ILE P 98 9.62 34.36 -22.64
N ALA P 99 8.60 35.10 -23.08
CA ALA P 99 7.49 34.53 -23.83
C ALA P 99 7.89 33.80 -25.10
N ILE P 100 8.95 34.27 -25.77
CA ILE P 100 9.43 33.60 -27.01
C ILE P 100 10.34 32.39 -26.71
N ARG P 101 10.60 32.16 -25.42
CA ARG P 101 11.36 31.01 -24.94
C ARG P 101 10.52 29.98 -24.15
N ILE P 102 9.19 30.11 -24.20
CA ILE P 102 8.29 29.17 -23.54
C ILE P 102 8.26 27.93 -24.41
N PRO P 103 8.60 26.79 -23.83
CA PRO P 103 8.86 25.58 -24.60
C PRO P 103 7.61 24.84 -25.00
N GLU P 104 7.82 23.84 -25.88
CA GLU P 104 6.79 22.92 -26.30
C GLU P 104 5.83 22.55 -25.15
N HIS P 105 4.54 22.51 -25.45
CA HIS P 105 3.56 22.21 -24.42
C HIS P 105 3.56 20.75 -23.95
N LYS P 106 3.84 20.55 -22.67
CA LYS P 106 3.88 19.21 -22.08
C LYS P 106 3.21 19.11 -20.72
N GLU P 107 2.88 17.87 -20.35
CA GLU P 107 2.43 17.53 -19.00
C GLU P 107 3.57 17.04 -18.09
N GLU P 108 4.79 17.49 -18.34
CA GLU P 108 5.94 17.03 -17.57
C GLU P 108 7.11 17.97 -17.84
N ASP P 109 8.13 17.95 -16.99
CA ASP P 109 9.31 18.76 -17.24
C ASP P 109 8.93 20.28 -17.31
N ASN P 110 8.09 20.72 -16.37
CA ASN P 110 7.59 22.08 -16.33
C ASN P 110 8.04 22.89 -15.13
N LEU P 111 9.15 22.52 -14.49
CA LEU P 111 9.63 23.29 -13.34
C LEU P 111 10.21 24.65 -13.78
N GLY P 112 10.90 24.69 -14.93
CA GLY P 112 11.40 25.95 -15.49
C GLY P 112 10.27 26.74 -16.15
N VAL P 113 9.39 26.04 -16.85
CA VAL P 113 8.16 26.65 -17.37
C VAL P 113 7.37 27.37 -16.26
N ALA P 114 7.31 26.77 -15.07
CA ALA P 114 6.66 27.41 -13.94
C ALA P 114 7.37 28.69 -13.53
N VAL P 115 8.72 28.68 -13.51
CA VAL P 115 9.51 29.91 -13.28
C VAL P 115 9.17 31.04 -14.30
N GLN P 116 9.14 30.70 -15.60
CA GLN P 116 8.67 31.59 -16.66
C GLN P 116 7.31 32.23 -16.41
N HIS P 117 6.31 31.43 -16.02
CA HIS P 117 4.96 31.95 -15.74
C HIS P 117 4.93 32.83 -14.50
N ALA P 118 5.68 32.48 -13.47
CA ALA P 118 5.65 33.27 -12.23
C ALA P 118 6.26 34.65 -12.46
N VAL P 119 7.36 34.69 -13.21
CA VAL P 119 8.00 35.96 -13.56
C VAL P 119 7.14 36.80 -14.51
N LEU P 120 6.56 36.15 -15.52
CA LEU P 120 5.57 36.81 -16.37
C LEU P 120 4.38 37.39 -15.58
N LYS P 121 3.94 36.71 -14.51
CA LYS P 121 2.86 37.22 -13.68
C LYS P 121 3.22 38.54 -13.01
N ILE P 122 4.41 38.59 -12.39
CA ILE P 122 4.84 39.80 -11.69
C ILE P 122 5.08 40.98 -12.67
N ILE P 123 5.48 40.71 -13.91
CA ILE P 123 5.60 41.77 -14.89
C ILE P 123 4.21 42.28 -15.35
N ASP P 124 3.24 41.39 -15.57
CA ASP P 124 1.86 41.79 -15.84
C ASP P 124 1.27 42.62 -14.69
N GLU P 125 1.52 42.20 -13.45
CA GLU P 125 1.07 42.96 -12.32
C GLU P 125 1.63 44.37 -12.38
N LEU P 126 2.94 44.48 -12.70
CA LEU P 126 3.61 45.77 -12.84
C LEU P 126 2.95 46.61 -13.94
N GLU P 127 2.81 46.03 -15.12
CA GLU P 127 2.23 46.74 -16.25
C GLU P 127 0.75 47.08 -16.10
N ILE P 128 -0.05 46.08 -15.73
CA ILE P 128 -1.51 46.23 -15.62
C ILE P 128 -1.91 46.89 -14.29
N LYS P 129 -1.52 46.32 -13.16
CA LYS P 129 -1.96 46.89 -11.89
C LYS P 129 -1.15 48.13 -11.41
N THR P 130 0.17 48.08 -11.46
CA THR P 130 1.00 49.20 -10.97
C THR P 130 0.97 50.42 -11.94
N LEU P 131 1.02 50.18 -13.25
CA LEU P 131 1.13 51.31 -14.18
C LEU P 131 -0.19 51.74 -14.75
N GLY P 132 -1.28 51.08 -14.32
CA GLY P 132 -2.63 51.37 -14.82
C GLY P 132 -2.77 51.50 -16.32
N SER P 133 -2.00 50.72 -17.08
CA SER P 133 -1.91 50.84 -18.54
C SER P 133 -3.19 50.47 -19.33
N GLY P 134 -4.11 49.76 -18.68
CA GLY P 134 -5.36 49.35 -19.30
C GLY P 134 -6.37 50.48 -19.44
N GLU P 135 -7.13 50.45 -20.53
CA GLU P 135 -8.22 51.41 -20.77
C GLU P 135 -9.40 51.18 -19.81
N LYS P 136 -9.47 49.97 -19.25
CA LYS P 136 -10.55 49.61 -18.33
C LYS P 136 -10.03 48.63 -17.28
N SER P 137 -10.36 48.89 -16.01
CA SER P 137 -9.96 48.03 -14.88
C SER P 137 -10.77 46.74 -14.82
N GLY P 138 -10.21 45.73 -14.16
CA GLY P 138 -10.97 44.53 -13.80
C GLY P 138 -11.80 44.70 -12.52
N SER P 139 -12.50 43.64 -12.12
CA SER P 139 -13.23 43.63 -10.86
C SER P 139 -12.26 43.53 -9.65
N GLY P 140 -10.97 43.36 -9.95
CA GLY P 140 -9.93 43.53 -8.94
C GLY P 140 -9.65 45.02 -8.72
N GLY P 141 -10.42 45.87 -9.39
CA GLY P 141 -10.27 47.32 -9.29
C GLY P 141 -8.93 47.81 -9.79
N ALA P 142 -8.45 48.88 -9.16
CA ALA P 142 -7.19 49.51 -9.52
C ALA P 142 -6.43 49.87 -8.24
N PRO P 143 -5.53 48.98 -7.81
CA PRO P 143 -4.84 49.13 -6.51
C PRO P 143 -3.76 50.24 -6.49
N THR P 144 -3.46 50.80 -7.67
CA THR P 144 -2.44 51.82 -7.77
C THR P 144 -3.11 53.18 -7.56
N PRO P 145 -2.49 54.07 -6.77
CA PRO P 145 -3.10 55.37 -6.44
C PRO P 145 -3.52 56.21 -7.66
N ILE P 146 -2.70 56.21 -8.72
CA ILE P 146 -3.07 56.68 -10.08
C ILE P 146 -2.33 55.89 -11.17
N GLY P 147 -2.88 55.81 -12.37
CA GLY P 147 -2.20 55.10 -13.46
C GLY P 147 -1.50 55.96 -14.51
N MET P 148 -1.28 55.35 -15.67
CA MET P 148 -0.66 55.94 -16.86
C MET P 148 -1.30 57.25 -17.32
N TYR P 149 -2.63 57.32 -17.30
CA TYR P 149 -3.34 58.47 -17.85
C TYR P 149 -3.83 59.38 -16.72
N ALA P 150 -2.87 59.88 -15.95
CA ALA P 150 -3.14 60.58 -14.69
C ALA P 150 -3.38 62.05 -14.94
N LEU P 151 -2.56 62.62 -15.83
CA LEU P 151 -2.76 63.94 -16.37
C LEU P 151 -4.20 64.12 -16.82
N ARG P 152 -4.68 63.26 -17.74
CA ARG P 152 -6.07 63.29 -18.20
C ARG P 152 -7.12 63.10 -17.10
N GLU P 153 -6.87 62.17 -16.16
CA GLU P 153 -7.66 62.05 -14.93
C GLU P 153 -7.82 63.40 -14.19
N TYR P 154 -6.71 64.07 -13.97
CA TYR P 154 -6.63 65.36 -13.30
C TYR P 154 -7.43 66.46 -14.05
N LEU P 155 -7.13 66.64 -15.33
CA LEU P 155 -7.76 67.68 -16.15
C LEU P 155 -9.26 67.54 -16.16
N SER P 156 -9.74 66.30 -16.34
CA SER P 156 -11.16 65.99 -16.31
C SER P 156 -11.78 66.27 -14.93
N ALA P 157 -11.12 65.84 -13.87
CA ALA P 157 -11.60 66.14 -12.53
C ALA P 157 -11.64 67.67 -12.28
N ARG P 158 -10.53 68.35 -12.57
CA ARG P 158 -10.39 69.80 -12.35
C ARG P 158 -11.33 70.63 -13.26
N SER P 159 -11.39 70.25 -14.54
CA SER P 159 -12.31 70.82 -15.51
C SER P 159 -13.78 70.84 -15.05
N THR P 160 -14.23 69.76 -14.39
CA THR P 160 -15.60 69.70 -13.85
C THR P 160 -15.85 70.79 -12.80
N VAL P 161 -14.94 70.96 -11.86
CA VAL P 161 -15.19 71.90 -10.74
C VAL P 161 -15.00 73.36 -11.17
N GLU P 162 -14.00 73.62 -12.01
CA GLU P 162 -13.84 74.89 -12.74
C GLU P 162 -15.15 75.32 -13.42
N ASP P 163 -15.69 74.49 -14.31
CA ASP P 163 -17.02 74.74 -14.91
C ASP P 163 -18.09 75.12 -13.90
N LYS P 164 -18.14 74.43 -12.77
CA LYS P 164 -19.18 74.68 -11.78
C LYS P 164 -19.00 76.04 -11.11
N LEU P 165 -17.74 76.43 -10.90
CA LEU P 165 -17.39 77.61 -10.12
C LEU P 165 -17.53 78.90 -10.92
N LEU P 166 -17.22 78.81 -12.21
CA LEU P 166 -17.19 79.99 -13.11
C LEU P 166 -18.57 80.34 -13.70
N GLY P 167 -19.39 79.32 -13.93
CA GLY P 167 -20.67 79.50 -14.61
C GLY P 167 -20.50 79.33 -16.10
N GLY P 178 -22.48 83.05 -13.97
CA GLY P 178 -23.34 82.68 -12.82
C GLY P 178 -23.07 81.27 -12.33
N GLY P 179 -22.00 81.10 -11.57
CA GLY P 179 -21.57 79.79 -11.06
C GLY P 179 -21.65 79.64 -9.55
N SER P 180 -21.36 78.42 -9.07
CA SER P 180 -21.67 77.96 -7.71
C SER P 180 -21.19 78.82 -6.56
N GLN P 181 -22.06 78.95 -5.54
CA GLN P 181 -21.76 79.67 -4.28
C GLN P 181 -21.30 78.74 -3.13
N SER P 182 -21.29 77.43 -3.39
CA SER P 182 -20.77 76.44 -2.41
C SER P 182 -19.31 76.72 -1.99
N PRO P 183 -19.10 76.89 -0.69
CA PRO P 183 -17.75 77.07 -0.15
C PRO P 183 -16.90 75.79 -0.26
N SER P 184 -17.56 74.62 -0.23
CA SER P 184 -16.85 73.33 -0.24
C SER P 184 -16.35 72.98 -1.63
N LEU P 185 -17.10 73.38 -2.66
CA LEU P 185 -16.66 73.29 -4.06
C LEU P 185 -15.36 74.08 -4.29
N LEU P 186 -15.17 75.16 -3.55
CA LEU P 186 -13.93 75.90 -3.65
C LEU P 186 -12.78 75.13 -2.99
N LEU P 187 -13.07 74.58 -1.82
CA LEU P 187 -12.09 73.77 -1.09
C LEU P 187 -11.71 72.47 -1.83
N GLU P 188 -12.67 71.96 -2.61
CA GLU P 188 -12.49 70.76 -3.42
C GLU P 188 -11.54 70.96 -4.60
N LEU P 189 -11.55 72.16 -5.22
CA LEU P 189 -10.63 72.47 -6.33
C LEU P 189 -9.19 72.36 -5.83
N ARG P 190 -8.98 72.84 -4.61
CA ARG P 190 -7.72 72.72 -3.92
C ARG P 190 -7.40 71.29 -3.52
N GLN P 191 -8.44 70.56 -3.10
CA GLN P 191 -8.29 69.16 -2.75
C GLN P 191 -7.93 68.27 -3.94
N ILE P 192 -8.40 68.60 -5.15
CA ILE P 192 -8.04 67.90 -6.38
C ILE P 192 -6.56 68.16 -6.74
N ASP P 193 -6.12 69.41 -6.54
CA ASP P 193 -4.76 69.81 -6.74
C ASP P 193 -3.82 69.09 -5.78
N ALA P 194 -4.19 69.07 -4.50
CA ALA P 194 -3.38 68.41 -3.47
C ALA P 194 -3.36 66.88 -3.69
N ASP P 195 -4.55 66.29 -3.86
CA ASP P 195 -4.72 64.84 -3.89
C ASP P 195 -3.95 64.22 -5.05
N PHE P 196 -3.99 64.89 -6.21
CA PHE P 196 -3.27 64.39 -7.37
C PHE P 196 -1.77 64.45 -7.26
N MET P 197 -1.29 65.32 -6.38
CA MET P 197 0.11 65.34 -6.01
C MET P 197 0.39 64.24 -5.00
N LEU P 198 -0.42 64.17 -3.94
CA LEU P 198 -0.35 63.08 -2.95
C LEU P 198 -0.30 61.71 -3.64
N LYS P 199 -1.12 61.55 -4.68
CA LYS P 199 -1.23 60.33 -5.46
C LYS P 199 0.04 60.02 -6.20
N VAL P 200 0.75 61.06 -6.65
CA VAL P 200 2.05 60.84 -7.30
C VAL P 200 3.08 60.42 -6.28
N GLU P 201 2.99 60.98 -5.07
CA GLU P 201 3.90 60.56 -3.99
C GLU P 201 3.71 59.07 -3.68
N LEU P 202 2.46 58.62 -3.65
CA LEU P 202 2.14 57.23 -3.34
C LEU P 202 2.45 56.28 -4.49
N ALA P 203 2.03 56.64 -5.71
CA ALA P 203 2.21 55.76 -6.83
C ALA P 203 3.70 55.46 -7.09
N THR P 204 4.55 56.48 -7.01
CA THR P 204 6.01 56.37 -7.19
C THR P 204 6.67 55.47 -6.16
N THR P 205 6.24 55.56 -4.89
CA THR P 205 6.71 54.66 -3.82
C THR P 205 6.34 53.24 -4.19
N HIS P 206 5.04 53.04 -4.39
CA HIS P 206 4.49 51.75 -4.73
C HIS P 206 5.21 51.17 -5.95
N LEU P 207 5.43 52.01 -6.96
CA LEU P 207 6.16 51.62 -8.17
C LEU P 207 7.63 51.21 -7.90
N SER P 208 8.24 51.86 -6.90
CA SER P 208 9.59 51.60 -6.48
C SER P 208 9.70 50.18 -5.96
N THR P 209 8.75 49.80 -5.10
CA THR P 209 8.72 48.48 -4.51
C THR P 209 8.63 47.44 -5.63
N MET P 210 7.68 47.67 -6.54
CA MET P 210 7.43 46.73 -7.62
C MET P 210 8.64 46.57 -8.54
N VAL P 211 9.34 47.67 -8.84
CA VAL P 211 10.50 47.63 -9.75
C VAL P 211 11.62 46.83 -9.09
N ARG P 212 11.82 47.09 -7.81
CA ARG P 212 12.81 46.41 -7.00
C ARG P 212 12.46 44.90 -6.80
N ALA P 213 11.18 44.59 -6.60
CA ALA P 213 10.74 43.19 -6.60
C ALA P 213 11.08 42.47 -7.92
N VAL P 214 10.89 43.14 -9.05
CA VAL P 214 11.17 42.54 -10.34
C VAL P 214 12.69 42.42 -10.62
N ILE P 215 13.51 43.35 -10.09
CA ILE P 215 14.97 43.27 -10.26
C ILE P 215 15.41 41.97 -9.61
N ASN P 216 15.03 41.81 -8.34
CA ASN P 216 15.31 40.60 -7.59
C ASN P 216 14.78 39.34 -8.29
N ALA P 217 13.49 39.31 -8.65
CA ALA P 217 12.91 38.15 -9.32
C ALA P 217 13.68 37.79 -10.58
N TYR P 218 14.00 38.78 -11.42
CA TYR P 218 14.72 38.49 -12.66
C TYR P 218 16.10 37.89 -12.35
N LEU P 219 16.84 38.56 -11.50
CA LEU P 219 18.23 38.25 -11.33
C LEU P 219 18.39 36.86 -10.74
N LEU P 220 17.41 36.42 -9.95
CA LEU P 220 17.44 35.10 -9.30
C LEU P 220 17.00 33.95 -10.20
N ASN P 221 16.13 34.26 -11.16
CA ASN P 221 15.49 33.25 -11.95
C ASN P 221 15.96 33.15 -13.43
N TRP P 222 16.83 34.09 -13.86
CA TRP P 222 17.12 34.32 -15.30
C TRP P 222 17.57 33.06 -16.10
N LYS P 223 18.37 32.18 -15.49
CA LYS P 223 18.80 30.95 -16.18
C LYS P 223 17.63 30.08 -16.63
N LYS P 224 16.71 29.76 -15.73
CA LYS P 224 15.50 29.00 -16.12
C LYS P 224 14.58 29.82 -17.03
N LEU P 225 14.55 31.14 -16.83
CA LEU P 225 13.84 32.04 -17.74
C LEU P 225 14.26 31.86 -19.22
N ILE P 226 15.57 31.70 -19.46
CA ILE P 226 16.15 31.57 -20.82
C ILE P 226 16.13 30.13 -21.33
N GLN P 227 16.53 29.18 -20.46
CA GLN P 227 16.54 27.74 -20.75
C GLN P 227 15.75 26.99 -19.65
N PRO P 228 14.44 26.87 -19.85
CA PRO P 228 13.55 26.27 -18.85
C PRO P 228 13.67 24.72 -18.75
N ARG P 229 14.26 24.11 -19.77
CA ARG P 229 14.55 22.68 -19.78
C ARG P 229 16.01 22.46 -20.17
N THR P 230 16.65 21.51 -19.49
CA THR P 230 17.91 20.97 -19.96
C THR P 230 17.63 19.50 -20.18
N GLY P 231 17.23 19.17 -21.42
CA GLY P 231 16.70 17.84 -21.77
C GLY P 231 17.59 16.91 -22.59
N SER P 232 18.22 15.97 -21.89
CA SER P 232 19.09 14.96 -22.52
C SER P 232 19.59 13.95 -21.45
N ASP P 233 18.70 13.03 -21.04
CA ASP P 233 19.09 11.95 -20.10
C ASP P 233 20.17 11.04 -20.71
N HIS P 234 20.94 10.38 -19.86
CA HIS P 234 21.90 9.39 -20.36
C HIS P 234 21.30 7.96 -20.35
N MET P 235 20.03 7.86 -19.95
CA MET P 235 19.36 6.57 -19.68
C MET P 235 19.09 5.64 -20.88
N VAL P 236 18.69 6.22 -22.00
CA VAL P 236 18.39 5.45 -23.21
C VAL P 236 19.57 5.41 -24.19
N SER P 237 19.69 4.31 -24.93
CA SER P 237 20.59 4.21 -26.10
C SER P 237 20.05 3.19 -27.10
N LYS Q 10 -22.18 11.83 -46.37
CA LYS Q 10 -21.21 10.95 -45.61
C LYS Q 10 -20.22 11.73 -44.71
N ARG Q 11 -20.15 11.26 -43.46
CA ARG Q 11 -19.59 11.99 -42.33
C ARG Q 11 -18.09 12.17 -42.42
N ALA Q 12 -17.36 11.13 -42.80
CA ALA Q 12 -15.90 11.26 -42.95
C ALA Q 12 -15.58 12.26 -44.06
N ALA Q 13 -16.37 12.25 -45.14
CA ALA Q 13 -16.15 13.25 -46.23
C ALA Q 13 -16.42 14.67 -45.74
N LEU Q 14 -17.46 14.86 -44.94
CA LEU Q 14 -17.75 16.17 -44.34
C LEU Q 14 -16.58 16.64 -43.49
N ILE Q 15 -16.03 15.77 -42.68
CA ILE Q 15 -14.83 16.14 -41.95
C ILE Q 15 -13.64 16.38 -42.90
N GLN Q 16 -13.32 15.42 -43.79
CA GLN Q 16 -12.18 15.56 -44.72
C GLN Q 16 -12.21 16.89 -45.51
N ASN Q 17 -13.37 17.24 -46.07
CA ASN Q 17 -13.52 18.54 -46.73
C ASN Q 17 -13.19 19.77 -45.90
N LEU Q 18 -13.66 19.77 -44.63
CA LEU Q 18 -13.25 20.78 -43.66
C LEU Q 18 -11.75 20.85 -43.49
N ARG Q 19 -11.11 19.70 -43.26
CA ARG Q 19 -9.66 19.69 -43.04
C ARG Q 19 -8.82 19.97 -44.30
N ASP Q 20 -9.27 19.51 -45.48
CA ASP Q 20 -8.64 19.93 -46.75
C ASP Q 20 -8.76 21.43 -47.01
N SER Q 21 -9.86 22.08 -46.60
CA SER Q 21 -9.94 23.53 -46.77
C SER Q 21 -9.02 24.32 -45.87
N TYR Q 22 -8.81 23.86 -44.63
CA TYR Q 22 -7.91 24.59 -43.74
C TYR Q 22 -6.84 23.67 -43.23
N THR Q 23 -5.68 23.71 -43.88
CA THR Q 23 -4.60 22.75 -43.68
C THR Q 23 -3.53 23.41 -42.85
N GLU Q 24 -2.51 22.65 -42.46
CA GLU Q 24 -1.39 23.21 -41.70
C GLU Q 24 -0.70 24.35 -42.48
N THR Q 25 -0.80 24.28 -43.81
CA THR Q 25 -0.31 25.31 -44.70
C THR Q 25 -1.01 26.68 -44.52
N SER Q 26 -2.34 26.70 -44.46
CA SER Q 26 -3.11 27.93 -44.18
C SER Q 26 -2.59 28.67 -42.93
N SER Q 27 -2.31 27.91 -41.86
CA SER Q 27 -1.88 28.52 -40.61
C SER Q 27 -0.41 28.85 -40.59
N PHE Q 28 0.44 27.99 -41.17
CA PHE Q 28 1.85 28.35 -41.39
C PHE Q 28 2.03 29.65 -42.20
N ALA Q 29 1.24 29.80 -43.27
CA ALA Q 29 1.25 31.02 -44.08
C ALA Q 29 0.99 32.23 -43.21
N VAL Q 30 -0.03 32.16 -42.32
CA VAL Q 30 -0.28 33.26 -41.38
C VAL Q 30 0.95 33.56 -40.55
N ILE Q 31 1.55 32.51 -39.98
CA ILE Q 31 2.69 32.69 -39.07
C ILE Q 31 3.88 33.31 -39.80
N GLU Q 32 4.11 32.88 -41.05
CA GLU Q 32 5.11 33.49 -41.93
C GLU Q 32 4.85 34.98 -42.17
N GLU Q 33 3.62 35.33 -42.55
CA GLU Q 33 3.18 36.73 -42.61
C GLU Q 33 3.44 37.45 -41.28
N TRP Q 34 2.97 36.89 -40.16
CA TRP Q 34 3.17 37.51 -38.83
C TRP Q 34 4.63 37.80 -38.52
N ALA Q 35 5.49 36.82 -38.76
CA ALA Q 35 6.92 36.95 -38.47
C ALA Q 35 7.65 38.05 -39.27
N ALA Q 36 7.06 38.46 -40.40
CA ALA Q 36 7.70 39.37 -41.35
C ALA Q 36 6.92 40.69 -41.51
N GLY Q 37 6.03 40.77 -42.51
CA GLY Q 37 5.27 41.98 -42.79
C GLY Q 37 4.49 42.60 -41.62
N THR Q 38 3.80 41.73 -40.86
CA THR Q 38 2.96 42.15 -39.72
C THR Q 38 3.76 42.93 -38.67
N LEU Q 39 4.89 42.35 -38.26
CA LEU Q 39 5.73 42.98 -37.22
C LEU Q 39 6.34 44.30 -37.68
N GLN Q 40 6.65 44.39 -38.97
CA GLN Q 40 7.15 45.62 -39.58
C GLN Q 40 6.06 46.70 -39.61
N GLU Q 41 4.85 46.35 -40.05
CA GLU Q 41 3.72 47.28 -40.10
C GLU Q 41 3.34 47.81 -38.70
N ILE Q 42 3.34 46.92 -37.71
CA ILE Q 42 3.19 47.34 -36.33
C ILE Q 42 4.24 48.41 -35.93
N GLU Q 43 5.51 48.15 -36.23
CA GLU Q 43 6.60 49.10 -35.95
C GLU Q 43 6.38 50.42 -36.70
N GLY Q 44 6.01 50.32 -37.97
CA GLY Q 44 5.53 51.47 -38.73
C GLY Q 44 4.55 52.31 -37.93
N ILE Q 45 3.41 51.71 -37.59
CA ILE Q 45 2.33 52.37 -36.85
C ILE Q 45 2.84 52.96 -35.54
N ALA Q 46 3.76 52.26 -34.88
CA ALA Q 46 4.37 52.73 -33.63
C ALA Q 46 5.19 54.00 -33.80
N LYS Q 47 5.96 54.10 -34.90
CA LYS Q 47 6.75 55.30 -35.22
C LYS Q 47 5.84 56.48 -35.58
N ALA Q 48 4.90 56.25 -36.51
CA ALA Q 48 3.93 57.27 -36.91
C ALA Q 48 3.28 57.90 -35.67
N ALA Q 49 2.84 57.07 -34.73
CA ALA Q 49 2.21 57.54 -33.49
C ALA Q 49 3.17 58.34 -32.62
N ALA Q 50 4.43 57.91 -32.58
CA ALA Q 50 5.46 58.58 -31.79
C ALA Q 50 5.73 59.99 -32.36
N GLU Q 51 5.83 60.11 -33.68
CA GLU Q 51 5.98 61.45 -34.26
C GLU Q 51 4.77 62.32 -33.99
N ALA Q 52 3.57 61.77 -34.18
CA ALA Q 52 2.34 62.49 -33.84
C ALA Q 52 2.18 62.86 -32.35
N HIS Q 53 2.83 62.12 -31.44
CA HIS Q 53 2.85 62.51 -30.02
C HIS Q 53 3.81 63.69 -29.72
N GLY Q 54 4.96 63.71 -30.38
CA GLY Q 54 5.92 64.81 -30.28
C GLY Q 54 5.37 66.13 -30.82
N VAL Q 55 4.58 66.04 -31.89
CA VAL Q 55 3.94 67.21 -32.50
C VAL Q 55 2.94 67.87 -31.52
N ILE Q 56 2.13 67.06 -30.84
CA ILE Q 56 1.15 67.55 -29.84
C ILE Q 56 1.79 68.00 -28.51
N ARG Q 57 2.95 67.41 -28.16
CA ARG Q 57 3.64 67.75 -26.89
C ARG Q 57 4.06 69.24 -26.82
N ASN Q 58 4.99 69.63 -27.69
CA ASN Q 58 5.47 71.02 -27.78
C ASN Q 58 4.53 71.89 -28.66
N SER Q 59 3.37 72.21 -28.08
CA SER Q 59 2.21 72.73 -28.79
C SER Q 59 1.18 73.33 -27.83
N THR Q 60 0.71 74.53 -28.15
CA THR Q 60 -0.29 75.26 -27.33
C THR Q 60 -1.68 75.22 -28.02
N TYR Q 61 -2.73 75.11 -27.20
CA TYR Q 61 -4.07 74.94 -27.73
C TYR Q 61 -4.97 76.13 -27.40
N GLY Q 62 -5.75 76.52 -28.41
CA GLY Q 62 -6.87 77.44 -28.23
C GLY Q 62 -8.07 76.78 -28.88
N ARG Q 63 -9.19 77.48 -28.99
CA ARG Q 63 -10.36 76.85 -29.60
C ARG Q 63 -10.33 76.64 -31.15
N ALA Q 64 -9.25 77.04 -31.82
CA ALA Q 64 -9.03 76.63 -33.22
C ALA Q 64 -8.73 75.13 -33.35
N GLN Q 65 -8.28 74.49 -32.27
CA GLN Q 65 -8.05 73.04 -32.26
C GLN Q 65 -9.35 72.26 -31.98
N ALA Q 66 -10.35 72.94 -31.41
CA ALA Q 66 -11.68 72.37 -31.19
C ALA Q 66 -12.57 72.50 -32.43
N GLU Q 67 -12.07 73.16 -33.46
CA GLU Q 67 -12.81 73.43 -34.70
C GLU Q 67 -12.40 72.50 -35.84
N LYS Q 68 -11.32 71.76 -35.65
CA LYS Q 68 -10.98 70.71 -36.60
C LYS Q 68 -10.50 69.44 -35.88
N SER Q 69 -10.74 68.27 -36.49
CA SER Q 69 -10.16 66.98 -36.03
C SER Q 69 -8.87 66.68 -36.78
N PRO Q 70 -7.75 66.52 -36.06
CA PRO Q 70 -6.42 66.36 -36.70
C PRO Q 70 -6.33 65.13 -37.59
N GLU Q 71 -5.96 65.31 -38.86
CA GLU Q 71 -5.85 64.20 -39.83
C GLU Q 71 -4.62 63.29 -39.65
N GLN Q 72 -3.52 63.84 -39.15
CA GLN Q 72 -2.35 63.01 -38.80
C GLN Q 72 -2.77 61.93 -37.78
N LEU Q 73 -3.59 62.33 -36.79
CA LEU Q 73 -4.08 61.41 -35.75
C LEU Q 73 -5.12 60.42 -36.24
N LEU Q 74 -6.11 60.88 -37.00
CA LEU Q 74 -7.09 59.96 -37.53
C LEU Q 74 -6.40 58.90 -38.35
N GLY Q 75 -5.34 59.29 -39.02
CA GLY Q 75 -4.60 58.41 -39.90
C GLY Q 75 -3.82 57.31 -39.20
N VAL Q 76 -3.25 57.65 -38.06
CA VAL Q 76 -2.59 56.68 -37.19
C VAL Q 76 -3.59 55.67 -36.65
N LEU Q 77 -4.69 56.15 -36.07
CA LEU Q 77 -5.72 55.29 -35.50
C LEU Q 77 -6.34 54.36 -36.56
N GLN Q 78 -6.67 54.94 -37.70
CA GLN Q 78 -7.15 54.20 -38.88
C GLN Q 78 -6.17 53.10 -39.32
N ARG Q 79 -4.88 53.44 -39.36
CA ARG Q 79 -3.88 52.47 -39.76
C ARG Q 79 -3.76 51.35 -38.72
N TYR Q 80 -3.96 51.70 -37.45
CA TYR Q 80 -3.93 50.74 -36.36
C TYR Q 80 -5.13 49.78 -36.40
N GLN Q 81 -6.31 50.33 -36.67
CA GLN Q 81 -7.54 49.55 -36.83
C GLN Q 81 -7.49 48.50 -37.94
N ASP Q 82 -6.91 48.87 -39.09
CA ASP Q 82 -6.83 48.00 -40.26
C ASP Q 82 -5.88 46.84 -39.99
N LEU Q 83 -4.83 47.16 -39.24
CA LEU Q 83 -3.87 46.17 -38.79
C LEU Q 83 -4.56 45.15 -37.85
N CYS Q 84 -5.26 45.66 -36.84
CA CYS Q 84 -5.99 44.82 -35.92
C CYS Q 84 -6.97 43.94 -36.68
N HIS Q 85 -7.58 44.49 -37.71
CA HIS Q 85 -8.56 43.78 -38.50
C HIS Q 85 -7.91 42.60 -39.24
N ASN Q 86 -6.72 42.83 -39.80
CA ASN Q 86 -5.94 41.77 -40.46
C ASN Q 86 -5.51 40.68 -39.47
N VAL Q 87 -4.95 41.07 -38.31
CA VAL Q 87 -4.46 40.13 -37.32
C VAL Q 87 -5.63 39.26 -36.86
N TYR Q 88 -6.74 39.90 -36.51
CA TYR Q 88 -7.93 39.16 -36.15
C TYR Q 88 -8.31 38.09 -37.16
N CYS Q 89 -8.49 38.47 -38.43
CA CYS Q 89 -8.96 37.54 -39.46
C CYS Q 89 -7.98 36.40 -39.70
N GLN Q 90 -6.70 36.73 -39.53
CA GLN Q 90 -5.61 35.82 -39.71
C GLN Q 90 -5.55 34.83 -38.55
N ALA Q 91 -5.79 35.33 -37.33
CA ALA Q 91 -5.93 34.54 -36.13
C ALA Q 91 -7.07 33.52 -36.24
N GLU Q 92 -8.23 33.97 -36.71
CA GLU Q 92 -9.32 33.04 -37.01
C GLU Q 92 -8.94 31.86 -37.93
N THR Q 93 -7.94 32.07 -38.80
CA THR Q 93 -7.47 31.01 -39.71
C THR Q 93 -6.74 29.97 -38.89
N ILE Q 94 -5.84 30.42 -38.02
CA ILE Q 94 -5.14 29.50 -37.13
C ILE Q 94 -6.13 28.74 -36.23
N ARG Q 95 -7.18 29.42 -35.75
CA ARG Q 95 -8.15 28.76 -34.87
C ARG Q 95 -8.99 27.76 -35.56
N THR Q 96 -9.33 28.01 -36.82
CA THR Q 96 -10.10 27.05 -37.62
C THR Q 96 -9.25 25.81 -37.85
N VAL Q 97 -7.96 26.01 -38.12
CA VAL Q 97 -7.06 24.89 -38.43
C VAL Q 97 -7.02 23.93 -37.22
N ILE Q 98 -6.88 24.46 -36.01
CA ILE Q 98 -6.84 23.64 -34.76
C ILE Q 98 -8.23 23.08 -34.42
N ALA Q 99 -9.20 23.98 -34.34
CA ALA Q 99 -10.52 23.62 -33.86
C ALA Q 99 -11.16 22.43 -34.59
N ILE Q 100 -10.88 22.31 -35.88
CA ILE Q 100 -11.50 21.24 -36.71
C ILE Q 100 -10.68 19.96 -36.66
N ARG Q 101 -9.64 19.97 -35.84
CA ARG Q 101 -8.81 18.81 -35.63
C ARG Q 101 -8.84 18.35 -34.15
N ILE Q 102 -9.77 18.93 -33.36
CA ILE Q 102 -9.94 18.52 -31.98
C ILE Q 102 -10.64 17.19 -32.11
N PRO Q 103 -10.05 16.12 -31.56
CA PRO Q 103 -10.53 14.79 -31.87
C PRO Q 103 -11.71 14.39 -30.98
N GLU Q 104 -12.23 13.20 -31.26
CA GLU Q 104 -13.23 12.55 -30.44
C GLU Q 104 -12.98 12.77 -28.93
N HIS Q 105 -14.06 13.11 -28.21
CA HIS Q 105 -13.98 13.40 -26.77
C HIS Q 105 -13.79 12.14 -25.93
N LYS Q 106 -12.71 12.13 -25.15
CA LYS Q 106 -12.32 10.95 -24.38
C LYS Q 106 -11.80 11.39 -23.02
N GLU Q 107 -11.82 10.46 -22.06
CA GLU Q 107 -11.27 10.71 -20.72
C GLU Q 107 -9.79 10.31 -20.64
N GLU Q 108 -9.21 9.96 -21.78
CA GLU Q 108 -7.82 9.48 -21.86
C GLU Q 108 -7.20 9.96 -23.18
N ASP Q 109 -5.86 9.94 -23.27
CA ASP Q 109 -5.13 10.15 -24.52
C ASP Q 109 -5.33 11.60 -25.04
N ASN Q 110 -5.15 12.55 -24.11
CA ASN Q 110 -5.53 13.93 -24.29
C ASN Q 110 -4.34 14.89 -24.11
N LEU Q 111 -3.13 14.36 -24.21
CA LEU Q 111 -1.94 15.20 -24.14
C LEU Q 111 -1.77 16.15 -25.34
N GLY Q 112 -2.10 15.66 -26.55
CA GLY Q 112 -2.11 16.51 -27.71
C GLY Q 112 -3.30 17.47 -27.69
N VAL Q 113 -4.48 16.94 -27.33
CA VAL Q 113 -5.69 17.71 -27.07
C VAL Q 113 -5.38 18.88 -26.09
N ALA Q 114 -4.63 18.62 -25.02
CA ALA Q 114 -4.21 19.70 -24.13
C ALA Q 114 -3.39 20.76 -24.88
N VAL Q 115 -2.52 20.34 -25.81
CA VAL Q 115 -1.71 21.29 -26.61
C VAL Q 115 -2.61 22.18 -27.47
N GLN Q 116 -3.60 21.55 -28.11
CA GLN Q 116 -4.62 22.23 -28.91
C GLN Q 116 -5.31 23.33 -28.11
N HIS Q 117 -5.80 22.98 -26.91
CA HIS Q 117 -6.44 23.95 -26.05
C HIS Q 117 -5.51 25.07 -25.57
N ALA Q 118 -4.23 24.78 -25.33
CA ALA Q 118 -3.32 25.79 -24.80
C ALA Q 118 -3.02 26.84 -25.86
N VAL Q 119 -2.85 26.38 -27.10
CA VAL Q 119 -2.60 27.28 -28.20
C VAL Q 119 -3.87 28.06 -28.53
N LEU Q 120 -5.02 27.38 -28.64
CA LEU Q 120 -6.31 28.07 -28.78
C LEU Q 120 -6.52 29.20 -27.77
N LYS Q 121 -6.07 28.98 -26.53
CA LYS Q 121 -6.18 29.95 -25.44
C LYS Q 121 -5.31 31.19 -25.66
N ILE Q 122 -4.01 31.01 -25.97
CA ILE Q 122 -3.17 32.12 -26.38
C ILE Q 122 -3.79 32.88 -27.61
N ILE Q 123 -4.37 32.16 -28.58
CA ILE Q 123 -5.01 32.84 -29.70
C ILE Q 123 -6.21 33.68 -29.29
N ASP Q 124 -7.10 33.15 -28.44
CA ASP Q 124 -8.24 33.92 -27.91
C ASP Q 124 -7.83 35.19 -27.13
N GLU Q 125 -6.71 35.15 -26.42
CA GLU Q 125 -6.27 36.30 -25.66
C GLU Q 125 -5.76 37.37 -26.62
N LEU Q 126 -4.99 36.95 -27.63
CA LEU Q 126 -4.69 37.80 -28.78
C LEU Q 126 -6.00 38.41 -29.34
N GLU Q 127 -6.96 37.58 -29.71
CA GLU Q 127 -8.18 38.11 -30.34
C GLU Q 127 -9.00 38.98 -29.39
N ILE Q 128 -9.26 38.48 -28.17
CA ILE Q 128 -10.18 39.10 -27.22
C ILE Q 128 -9.50 40.18 -26.42
N LYS Q 129 -8.37 39.87 -25.78
CA LYS Q 129 -7.77 40.82 -24.83
C LYS Q 129 -6.73 41.80 -25.42
N THR Q 130 -5.89 41.33 -26.37
CA THR Q 130 -4.90 42.19 -27.02
C THR Q 130 -5.57 43.14 -28.05
N LEU Q 131 -6.37 42.55 -28.95
CA LEU Q 131 -6.99 43.31 -30.02
C LEU Q 131 -8.31 43.96 -29.63
N GLY Q 132 -8.68 43.90 -28.35
CA GLY Q 132 -10.01 44.38 -27.88
C GLY Q 132 -11.08 44.29 -28.96
N SER Q 133 -11.36 43.08 -29.45
CA SER Q 133 -12.32 42.85 -30.52
C SER Q 133 -13.78 42.68 -30.06
N GLY Q 134 -13.96 42.24 -28.81
CA GLY Q 134 -15.28 42.10 -28.20
C GLY Q 134 -16.00 43.41 -27.98
N GLU Q 135 -17.32 43.39 -28.18
CA GLU Q 135 -18.18 44.57 -28.00
C GLU Q 135 -18.41 44.92 -26.52
N LYS Q 136 -18.24 43.94 -25.64
CA LYS Q 136 -18.29 44.16 -24.19
C LYS Q 136 -17.26 43.19 -23.57
N SER Q 137 -16.29 43.73 -22.83
CA SER Q 137 -15.26 42.88 -22.24
C SER Q 137 -15.67 42.30 -20.87
N GLY Q 138 -14.97 41.25 -20.43
CA GLY Q 138 -15.28 40.55 -19.17
C GLY Q 138 -15.05 41.37 -17.93
N SER Q 139 -15.33 40.78 -16.77
CA SER Q 139 -15.09 41.40 -15.46
C SER Q 139 -13.60 41.71 -15.20
N GLY Q 140 -12.72 40.88 -15.76
CA GLY Q 140 -11.28 41.16 -15.83
C GLY Q 140 -10.94 42.51 -16.47
N GLY Q 141 -11.90 43.09 -17.20
CA GLY Q 141 -11.79 44.46 -17.73
C GLY Q 141 -11.17 44.50 -19.11
N ALA Q 142 -10.47 45.60 -19.42
CA ALA Q 142 -9.72 45.67 -20.68
C ALA Q 142 -8.26 46.05 -20.46
N PRO Q 143 -7.39 45.03 -20.41
CA PRO Q 143 -5.95 45.21 -20.07
C PRO Q 143 -5.09 45.79 -21.21
N THR Q 144 -5.63 45.85 -22.42
CA THR Q 144 -4.92 46.47 -23.51
C THR Q 144 -5.18 47.99 -23.46
N PRO Q 145 -4.18 48.80 -23.83
CA PRO Q 145 -4.27 50.28 -23.78
C PRO Q 145 -5.38 50.88 -24.69
N ILE Q 146 -5.57 50.30 -25.87
CA ILE Q 146 -6.60 50.70 -26.81
C ILE Q 146 -7.02 49.46 -27.65
N GLY Q 147 -8.26 49.42 -28.09
CA GLY Q 147 -8.73 48.31 -28.93
C GLY Q 147 -8.96 48.59 -30.41
N MET Q 148 -9.70 47.66 -31.01
CA MET Q 148 -10.05 47.67 -32.43
C MET Q 148 -10.92 48.88 -32.80
N TYR Q 149 -11.70 49.37 -31.84
CA TYR Q 149 -12.63 50.46 -32.09
C TYR Q 149 -12.10 51.75 -31.44
N ALA Q 150 -10.81 51.98 -31.68
CA ALA Q 150 -10.05 53.07 -31.09
C ALA Q 150 -10.41 54.40 -31.74
N LEU Q 151 -10.51 54.39 -33.08
CA LEU Q 151 -10.94 55.51 -33.86
C LEU Q 151 -12.28 56.04 -33.32
N ARG Q 152 -13.24 55.14 -33.15
CA ARG Q 152 -14.56 55.51 -32.66
C ARG Q 152 -14.42 56.07 -31.23
N GLU Q 153 -13.56 55.45 -30.43
CA GLU Q 153 -13.32 55.88 -29.06
C GLU Q 153 -12.83 57.33 -29.04
N TYR Q 154 -11.78 57.57 -29.82
CA TYR Q 154 -11.20 58.89 -29.99
C TYR Q 154 -12.21 60.00 -30.36
N LEU Q 155 -12.93 59.82 -31.47
CA LEU Q 155 -13.91 60.82 -31.95
C LEU Q 155 -14.97 61.08 -30.90
N SER Q 156 -15.49 60.02 -30.30
CA SER Q 156 -16.43 60.13 -29.19
C SER Q 156 -15.90 60.95 -28.00
N ALA Q 157 -14.65 60.70 -27.60
CA ALA Q 157 -14.04 61.38 -26.45
C ALA Q 157 -13.74 62.87 -26.74
N ARG Q 158 -13.24 63.14 -27.95
CA ARG Q 158 -12.83 64.48 -28.38
C ARG Q 158 -14.08 65.34 -28.68
N SER Q 159 -15.07 64.72 -29.31
CA SER Q 159 -16.36 65.36 -29.55
C SER Q 159 -17.04 65.94 -28.31
N THR Q 160 -17.14 65.14 -27.25
CA THR Q 160 -17.70 65.60 -25.99
C THR Q 160 -17.07 66.90 -25.56
N VAL Q 161 -15.75 66.97 -25.71
CA VAL Q 161 -14.92 68.08 -25.25
C VAL Q 161 -14.99 69.22 -26.23
N GLU Q 162 -15.25 68.89 -27.50
CA GLU Q 162 -15.47 69.90 -28.53
C GLU Q 162 -16.80 70.61 -28.28
N ASP Q 163 -17.89 69.86 -28.12
CA ASP Q 163 -19.19 70.50 -27.87
C ASP Q 163 -19.18 71.37 -26.64
N LYS Q 164 -18.47 70.96 -25.59
CA LYS Q 164 -18.40 71.74 -24.37
C LYS Q 164 -17.71 73.09 -24.60
N LEU Q 165 -16.66 73.07 -25.42
CA LEU Q 165 -15.82 74.24 -25.72
C LEU Q 165 -16.44 75.23 -26.71
N LEU Q 166 -17.02 74.68 -27.78
CA LEU Q 166 -17.66 75.46 -28.84
C LEU Q 166 -18.99 76.05 -28.40
N GLY Q 167 -19.65 75.40 -27.44
CA GLY Q 167 -20.88 75.89 -26.84
C GLY Q 167 -22.11 75.17 -27.35
N GLY Q 178 -22.37 79.30 -26.42
CA GLY Q 178 -21.40 79.85 -25.41
C GLY Q 178 -20.53 78.77 -24.76
N GLY Q 179 -19.22 78.76 -25.09
CA GLY Q 179 -18.29 77.70 -24.67
C GLY Q 179 -18.06 77.60 -23.17
N SER Q 180 -16.97 76.95 -22.76
CA SER Q 180 -16.59 76.94 -21.35
C SER Q 180 -15.33 77.76 -21.18
N GLN Q 181 -15.22 78.42 -20.03
CA GLN Q 181 -14.05 79.24 -19.70
C GLN Q 181 -13.07 78.52 -18.76
N SER Q 182 -13.28 77.21 -18.59
CA SER Q 182 -12.40 76.32 -17.80
C SER Q 182 -11.09 76.10 -18.56
N PRO Q 183 -9.97 76.51 -17.94
CA PRO Q 183 -8.66 76.37 -18.57
C PRO Q 183 -8.24 74.91 -18.72
N SER Q 184 -8.67 74.05 -17.77
CA SER Q 184 -8.35 72.60 -17.74
C SER Q 184 -9.06 71.75 -18.81
N LEU Q 185 -10.23 72.21 -19.26
CA LEU Q 185 -10.94 71.52 -20.34
C LEU Q 185 -10.23 71.71 -21.68
N LEU Q 186 -9.59 72.84 -21.86
CA LEU Q 186 -8.89 73.12 -23.12
C LEU Q 186 -7.60 72.31 -23.18
N LEU Q 187 -6.90 72.23 -22.05
CA LEU Q 187 -5.73 71.36 -21.91
C LEU Q 187 -6.09 69.88 -22.16
N GLU Q 188 -7.28 69.50 -21.69
CA GLU Q 188 -7.84 68.16 -21.86
C GLU Q 188 -8.11 67.75 -23.31
N LEU Q 189 -8.48 68.69 -24.17
CA LEU Q 189 -8.52 68.40 -25.62
C LEU Q 189 -7.12 68.02 -26.17
N ARG Q 190 -6.10 68.73 -25.70
CA ARG Q 190 -4.71 68.43 -25.97
C ARG Q 190 -4.35 67.01 -25.50
N GLN Q 191 -4.77 66.70 -24.27
CA GLN Q 191 -4.48 65.42 -23.65
C GLN Q 191 -5.15 64.21 -24.35
N ILE Q 192 -6.37 64.36 -24.85
CA ILE Q 192 -7.05 63.34 -25.65
C ILE Q 192 -6.27 63.03 -26.94
N ASP Q 193 -5.76 64.08 -27.57
CA ASP Q 193 -4.91 63.93 -28.73
C ASP Q 193 -3.61 63.18 -28.40
N ALA Q 194 -2.88 63.66 -27.40
CA ALA Q 194 -1.64 63.03 -26.91
C ALA Q 194 -1.85 61.56 -26.47
N ASP Q 195 -2.70 61.37 -25.48
CA ASP Q 195 -3.05 60.04 -24.95
C ASP Q 195 -3.51 59.02 -25.98
N PHE Q 196 -4.18 59.46 -27.04
CA PHE Q 196 -4.58 58.46 -28.02
C PHE Q 196 -3.39 58.00 -28.82
N MET Q 197 -2.40 58.87 -28.98
CA MET Q 197 -1.16 58.52 -29.67
C MET Q 197 -0.29 57.70 -28.73
N LEU Q 198 -0.25 58.10 -27.47
CA LEU Q 198 0.41 57.31 -26.43
C LEU Q 198 -0.14 55.87 -26.42
N LYS Q 199 -1.45 55.74 -26.38
CA LYS Q 199 -2.12 54.46 -26.40
C LYS Q 199 -1.79 53.65 -27.65
N VAL Q 200 -1.57 54.28 -28.80
CA VAL Q 200 -1.16 53.50 -29.98
C VAL Q 200 0.30 52.99 -29.84
N GLU Q 201 1.18 53.83 -29.29
CA GLU Q 201 2.57 53.45 -29.00
C GLU Q 201 2.62 52.25 -28.06
N LEU Q 202 1.84 52.31 -26.99
CA LEU Q 202 1.74 51.22 -25.99
C LEU Q 202 1.12 49.92 -26.55
N ALA Q 203 -0.02 50.06 -27.23
CA ALA Q 203 -0.77 48.92 -27.77
C ALA Q 203 -0.03 48.14 -28.85
N THR Q 204 0.66 48.84 -29.74
CA THR Q 204 1.48 48.19 -30.77
C THR Q 204 2.64 47.38 -30.15
N THR Q 205 3.18 47.88 -29.05
CA THR Q 205 4.31 47.22 -28.36
C THR Q 205 3.81 45.95 -27.70
N HIS Q 206 2.72 46.10 -26.95
CA HIS Q 206 2.00 44.99 -26.39
C HIS Q 206 1.58 43.92 -27.41
N LEU Q 207 1.02 44.37 -28.55
CA LEU Q 207 0.63 43.48 -29.65
C LEU Q 207 1.82 42.76 -30.29
N SER Q 208 2.98 43.41 -30.30
CA SER Q 208 4.20 42.79 -30.80
C SER Q 208 4.61 41.53 -30.02
N THR Q 209 4.67 41.66 -28.68
CA THR Q 209 4.92 40.56 -27.76
C THR Q 209 3.94 39.39 -28.02
N MET Q 210 2.64 39.66 -28.00
CA MET Q 210 1.65 38.64 -28.27
C MET Q 210 1.89 37.95 -29.60
N VAL Q 211 2.07 38.72 -30.68
CA VAL Q 211 2.31 38.07 -32.00
C VAL Q 211 3.54 37.16 -31.93
N ARG Q 212 4.62 37.65 -31.32
CA ARG Q 212 5.87 36.90 -31.19
C ARG Q 212 5.71 35.60 -30.33
N ALA Q 213 5.05 35.74 -29.19
CA ALA Q 213 4.69 34.59 -28.34
C ALA Q 213 3.87 33.53 -29.10
N VAL Q 214 2.99 33.99 -30.01
CA VAL Q 214 2.18 33.07 -30.78
C VAL Q 214 2.98 32.42 -31.90
N ILE Q 215 4.00 33.10 -32.43
CA ILE Q 215 4.81 32.52 -33.52
C ILE Q 215 5.62 31.38 -32.90
N ASN Q 216 6.24 31.65 -31.75
CA ASN Q 216 6.95 30.65 -30.96
C ASN Q 216 6.07 29.46 -30.58
N ALA Q 217 4.94 29.70 -29.92
CA ALA Q 217 4.00 28.62 -29.54
C ALA Q 217 3.51 27.77 -30.69
N TYR Q 218 3.15 28.39 -31.81
CA TYR Q 218 2.68 27.64 -32.97
C TYR Q 218 3.79 26.74 -33.53
N LEU Q 219 4.97 27.31 -33.67
CA LEU Q 219 6.06 26.60 -34.35
C LEU Q 219 6.63 25.50 -33.48
N LEU Q 220 6.60 25.68 -32.16
CA LEU Q 220 6.98 24.60 -31.23
C LEU Q 220 6.01 23.41 -31.14
N ASN Q 221 4.74 23.61 -31.48
CA ASN Q 221 3.65 22.70 -31.11
C ASN Q 221 2.81 22.21 -32.30
N TRP Q 222 3.19 22.62 -33.53
CA TRP Q 222 2.32 22.44 -34.70
C TRP Q 222 1.95 20.98 -35.00
N LYS Q 223 2.85 20.06 -34.69
CA LYS Q 223 2.62 18.63 -34.98
C LYS Q 223 1.47 18.05 -34.15
N LYS Q 224 1.48 18.32 -32.85
CA LYS Q 224 0.36 17.94 -31.98
C LYS Q 224 -0.89 18.74 -32.30
N LEU Q 225 -0.72 20.01 -32.68
CA LEU Q 225 -1.85 20.81 -33.11
C LEU Q 225 -2.63 20.16 -34.28
N ILE Q 226 -1.89 19.60 -35.24
CA ILE Q 226 -2.48 18.97 -36.43
C ILE Q 226 -2.86 17.53 -36.17
N GLN Q 227 -2.00 16.81 -35.44
CA GLN Q 227 -2.24 15.42 -35.15
C GLN Q 227 -2.12 15.16 -33.62
N PRO Q 228 -3.16 15.49 -32.86
CA PRO Q 228 -3.18 15.33 -31.40
C PRO Q 228 -3.00 13.92 -30.83
N ARG Q 229 -3.44 12.90 -31.56
CA ARG Q 229 -3.33 11.49 -31.18
C ARG Q 229 -2.63 10.70 -32.29
N THR Q 230 -1.67 9.85 -31.94
CA THR Q 230 -1.11 8.84 -32.88
C THR Q 230 -1.43 7.49 -32.30
N GLY Q 231 -2.36 6.76 -32.92
CA GLY Q 231 -2.91 5.56 -32.26
C GLY Q 231 -3.07 4.27 -33.05
N SER Q 232 -2.08 3.38 -32.94
CA SER Q 232 -2.21 2.01 -33.47
C SER Q 232 -1.29 1.03 -32.71
N ASP Q 233 -1.83 0.44 -31.63
CA ASP Q 233 -1.07 -0.48 -30.75
C ASP Q 233 -0.81 -1.88 -31.34
N HIS Q 234 0.27 -2.51 -30.88
CA HIS Q 234 0.57 -3.89 -31.26
C HIS Q 234 0.41 -4.90 -30.11
N MET Q 235 -0.12 -4.40 -28.99
CA MET Q 235 -0.48 -5.22 -27.82
C MET Q 235 -1.60 -6.22 -28.14
N VAL Q 236 -2.64 -5.69 -28.80
CA VAL Q 236 -3.88 -6.41 -29.08
C VAL Q 236 -4.04 -6.79 -30.56
N SER Q 237 -3.86 -8.08 -30.86
CA SER Q 237 -4.33 -8.64 -32.13
C SER Q 237 -5.15 -9.92 -31.91
N LYS R 10 -48.30 6.76 -19.51
CA LYS R 10 -47.21 5.73 -19.45
C LYS R 10 -45.83 6.31 -19.81
N ARG R 11 -44.90 6.12 -18.89
CA ARG R 11 -43.65 6.89 -18.83
C ARG R 11 -42.65 6.63 -19.98
N ALA R 12 -42.42 5.35 -20.31
CA ALA R 12 -41.59 4.94 -21.45
C ALA R 12 -42.14 5.48 -22.79
N ALA R 13 -43.44 5.31 -23.02
CA ALA R 13 -44.14 5.95 -24.16
C ALA R 13 -43.85 7.43 -24.23
N LEU R 14 -44.06 8.14 -23.11
CA LEU R 14 -43.69 9.56 -23.05
C LEU R 14 -42.25 9.82 -23.47
N ILE R 15 -41.31 9.01 -22.98
CA ILE R 15 -39.89 9.23 -23.31
C ILE R 15 -39.67 8.98 -24.78
N GLN R 16 -40.24 7.87 -25.28
CA GLN R 16 -40.06 7.46 -26.65
C GLN R 16 -40.63 8.47 -27.65
N ASN R 17 -41.77 9.07 -27.31
CA ASN R 17 -42.34 10.11 -28.16
C ASN R 17 -41.48 11.34 -28.29
N LEU R 18 -40.80 11.73 -27.20
CA LEU R 18 -39.78 12.77 -27.28
C LEU R 18 -38.70 12.39 -28.26
N ARG R 19 -38.18 11.17 -28.12
CA ARG R 19 -36.98 10.77 -28.89
C ARG R 19 -37.27 10.46 -30.34
N ASP R 20 -38.44 9.89 -30.62
CA ASP R 20 -38.96 9.79 -32.01
C ASP R 20 -39.10 11.16 -32.72
N SER R 21 -39.49 12.20 -31.97
CA SER R 21 -39.69 13.53 -32.58
C SER R 21 -38.38 14.21 -32.89
N TYR R 22 -37.36 13.96 -32.07
CA TYR R 22 -36.05 14.57 -32.29
C TYR R 22 -34.98 13.48 -32.29
N THR R 23 -34.55 13.11 -33.50
CA THR R 23 -33.70 11.93 -33.73
C THR R 23 -32.37 12.40 -34.20
N GLU R 24 -31.42 11.46 -34.31
CA GLU R 24 -30.12 11.73 -34.93
C GLU R 24 -30.24 12.33 -36.36
N THR R 25 -31.29 12.01 -37.08
CA THR R 25 -31.48 12.63 -38.40
C THR R 25 -31.74 14.14 -38.35
N SER R 26 -32.55 14.62 -37.40
CA SER R 26 -32.81 16.06 -37.20
C SER R 26 -31.55 16.88 -37.05
N SER R 27 -30.56 16.34 -36.33
CA SER R 27 -29.32 17.07 -36.01
C SER R 27 -28.29 16.87 -37.08
N PHE R 28 -28.23 15.67 -37.65
CA PHE R 28 -27.45 15.47 -38.88
C PHE R 28 -27.95 16.44 -40.00
N ALA R 29 -29.26 16.53 -40.19
CA ALA R 29 -29.77 17.48 -41.22
C ALA R 29 -29.17 18.87 -41.03
N VAL R 30 -29.08 19.32 -39.77
CA VAL R 30 -28.61 20.67 -39.44
C VAL R 30 -27.15 20.79 -39.80
N ILE R 31 -26.37 19.80 -39.35
CA ILE R 31 -24.91 19.76 -39.58
C ILE R 31 -24.61 19.77 -41.08
N GLU R 32 -25.37 19.01 -41.86
CA GLU R 32 -25.26 18.99 -43.34
C GLU R 32 -25.57 20.34 -43.97
N GLU R 33 -26.56 21.05 -43.42
CA GLU R 33 -26.88 22.40 -43.88
C GLU R 33 -25.78 23.39 -43.52
N TRP R 34 -25.26 23.29 -42.28
CA TRP R 34 -24.13 24.10 -41.82
C TRP R 34 -22.88 23.91 -42.67
N ALA R 35 -22.60 22.68 -43.07
CA ALA R 35 -21.36 22.42 -43.82
C ALA R 35 -21.40 23.08 -45.23
N ALA R 36 -22.61 23.29 -45.74
CA ALA R 36 -22.81 23.78 -47.13
C ALA R 36 -23.45 25.19 -47.19
N GLY R 37 -24.77 25.26 -47.29
CA GLY R 37 -25.47 26.54 -47.39
C GLY R 37 -25.15 27.59 -46.32
N THR R 38 -25.13 27.20 -45.04
CA THR R 38 -24.91 28.16 -43.98
C THR R 38 -23.60 28.91 -44.15
N LEU R 39 -22.51 28.17 -44.37
CA LEU R 39 -21.18 28.78 -44.52
C LEU R 39 -21.01 29.69 -45.76
N GLN R 40 -21.66 29.30 -46.85
CA GLN R 40 -21.75 30.10 -48.07
C GLN R 40 -22.46 31.43 -47.83
N GLU R 41 -23.62 31.37 -47.15
CA GLU R 41 -24.37 32.56 -46.80
C GLU R 41 -23.54 33.47 -45.96
N ILE R 42 -22.78 32.88 -45.05
CA ILE R 42 -21.91 33.67 -44.18
C ILE R 42 -20.80 34.40 -44.96
N GLU R 43 -20.16 33.70 -45.92
CA GLU R 43 -19.26 34.33 -46.89
C GLU R 43 -19.89 35.50 -47.65
N GLY R 44 -21.09 35.31 -48.21
CA GLY R 44 -21.83 36.37 -48.90
C GLY R 44 -21.94 37.63 -48.07
N ILE R 45 -22.51 37.49 -46.88
CA ILE R 45 -22.67 38.59 -45.90
C ILE R 45 -21.34 39.26 -45.61
N ALA R 46 -20.29 38.48 -45.44
CA ALA R 46 -18.95 39.05 -45.21
C ALA R 46 -18.46 39.92 -46.38
N LYS R 47 -18.66 39.43 -47.61
CA LYS R 47 -18.32 40.20 -48.83
C LYS R 47 -19.08 41.52 -48.94
N ALA R 48 -20.40 41.44 -48.80
CA ALA R 48 -21.27 42.62 -48.71
C ALA R 48 -20.81 43.66 -47.67
N ALA R 49 -20.39 43.23 -46.49
CA ALA R 49 -19.90 44.18 -45.47
C ALA R 49 -18.59 44.79 -45.86
N ALA R 50 -17.72 43.99 -46.47
CA ALA R 50 -16.43 44.46 -46.98
C ALA R 50 -16.61 45.50 -48.06
N GLU R 51 -17.61 45.27 -48.94
CA GLU R 51 -17.98 46.24 -49.98
C GLU R 51 -18.46 47.54 -49.38
N ALA R 52 -19.46 47.47 -48.50
CA ALA R 52 -20.00 48.66 -47.83
C ALA R 52 -18.90 49.43 -47.12
N HIS R 53 -18.01 48.69 -46.44
CA HIS R 53 -16.88 49.32 -45.76
C HIS R 53 -15.90 50.10 -46.68
N GLY R 54 -15.71 49.60 -47.91
CA GLY R 54 -14.96 50.34 -48.93
C GLY R 54 -15.60 51.68 -49.29
N VAL R 55 -16.90 51.63 -49.58
CA VAL R 55 -17.66 52.80 -49.98
C VAL R 55 -17.62 53.91 -48.91
N ILE R 56 -17.70 53.51 -47.65
CA ILE R 56 -17.67 54.45 -46.51
C ILE R 56 -16.25 55.03 -46.33
N ARG R 57 -15.25 54.24 -46.66
CA ARG R 57 -13.87 54.71 -46.56
C ARG R 57 -13.60 55.79 -47.62
N ASN R 58 -14.23 55.63 -48.79
CA ASN R 58 -14.17 56.61 -49.90
C ASN R 58 -15.16 57.78 -49.76
N SER R 59 -15.21 58.43 -48.60
CA SER R 59 -16.29 59.42 -48.35
C SER R 59 -15.95 60.57 -47.38
N THR R 60 -16.53 61.74 -47.68
CA THR R 60 -16.61 62.85 -46.73
C THR R 60 -18.08 63.00 -46.34
N TYR R 61 -18.30 63.45 -45.11
CA TYR R 61 -19.65 63.51 -44.55
C TYR R 61 -20.03 64.95 -44.24
N GLY R 62 -21.26 65.30 -44.61
CA GLY R 62 -21.89 66.54 -44.17
C GLY R 62 -23.21 66.14 -43.56
N ARG R 63 -24.01 67.11 -43.14
CA ARG R 63 -25.26 66.77 -42.44
C ARG R 63 -26.34 66.18 -43.37
N ALA R 64 -26.02 66.06 -44.67
CA ALA R 64 -26.86 65.28 -45.59
C ALA R 64 -26.80 63.78 -45.25
N GLN R 65 -25.61 63.34 -44.81
CA GLN R 65 -25.38 61.98 -44.32
C GLN R 65 -26.08 61.68 -43.00
N ALA R 66 -26.38 62.73 -42.22
CA ALA R 66 -27.10 62.61 -40.94
C ALA R 66 -28.60 62.69 -41.13
N GLU R 67 -29.03 62.84 -42.38
CA GLU R 67 -30.40 63.20 -42.74
C GLU R 67 -31.04 61.98 -43.37
N LYS R 68 -30.19 61.09 -43.85
CA LYS R 68 -30.63 59.84 -44.44
C LYS R 68 -29.89 58.70 -43.77
N SER R 69 -30.60 57.59 -43.58
CA SER R 69 -30.06 56.39 -42.95
C SER R 69 -29.73 55.39 -44.04
N PRO R 70 -28.44 55.09 -44.23
CA PRO R 70 -27.93 54.45 -45.45
C PRO R 70 -28.38 53.01 -45.72
N GLU R 71 -29.42 52.83 -46.53
CA GLU R 71 -30.07 51.54 -46.79
C GLU R 71 -29.18 50.30 -47.07
N GLN R 72 -27.94 50.53 -47.50
CA GLN R 72 -27.04 49.43 -47.86
C GLN R 72 -26.49 48.76 -46.60
N LEU R 73 -26.22 49.59 -45.58
CA LEU R 73 -25.74 49.10 -44.30
C LEU R 73 -26.88 48.38 -43.62
N LEU R 74 -28.08 48.98 -43.64
CA LEU R 74 -29.29 48.39 -43.05
C LEU R 74 -29.58 46.98 -43.57
N GLY R 75 -29.30 46.75 -44.86
CA GLY R 75 -29.50 45.45 -45.51
C GLY R 75 -28.40 44.43 -45.20
N VAL R 76 -27.16 44.88 -45.04
CA VAL R 76 -26.09 44.01 -44.60
C VAL R 76 -26.38 43.51 -43.17
N LEU R 77 -26.67 44.45 -42.25
CA LEU R 77 -27.03 44.13 -40.86
C LEU R 77 -28.26 43.21 -40.73
N GLN R 78 -29.33 43.52 -41.48
CA GLN R 78 -30.54 42.72 -41.58
C GLN R 78 -30.23 41.30 -42.02
N ARG R 79 -29.38 41.17 -43.03
CA ARG R 79 -29.02 39.87 -43.57
C ARG R 79 -28.19 39.08 -42.53
N TYR R 80 -27.24 39.73 -41.86
CA TYR R 80 -26.58 39.15 -40.69
C TYR R 80 -27.54 38.64 -39.59
N GLN R 81 -28.48 39.48 -39.15
CA GLN R 81 -29.49 39.04 -38.20
C GLN R 81 -30.32 37.83 -38.64
N ASP R 82 -30.72 37.78 -39.91
CA ASP R 82 -31.53 36.61 -40.35
C ASP R 82 -30.67 35.36 -40.31
N LEU R 83 -29.38 35.54 -40.57
CA LEU R 83 -28.49 34.42 -40.52
C LEU R 83 -28.41 33.91 -39.04
N CYS R 84 -28.03 34.79 -38.12
CA CYS R 84 -27.95 34.45 -36.70
C CYS R 84 -29.22 33.76 -36.17
N HIS R 85 -30.38 34.30 -36.53
CA HIS R 85 -31.66 33.75 -36.15
C HIS R 85 -31.78 32.30 -36.56
N ASN R 86 -31.49 32.00 -37.83
CA ASN R 86 -31.56 30.61 -38.27
C ASN R 86 -30.53 29.67 -37.58
N VAL R 87 -29.30 30.14 -37.40
CA VAL R 87 -28.26 29.33 -36.76
C VAL R 87 -28.69 28.96 -35.34
N TYR R 88 -29.18 29.96 -34.61
CA TYR R 88 -29.78 29.77 -33.30
C TYR R 88 -30.83 28.66 -33.27
N CYS R 89 -31.85 28.75 -34.14
CA CYS R 89 -32.95 27.77 -34.16
C CYS R 89 -32.45 26.36 -34.51
N GLN R 90 -31.44 26.30 -35.39
CA GLN R 90 -30.83 25.06 -35.81
C GLN R 90 -29.96 24.43 -34.69
N ALA R 91 -29.15 25.27 -34.01
CA ALA R 91 -28.47 24.91 -32.76
C ALA R 91 -29.44 24.28 -31.76
N GLU R 92 -30.62 24.88 -31.60
CA GLU R 92 -31.58 24.38 -30.64
C GLU R 92 -32.07 23.03 -30.99
N THR R 93 -32.12 22.72 -32.28
CA THR R 93 -32.50 21.37 -32.73
C THR R 93 -31.50 20.36 -32.21
N ILE R 94 -30.22 20.66 -32.38
CA ILE R 94 -29.17 19.79 -31.89
C ILE R 94 -29.19 19.65 -30.36
N ARG R 95 -29.30 20.79 -29.64
CA ARG R 95 -29.40 20.74 -28.19
C ARG R 95 -30.53 19.84 -27.75
N THR R 96 -31.68 19.92 -28.42
CA THR R 96 -32.80 19.09 -28.04
C THR R 96 -32.50 17.62 -28.18
N VAL R 97 -31.94 17.23 -29.33
CA VAL R 97 -31.57 15.83 -29.64
C VAL R 97 -30.64 15.24 -28.56
N ILE R 98 -29.67 16.03 -28.09
CA ILE R 98 -28.75 15.54 -27.06
C ILE R 98 -29.47 15.52 -25.71
N ALA R 99 -30.07 16.66 -25.35
CA ALA R 99 -30.74 16.88 -24.04
C ALA R 99 -31.81 15.85 -23.66
N ILE R 100 -32.56 15.34 -24.65
CA ILE R 100 -33.63 14.34 -24.31
C ILE R 100 -33.06 12.92 -24.23
N ARG R 101 -31.73 12.81 -24.39
CA ARG R 101 -31.04 11.52 -24.30
C ARG R 101 -30.00 11.46 -23.17
N ILE R 102 -29.92 12.51 -22.34
CA ILE R 102 -29.07 12.50 -21.17
C ILE R 102 -29.69 11.40 -20.37
N PRO R 103 -28.92 10.37 -19.96
CA PRO R 103 -29.51 9.19 -19.36
C PRO R 103 -29.75 9.38 -17.86
N GLU R 104 -30.35 8.37 -17.24
CA GLU R 104 -30.58 8.35 -15.79
C GLU R 104 -29.34 8.79 -15.01
N HIS R 105 -29.52 9.72 -14.06
CA HIS R 105 -28.41 10.28 -13.28
C HIS R 105 -27.63 9.24 -12.43
N LYS R 106 -26.34 9.10 -12.70
CA LYS R 106 -25.60 8.09 -12.00
C LYS R 106 -24.21 8.60 -11.59
N GLU R 107 -23.62 7.98 -10.59
CA GLU R 107 -22.27 8.35 -10.20
C GLU R 107 -21.27 7.42 -10.91
N GLU R 108 -21.71 6.72 -11.95
CA GLU R 108 -20.81 5.81 -12.69
C GLU R 108 -21.27 5.72 -14.13
N ASP R 109 -20.44 5.19 -15.02
CA ASP R 109 -20.82 4.97 -16.42
C ASP R 109 -21.23 6.30 -17.06
N ASN R 110 -20.39 7.30 -16.88
CA ASN R 110 -20.60 8.63 -17.40
C ASN R 110 -19.64 9.12 -18.48
N LEU R 111 -18.88 8.24 -19.11
CA LEU R 111 -18.01 8.66 -20.22
C LEU R 111 -18.79 9.28 -21.42
N GLY R 112 -19.88 8.64 -21.81
CA GLY R 112 -20.77 9.16 -22.84
C GLY R 112 -21.44 10.44 -22.37
N VAL R 113 -21.95 10.43 -21.14
CA VAL R 113 -22.59 11.62 -20.58
C VAL R 113 -21.62 12.80 -20.62
N ALA R 114 -20.34 12.53 -20.42
CA ALA R 114 -19.34 13.59 -20.49
C ALA R 114 -19.22 14.17 -21.93
N VAL R 115 -19.32 13.31 -22.94
CA VAL R 115 -19.36 13.75 -24.34
C VAL R 115 -20.58 14.65 -24.57
N GLN R 116 -21.76 14.20 -24.13
CA GLN R 116 -22.98 15.00 -24.29
C GLN R 116 -22.84 16.42 -23.74
N HIS R 117 -22.27 16.55 -22.51
CA HIS R 117 -22.10 17.84 -21.86
C HIS R 117 -21.03 18.65 -22.57
N ALA R 118 -19.96 18.01 -23.02
CA ALA R 118 -18.97 18.76 -23.79
C ALA R 118 -19.55 19.36 -25.07
N VAL R 119 -20.37 18.59 -25.81
CA VAL R 119 -20.95 19.14 -27.06
C VAL R 119 -22.08 20.13 -26.76
N LEU R 120 -22.87 19.89 -25.70
CA LEU R 120 -23.85 20.91 -25.28
C LEU R 120 -23.21 22.25 -24.96
N LYS R 121 -21.96 22.21 -24.48
CA LYS R 121 -21.24 23.39 -24.08
C LYS R 121 -20.71 24.20 -25.27
N ILE R 122 -20.08 23.55 -26.24
CA ILE R 122 -19.71 24.23 -27.48
C ILE R 122 -20.94 24.87 -28.18
N ILE R 123 -22.08 24.17 -28.18
CA ILE R 123 -23.34 24.74 -28.71
C ILE R 123 -23.92 25.93 -27.93
N ASP R 124 -23.85 25.87 -26.59
CA ASP R 124 -24.20 27.03 -25.76
C ASP R 124 -23.29 28.22 -26.01
N GLU R 125 -22.02 27.97 -26.33
CA GLU R 125 -21.12 29.08 -26.59
C GLU R 125 -21.48 29.71 -27.93
N LEU R 126 -21.82 28.86 -28.90
CA LEU R 126 -22.28 29.31 -30.21
C LEU R 126 -23.51 30.24 -30.06
N GLU R 127 -24.51 29.81 -29.29
CA GLU R 127 -25.77 30.54 -29.16
C GLU R 127 -25.61 31.79 -28.29
N ILE R 128 -24.93 31.63 -27.16
CA ILE R 128 -24.83 32.69 -26.14
C ILE R 128 -23.73 33.66 -26.53
N LYS R 129 -22.49 33.18 -26.54
CA LYS R 129 -21.39 34.09 -26.84
C LYS R 129 -21.23 34.51 -28.32
N THR R 130 -21.28 33.57 -29.27
CA THR R 130 -20.99 33.86 -30.66
C THR R 130 -22.15 34.68 -31.30
N LEU R 131 -23.39 34.25 -31.06
CA LEU R 131 -24.56 34.88 -31.66
C LEU R 131 -25.18 35.98 -30.78
N GLY R 132 -24.61 36.20 -29.60
CA GLY R 132 -25.10 37.25 -28.70
C GLY R 132 -26.61 37.29 -28.57
N SER R 133 -27.21 36.10 -28.47
CA SER R 133 -28.65 35.92 -28.49
C SER R 133 -29.36 36.33 -27.20
N GLY R 134 -28.62 36.35 -26.10
CA GLY R 134 -29.17 36.63 -24.77
C GLY R 134 -29.46 38.10 -24.52
N GLU R 135 -30.52 38.35 -23.74
CA GLU R 135 -30.87 39.69 -23.23
C GLU R 135 -29.69 40.44 -22.60
N LYS R 136 -28.93 39.72 -21.79
CA LYS R 136 -27.77 40.26 -21.08
C LYS R 136 -26.62 39.28 -21.12
N SER R 137 -25.44 39.81 -21.40
CA SER R 137 -24.21 39.06 -21.26
C SER R 137 -23.78 39.12 -19.79
N GLY R 138 -22.94 38.17 -19.37
CA GLY R 138 -22.46 38.14 -17.99
C GLY R 138 -21.15 38.87 -17.80
N SER R 139 -20.46 38.54 -16.72
CA SER R 139 -19.13 39.09 -16.44
C SER R 139 -18.04 38.41 -17.29
N GLY R 140 -18.45 37.55 -18.22
CA GLY R 140 -17.54 37.03 -19.25
C GLY R 140 -17.38 38.07 -20.34
N GLY R 141 -18.43 38.88 -20.53
CA GLY R 141 -18.44 39.95 -21.52
C GLY R 141 -19.24 39.55 -22.75
N ALA R 142 -19.16 40.36 -23.80
CA ALA R 142 -19.69 40.00 -25.11
C ALA R 142 -18.53 39.87 -26.13
N PRO R 143 -17.93 38.68 -26.20
CA PRO R 143 -16.67 38.46 -26.96
C PRO R 143 -16.84 38.37 -28.49
N THR R 144 -18.08 38.42 -28.96
CA THR R 144 -18.34 38.51 -30.38
C THR R 144 -18.29 40.01 -30.72
N PRO R 145 -17.81 40.35 -31.92
CA PRO R 145 -17.78 41.75 -32.38
C PRO R 145 -19.16 42.44 -32.34
N ILE R 146 -20.22 41.68 -32.68
CA ILE R 146 -21.60 42.14 -32.73
C ILE R 146 -22.60 40.96 -32.63
N GLY R 147 -23.77 41.19 -32.01
CA GLY R 147 -24.73 40.11 -31.78
C GLY R 147 -25.95 40.07 -32.69
N MET R 148 -26.98 39.38 -32.23
CA MET R 148 -28.24 39.21 -32.95
C MET R 148 -29.02 40.51 -33.18
N TYR R 149 -28.87 41.49 -32.30
CA TYR R 149 -29.68 42.71 -32.32
C TYR R 149 -28.80 43.87 -32.72
N ALA R 150 -27.90 43.57 -33.65
CA ALA R 150 -26.93 44.50 -34.19
C ALA R 150 -27.60 45.72 -34.87
N LEU R 151 -28.61 45.45 -35.69
CA LEU R 151 -29.43 46.47 -36.35
C LEU R 151 -29.99 47.52 -35.39
N ARG R 152 -30.58 47.07 -34.29
CA ARG R 152 -31.05 47.93 -33.22
C ARG R 152 -29.91 48.72 -32.52
N GLU R 153 -28.78 48.05 -32.30
CA GLU R 153 -27.56 48.64 -31.77
C GLU R 153 -27.10 49.81 -32.67
N TYR R 154 -26.99 49.52 -33.97
CA TYR R 154 -26.55 50.45 -34.99
C TYR R 154 -27.48 51.66 -35.10
N LEU R 155 -28.78 51.41 -35.17
CA LEU R 155 -29.76 52.48 -35.29
C LEU R 155 -29.74 53.39 -34.09
N SER R 156 -29.74 52.81 -32.90
CA SER R 156 -29.73 53.62 -31.68
C SER R 156 -28.39 54.39 -31.51
N ALA R 157 -27.27 53.81 -31.95
CA ALA R 157 -25.99 54.51 -31.96
C ALA R 157 -25.94 55.65 -33.00
N ARG R 158 -26.53 55.43 -34.17
CA ARG R 158 -26.61 56.46 -35.21
C ARG R 158 -27.68 57.54 -34.88
N SER R 159 -28.87 57.15 -34.44
CA SER R 159 -29.82 58.07 -33.83
C SER R 159 -29.17 59.16 -32.97
N THR R 160 -28.43 58.75 -31.95
CA THR R 160 -27.88 59.67 -30.98
C THR R 160 -27.11 60.80 -31.67
N VAL R 161 -26.16 60.41 -32.52
CA VAL R 161 -25.34 61.33 -33.30
C VAL R 161 -26.18 62.15 -34.31
N GLU R 162 -27.21 61.53 -34.88
CA GLU R 162 -28.10 62.23 -35.79
C GLU R 162 -28.82 63.35 -35.08
N ASP R 163 -29.37 63.06 -33.90
CA ASP R 163 -30.04 64.08 -33.12
C ASP R 163 -29.14 65.24 -32.80
N LYS R 164 -27.93 64.92 -32.32
CA LYS R 164 -26.93 65.91 -31.94
C LYS R 164 -26.58 66.83 -33.10
N LEU R 165 -26.46 66.26 -34.30
CA LEU R 165 -26.02 67.00 -35.49
C LEU R 165 -27.10 67.87 -36.11
N LEU R 166 -28.34 67.36 -36.10
CA LEU R 166 -29.50 68.05 -36.67
C LEU R 166 -30.07 69.10 -35.71
N GLY R 167 -30.10 68.76 -34.41
CA GLY R 167 -30.70 69.62 -33.40
C GLY R 167 -32.19 69.82 -33.62
N GLY R 178 -29.73 74.93 -35.67
CA GLY R 178 -28.39 74.28 -35.80
C GLY R 178 -28.20 73.19 -34.75
N GLY R 179 -27.51 72.12 -35.16
CA GLY R 179 -27.26 70.99 -34.28
C GLY R 179 -26.02 71.20 -33.46
N SER R 180 -24.93 70.55 -33.88
CA SER R 180 -23.64 70.65 -33.21
C SER R 180 -22.51 71.03 -34.14
N GLN R 181 -21.63 71.88 -33.61
CA GLN R 181 -20.50 72.47 -34.35
C GLN R 181 -19.31 71.50 -34.47
N SER R 182 -19.23 70.56 -33.53
CA SER R 182 -18.08 69.62 -33.37
C SER R 182 -17.67 68.86 -34.66
N PRO R 183 -16.40 69.05 -35.09
CA PRO R 183 -15.90 68.36 -36.29
C PRO R 183 -15.73 66.82 -36.08
N SER R 184 -15.42 66.40 -34.86
CA SER R 184 -15.28 64.97 -34.51
C SER R 184 -16.62 64.24 -34.50
N LEU R 185 -17.65 64.90 -33.99
CA LEU R 185 -18.99 64.34 -33.98
C LEU R 185 -19.43 63.93 -35.37
N LEU R 186 -19.07 64.72 -36.37
CA LEU R 186 -19.41 64.46 -37.75
C LEU R 186 -18.64 63.25 -38.31
N LEU R 187 -17.39 63.10 -37.87
CA LEU R 187 -16.55 61.98 -38.31
C LEU R 187 -17.00 60.71 -37.58
N GLU R 188 -17.54 60.87 -36.37
CA GLU R 188 -18.12 59.75 -35.63
C GLU R 188 -19.28 59.15 -36.40
N LEU R 189 -20.04 59.96 -37.10
CA LEU R 189 -21.19 59.44 -37.82
C LEU R 189 -20.76 58.47 -38.93
N ARG R 190 -19.72 58.85 -39.67
CA ARG R 190 -19.10 57.99 -40.65
C ARG R 190 -18.47 56.75 -39.98
N GLN R 191 -17.87 56.94 -38.80
CA GLN R 191 -17.12 55.86 -38.15
C GLN R 191 -18.06 54.80 -37.59
N ILE R 192 -19.22 55.22 -37.08
CA ILE R 192 -20.33 54.32 -36.77
C ILE R 192 -20.76 53.47 -38.00
N ASP R 193 -20.89 54.10 -39.17
CA ASP R 193 -21.23 53.37 -40.37
C ASP R 193 -20.14 52.35 -40.73
N ALA R 194 -18.90 52.79 -40.71
CA ALA R 194 -17.74 51.94 -40.96
C ALA R 194 -17.58 50.79 -39.93
N ASP R 195 -17.49 51.13 -38.65
CA ASP R 195 -17.33 50.13 -37.57
C ASP R 195 -18.38 49.04 -37.56
N PHE R 196 -19.63 49.40 -37.83
CA PHE R 196 -20.69 48.43 -37.91
C PHE R 196 -20.54 47.49 -39.11
N MET R 197 -19.96 47.99 -40.19
CA MET R 197 -19.56 47.08 -41.28
C MET R 197 -18.36 46.22 -40.89
N LEU R 198 -17.37 46.80 -40.20
CA LEU R 198 -16.21 46.07 -39.66
C LEU R 198 -16.64 44.91 -38.74
N LYS R 199 -17.55 45.21 -37.82
CA LYS R 199 -18.11 44.25 -36.86
C LYS R 199 -18.78 43.10 -37.56
N VAL R 200 -19.58 43.38 -38.59
CA VAL R 200 -20.16 42.32 -39.43
C VAL R 200 -19.08 41.47 -40.14
N GLU R 201 -17.99 42.11 -40.60
CA GLU R 201 -16.87 41.36 -41.22
C GLU R 201 -16.18 40.41 -40.24
N LEU R 202 -15.87 40.94 -39.05
CA LEU R 202 -15.22 40.17 -38.00
C LEU R 202 -16.11 39.05 -37.45
N ALA R 203 -17.38 39.38 -37.16
CA ALA R 203 -18.35 38.44 -36.57
C ALA R 203 -18.63 37.22 -37.46
N THR R 204 -18.83 37.46 -38.77
CA THR R 204 -18.97 36.39 -39.76
C THR R 204 -17.73 35.48 -39.81
N THR R 205 -16.55 36.05 -39.64
CA THR R 205 -15.32 35.26 -39.59
C THR R 205 -15.32 34.41 -38.30
N HIS R 206 -15.64 35.04 -37.18
CA HIS R 206 -15.70 34.38 -35.90
C HIS R 206 -16.76 33.29 -35.87
N LEU R 207 -17.93 33.58 -36.44
CA LEU R 207 -19.01 32.60 -36.56
C LEU R 207 -18.65 31.44 -37.51
N SER R 208 -17.96 31.72 -38.61
CA SER R 208 -17.56 30.63 -39.51
C SER R 208 -16.76 29.56 -38.75
N THR R 209 -15.73 30.00 -38.02
CA THR R 209 -14.90 29.16 -37.19
C THR R 209 -15.70 28.31 -36.20
N MET R 210 -16.65 28.93 -35.51
CA MET R 210 -17.43 28.25 -34.50
C MET R 210 -18.32 27.17 -35.15
N VAL R 211 -18.97 27.52 -36.27
CA VAL R 211 -19.81 26.56 -37.00
C VAL R 211 -18.97 25.35 -37.48
N ARG R 212 -17.75 25.62 -37.93
CA ARG R 212 -16.83 24.56 -38.38
C ARG R 212 -16.38 23.69 -37.22
N ALA R 213 -16.01 24.35 -36.11
CA ALA R 213 -15.65 23.66 -34.87
C ALA R 213 -16.73 22.68 -34.42
N VAL R 214 -18.01 23.10 -34.55
CA VAL R 214 -19.15 22.26 -34.15
C VAL R 214 -19.43 21.15 -35.15
N ILE R 215 -19.23 21.39 -36.46
CA ILE R 215 -19.43 20.33 -37.46
C ILE R 215 -18.50 19.18 -37.14
N ASN R 216 -17.21 19.48 -36.94
CA ASN R 216 -16.23 18.50 -36.51
C ASN R 216 -16.60 17.81 -35.19
N ALA R 217 -16.88 18.60 -34.15
CA ALA R 217 -17.32 18.06 -32.84
C ALA R 217 -18.49 17.11 -32.97
N TYR R 218 -19.54 17.54 -33.65
CA TYR R 218 -20.72 16.67 -33.77
C TYR R 218 -20.41 15.37 -34.51
N LEU R 219 -19.79 15.48 -35.68
CA LEU R 219 -19.59 14.31 -36.53
C LEU R 219 -18.60 13.35 -35.88
N LEU R 220 -17.59 13.86 -35.16
CA LEU R 220 -16.72 12.95 -34.35
C LEU R 220 -17.41 12.20 -33.18
N ASN R 221 -18.52 12.72 -32.67
CA ASN R 221 -19.00 12.28 -31.36
C ASN R 221 -20.44 11.78 -31.32
N TRP R 222 -21.14 11.92 -32.45
CA TRP R 222 -22.58 11.70 -32.49
C TRP R 222 -23.05 10.37 -31.90
N LYS R 223 -22.23 9.32 -31.98
CA LYS R 223 -22.65 8.00 -31.47
C LYS R 223 -22.91 7.97 -29.96
N LYS R 224 -22.00 8.56 -29.19
CA LYS R 224 -22.19 8.76 -27.77
C LYS R 224 -23.21 9.87 -27.48
N LEU R 225 -23.35 10.85 -28.38
CA LEU R 225 -24.40 11.86 -28.22
C LEU R 225 -25.77 11.22 -28.16
N ILE R 226 -26.00 10.25 -29.04
CA ILE R 226 -27.25 9.50 -29.13
C ILE R 226 -27.41 8.34 -28.13
N GLN R 227 -26.34 7.54 -27.93
CA GLN R 227 -26.39 6.33 -27.10
C GLN R 227 -25.21 6.39 -26.16
N PRO R 228 -25.34 7.18 -25.09
CA PRO R 228 -24.20 7.45 -24.22
C PRO R 228 -23.78 6.27 -23.34
N ARG R 229 -24.65 5.27 -23.14
CA ARG R 229 -24.32 4.02 -22.43
C ARG R 229 -24.57 2.78 -23.31
N THR R 230 -23.78 1.74 -23.12
CA THR R 230 -24.00 0.43 -23.79
C THR R 230 -23.98 -0.67 -22.72
N GLY R 231 -25.15 -1.03 -22.22
CA GLY R 231 -25.26 -1.65 -20.87
C GLY R 231 -25.65 -3.11 -20.69
N SER R 232 -25.06 -3.99 -21.51
CA SER R 232 -25.28 -5.44 -21.40
C SER R 232 -23.99 -6.21 -20.97
N ASP R 233 -23.95 -6.65 -19.70
CA ASP R 233 -22.82 -7.46 -19.18
C ASP R 233 -23.15 -8.97 -19.21
N HIS R 234 -22.13 -9.80 -19.25
CA HIS R 234 -22.36 -11.25 -19.16
C HIS R 234 -21.70 -11.85 -17.92
N MET R 235 -21.43 -10.99 -16.94
CA MET R 235 -20.79 -11.41 -15.69
C MET R 235 -21.77 -12.02 -14.71
N VAL R 236 -23.01 -11.52 -14.71
CA VAL R 236 -24.07 -11.94 -13.78
C VAL R 236 -25.11 -12.83 -14.47
N SER R 237 -25.45 -13.94 -13.83
CA SER R 237 -26.65 -14.71 -14.14
C SER R 237 -27.29 -15.25 -12.85
N LYS S 10 -47.26 16.37 16.41
CA LYS S 10 -46.53 15.16 15.94
C LYS S 10 -45.77 15.42 14.63
N ARG S 11 -44.46 15.19 14.70
CA ARG S 11 -43.53 15.58 13.66
C ARG S 11 -43.70 14.80 12.35
N ALA S 12 -43.89 13.48 12.48
CA ALA S 12 -44.09 12.56 11.36
C ALA S 12 -45.36 12.90 10.57
N ALA S 13 -46.41 13.31 11.28
CA ALA S 13 -47.70 13.64 10.66
C ALA S 13 -47.58 14.95 9.89
N LEU S 14 -46.84 15.91 10.43
CA LEU S 14 -46.54 17.14 9.69
C LEU S 14 -45.85 16.86 8.35
N ILE S 15 -44.90 15.92 8.36
CA ILE S 15 -44.19 15.56 7.13
C ILE S 15 -45.13 14.79 6.20
N GLN S 16 -45.84 13.80 6.77
CA GLN S 16 -46.79 12.99 6.00
C GLN S 16 -47.93 13.84 5.37
N ASN S 17 -48.41 14.90 6.05
CA ASN S 17 -49.39 15.83 5.44
C ASN S 17 -48.85 16.59 4.23
N LEU S 18 -47.63 17.15 4.37
CA LEU S 18 -46.86 17.68 3.23
C LEU S 18 -46.79 16.74 2.03
N ARG S 19 -46.39 15.50 2.26
CA ARG S 19 -46.15 14.54 1.20
C ARG S 19 -47.44 13.97 0.65
N ASP S 20 -48.49 13.94 1.48
CA ASP S 20 -49.82 13.53 1.02
C ASP S 20 -50.44 14.56 0.11
N SER S 21 -50.12 15.84 0.31
CA SER S 21 -50.63 16.91 -0.55
C SER S 21 -49.90 17.09 -1.86
N TYR S 22 -48.66 16.65 -1.90
CA TYR S 22 -47.82 16.84 -3.05
C TYR S 22 -47.13 15.53 -3.34
N THR S 23 -47.81 14.69 -4.10
CA THR S 23 -47.40 13.33 -4.34
C THR S 23 -46.76 13.27 -5.72
N GLU S 24 -46.27 12.08 -6.06
CA GLU S 24 -45.70 11.82 -7.35
C GLU S 24 -46.70 12.08 -8.47
N THR S 25 -47.96 11.72 -8.22
CA THR S 25 -49.10 12.13 -9.04
C THR S 25 -49.19 13.65 -9.38
N SER S 26 -48.94 14.54 -8.42
CA SER S 26 -48.92 15.98 -8.71
C SER S 26 -47.85 16.36 -9.76
N SER S 27 -46.63 15.82 -9.60
CA SER S 27 -45.56 16.20 -10.48
C SER S 27 -45.71 15.50 -11.87
N PHE S 28 -46.14 14.23 -11.85
CA PHE S 28 -46.42 13.53 -13.10
C PHE S 28 -47.52 14.20 -13.98
N ALA S 29 -48.58 14.70 -13.33
CA ALA S 29 -49.61 15.49 -14.02
C ALA S 29 -49.01 16.66 -14.74
N VAL S 30 -48.08 17.34 -14.11
CA VAL S 30 -47.42 18.48 -14.75
C VAL S 30 -46.64 18.03 -15.97
N ILE S 31 -45.88 16.96 -15.84
CA ILE S 31 -45.05 16.45 -16.91
C ILE S 31 -45.90 15.95 -18.10
N GLU S 32 -47.05 15.34 -17.78
CA GLU S 32 -48.03 14.90 -18.80
C GLU S 32 -48.61 16.05 -19.59
N GLU S 33 -48.97 17.11 -18.88
CA GLU S 33 -49.43 18.36 -19.48
C GLU S 33 -48.34 18.99 -20.33
N TRP S 34 -47.13 19.15 -19.78
CA TRP S 34 -45.97 19.67 -20.54
C TRP S 34 -45.65 18.93 -21.84
N ALA S 35 -45.73 17.60 -21.84
CA ALA S 35 -45.44 16.73 -22.99
C ALA S 35 -46.44 16.91 -24.16
N ALA S 36 -47.65 17.37 -23.83
CA ALA S 36 -48.75 17.53 -24.75
C ALA S 36 -49.04 19.02 -25.05
N GLY S 37 -50.03 19.57 -24.32
CA GLY S 37 -50.56 20.91 -24.53
C GLY S 37 -49.59 22.04 -24.45
N THR S 38 -48.58 21.90 -23.59
CA THR S 38 -47.70 23.04 -23.30
C THR S 38 -46.75 23.28 -24.45
N LEU S 39 -46.18 22.19 -24.94
CA LEU S 39 -45.31 22.24 -26.11
C LEU S 39 -46.00 22.78 -27.38
N GLN S 40 -47.23 22.32 -27.61
CA GLN S 40 -48.10 22.87 -28.67
C GLN S 40 -48.38 24.39 -28.49
N GLU S 41 -48.76 24.83 -27.29
CA GLU S 41 -48.99 26.28 -27.04
C GLU S 41 -47.73 27.10 -27.30
N ILE S 42 -46.60 26.58 -26.84
CA ILE S 42 -45.32 27.24 -27.10
C ILE S 42 -45.09 27.42 -28.60
N GLU S 43 -45.15 26.33 -29.35
CA GLU S 43 -45.03 26.33 -30.82
C GLU S 43 -46.02 27.34 -31.46
N GLY S 44 -47.26 27.35 -30.96
CA GLY S 44 -48.26 28.33 -31.37
C GLY S 44 -47.83 29.78 -31.24
N ILE S 45 -47.23 30.12 -30.08
CA ILE S 45 -46.73 31.49 -29.82
C ILE S 45 -45.59 31.80 -30.76
N ALA S 46 -44.75 30.82 -31.05
CA ALA S 46 -43.64 31.00 -32.00
C ALA S 46 -44.16 31.29 -33.43
N LYS S 47 -45.19 30.54 -33.84
CA LYS S 47 -45.85 30.77 -35.13
C LYS S 47 -46.45 32.18 -35.24
N ALA S 48 -47.21 32.58 -34.22
CA ALA S 48 -47.83 33.92 -34.20
C ALA S 48 -46.78 35.01 -34.22
N ALA S 49 -45.71 34.81 -33.46
CA ALA S 49 -44.61 35.78 -33.41
C ALA S 49 -43.93 35.87 -34.77
N ALA S 50 -43.69 34.72 -35.42
CA ALA S 50 -43.16 34.69 -36.80
C ALA S 50 -44.14 35.38 -37.79
N GLU S 51 -45.45 35.14 -37.61
CA GLU S 51 -46.44 35.81 -38.43
C GLU S 51 -46.34 37.31 -38.25
N ALA S 52 -46.46 37.80 -37.00
CA ALA S 52 -46.37 39.22 -36.74
C ALA S 52 -45.06 39.83 -37.22
N HIS S 53 -43.93 39.13 -37.03
CA HIS S 53 -42.61 39.59 -37.54
C HIS S 53 -42.58 39.91 -39.07
N GLY S 54 -43.13 39.02 -39.91
CA GLY S 54 -43.20 39.26 -41.39
C GLY S 54 -43.99 40.52 -41.74
N VAL S 55 -45.16 40.66 -41.10
CA VAL S 55 -45.95 41.88 -41.18
C VAL S 55 -45.12 43.15 -40.97
N ILE S 56 -44.22 43.14 -39.98
CA ILE S 56 -43.39 44.33 -39.67
C ILE S 56 -42.24 44.49 -40.68
N ARG S 57 -41.66 43.37 -41.08
CA ARG S 57 -40.54 43.38 -42.02
C ARG S 57 -40.97 44.11 -43.32
N ASN S 58 -42.22 43.86 -43.75
CA ASN S 58 -42.92 44.48 -44.88
C ASN S 58 -43.38 45.96 -44.80
N SER S 59 -43.20 46.63 -43.66
CA SER S 59 -43.85 47.93 -43.43
C SER S 59 -42.86 49.06 -43.60
N THR S 60 -43.37 50.21 -44.08
CA THR S 60 -42.65 51.48 -43.96
C THR S 60 -43.24 52.20 -42.75
N TYR S 61 -42.37 52.71 -41.89
CA TYR S 61 -42.85 53.38 -40.70
C TYR S 61 -42.90 54.87 -40.91
N GLY S 62 -44.03 55.46 -40.53
CA GLY S 62 -44.09 56.91 -40.33
C GLY S 62 -44.55 57.27 -38.92
N ARG S 63 -44.67 58.57 -38.67
CA ARG S 63 -45.11 59.08 -37.38
C ARG S 63 -46.44 58.46 -36.90
N ALA S 64 -47.31 58.01 -37.80
CA ALA S 64 -48.57 57.37 -37.32
C ALA S 64 -48.29 56.13 -36.47
N GLN S 65 -47.22 55.41 -36.82
CA GLN S 65 -46.80 54.21 -36.08
C GLN S 65 -46.41 54.55 -34.62
N ALA S 66 -45.97 55.80 -34.37
CA ALA S 66 -45.57 56.23 -33.02
C ALA S 66 -46.75 56.68 -32.16
N GLU S 67 -47.89 56.93 -32.81
CA GLU S 67 -49.10 57.39 -32.15
C GLU S 67 -50.01 56.28 -31.68
N LYS S 68 -49.76 55.06 -32.16
CA LYS S 68 -50.52 53.86 -31.73
C LYS S 68 -49.55 52.69 -31.52
N SER S 69 -49.75 51.94 -30.44
CA SER S 69 -48.92 50.77 -30.24
C SER S 69 -49.65 49.53 -30.74
N PRO S 70 -48.96 48.75 -31.57
CA PRO S 70 -49.57 47.66 -32.35
C PRO S 70 -50.24 46.59 -31.52
N GLU S 71 -51.55 46.41 -31.67
CA GLU S 71 -52.30 45.42 -30.88
C GLU S 71 -51.81 44.01 -31.14
N GLN S 72 -51.35 43.75 -32.36
CA GLN S 72 -50.92 42.41 -32.72
C GLN S 72 -49.71 41.95 -31.88
N LEU S 73 -48.73 42.85 -31.73
CA LEU S 73 -47.51 42.53 -31.00
C LEU S 73 -47.80 42.36 -29.52
N LEU S 74 -48.59 43.27 -28.95
CA LEU S 74 -49.03 43.10 -27.57
C LEU S 74 -49.75 41.75 -27.35
N GLY S 75 -50.63 41.34 -28.27
CA GLY S 75 -51.29 40.05 -28.18
C GLY S 75 -50.26 38.92 -28.12
N VAL S 76 -49.23 38.97 -28.95
CA VAL S 76 -48.22 37.92 -28.92
C VAL S 76 -47.44 37.93 -27.58
N LEU S 77 -47.00 39.11 -27.17
CA LEU S 77 -46.26 39.27 -25.93
C LEU S 77 -47.09 38.83 -24.70
N GLN S 78 -48.39 39.16 -24.67
CA GLN S 78 -49.30 38.71 -23.61
C GLN S 78 -49.46 37.20 -23.58
N ARG S 79 -49.56 36.59 -24.77
CA ARG S 79 -49.64 35.15 -24.86
C ARG S 79 -48.37 34.50 -24.30
N TYR S 80 -47.20 35.05 -24.64
CA TYR S 80 -45.96 34.54 -24.13
C TYR S 80 -45.91 34.63 -22.59
N GLN S 81 -46.36 35.76 -22.05
CA GLN S 81 -46.38 35.96 -20.62
C GLN S 81 -47.28 35.00 -19.90
N ASP S 82 -48.49 34.80 -20.40
CA ASP S 82 -49.40 33.84 -19.80
C ASP S 82 -48.82 32.43 -19.78
N LEU S 83 -48.15 32.05 -20.84
CA LEU S 83 -47.60 30.73 -20.93
C LEU S 83 -46.50 30.54 -19.85
N CYS S 84 -45.58 31.50 -19.80
CA CYS S 84 -44.50 31.56 -18.84
C CYS S 84 -44.95 31.45 -17.37
N HIS S 85 -46.01 32.20 -17.07
CA HIS S 85 -46.73 32.18 -15.81
C HIS S 85 -47.15 30.76 -15.47
N ASN S 86 -47.88 30.15 -16.40
CA ASN S 86 -48.31 28.75 -16.19
C ASN S 86 -47.16 27.77 -15.97
N VAL S 87 -46.09 27.91 -16.76
CA VAL S 87 -44.95 27.00 -16.65
C VAL S 87 -44.20 27.18 -15.34
N TYR S 88 -43.98 28.43 -14.95
CA TYR S 88 -43.42 28.76 -13.63
C TYR S 88 -44.19 28.06 -12.49
N CYS S 89 -45.51 28.23 -12.44
CA CYS S 89 -46.35 27.63 -11.37
C CYS S 89 -46.27 26.14 -11.38
N GLN S 90 -46.16 25.61 -12.59
CA GLN S 90 -46.11 24.18 -12.81
C GLN S 90 -44.76 23.57 -12.41
N ALA S 91 -43.69 24.27 -12.75
CA ALA S 91 -42.34 23.96 -12.32
C ALA S 91 -42.22 23.97 -10.77
N GLU S 92 -42.94 24.88 -10.09
CA GLU S 92 -42.95 24.95 -8.64
C GLU S 92 -43.69 23.73 -8.02
N THR S 93 -44.67 23.16 -8.72
CA THR S 93 -45.28 21.93 -8.22
C THR S 93 -44.27 20.79 -8.18
N ILE S 94 -43.47 20.66 -9.25
CA ILE S 94 -42.41 19.64 -9.27
C ILE S 94 -41.34 19.91 -8.17
N ARG S 95 -40.85 21.14 -8.08
CA ARG S 95 -39.87 21.51 -7.06
C ARG S 95 -40.37 21.15 -5.66
N THR S 96 -41.66 21.39 -5.39
CA THR S 96 -42.26 21.07 -4.12
C THR S 96 -42.21 19.56 -3.85
N VAL S 97 -42.69 18.76 -4.82
CA VAL S 97 -42.64 17.31 -4.72
C VAL S 97 -41.23 16.78 -4.39
N ILE S 98 -40.20 17.36 -4.98
CA ILE S 98 -38.86 16.80 -4.77
C ILE S 98 -38.37 17.28 -3.39
N ALA S 99 -38.41 18.60 -3.21
CA ALA S 99 -37.87 19.32 -2.08
C ALA S 99 -38.43 18.82 -0.71
N ILE S 100 -39.70 18.42 -0.68
CA ILE S 100 -40.23 17.85 0.56
C ILE S 100 -39.84 16.36 0.75
N ARG S 101 -39.01 15.81 -0.14
CA ARG S 101 -38.59 14.42 -0.02
C ARG S 101 -37.07 14.30 0.05
N ILE S 102 -36.39 15.45 0.11
CA ILE S 102 -34.98 15.47 0.42
C ILE S 102 -34.83 14.89 1.83
N PRO S 103 -34.07 13.80 1.98
CA PRO S 103 -34.05 13.05 3.23
C PRO S 103 -33.07 13.65 4.25
N GLU S 104 -33.05 13.03 5.42
CA GLU S 104 -32.15 13.41 6.50
C GLU S 104 -30.73 13.66 5.96
N HIS S 105 -30.10 14.77 6.37
CA HIS S 105 -28.76 15.12 5.89
C HIS S 105 -27.75 14.14 6.42
N LYS S 106 -26.92 13.62 5.53
CA LYS S 106 -25.92 12.63 5.87
C LYS S 106 -24.68 12.83 4.97
N GLU S 107 -23.59 12.21 5.39
CA GLU S 107 -22.37 12.21 4.64
C GLU S 107 -22.24 10.92 3.81
N GLU S 108 -23.33 10.17 3.66
CA GLU S 108 -23.31 8.88 2.96
C GLU S 108 -24.69 8.59 2.40
N ASP S 109 -24.81 7.51 1.61
CA ASP S 109 -26.10 7.09 1.05
C ASP S 109 -26.82 8.30 0.39
N ASN S 110 -26.06 9.04 -0.42
CA ASN S 110 -26.54 10.20 -1.14
C ASN S 110 -26.59 10.06 -2.67
N LEU S 111 -26.68 8.83 -3.19
CA LEU S 111 -26.75 8.71 -4.66
C LEU S 111 -28.11 9.28 -5.16
N GLY S 112 -29.22 8.87 -4.54
CA GLY S 112 -30.51 9.44 -4.85
C GLY S 112 -30.67 10.91 -4.54
N VAL S 113 -30.12 11.37 -3.41
CA VAL S 113 -30.11 12.80 -3.06
C VAL S 113 -29.45 13.62 -4.18
N ALA S 114 -28.39 13.05 -4.77
CA ALA S 114 -27.67 13.72 -5.88
C ALA S 114 -28.56 13.86 -7.10
N VAL S 115 -29.39 12.87 -7.36
CA VAL S 115 -30.40 12.93 -8.43
C VAL S 115 -31.36 14.10 -8.12
N GLN S 116 -31.80 14.17 -6.86
CA GLN S 116 -32.80 15.16 -6.46
C GLN S 116 -32.24 16.53 -6.73
N HIS S 117 -31.03 16.77 -6.25
CA HIS S 117 -30.37 18.05 -6.49
C HIS S 117 -30.14 18.37 -7.99
N ALA S 118 -29.62 17.41 -8.76
CA ALA S 118 -29.47 17.51 -10.23
C ALA S 118 -30.74 17.89 -10.98
N VAL S 119 -31.88 17.29 -10.63
CA VAL S 119 -33.17 17.67 -11.25
C VAL S 119 -33.75 19.03 -10.78
N LEU S 120 -33.58 19.37 -9.53
CA LEU S 120 -33.93 20.72 -9.04
C LEU S 120 -33.09 21.82 -9.71
N LYS S 121 -31.82 21.54 -9.98
CA LYS S 121 -30.99 22.52 -10.67
C LYS S 121 -31.54 22.88 -12.05
N ILE S 122 -31.88 21.88 -12.87
CA ILE S 122 -32.42 22.20 -14.19
C ILE S 122 -33.80 22.86 -14.14
N ILE S 123 -34.61 22.53 -13.13
CA ILE S 123 -35.88 23.21 -12.95
C ILE S 123 -35.62 24.66 -12.55
N ASP S 124 -34.68 24.87 -11.64
CA ASP S 124 -34.24 26.23 -11.31
C ASP S 124 -33.81 27.01 -12.54
N GLU S 125 -33.09 26.36 -13.44
CA GLU S 125 -32.57 27.00 -14.62
C GLU S 125 -33.75 27.37 -15.53
N LEU S 126 -34.73 26.46 -15.62
CA LEU S 126 -35.92 26.72 -16.37
C LEU S 126 -36.63 27.98 -15.85
N GLU S 127 -36.80 28.03 -14.52
CA GLU S 127 -37.46 29.14 -13.87
C GLU S 127 -36.63 30.40 -13.95
N ILE S 128 -35.36 30.33 -13.58
CA ILE S 128 -34.57 31.53 -13.30
C ILE S 128 -34.01 32.07 -14.59
N LYS S 129 -33.24 31.24 -15.28
CA LYS S 129 -32.69 31.59 -16.57
C LYS S 129 -33.81 31.59 -17.64
N THR S 130 -34.19 30.41 -18.14
CA THR S 130 -35.09 30.31 -19.28
C THR S 130 -36.31 31.27 -19.17
N LEU S 131 -36.97 31.28 -18.02
CA LEU S 131 -38.18 32.09 -17.90
C LEU S 131 -37.89 33.51 -17.49
N GLY S 132 -36.66 33.79 -17.05
CA GLY S 132 -36.30 35.15 -16.63
C GLY S 132 -37.30 35.74 -15.67
N SER S 133 -37.73 34.93 -14.70
CA SER S 133 -38.73 35.35 -13.69
C SER S 133 -38.23 36.23 -12.53
N GLY S 134 -36.90 36.37 -12.37
CA GLY S 134 -36.32 37.18 -11.28
C GLY S 134 -36.37 38.69 -11.52
N GLU S 135 -36.22 39.48 -10.45
CA GLU S 135 -36.19 40.94 -10.56
C GLU S 135 -34.85 41.42 -11.12
N LYS S 136 -33.78 40.71 -10.77
CA LYS S 136 -32.42 41.06 -11.21
C LYS S 136 -31.68 39.81 -11.62
N SER S 137 -30.85 39.93 -12.66
CA SER S 137 -30.02 38.83 -13.14
C SER S 137 -28.67 38.76 -12.41
N GLY S 138 -28.10 37.57 -12.35
CA GLY S 138 -26.74 37.36 -11.84
C GLY S 138 -25.66 37.92 -12.76
N SER S 139 -24.39 37.72 -12.39
CA SER S 139 -23.28 38.11 -13.26
C SER S 139 -23.08 37.04 -14.36
N GLY S 140 -23.96 36.03 -14.36
CA GLY S 140 -24.17 35.18 -15.53
C GLY S 140 -24.93 35.91 -16.63
N GLY S 141 -25.81 36.84 -16.24
CA GLY S 141 -26.60 37.62 -17.18
C GLY S 141 -27.90 36.91 -17.50
N ALA S 142 -28.59 37.39 -18.54
CA ALA S 142 -29.81 36.75 -19.07
C ALA S 142 -29.56 36.22 -20.50
N PRO S 143 -29.37 34.90 -20.62
CA PRO S 143 -28.94 34.28 -21.87
C PRO S 143 -30.15 33.91 -22.75
N THR S 144 -31.34 34.08 -22.18
CA THR S 144 -32.57 33.91 -22.93
C THR S 144 -32.85 35.22 -23.69
N PRO S 145 -33.37 35.12 -24.92
CA PRO S 145 -33.70 36.31 -25.72
C PRO S 145 -34.66 37.30 -25.05
N ILE S 146 -35.64 36.80 -24.30
CA ILE S 146 -36.68 37.61 -23.64
C ILE S 146 -37.18 36.89 -22.39
N GLY S 147 -37.67 37.60 -21.38
CA GLY S 147 -38.24 36.95 -20.21
C GLY S 147 -39.74 37.15 -19.98
N MET S 148 -40.23 36.57 -18.88
CA MET S 148 -41.59 36.77 -18.32
C MET S 148 -42.19 38.18 -18.40
N TYR S 149 -41.38 39.24 -18.22
CA TYR S 149 -41.91 40.60 -18.18
C TYR S 149 -41.68 41.31 -19.52
N ALA S 150 -41.99 40.57 -20.59
CA ALA S 150 -41.72 40.99 -21.98
C ALA S 150 -42.63 42.16 -22.39
N LEU S 151 -43.91 42.07 -22.05
CA LEU S 151 -44.83 43.20 -22.25
C LEU S 151 -44.23 44.52 -21.74
N ARG S 152 -43.95 44.59 -20.43
CA ARG S 152 -43.34 45.76 -19.82
C ARG S 152 -42.03 46.22 -20.48
N GLU S 153 -41.14 45.29 -20.81
CA GLU S 153 -39.87 45.64 -21.48
C GLU S 153 -40.14 46.22 -22.89
N TYR S 154 -41.07 45.60 -23.63
CA TYR S 154 -41.45 46.12 -24.94
C TYR S 154 -42.03 47.54 -24.88
N LEU S 155 -43.01 47.73 -23.98
CA LEU S 155 -43.69 49.01 -23.82
C LEU S 155 -42.74 50.10 -23.37
N SER S 156 -41.77 49.73 -22.55
CA SER S 156 -40.83 50.67 -22.01
C SER S 156 -39.83 51.15 -23.05
N ALA S 157 -39.32 50.21 -23.83
CA ALA S 157 -38.41 50.51 -24.94
C ALA S 157 -39.12 51.35 -26.02
N ARG S 158 -40.33 50.94 -26.38
CA ARG S 158 -41.08 51.62 -27.43
C ARG S 158 -41.53 53.04 -27.02
N SER S 159 -41.99 53.20 -25.77
CA SER S 159 -42.43 54.52 -25.28
C SER S 159 -41.26 55.51 -25.34
N THR S 160 -40.07 55.06 -25.01
CA THR S 160 -38.96 56.00 -25.06
C THR S 160 -38.83 56.63 -26.44
N VAL S 161 -38.77 55.79 -27.47
CA VAL S 161 -38.67 56.21 -28.88
C VAL S 161 -39.90 57.04 -29.32
N GLU S 162 -41.10 56.60 -28.94
CA GLU S 162 -42.32 57.34 -29.21
C GLU S 162 -42.22 58.80 -28.71
N ASP S 163 -41.80 59.01 -27.45
CA ASP S 163 -41.72 60.37 -26.91
C ASP S 163 -40.77 61.25 -27.68
N LYS S 164 -39.60 60.69 -28.02
CA LYS S 164 -38.61 61.39 -28.83
C LYS S 164 -39.16 61.74 -30.20
N LEU S 165 -40.05 60.90 -30.74
CA LEU S 165 -40.56 61.06 -32.10
C LEU S 165 -41.68 62.10 -32.16
N LEU S 166 -42.53 62.10 -31.13
CA LEU S 166 -43.72 62.92 -31.14
C LEU S 166 -43.42 64.35 -30.69
N GLY S 167 -42.28 64.50 -30.01
CA GLY S 167 -41.92 65.76 -29.35
C GLY S 167 -42.88 66.04 -28.20
N GLY S 178 -41.70 69.87 -30.83
CA GLY S 178 -41.46 69.19 -32.14
C GLY S 178 -40.63 67.92 -31.99
N GLY S 179 -41.04 66.86 -32.70
CA GLY S 179 -40.36 65.56 -32.64
C GLY S 179 -38.96 65.58 -33.20
N SER S 180 -38.25 64.45 -33.07
CA SER S 180 -36.90 64.31 -33.60
C SER S 180 -36.89 64.15 -35.13
N GLN S 181 -35.90 64.75 -35.78
CA GLN S 181 -35.74 64.62 -37.23
C GLN S 181 -34.81 63.46 -37.62
N SER S 182 -34.17 62.83 -36.63
CA SER S 182 -33.31 61.65 -36.85
C SER S 182 -34.00 60.53 -37.66
N PRO S 183 -33.47 60.23 -38.86
CA PRO S 183 -34.04 59.18 -39.71
C PRO S 183 -33.86 57.75 -39.12
N SER S 184 -32.70 57.47 -38.53
CA SER S 184 -32.45 56.18 -37.81
C SER S 184 -33.41 55.92 -36.64
N LEU S 185 -33.81 56.96 -35.91
CA LEU S 185 -34.72 56.82 -34.77
C LEU S 185 -36.11 56.30 -35.17
N LEU S 186 -36.60 56.68 -36.35
CA LEU S 186 -37.87 56.16 -36.87
C LEU S 186 -37.71 54.71 -37.35
N LEU S 187 -36.53 54.41 -37.89
CA LEU S 187 -36.19 53.03 -38.23
C LEU S 187 -36.09 52.14 -36.97
N GLU S 188 -35.51 52.70 -35.91
CA GLU S 188 -35.43 52.08 -34.59
C GLU S 188 -36.79 51.83 -33.98
N LEU S 189 -37.74 52.75 -34.16
CA LEU S 189 -39.10 52.41 -33.69
C LEU S 189 -39.55 51.09 -34.30
N ARG S 190 -39.26 50.88 -35.59
CA ARG S 190 -39.62 49.64 -36.32
C ARG S 190 -38.82 48.39 -35.89
N GLN S 191 -37.52 48.58 -35.64
CA GLN S 191 -36.63 47.54 -35.14
C GLN S 191 -37.02 47.00 -33.76
N ILE S 192 -37.59 47.86 -32.91
CA ILE S 192 -38.14 47.42 -31.62
C ILE S 192 -39.34 46.48 -31.83
N ASP S 193 -40.21 46.84 -32.78
CA ASP S 193 -41.36 46.01 -33.09
C ASP S 193 -40.93 44.67 -33.65
N ALA S 194 -39.95 44.70 -34.54
CA ALA S 194 -39.49 43.46 -35.18
C ALA S 194 -38.68 42.62 -34.18
N ASP S 195 -37.79 43.28 -33.45
CA ASP S 195 -36.86 42.57 -32.52
C ASP S 195 -37.58 41.94 -31.36
N PHE S 196 -38.68 42.53 -30.90
CA PHE S 196 -39.48 41.90 -29.85
C PHE S 196 -40.23 40.66 -30.29
N MET S 197 -40.69 40.62 -31.55
CA MET S 197 -41.26 39.40 -32.12
C MET S 197 -40.17 38.35 -32.36
N LEU S 198 -39.01 38.79 -32.83
CA LEU S 198 -37.89 37.86 -33.01
C LEU S 198 -37.51 37.21 -31.67
N LYS S 199 -37.41 38.04 -30.61
CA LYS S 199 -37.09 37.58 -29.25
C LYS S 199 -38.06 36.51 -28.75
N VAL S 200 -39.35 36.70 -28.96
CA VAL S 200 -40.37 35.68 -28.66
C VAL S 200 -40.16 34.36 -29.41
N GLU S 201 -39.86 34.45 -30.72
CA GLU S 201 -39.57 33.24 -31.54
C GLU S 201 -38.39 32.43 -30.98
N LEU S 202 -37.30 33.16 -30.65
CA LEU S 202 -36.09 32.57 -30.14
C LEU S 202 -36.38 32.03 -28.73
N ALA S 203 -36.99 32.82 -27.86
CA ALA S 203 -37.25 32.41 -26.49
C ALA S 203 -38.14 31.18 -26.41
N THR S 204 -39.24 31.12 -27.18
CA THR S 204 -40.11 29.90 -27.25
C THR S 204 -39.36 28.68 -27.72
N THR S 205 -38.40 28.88 -28.63
CA THR S 205 -37.57 27.78 -29.09
C THR S 205 -36.67 27.27 -27.95
N HIS S 206 -35.87 28.15 -27.36
CA HIS S 206 -35.08 27.81 -26.18
C HIS S 206 -35.93 27.14 -25.08
N LEU S 207 -37.11 27.66 -24.85
CA LEU S 207 -37.95 27.15 -23.82
C LEU S 207 -38.50 25.74 -24.14
N SER S 208 -38.82 25.50 -25.40
CA SER S 208 -39.15 24.15 -25.85
C SER S 208 -38.07 23.12 -25.53
N THR S 209 -36.82 23.50 -25.77
CA THR S 209 -35.72 22.64 -25.46
C THR S 209 -35.64 22.32 -23.94
N MET S 210 -35.70 23.38 -23.12
CA MET S 210 -35.69 23.25 -21.68
C MET S 210 -36.83 22.35 -21.17
N VAL S 211 -38.05 22.58 -21.65
CA VAL S 211 -39.19 21.76 -21.21
C VAL S 211 -38.99 20.28 -21.60
N ARG S 212 -38.52 20.05 -22.82
CA ARG S 212 -38.18 18.66 -23.26
C ARG S 212 -37.09 18.02 -22.36
N ALA S 213 -35.97 18.72 -22.14
CA ALA S 213 -34.92 18.24 -21.21
C ALA S 213 -35.50 17.82 -19.86
N VAL S 214 -36.44 18.63 -19.34
CA VAL S 214 -37.00 18.38 -18.02
C VAL S 214 -37.93 17.18 -17.99
N ILE S 215 -38.78 17.04 -19.03
CA ILE S 215 -39.62 15.85 -19.19
C ILE S 215 -38.81 14.56 -19.17
N ASN S 216 -37.72 14.54 -19.94
CA ASN S 216 -36.78 13.40 -19.94
C ASN S 216 -36.12 13.16 -18.56
N ALA S 217 -35.57 14.22 -17.98
CA ALA S 217 -34.89 14.15 -16.68
C ALA S 217 -35.81 13.59 -15.64
N TYR S 218 -37.06 14.03 -15.62
CA TYR S 218 -38.02 13.61 -14.61
C TYR S 218 -38.41 12.16 -14.78
N LEU S 219 -38.77 11.78 -16.00
CA LEU S 219 -39.30 10.45 -16.24
C LEU S 219 -38.24 9.39 -16.09
N LEU S 220 -36.98 9.72 -16.40
CA LEU S 220 -35.90 8.76 -16.18
C LEU S 220 -35.52 8.62 -14.70
N ASN S 221 -35.73 9.68 -13.91
CA ASN S 221 -35.16 9.72 -12.57
C ASN S 221 -36.20 9.68 -11.45
N TRP S 222 -37.48 9.53 -11.80
CA TRP S 222 -38.60 9.74 -10.85
C TRP S 222 -38.63 8.87 -9.57
N LYS S 223 -38.23 7.62 -9.65
CA LYS S 223 -38.23 6.76 -8.46
C LYS S 223 -37.27 7.24 -7.37
N LYS S 224 -36.08 7.70 -7.75
CA LYS S 224 -35.10 8.28 -6.82
C LYS S 224 -35.44 9.69 -6.35
N LEU S 225 -36.21 10.42 -7.17
CA LEU S 225 -36.81 11.68 -6.75
C LEU S 225 -37.79 11.52 -5.59
N ILE S 226 -38.55 10.42 -5.54
CA ILE S 226 -39.59 10.16 -4.54
C ILE S 226 -39.05 9.33 -3.36
N GLN S 227 -38.26 8.28 -3.65
CA GLN S 227 -37.57 7.49 -2.65
C GLN S 227 -36.05 7.47 -2.92
N PRO S 228 -35.31 8.48 -2.46
CA PRO S 228 -33.85 8.58 -2.73
C PRO S 228 -32.99 7.55 -2.01
N ARG S 229 -33.54 6.90 -0.97
CA ARG S 229 -32.84 5.88 -0.19
C ARG S 229 -33.72 4.66 -0.04
N THR S 230 -33.14 3.47 -0.17
CA THR S 230 -33.88 2.25 0.18
C THR S 230 -33.12 1.53 1.27
N GLY S 231 -33.50 1.80 2.52
CA GLY S 231 -32.62 1.47 3.68
C GLY S 231 -33.04 0.44 4.74
N SER S 232 -32.61 -0.80 4.54
CA SER S 232 -32.83 -1.90 5.50
C SER S 232 -31.88 -3.10 5.24
N ASP S 233 -30.73 -3.09 5.93
CA ASP S 233 -29.70 -4.15 5.81
C ASP S 233 -30.15 -5.53 6.32
N HIS S 234 -29.60 -6.57 5.71
CA HIS S 234 -29.74 -7.90 6.27
C HIS S 234 -28.47 -8.31 7.05
N MET S 235 -27.49 -7.40 7.09
CA MET S 235 -26.18 -7.62 7.72
C MET S 235 -26.21 -7.67 9.25
N VAL S 236 -27.13 -6.91 9.82
CA VAL S 236 -27.22 -6.70 11.27
C VAL S 236 -28.43 -7.42 11.91
N SER S 237 -28.22 -7.87 13.14
CA SER S 237 -29.27 -8.02 14.15
C SER S 237 -28.60 -8.33 15.50
N LYS T 10 -19.83 34.10 34.78
CA LYS T 10 -19.59 32.64 34.58
C LYS T 10 -19.97 32.17 33.15
N ARG T 11 -18.98 31.65 32.43
CA ARG T 11 -19.09 31.28 31.02
C ARG T 11 -20.19 30.27 30.66
N ALA T 12 -20.24 29.17 31.41
CA ALA T 12 -21.24 28.13 31.18
C ALA T 12 -22.65 28.64 31.49
N ALA T 13 -22.78 29.54 32.48
CA ALA T 13 -24.06 30.16 32.80
C ALA T 13 -24.54 31.09 31.67
N LEU T 14 -23.62 31.85 31.07
CA LEU T 14 -23.90 32.67 29.91
C LEU T 14 -24.44 31.86 28.75
N ILE T 15 -23.82 30.70 28.48
CA ILE T 15 -24.21 29.76 27.40
C ILE T 15 -25.56 29.12 27.72
N GLN T 16 -25.69 28.58 28.94
CA GLN T 16 -26.98 28.05 29.42
C GLN T 16 -28.15 29.06 29.22
N ASN T 17 -27.93 30.34 29.56
CA ASN T 17 -28.99 31.35 29.36
C ASN T 17 -29.33 31.68 27.91
N LEU T 18 -28.36 31.73 27.00
CA LEU T 18 -28.69 31.80 25.55
C LEU T 18 -29.56 30.64 25.17
N ARG T 19 -29.10 29.45 25.52
CA ARG T 19 -29.77 28.24 25.10
C ARG T 19 -31.16 28.06 25.68
N ASP T 20 -31.34 28.32 26.98
CA ASP T 20 -32.70 28.26 27.60
C ASP T 20 -33.64 29.30 27.00
N SER T 21 -33.09 30.39 26.51
CA SER T 21 -33.96 31.42 25.99
C SER T 21 -34.44 31.12 24.54
N TYR T 22 -33.65 30.40 23.73
CA TYR T 22 -34.10 29.91 22.40
C TYR T 22 -33.92 28.42 22.26
N THR T 23 -34.99 27.66 22.40
CA THR T 23 -34.90 26.21 22.51
C THR T 23 -35.52 25.56 21.25
N GLU T 24 -35.39 24.23 21.16
CA GLU T 24 -36.07 23.45 20.15
C GLU T 24 -37.56 23.75 20.04
N THR T 25 -38.17 24.03 21.19
CA THR T 25 -39.58 24.44 21.26
C THR T 25 -39.91 25.79 20.55
N SER T 26 -39.02 26.78 20.61
CA SER T 26 -39.20 28.01 19.87
C SER T 26 -39.19 27.76 18.37
N SER T 27 -38.28 26.90 17.91
CA SER T 27 -38.11 26.65 16.49
C SER T 27 -39.21 25.72 16.01
N PHE T 28 -39.58 24.75 16.84
CA PHE T 28 -40.69 23.88 16.50
C PHE T 28 -42.02 24.63 16.31
N ALA T 29 -42.28 25.57 17.23
CA ALA T 29 -43.48 26.42 17.16
C ALA T 29 -43.50 27.21 15.87
N VAL T 30 -42.36 27.70 15.42
CA VAL T 30 -42.29 28.32 14.08
C VAL T 30 -42.72 27.32 12.99
N ILE T 31 -42.19 26.11 13.05
CA ILE T 31 -42.44 25.14 12.00
C ILE T 31 -43.89 24.77 12.01
N GLU T 32 -44.46 24.56 13.19
CA GLU T 32 -45.92 24.37 13.33
C GLU T 32 -46.77 25.45 12.68
N GLU T 33 -46.41 26.70 12.94
CA GLU T 33 -47.14 27.82 12.45
C GLU T 33 -46.99 27.91 10.92
N TRP T 34 -45.82 27.54 10.42
CA TRP T 34 -45.54 27.55 8.97
C TRP T 34 -46.31 26.48 8.20
N ALA T 35 -46.47 25.29 8.80
CA ALA T 35 -47.27 24.22 8.21
C ALA T 35 -48.75 24.51 8.07
N ALA T 36 -49.27 25.42 8.91
CA ALA T 36 -50.72 25.67 8.97
C ALA T 36 -51.02 27.11 8.57
N GLY T 37 -51.03 28.02 9.53
CA GLY T 37 -51.38 29.43 9.30
C GLY T 37 -50.60 30.17 8.24
N THR T 38 -49.27 29.98 8.17
CA THR T 38 -48.48 30.72 7.18
C THR T 38 -48.85 30.36 5.72
N LEU T 39 -48.93 29.06 5.44
CA LEU T 39 -49.27 28.59 4.10
C LEU T 39 -50.68 28.99 3.63
N GLN T 40 -51.63 28.93 4.56
CA GLN T 40 -52.98 29.51 4.35
C GLN T 40 -52.95 31.00 4.02
N GLU T 41 -52.15 31.77 4.75
CA GLU T 41 -52.06 33.19 4.47
C GLU T 41 -51.52 33.44 3.05
N ILE T 42 -50.48 32.70 2.68
CA ILE T 42 -49.81 32.85 1.39
C ILE T 42 -50.79 32.55 0.24
N GLU T 43 -51.53 31.47 0.41
CA GLU T 43 -52.67 31.12 -0.44
C GLU T 43 -53.73 32.27 -0.47
N GLY T 44 -54.02 32.87 0.67
CA GLY T 44 -54.93 34.02 0.70
C GLY T 44 -54.42 35.18 -0.16
N ILE T 45 -53.14 35.56 0.04
CA ILE T 45 -52.52 36.61 -0.78
C ILE T 45 -52.52 36.26 -2.29
N ALA T 46 -52.14 35.03 -2.66
CA ALA T 46 -52.12 34.62 -4.07
C ALA T 46 -53.49 34.78 -4.76
N LYS T 47 -54.57 34.37 -4.08
CA LYS T 47 -55.94 34.64 -4.52
C LYS T 47 -56.24 36.14 -4.77
N ALA T 48 -55.88 36.99 -3.81
CA ALA T 48 -56.15 38.42 -3.91
C ALA T 48 -55.41 39.02 -5.09
N ALA T 49 -54.16 38.58 -5.30
CA ALA T 49 -53.34 39.01 -6.40
C ALA T 49 -53.92 38.52 -7.72
N ALA T 50 -54.33 37.26 -7.77
CA ALA T 50 -55.04 36.69 -8.92
C ALA T 50 -56.31 37.49 -9.24
N GLU T 51 -57.16 37.72 -8.24
CA GLU T 51 -58.36 38.53 -8.39
C GLU T 51 -58.01 39.90 -8.93
N ALA T 52 -57.05 40.56 -8.29
CA ALA T 52 -56.63 41.91 -8.71
C ALA T 52 -56.10 41.92 -10.15
N HIS T 53 -55.38 40.86 -10.54
CA HIS T 53 -54.74 40.80 -11.86
C HIS T 53 -55.79 40.72 -12.97
N GLY T 54 -56.85 39.94 -12.74
CA GLY T 54 -57.96 39.78 -13.69
C GLY T 54 -58.77 41.06 -13.91
N VAL T 55 -58.87 41.89 -12.88
CA VAL T 55 -59.49 43.21 -12.97
C VAL T 55 -58.73 44.13 -13.95
N ILE T 56 -57.41 44.19 -13.78
CA ILE T 56 -56.55 44.99 -14.65
C ILE T 56 -56.51 44.43 -16.08
N ARG T 57 -56.68 43.12 -16.22
CA ARG T 57 -56.56 42.52 -17.54
C ARG T 57 -57.71 43.00 -18.44
N ASN T 58 -58.94 43.01 -17.91
CA ASN T 58 -60.08 43.65 -18.59
C ASN T 58 -60.15 45.10 -18.19
N SER T 59 -59.19 45.90 -18.66
CA SER T 59 -59.20 47.33 -18.40
C SER T 59 -58.49 48.07 -19.51
N THR T 60 -59.12 49.16 -19.94
CA THR T 60 -58.45 50.18 -20.75
C THR T 60 -58.17 51.34 -19.80
N TYR T 61 -57.00 51.93 -19.99
CA TYR T 61 -56.47 52.93 -19.13
C TYR T 61 -56.44 54.28 -19.86
N GLY T 62 -57.21 55.22 -19.34
CA GLY T 62 -57.08 56.62 -19.74
C GLY T 62 -56.23 57.36 -18.73
N ARG T 63 -56.03 58.65 -18.94
CA ARG T 63 -55.22 59.50 -18.05
C ARG T 63 -55.80 59.58 -16.60
N ALA T 64 -57.07 59.24 -16.43
CA ALA T 64 -57.69 59.12 -15.10
C ALA T 64 -56.99 58.09 -14.18
N GLN T 65 -56.34 57.11 -14.82
CA GLN T 65 -55.68 56.02 -14.12
C GLN T 65 -54.35 56.50 -13.55
N ALA T 66 -53.77 57.51 -14.18
CA ALA T 66 -52.55 58.16 -13.72
C ALA T 66 -52.81 59.18 -12.62
N GLU T 67 -54.10 59.47 -12.36
CA GLU T 67 -54.52 60.51 -11.41
C GLU T 67 -54.83 59.93 -10.04
N LYS T 68 -55.08 58.63 -9.99
CA LYS T 68 -55.39 57.94 -8.78
C LYS T 68 -54.53 56.68 -8.72
N SER T 69 -53.91 56.43 -7.56
CA SER T 69 -53.17 55.18 -7.31
C SER T 69 -54.11 54.07 -6.82
N PRO T 70 -54.14 52.90 -7.47
CA PRO T 70 -55.15 51.89 -7.13
C PRO T 70 -54.98 51.19 -5.74
N GLU T 71 -55.93 51.42 -4.85
CA GLU T 71 -55.89 50.96 -3.48
C GLU T 71 -55.92 49.43 -3.31
N GLN T 72 -56.53 48.74 -4.27
CA GLN T 72 -56.65 47.28 -4.24
C GLN T 72 -55.26 46.64 -4.38
N LEU T 73 -54.47 47.17 -5.31
CA LEU T 73 -53.13 46.70 -5.54
C LEU T 73 -52.19 47.06 -4.38
N LEU T 74 -52.23 48.32 -3.94
CA LEU T 74 -51.43 48.78 -2.81
C LEU T 74 -51.65 47.87 -1.59
N GLY T 75 -52.90 47.50 -1.35
CA GLY T 75 -53.25 46.56 -0.29
C GLY T 75 -52.81 45.11 -0.45
N VAL T 76 -52.90 44.57 -1.67
CA VAL T 76 -52.36 43.23 -1.96
C VAL T 76 -50.85 43.19 -1.62
N LEU T 77 -50.13 44.22 -2.07
CA LEU T 77 -48.69 44.36 -1.85
C LEU T 77 -48.30 44.59 -0.39
N GLN T 78 -49.10 45.37 0.34
CA GLN T 78 -48.92 45.61 1.77
C GLN T 78 -49.10 44.30 2.50
N ARG T 79 -50.10 43.55 2.11
CA ARG T 79 -50.40 42.30 2.77
C ARG T 79 -49.25 41.29 2.53
N TYR T 80 -48.73 41.25 1.29
CA TYR T 80 -47.62 40.43 0.95
C TYR T 80 -46.41 40.81 1.80
N GLN T 81 -46.14 42.12 1.93
CA GLN T 81 -45.04 42.63 2.75
C GLN T 81 -45.11 42.26 4.23
N ASP T 82 -46.30 42.34 4.83
CA ASP T 82 -46.48 41.94 6.20
C ASP T 82 -46.07 40.51 6.39
N LEU T 83 -46.50 39.66 5.44
CA LEU T 83 -46.27 38.26 5.51
C LEU T 83 -44.77 37.96 5.42
N CYS T 84 -44.09 38.64 4.51
CA CYS T 84 -42.64 38.50 4.32
C CYS T 84 -41.89 38.84 5.60
N HIS T 85 -42.30 39.98 6.18
CA HIS T 85 -41.82 40.47 7.46
C HIS T 85 -41.99 39.39 8.52
N ASN T 86 -43.18 38.83 8.62
CA ASN T 86 -43.37 37.79 9.58
C ASN T 86 -42.51 36.57 9.35
N VAL T 87 -42.36 36.17 8.10
CA VAL T 87 -41.56 34.98 7.80
C VAL T 87 -40.10 35.22 8.11
N TYR T 88 -39.59 36.39 7.73
CA TYR T 88 -38.22 36.76 8.05
C TYR T 88 -37.92 36.67 9.60
N CYS T 89 -38.81 37.18 10.48
CA CYS T 89 -38.54 37.19 11.93
C CYS T 89 -38.63 35.79 12.52
N GLN T 90 -39.60 35.02 12.00
CA GLN T 90 -39.72 33.62 12.32
C GLN T 90 -38.51 32.78 11.89
N ALA T 91 -37.97 33.03 10.71
CA ALA T 91 -36.74 32.35 10.22
C ALA T 91 -35.55 32.67 11.08
N GLU T 92 -35.51 33.91 11.56
CA GLU T 92 -34.45 34.37 12.45
C GLU T 92 -34.48 33.64 13.81
N THR T 93 -35.67 33.26 14.30
CA THR T 93 -35.83 32.45 15.49
C THR T 93 -35.17 31.07 15.33
N ILE T 94 -35.52 30.37 14.24
CA ILE T 94 -34.87 29.09 13.90
C ILE T 94 -33.38 29.27 13.69
N ARG T 95 -32.99 30.33 13.01
CA ARG T 95 -31.58 30.56 12.80
C ARG T 95 -30.87 30.70 14.16
N THR T 96 -31.44 31.46 15.08
CA THR T 96 -30.90 31.63 16.44
C THR T 96 -30.77 30.28 17.19
N VAL T 97 -31.82 29.46 17.16
CA VAL T 97 -31.78 28.17 17.84
C VAL T 97 -30.61 27.30 17.37
N ILE T 98 -30.31 27.32 16.06
CA ILE T 98 -29.26 26.45 15.50
C ILE T 98 -27.96 27.07 15.83
N ALA T 99 -27.84 28.36 15.57
CA ALA T 99 -26.55 29.11 15.67
C ALA T 99 -25.93 29.16 17.09
N ILE T 100 -26.76 29.19 18.12
CA ILE T 100 -26.21 29.21 19.48
C ILE T 100 -25.90 27.81 19.95
N ARG T 101 -26.12 26.82 19.08
CA ARG T 101 -25.71 25.43 19.39
C ARG T 101 -24.61 24.88 18.45
N ILE T 102 -23.96 25.77 17.72
CA ILE T 102 -22.80 25.40 16.95
C ILE T 102 -21.67 25.11 17.95
N PRO T 103 -21.15 23.89 17.97
CA PRO T 103 -20.29 23.47 19.07
C PRO T 103 -18.91 24.03 18.85
N GLU T 104 -18.05 23.85 19.85
CA GLU T 104 -16.63 24.15 19.74
C GLU T 104 -16.05 23.79 18.36
N HIS T 105 -15.20 24.66 17.84
CA HIS T 105 -14.59 24.41 16.55
C HIS T 105 -13.57 23.26 16.62
N LYS T 106 -13.76 22.26 15.75
CA LYS T 106 -12.88 21.11 15.68
C LYS T 106 -12.73 20.66 14.21
N GLU T 107 -11.70 19.85 13.96
CA GLU T 107 -11.44 19.31 12.63
C GLU T 107 -11.98 17.87 12.53
N GLU T 108 -12.85 17.48 13.46
CA GLU T 108 -13.41 16.12 13.48
C GLU T 108 -14.78 16.17 14.13
N ASP T 109 -15.50 15.04 14.12
CA ASP T 109 -16.80 14.96 14.79
C ASP T 109 -17.75 16.07 14.28
N ASN T 110 -17.73 16.28 12.97
CA ASN T 110 -18.43 17.39 12.37
C ASN T 110 -19.66 17.04 11.56
N LEU T 111 -20.18 15.85 11.75
CA LEU T 111 -21.36 15.39 10.99
C LEU T 111 -22.67 16.09 11.43
N GLY T 112 -22.91 16.26 12.73
CA GLY T 112 -24.06 17.03 13.20
C GLY T 112 -23.89 18.49 12.79
N VAL T 113 -22.67 18.99 12.90
CA VAL T 113 -22.33 20.34 12.48
C VAL T 113 -22.62 20.61 10.99
N ALA T 114 -22.34 19.63 10.12
CA ALA T 114 -22.60 19.82 8.69
C ALA T 114 -24.10 19.85 8.49
N VAL T 115 -24.88 19.11 9.28
CA VAL T 115 -26.33 19.25 9.26
C VAL T 115 -26.77 20.69 9.66
N GLN T 116 -26.18 21.22 10.72
CA GLN T 116 -26.47 22.59 11.16
C GLN T 116 -26.16 23.59 10.07
N HIS T 117 -25.00 23.44 9.42
CA HIS T 117 -24.64 24.36 8.32
C HIS T 117 -25.59 24.29 7.13
N ALA T 118 -26.08 23.09 6.83
CA ALA T 118 -26.93 22.85 5.66
C ALA T 118 -28.34 23.41 5.92
N VAL T 119 -28.81 23.34 7.17
CA VAL T 119 -30.13 23.95 7.48
C VAL T 119 -30.00 25.48 7.53
N LEU T 120 -28.88 25.97 8.02
CA LEU T 120 -28.70 27.40 8.11
C LEU T 120 -28.62 28.00 6.72
N LYS T 121 -28.05 27.23 5.79
CA LYS T 121 -27.85 27.67 4.41
C LYS T 121 -29.18 27.84 3.70
N ILE T 122 -30.10 26.89 3.87
CA ILE T 122 -31.44 26.98 3.33
C ILE T 122 -32.31 28.12 3.97
N ILE T 123 -32.18 28.35 5.28
CA ILE T 123 -32.74 29.57 5.91
C ILE T 123 -32.12 30.84 5.35
N ASP T 124 -30.81 30.84 5.07
CA ASP T 124 -30.18 32.02 4.46
C ASP T 124 -30.85 32.31 3.14
N GLU T 125 -31.00 31.27 2.32
CA GLU T 125 -31.63 31.35 1.02
C GLU T 125 -33.05 31.93 1.13
N LEU T 126 -33.84 31.39 2.06
CA LEU T 126 -35.20 31.84 2.29
C LEU T 126 -35.21 33.34 2.61
N GLU T 127 -34.34 33.75 3.52
CA GLU T 127 -34.29 35.15 3.99
C GLU T 127 -33.70 36.13 2.98
N ILE T 128 -32.58 35.75 2.35
CA ILE T 128 -31.87 36.59 1.39
C ILE T 128 -32.42 36.46 -0.04
N LYS T 129 -32.53 35.26 -0.57
CA LYS T 129 -33.04 35.15 -1.96
C LYS T 129 -34.58 35.26 -2.04
N THR T 130 -35.30 34.29 -1.48
CA THR T 130 -36.74 34.20 -1.62
C THR T 130 -37.44 35.49 -1.11
N LEU T 131 -37.00 36.02 0.04
CA LEU T 131 -37.69 37.18 0.60
C LEU T 131 -37.08 38.52 0.19
N GLY T 132 -35.99 38.48 -0.59
CA GLY T 132 -35.30 39.70 -1.03
C GLY T 132 -35.15 40.77 0.04
N SER T 133 -34.65 40.36 1.22
CA SER T 133 -34.62 41.20 2.42
C SER T 133 -33.46 42.20 2.46
N GLY T 134 -32.36 41.87 1.79
CA GLY T 134 -31.16 42.71 1.74
C GLY T 134 -31.37 44.01 0.99
N GLU T 135 -30.53 44.99 1.25
CA GLU T 135 -30.71 46.28 0.60
C GLU T 135 -29.96 46.32 -0.73
N LYS T 136 -29.00 45.41 -0.87
CA LYS T 136 -28.32 45.17 -2.14
C LYS T 136 -28.12 43.67 -2.37
N SER T 137 -28.69 43.18 -3.47
CA SER T 137 -28.49 41.81 -3.91
C SER T 137 -27.07 41.63 -4.47
N GLY T 138 -26.54 40.42 -4.33
CA GLY T 138 -25.18 40.13 -4.75
C GLY T 138 -25.02 39.87 -6.23
N SER T 139 -23.90 39.20 -6.56
CA SER T 139 -23.51 38.91 -7.94
C SER T 139 -24.46 37.91 -8.65
N GLY T 140 -25.31 37.24 -7.87
CA GLY T 140 -26.36 36.35 -8.41
C GLY T 140 -27.73 37.02 -8.40
N GLY T 141 -27.75 38.35 -8.63
CA GLY T 141 -28.95 39.16 -8.68
C GLY T 141 -30.03 38.85 -7.66
N ALA T 142 -31.28 38.98 -8.10
CA ALA T 142 -32.46 38.67 -7.31
C ALA T 142 -33.32 37.63 -8.04
N PRO T 143 -33.26 36.38 -7.57
CA PRO T 143 -33.95 35.25 -8.21
C PRO T 143 -35.48 35.27 -8.05
N THR T 144 -35.96 35.84 -6.94
CA THR T 144 -37.37 35.84 -6.62
C THR T 144 -38.08 36.91 -7.45
N PRO T 145 -39.31 36.64 -7.91
CA PRO T 145 -40.02 37.60 -8.78
C PRO T 145 -40.22 38.99 -8.14
N ILE T 146 -40.35 39.00 -6.81
CA ILE T 146 -40.52 40.21 -6.00
C ILE T 146 -40.08 40.03 -4.52
N GLY T 147 -39.47 41.06 -3.95
CA GLY T 147 -39.01 41.04 -2.56
C GLY T 147 -39.82 41.79 -1.51
N MET T 148 -39.16 42.10 -0.39
CA MET T 148 -39.72 42.72 0.81
C MET T 148 -40.21 44.18 0.57
N TYR T 149 -39.54 44.88 -0.32
CA TYR T 149 -39.84 46.29 -0.59
C TYR T 149 -40.52 46.45 -1.95
N ALA T 150 -41.51 45.60 -2.22
CA ALA T 150 -42.20 45.56 -3.52
C ALA T 150 -43.12 46.78 -3.72
N LEU T 151 -43.92 47.08 -2.70
CA LEU T 151 -44.69 48.31 -2.57
C LEU T 151 -43.92 49.57 -2.97
N ARG T 152 -42.73 49.77 -2.44
CA ARG T 152 -41.90 50.90 -2.83
C ARG T 152 -41.39 50.81 -4.29
N GLU T 153 -41.04 49.59 -4.74
CA GLU T 153 -40.67 49.35 -6.13
C GLU T 153 -41.86 49.70 -7.04
N TYR T 154 -43.04 49.21 -6.68
CA TYR T 154 -44.29 49.51 -7.35
C TYR T 154 -44.61 51.03 -7.47
N LEU T 155 -44.64 51.72 -6.33
CA LEU T 155 -44.93 53.14 -6.28
C LEU T 155 -43.91 53.94 -7.03
N SER T 156 -42.64 53.54 -6.96
CA SER T 156 -41.60 54.29 -7.64
C SER T 156 -41.73 54.15 -9.15
N ALA T 157 -41.99 52.92 -9.62
CA ALA T 157 -42.22 52.66 -11.03
C ALA T 157 -43.50 53.37 -11.51
N ARG T 158 -44.58 53.29 -10.73
CA ARG T 158 -45.85 53.85 -11.19
C ARG T 158 -45.80 55.36 -11.31
N SER T 159 -45.04 55.99 -10.42
CA SER T 159 -45.05 57.43 -10.29
C SER T 159 -44.15 58.08 -11.32
N THR T 160 -43.14 57.37 -11.78
CA THR T 160 -42.35 57.88 -12.89
C THR T 160 -43.25 57.99 -14.12
N VAL T 161 -44.09 56.99 -14.34
CA VAL T 161 -44.99 56.98 -15.47
C VAL T 161 -46.12 58.03 -15.30
N GLU T 162 -46.88 57.95 -14.19
CA GLU T 162 -47.90 58.95 -13.84
C GLU T 162 -47.43 60.38 -14.10
N ASP T 163 -46.27 60.69 -13.54
CA ASP T 163 -45.68 61.98 -13.67
C ASP T 163 -45.33 62.37 -15.12
N LYS T 164 -44.92 61.38 -15.92
CA LYS T 164 -44.66 61.60 -17.34
C LYS T 164 -45.96 61.79 -18.11
N LEU T 165 -47.01 61.13 -17.66
CA LEU T 165 -48.32 61.17 -18.31
C LEU T 165 -49.16 62.40 -17.94
N LEU T 166 -49.19 62.75 -16.66
CA LEU T 166 -49.80 63.99 -16.19
C LEU T 166 -48.92 65.12 -16.66
N GLY T 167 -49.46 66.32 -16.71
CA GLY T 167 -48.60 67.48 -16.98
C GLY T 167 -47.28 67.25 -16.26
N GLY T 178 -49.06 69.47 -21.10
CA GLY T 178 -47.58 69.27 -21.21
C GLY T 178 -47.14 67.81 -21.08
N GLY T 179 -48.11 66.91 -20.89
CA GLY T 179 -47.81 65.50 -20.68
C GLY T 179 -47.35 64.75 -21.93
N SER T 180 -47.14 63.44 -21.79
CA SER T 180 -46.70 62.62 -22.91
C SER T 180 -47.85 62.13 -23.80
N GLN T 181 -47.61 62.11 -25.11
CA GLN T 181 -48.59 61.57 -26.05
C GLN T 181 -48.35 60.10 -26.41
N SER T 182 -47.23 59.57 -25.94
CA SER T 182 -46.83 58.16 -26.13
C SER T 182 -47.96 57.20 -25.77
N PRO T 183 -48.46 56.43 -26.73
CA PRO T 183 -49.53 55.49 -26.45
C PRO T 183 -49.02 54.28 -25.63
N SER T 184 -47.77 53.86 -25.85
CA SER T 184 -47.13 52.76 -25.06
C SER T 184 -46.90 53.14 -23.60
N LEU T 185 -46.60 54.42 -23.33
CA LEU T 185 -46.55 54.94 -21.96
C LEU T 185 -47.85 54.69 -21.19
N LEU T 186 -48.98 55.00 -21.82
CA LEU T 186 -50.28 54.70 -21.23
C LEU T 186 -50.50 53.22 -21.00
N LEU T 187 -50.06 52.39 -21.93
CA LEU T 187 -50.18 50.92 -21.77
C LEU T 187 -49.26 50.38 -20.66
N GLU T 188 -48.09 51.00 -20.53
CA GLU T 188 -47.10 50.67 -19.50
C GLU T 188 -47.62 50.86 -18.08
N LEU T 189 -48.35 51.95 -17.85
CA LEU T 189 -49.01 52.19 -16.58
C LEU T 189 -49.88 51.02 -16.18
N ARG T 190 -50.69 50.55 -17.13
CA ARG T 190 -51.50 49.35 -16.91
C ARG T 190 -50.64 48.06 -16.73
N GLN T 191 -49.48 48.04 -17.38
CA GLN T 191 -48.61 46.89 -17.35
C GLN T 191 -47.88 46.84 -16.01
N ILE T 192 -47.54 48.00 -15.45
CA ILE T 192 -46.96 48.10 -14.12
C ILE T 192 -47.95 47.58 -13.07
N ASP T 193 -49.21 47.99 -13.17
CA ASP T 193 -50.28 47.43 -12.33
C ASP T 193 -50.46 45.93 -12.47
N ALA T 194 -50.49 45.42 -13.70
CA ALA T 194 -50.68 43.97 -13.91
C ALA T 194 -49.47 43.12 -13.45
N ASP T 195 -48.27 43.55 -13.82
CA ASP T 195 -47.07 42.83 -13.51
C ASP T 195 -46.79 42.67 -12.02
N PHE T 196 -47.13 43.71 -11.23
CA PHE T 196 -46.92 43.67 -9.78
C PHE T 196 -47.87 42.72 -9.10
N MET T 197 -49.07 42.55 -9.68
CA MET T 197 -49.99 41.52 -9.20
C MET T 197 -49.53 40.11 -9.57
N LEU T 198 -48.93 39.97 -10.76
CA LEU T 198 -48.42 38.70 -11.26
C LEU T 198 -47.21 38.28 -10.44
N LYS T 199 -46.31 39.24 -10.19
CA LYS T 199 -45.13 39.03 -9.36
C LYS T 199 -45.48 38.54 -7.96
N VAL T 200 -46.62 39.00 -7.39
CA VAL T 200 -47.12 38.45 -6.12
C VAL T 200 -47.62 37.02 -6.26
N GLU T 201 -48.37 36.76 -7.35
CA GLU T 201 -48.78 35.37 -7.64
C GLU T 201 -47.58 34.40 -7.73
N LEU T 202 -46.52 34.84 -8.41
CA LEU T 202 -45.30 34.06 -8.60
C LEU T 202 -44.52 33.96 -7.28
N ALA T 203 -44.22 35.11 -6.69
CA ALA T 203 -43.54 35.20 -5.38
C ALA T 203 -44.20 34.31 -4.31
N THR T 204 -45.52 34.22 -4.27
CA THR T 204 -46.19 33.44 -3.21
C THR T 204 -46.10 31.95 -3.42
N THR T 205 -46.17 31.52 -4.69
CA THR T 205 -45.93 30.14 -5.06
C THR T 205 -44.50 29.72 -4.71
N HIS T 206 -43.53 30.54 -5.07
CA HIS T 206 -42.15 30.27 -4.82
C HIS T 206 -41.83 30.18 -3.31
N LEU T 207 -42.45 31.09 -2.55
CA LEU T 207 -42.31 31.15 -1.11
C LEU T 207 -42.91 29.91 -0.48
N SER T 208 -44.06 29.48 -0.97
CA SER T 208 -44.66 28.23 -0.49
C SER T 208 -43.76 27.01 -0.61
N THR T 209 -43.03 26.92 -1.73
CA THR T 209 -42.09 25.83 -1.96
C THR T 209 -40.98 25.89 -0.90
N MET T 210 -40.36 27.07 -0.79
CA MET T 210 -39.29 27.25 0.17
C MET T 210 -39.72 26.92 1.61
N VAL T 211 -40.83 27.50 2.04
CA VAL T 211 -41.41 27.20 3.36
C VAL T 211 -41.66 25.70 3.54
N ARG T 212 -42.28 25.06 2.56
CA ARG T 212 -42.44 23.58 2.62
C ARG T 212 -41.09 22.80 2.69
N ALA T 213 -40.11 23.20 1.89
CA ALA T 213 -38.78 22.61 1.91
C ALA T 213 -38.14 22.75 3.32
N VAL T 214 -38.34 23.93 3.94
CA VAL T 214 -37.75 24.18 5.29
C VAL T 214 -38.45 23.35 6.39
N ILE T 215 -39.77 23.19 6.30
CA ILE T 215 -40.48 22.35 7.25
C ILE T 215 -39.95 20.93 7.20
N ASN T 216 -39.83 20.39 5.99
CA ASN T 216 -39.33 19.02 5.85
C ASN T 216 -37.87 18.92 6.33
N ALA T 217 -37.00 19.82 5.89
CA ALA T 217 -35.63 19.85 6.37
C ALA T 217 -35.49 19.93 7.92
N TYR T 218 -36.20 20.87 8.56
CA TYR T 218 -36.13 20.99 10.02
C TYR T 218 -36.60 19.68 10.70
N LEU T 219 -37.76 19.15 10.28
CA LEU T 219 -38.38 18.01 10.97
C LEU T 219 -37.60 16.71 10.79
N LEU T 220 -36.80 16.63 9.72
CA LEU T 220 -35.99 15.45 9.51
C LEU T 220 -34.68 15.52 10.30
N ASN T 221 -34.21 16.75 10.56
CA ASN T 221 -32.87 17.00 11.06
C ASN T 221 -32.75 17.58 12.52
N TRP T 222 -33.88 17.81 13.20
CA TRP T 222 -33.92 18.68 14.39
C TRP T 222 -33.02 18.15 15.51
N LYS T 223 -32.86 16.83 15.61
CA LYS T 223 -32.03 16.26 16.67
C LYS T 223 -30.54 16.60 16.63
N LYS T 224 -29.95 16.53 15.45
CA LYS T 224 -28.60 16.97 15.23
C LYS T 224 -28.48 18.48 15.18
N LEU T 225 -29.57 19.18 14.83
CA LEU T 225 -29.59 20.66 14.95
C LEU T 225 -29.43 21.14 16.41
N ILE T 226 -30.02 20.38 17.34
CA ILE T 226 -29.98 20.65 18.76
C ILE T 226 -28.72 20.04 19.41
N GLN T 227 -28.47 18.74 19.18
CA GLN T 227 -27.25 18.06 19.65
C GLN T 227 -26.42 17.47 18.50
N PRO T 228 -25.51 18.27 17.96
CA PRO T 228 -24.76 17.87 16.79
C PRO T 228 -23.68 16.85 17.13
N ARG T 229 -23.24 16.79 18.39
CA ARG T 229 -22.31 15.76 18.89
C ARG T 229 -22.92 15.05 20.08
N THR T 230 -22.96 13.73 20.05
CA THR T 230 -23.30 12.95 21.25
C THR T 230 -22.07 12.15 21.52
N GLY T 231 -21.24 12.62 22.44
CA GLY T 231 -19.87 12.10 22.52
C GLY T 231 -19.41 11.60 23.87
N SER T 232 -19.81 10.37 24.20
CA SER T 232 -19.24 9.65 25.34
C SER T 232 -18.63 8.33 24.85
N ASP T 233 -17.32 8.17 25.06
CA ASP T 233 -16.67 6.89 24.70
C ASP T 233 -16.55 5.97 25.93
N HIS T 234 -16.55 4.67 25.67
CA HIS T 234 -16.24 3.72 26.72
C HIS T 234 -14.78 3.23 26.57
N MET T 235 -14.12 3.73 25.51
CA MET T 235 -12.79 3.27 25.06
C MET T 235 -11.65 3.59 26.00
N VAL T 236 -11.81 4.71 26.69
CA VAL T 236 -10.79 5.29 27.56
C VAL T 236 -11.21 5.17 29.03
N SER T 237 -10.23 5.00 29.90
CA SER T 237 -10.37 5.33 31.34
C SER T 237 -8.99 5.51 31.96
N LYS U 10 12.99 45.14 23.62
CA LYS U 10 13.30 44.04 22.66
C LYS U 10 12.04 43.65 21.84
N ARG U 11 12.15 42.63 21.00
CA ARG U 11 11.03 42.21 20.16
C ARG U 11 9.93 41.52 20.99
N ALA U 12 10.34 40.70 21.94
CA ALA U 12 9.37 39.99 22.77
C ALA U 12 8.57 40.97 23.60
N ALA U 13 9.22 42.07 24.02
CA ALA U 13 8.58 43.06 24.90
C ALA U 13 7.55 43.87 24.14
N LEU U 14 7.76 44.06 22.84
CA LEU U 14 6.79 44.76 22.01
C LEU U 14 5.52 43.91 21.90
N ILE U 15 5.68 42.60 21.77
CA ILE U 15 4.57 41.68 21.71
C ILE U 15 3.83 41.61 23.03
N GLN U 16 4.58 41.39 24.11
CA GLN U 16 4.05 41.36 25.45
C GLN U 16 3.25 42.64 25.79
N ASN U 17 3.76 43.81 25.38
CA ASN U 17 3.01 45.08 25.52
C ASN U 17 1.65 45.06 24.85
N LEU U 18 1.64 44.61 23.59
CA LEU U 18 0.42 44.38 22.83
C LEU U 18 -0.58 43.53 23.61
N ARG U 19 -0.11 42.34 24.02
CA ARG U 19 -0.94 41.35 24.70
C ARG U 19 -1.41 41.72 26.10
N ASP U 20 -0.59 42.46 26.83
CA ASP U 20 -0.98 42.94 28.19
C ASP U 20 -2.01 44.06 28.10
N SER U 21 -2.01 44.81 27.00
CA SER U 21 -3.01 45.84 26.86
C SER U 21 -4.34 45.33 26.32
N TYR U 22 -4.33 44.33 25.44
CA TYR U 22 -5.60 43.68 25.00
C TYR U 22 -5.69 42.24 25.41
N THR U 23 -6.26 42.00 26.59
CA THR U 23 -6.29 40.68 27.15
C THR U 23 -7.64 40.00 26.96
N GLU U 24 -7.73 38.75 27.39
CA GLU U 24 -8.98 37.98 27.39
C GLU U 24 -10.07 38.65 28.25
N THR U 25 -9.65 39.37 29.30
CA THR U 25 -10.57 40.20 30.08
C THR U 25 -11.15 41.32 29.24
N SER U 26 -10.38 41.91 28.32
CA SER U 26 -10.91 42.91 27.35
C SER U 26 -12.05 42.34 26.49
N SER U 27 -11.79 41.17 25.87
CA SER U 27 -12.77 40.53 24.97
C SER U 27 -13.91 39.93 25.77
N PHE U 28 -13.61 39.31 26.91
CA PHE U 28 -14.67 38.79 27.78
C PHE U 28 -15.63 39.88 28.29
N ALA U 29 -15.10 41.06 28.60
CA ALA U 29 -15.95 42.17 29.08
C ALA U 29 -16.93 42.56 27.99
N VAL U 30 -16.50 42.55 26.73
CA VAL U 30 -17.41 42.84 25.61
C VAL U 30 -18.52 41.76 25.51
N ILE U 31 -18.15 40.49 25.59
CA ILE U 31 -19.13 39.41 25.54
C ILE U 31 -20.21 39.52 26.63
N GLU U 32 -19.75 39.78 27.86
CA GLU U 32 -20.60 40.06 29.03
C GLU U 32 -21.55 41.22 28.79
N GLU U 33 -21.04 42.31 28.26
CA GLU U 33 -21.86 43.45 27.89
C GLU U 33 -22.90 43.06 26.79
N TRP U 34 -22.48 42.29 25.79
CA TRP U 34 -23.42 41.91 24.72
C TRP U 34 -24.53 41.00 25.22
N ALA U 35 -24.22 40.09 26.15
CA ALA U 35 -25.21 39.11 26.64
C ALA U 35 -26.35 39.76 27.42
N ALA U 36 -26.06 40.88 28.04
CA ALA U 36 -27.02 41.55 28.89
C ALA U 36 -27.55 42.81 28.16
N GLY U 37 -26.87 43.93 28.39
CA GLY U 37 -27.28 45.22 27.90
C GLY U 37 -27.57 45.35 26.43
N THR U 38 -26.63 44.90 25.59
CA THR U 38 -26.70 45.11 24.12
C THR U 38 -27.94 44.47 23.50
N LEU U 39 -28.16 43.19 23.77
CA LEU U 39 -29.34 42.49 23.27
C LEU U 39 -30.66 43.23 23.59
N GLN U 40 -30.80 43.64 24.87
CA GLN U 40 -31.95 44.38 25.35
C GLN U 40 -32.14 45.70 24.59
N GLU U 41 -31.06 46.50 24.45
CA GLU U 41 -31.10 47.75 23.68
C GLU U 41 -31.52 47.51 22.22
N ILE U 42 -30.94 46.47 21.59
CA ILE U 42 -31.28 46.10 20.21
C ILE U 42 -32.76 45.84 20.10
N GLU U 43 -33.28 45.05 21.02
CA GLU U 43 -34.70 44.75 21.04
C GLU U 43 -35.60 45.99 21.29
N GLY U 44 -35.16 46.90 22.15
CA GLY U 44 -35.91 48.13 22.33
C GLY U 44 -35.98 48.95 21.05
N ILE U 45 -34.85 49.06 20.35
CA ILE U 45 -34.80 49.74 19.04
C ILE U 45 -35.75 49.09 17.99
N ALA U 46 -35.84 47.76 17.98
CA ALA U 46 -36.83 47.03 17.21
C ALA U 46 -38.27 47.39 17.56
N LYS U 47 -38.56 47.47 18.86
CA LYS U 47 -39.90 47.80 19.34
C LYS U 47 -40.23 49.26 19.04
N ALA U 48 -39.28 50.16 19.20
CA ALA U 48 -39.50 51.54 18.78
C ALA U 48 -39.82 51.66 17.26
N ALA U 49 -39.05 50.95 16.43
CA ALA U 49 -39.26 50.95 14.99
C ALA U 49 -40.62 50.34 14.61
N ALA U 50 -41.00 49.20 15.20
CA ALA U 50 -42.34 48.65 14.95
C ALA U 50 -43.45 49.66 15.32
N GLU U 51 -43.31 50.29 16.49
CA GLU U 51 -44.22 51.35 16.92
C GLU U 51 -44.28 52.54 15.92
N ALA U 52 -43.12 53.05 15.50
CA ALA U 52 -43.14 54.14 14.53
C ALA U 52 -43.82 53.68 13.22
N HIS U 53 -43.64 52.40 12.88
CA HIS U 53 -44.10 51.90 11.60
C HIS U 53 -45.62 51.79 11.65
N GLY U 54 -46.15 51.46 12.81
CA GLY U 54 -47.60 51.38 13.02
C GLY U 54 -48.24 52.75 12.86
N VAL U 55 -47.58 53.77 13.35
CA VAL U 55 -48.04 55.14 13.21
C VAL U 55 -48.19 55.54 11.75
N ILE U 56 -47.15 55.27 10.95
CA ILE U 56 -47.10 55.64 9.52
C ILE U 56 -48.16 54.92 8.68
N ARG U 57 -48.31 53.62 8.91
CA ARG U 57 -49.29 52.77 8.26
C ARG U 57 -50.70 53.32 8.47
N ASN U 58 -50.89 53.95 9.64
CA ASN U 58 -52.14 54.61 10.03
C ASN U 58 -52.28 56.03 9.46
N SER U 59 -51.55 56.38 8.40
CA SER U 59 -51.48 57.78 7.96
C SER U 59 -51.88 57.99 6.52
N THR U 60 -52.57 59.11 6.30
CA THR U 60 -52.79 59.69 4.97
C THR U 60 -51.87 60.88 4.84
N TYR U 61 -50.99 60.82 3.86
CA TYR U 61 -50.01 61.85 3.67
C TYR U 61 -50.56 62.93 2.75
N GLY U 62 -50.09 64.16 2.96
CA GLY U 62 -50.32 65.22 2.01
C GLY U 62 -49.02 65.95 1.85
N ARG U 63 -49.05 67.07 1.13
CA ARG U 63 -47.88 67.92 0.94
C ARG U 63 -47.23 68.36 2.27
N ALA U 64 -48.00 68.47 3.35
CA ALA U 64 -47.47 68.85 4.67
C ALA U 64 -46.36 67.91 5.16
N GLN U 65 -46.52 66.61 4.85
CA GLN U 65 -45.53 65.58 5.23
C GLN U 65 -44.20 65.69 4.47
N ALA U 66 -44.20 66.41 3.35
CA ALA U 66 -42.97 66.74 2.64
C ALA U 66 -42.25 67.98 3.19
N GLU U 67 -42.93 68.79 4.00
CA GLU U 67 -42.38 70.07 4.46
C GLU U 67 -41.55 69.93 5.74
N LYS U 68 -41.78 68.84 6.46
CA LYS U 68 -41.01 68.48 7.65
C LYS U 68 -40.57 67.00 7.58
N SER U 69 -39.36 66.69 8.05
CA SER U 69 -38.88 65.30 8.22
C SER U 69 -39.29 64.77 9.60
N PRO U 70 -39.91 63.59 9.68
CA PRO U 70 -40.54 63.11 10.93
C PRO U 70 -39.53 62.78 12.06
N GLU U 71 -39.46 63.66 13.07
CA GLU U 71 -38.56 63.49 14.23
C GLU U 71 -38.52 62.11 14.89
N GLN U 72 -39.66 61.42 14.96
CA GLN U 72 -39.75 60.11 15.62
C GLN U 72 -38.93 59.04 14.88
N LEU U 73 -38.94 59.12 13.55
CA LEU U 73 -38.17 58.22 12.71
C LEU U 73 -36.70 58.59 12.77
N LEU U 74 -36.41 59.88 12.66
CA LEU U 74 -35.05 60.34 12.82
C LEU U 74 -34.41 59.80 14.10
N GLY U 75 -35.18 59.76 15.19
CA GLY U 75 -34.67 59.33 16.45
C GLY U 75 -34.54 57.82 16.59
N VAL U 76 -35.47 57.05 16.00
CA VAL U 76 -35.28 55.61 15.90
C VAL U 76 -33.99 55.27 15.11
N LEU U 77 -33.83 55.94 13.97
CA LEU U 77 -32.66 55.71 13.13
C LEU U 77 -31.37 56.16 13.85
N GLN U 78 -31.46 57.24 14.62
CA GLN U 78 -30.29 57.74 15.37
C GLN U 78 -29.89 56.72 16.46
N ARG U 79 -30.90 56.21 17.16
CA ARG U 79 -30.68 55.18 18.14
C ARG U 79 -29.93 53.99 17.54
N TYR U 80 -30.32 53.62 16.32
CA TYR U 80 -29.74 52.51 15.59
C TYR U 80 -28.29 52.76 15.16
N GLN U 81 -28.00 53.98 14.67
CA GLN U 81 -26.65 54.32 14.34
C GLN U 81 -25.74 54.25 15.58
N ASP U 82 -26.22 54.74 16.72
CA ASP U 82 -25.46 54.73 17.98
C ASP U 82 -25.10 53.32 18.40
N LEU U 83 -26.08 52.43 18.39
CA LEU U 83 -25.87 51.06 18.81
C LEU U 83 -24.88 50.39 17.84
N CYS U 84 -25.09 50.53 16.53
CA CYS U 84 -24.12 50.03 15.52
C CYS U 84 -22.71 50.55 15.77
N HIS U 85 -22.58 51.82 16.11
CA HIS U 85 -21.26 52.39 16.40
C HIS U 85 -20.61 51.66 17.58
N ASN U 86 -21.37 51.47 18.65
CA ASN U 86 -20.87 50.74 19.81
C ASN U 86 -20.54 49.26 19.59
N VAL U 87 -21.42 48.51 18.93
CA VAL U 87 -21.16 47.10 18.60
C VAL U 87 -19.91 46.97 17.72
N TYR U 88 -19.73 47.89 16.78
CA TYR U 88 -18.55 47.93 15.95
C TYR U 88 -17.25 48.13 16.74
N CYS U 89 -17.17 49.18 17.57
CA CYS U 89 -15.94 49.40 18.37
C CYS U 89 -15.64 48.22 19.29
N GLN U 90 -16.66 47.72 19.94
CA GLN U 90 -16.57 46.54 20.77
C GLN U 90 -16.10 45.28 20.00
N ALA U 91 -16.65 45.02 18.81
CA ALA U 91 -16.18 43.92 17.94
C ALA U 91 -14.70 43.99 17.64
N GLU U 92 -14.22 45.21 17.39
CA GLU U 92 -12.84 45.50 17.10
C GLU U 92 -11.90 45.18 18.26
N THR U 93 -12.41 45.30 19.48
CA THR U 93 -11.69 44.89 20.67
C THR U 93 -11.46 43.38 20.66
N ILE U 94 -12.53 42.61 20.47
CA ILE U 94 -12.40 41.15 20.33
C ILE U 94 -11.45 40.79 19.17
N ARG U 95 -11.54 41.50 18.05
CA ARG U 95 -10.66 41.20 16.93
C ARG U 95 -9.20 41.46 17.28
N THR U 96 -8.92 42.57 17.95
CA THR U 96 -7.57 42.88 18.43
C THR U 96 -7.04 41.80 19.37
N VAL U 97 -7.84 41.36 20.33
CA VAL U 97 -7.39 40.31 21.25
C VAL U 97 -7.00 39.01 20.51
N ILE U 98 -7.76 38.63 19.48
CA ILE U 98 -7.46 37.41 18.73
C ILE U 98 -6.24 37.63 17.86
N ALA U 99 -6.29 38.73 17.10
CA ALA U 99 -5.36 38.96 16.00
C ALA U 99 -3.93 39.22 16.50
N ILE U 100 -3.81 39.82 17.67
CA ILE U 100 -2.46 39.94 18.30
C ILE U 100 -1.88 38.61 18.87
N ARG U 101 -2.64 37.51 18.81
CA ARG U 101 -2.19 36.20 19.28
C ARG U 101 -2.17 35.13 18.16
N ILE U 102 -2.30 35.58 16.92
CA ILE U 102 -2.14 34.68 15.80
C ILE U 102 -0.64 34.31 15.84
N PRO U 103 -0.32 33.02 15.96
CA PRO U 103 1.05 32.65 16.20
C PRO U 103 1.84 32.62 14.90
N GLU U 104 3.12 32.35 15.04
CA GLU U 104 4.04 32.12 13.95
C GLU U 104 3.43 31.26 12.85
N HIS U 105 3.53 31.77 11.62
CA HIS U 105 3.02 31.06 10.44
C HIS U 105 3.71 29.70 10.23
N LYS U 106 2.93 28.64 10.24
CA LYS U 106 3.43 27.30 9.92
C LYS U 106 2.46 26.58 9.00
N GLU U 107 2.91 25.45 8.45
CA GLU U 107 2.05 24.55 7.66
C GLU U 107 1.58 23.38 8.52
N GLU U 108 1.73 23.47 9.84
CA GLU U 108 1.30 22.41 10.75
C GLU U 108 0.90 23.03 12.08
N ASP U 109 0.41 22.22 13.02
CA ASP U 109 -0.02 22.71 14.33
C ASP U 109 -0.94 23.96 14.20
N ASN U 110 -1.89 23.87 13.26
CA ASN U 110 -2.80 24.95 12.95
C ASN U 110 -4.27 24.75 13.40
N LEU U 111 -4.49 23.87 14.38
CA LEU U 111 -5.85 23.52 14.81
C LEU U 111 -6.46 24.66 15.60
N GLY U 112 -5.70 25.27 16.51
CA GLY U 112 -6.15 26.45 17.26
C GLY U 112 -6.17 27.68 16.37
N VAL U 113 -5.17 27.78 15.48
CA VAL U 113 -5.15 28.82 14.44
C VAL U 113 -6.47 28.81 13.62
N ALA U 114 -6.96 27.62 13.29
CA ALA U 114 -8.20 27.50 12.53
C ALA U 114 -9.41 28.05 13.32
N VAL U 115 -9.49 27.70 14.60
CA VAL U 115 -10.43 28.33 15.54
C VAL U 115 -10.39 29.90 15.46
N GLN U 116 -9.20 30.47 15.63
CA GLN U 116 -9.02 31.92 15.56
C GLN U 116 -9.60 32.52 14.29
N HIS U 117 -9.27 31.93 13.13
CA HIS U 117 -9.75 32.43 11.83
C HIS U 117 -11.28 32.25 11.70
N ALA U 118 -11.83 31.13 12.19
CA ALA U 118 -13.29 30.94 12.22
C ALA U 118 -14.00 32.02 13.04
N VAL U 119 -13.43 32.37 14.19
CA VAL U 119 -14.03 33.38 15.05
C VAL U 119 -13.77 34.78 14.48
N LEU U 120 -12.61 35.00 13.86
CA LEU U 120 -12.43 36.31 13.20
C LEU U 120 -13.38 36.54 12.04
N LYS U 121 -13.71 35.46 11.32
CA LYS U 121 -14.61 35.51 10.18
C LYS U 121 -16.04 35.81 10.59
N ILE U 122 -16.53 35.20 11.66
CA ILE U 122 -17.83 35.53 12.20
C ILE U 122 -17.90 37.02 12.64
N ILE U 123 -16.78 37.54 13.19
CA ILE U 123 -16.70 38.97 13.58
C ILE U 123 -16.61 39.94 12.39
N ASP U 124 -15.89 39.57 11.32
CA ASP U 124 -15.91 40.38 10.09
C ASP U 124 -17.30 40.44 9.51
N GLU U 125 -18.02 39.32 9.58
CA GLU U 125 -19.34 39.26 8.96
C GLU U 125 -20.30 40.17 9.74
N LEU U 126 -20.15 40.21 11.05
CA LEU U 126 -20.94 41.05 11.92
C LEU U 126 -20.64 42.52 11.61
N GLU U 127 -19.36 42.85 11.49
CA GLU U 127 -18.92 44.23 11.26
C GLU U 127 -19.19 44.70 9.85
N ILE U 128 -18.88 43.85 8.87
CA ILE U 128 -18.85 44.24 7.46
C ILE U 128 -20.23 44.08 6.87
N LYS U 129 -20.74 42.85 6.93
CA LYS U 129 -22.06 42.53 6.40
C LYS U 129 -23.25 42.94 7.29
N THR U 130 -23.17 42.71 8.60
CA THR U 130 -24.35 42.96 9.42
C THR U 130 -24.49 44.47 9.74
N LEU U 131 -23.40 45.12 10.12
CA LEU U 131 -23.45 46.50 10.52
C LEU U 131 -23.29 47.47 9.36
N GLY U 132 -23.11 46.96 8.13
CA GLY U 132 -22.93 47.77 6.93
C GLY U 132 -22.01 48.95 7.12
N SER U 133 -20.83 48.71 7.71
CA SER U 133 -19.86 49.75 8.04
C SER U 133 -18.94 50.30 6.92
N GLY U 134 -18.64 49.48 5.89
CA GLY U 134 -17.78 49.91 4.79
C GLY U 134 -18.42 50.93 3.86
N GLU U 135 -17.59 51.61 3.08
CA GLU U 135 -18.08 52.65 2.16
C GLU U 135 -18.66 52.11 0.84
N LYS U 136 -18.27 50.89 0.47
CA LYS U 136 -18.90 50.17 -0.65
C LYS U 136 -19.05 48.70 -0.30
N SER U 137 -20.25 48.16 -0.57
CA SER U 137 -20.52 46.72 -0.47
C SER U 137 -19.74 45.90 -1.50
N GLY U 138 -19.37 44.68 -1.11
CA GLY U 138 -18.79 43.74 -2.08
C GLY U 138 -19.75 43.30 -3.20
N SER U 139 -19.25 42.39 -4.04
CA SER U 139 -20.03 41.77 -5.13
C SER U 139 -21.10 40.80 -4.61
N GLY U 140 -21.05 40.47 -3.30
CA GLY U 140 -22.15 39.77 -2.64
C GLY U 140 -23.34 40.67 -2.29
N GLY U 141 -23.26 41.95 -2.64
CA GLY U 141 -24.24 42.97 -2.25
C GLY U 141 -24.22 43.28 -0.76
N ALA U 142 -25.39 43.65 -0.24
CA ALA U 142 -25.63 43.82 1.18
C ALA U 142 -26.83 42.94 1.60
N PRO U 143 -26.57 41.88 2.38
CA PRO U 143 -27.65 41.00 2.89
C PRO U 143 -28.44 41.61 4.07
N THR U 144 -27.91 42.69 4.67
CA THR U 144 -28.60 43.36 5.77
C THR U 144 -29.60 44.39 5.23
N PRO U 145 -30.83 44.37 5.78
CA PRO U 145 -31.87 45.38 5.45
C PRO U 145 -31.40 46.84 5.42
N ILE U 146 -30.49 47.24 6.32
CA ILE U 146 -29.98 48.62 6.45
C ILE U 146 -28.66 48.64 7.24
N GLY U 147 -27.79 49.62 7.02
CA GLY U 147 -26.51 49.69 7.77
C GLY U 147 -26.23 50.82 8.75
N MET U 148 -24.95 50.96 9.13
CA MET U 148 -24.37 52.01 9.99
C MET U 148 -24.86 53.43 9.64
N TYR U 149 -24.98 53.73 8.35
CA TYR U 149 -25.31 55.08 7.91
C TYR U 149 -26.79 55.11 7.45
N ALA U 150 -27.66 54.70 8.35
CA ALA U 150 -29.11 54.57 8.08
C ALA U 150 -29.78 55.95 7.98
N LEU U 151 -29.39 56.88 8.84
CA LEU U 151 -29.82 58.27 8.80
C LEU U 151 -29.58 58.96 7.43
N ARG U 152 -28.31 59.05 7.02
CA ARG U 152 -27.98 59.59 5.70
C ARG U 152 -28.69 58.85 4.55
N GLU U 153 -28.85 57.52 4.64
CA GLU U 153 -29.57 56.75 3.60
C GLU U 153 -31.02 57.23 3.54
N TYR U 154 -31.65 57.36 4.70
CA TYR U 154 -33.03 57.84 4.83
C TYR U 154 -33.25 59.26 4.30
N LEU U 155 -32.37 60.19 4.70
CA LEU U 155 -32.46 61.61 4.30
C LEU U 155 -32.22 61.80 2.82
N SER U 156 -31.25 61.08 2.25
CA SER U 156 -31.02 61.14 0.83
C SER U 156 -32.25 60.67 0.01
N ALA U 157 -32.81 59.52 0.38
CA ALA U 157 -33.99 58.99 -0.29
C ALA U 157 -35.19 59.91 -0.11
N ARG U 158 -35.45 60.32 1.15
CA ARG U 158 -36.58 61.20 1.46
C ARG U 158 -36.42 62.57 0.80
N SER U 159 -35.22 63.12 0.92
CA SER U 159 -34.89 64.39 0.30
C SER U 159 -35.26 64.50 -1.17
N THR U 160 -34.99 63.43 -1.93
CA THR U 160 -35.24 63.40 -3.38
C THR U 160 -36.75 63.52 -3.66
N VAL U 161 -37.56 62.74 -2.96
CA VAL U 161 -39.00 62.78 -3.12
C VAL U 161 -39.63 64.10 -2.67
N GLU U 162 -39.10 64.69 -1.61
CA GLU U 162 -39.57 65.97 -1.09
C GLU U 162 -39.40 67.08 -2.16
N ASP U 163 -38.21 67.18 -2.75
CA ASP U 163 -37.96 68.14 -3.83
C ASP U 163 -38.90 68.02 -5.04
N LYS U 164 -39.34 66.82 -5.36
CA LYS U 164 -40.25 66.63 -6.48
C LYS U 164 -41.65 67.04 -6.09
N LEU U 165 -42.02 66.80 -4.84
CA LEU U 165 -43.37 67.08 -4.40
C LEU U 165 -43.55 68.59 -4.23
N LEU U 166 -42.48 69.27 -3.85
CA LEU U 166 -42.54 70.66 -3.43
C LEU U 166 -42.40 71.65 -4.60
N GLY U 167 -41.30 71.60 -5.33
CA GLY U 167 -41.05 72.57 -6.41
C GLY U 167 -39.60 72.74 -6.81
N GLY U 178 -44.29 73.85 -9.08
CA GLY U 178 -43.64 72.60 -9.58
C GLY U 178 -44.29 71.34 -9.02
N GLY U 179 -44.93 71.46 -7.86
CA GLY U 179 -45.65 70.34 -7.23
C GLY U 179 -46.07 69.25 -8.21
N SER U 180 -45.22 68.22 -8.35
CA SER U 180 -45.58 67.01 -9.11
C SER U 180 -46.99 66.59 -8.73
N GLN U 181 -47.80 66.26 -9.74
CA GLN U 181 -49.18 65.84 -9.50
C GLN U 181 -49.32 64.29 -9.37
N SER U 182 -48.20 63.58 -9.33
CA SER U 182 -48.24 62.12 -9.20
C SER U 182 -48.83 61.66 -7.87
N PRO U 183 -49.93 60.92 -7.85
CA PRO U 183 -50.48 60.41 -6.57
C PRO U 183 -49.58 59.33 -5.89
N SER U 184 -48.91 58.49 -6.72
CA SER U 184 -48.02 57.44 -6.22
C SER U 184 -46.71 57.97 -5.64
N LEU U 185 -46.29 59.14 -6.08
CA LEU U 185 -45.17 59.83 -5.46
C LEU U 185 -45.42 60.23 -3.95
N LEU U 186 -46.64 60.65 -3.64
CA LEU U 186 -47.08 60.96 -2.29
C LEU U 186 -47.07 59.69 -1.43
N LEU U 187 -47.63 58.61 -1.97
CA LEU U 187 -47.69 57.33 -1.25
C LEU U 187 -46.28 56.82 -1.03
N GLU U 188 -45.39 57.14 -1.96
CA GLU U 188 -43.99 56.76 -1.88
C GLU U 188 -43.27 57.41 -0.75
N LEU U 189 -43.42 58.72 -0.61
CA LEU U 189 -42.88 59.44 0.55
C LEU U 189 -43.21 58.74 1.86
N ARG U 190 -44.48 58.36 2.01
CA ARG U 190 -44.92 57.54 3.12
C ARG U 190 -44.30 56.13 3.10
N GLN U 191 -44.08 55.56 1.92
CA GLN U 191 -43.54 54.21 1.91
C GLN U 191 -42.06 54.26 2.25
N ILE U 192 -41.39 55.36 1.93
CA ILE U 192 -40.02 55.59 2.35
C ILE U 192 -39.91 55.63 3.89
N ASP U 193 -40.80 56.43 4.51
CA ASP U 193 -40.89 56.49 5.97
C ASP U 193 -41.13 55.14 6.60
N ALA U 194 -42.13 54.42 6.08
CA ALA U 194 -42.49 53.12 6.62
C ALA U 194 -41.39 52.04 6.47
N ASP U 195 -40.82 51.93 5.26
CA ASP U 195 -39.79 50.95 4.93
C ASP U 195 -38.52 51.12 5.70
N PHE U 196 -38.14 52.36 5.98
CA PHE U 196 -36.97 52.62 6.81
C PHE U 196 -37.15 52.17 8.29
N MET U 197 -38.37 52.28 8.82
CA MET U 197 -38.71 51.64 10.10
C MET U 197 -38.72 50.11 10.02
N LEU U 198 -39.30 49.54 8.96
CA LEU U 198 -39.28 48.09 8.78
C LEU U 198 -37.84 47.62 8.62
N LYS U 199 -37.05 48.31 7.82
CA LYS U 199 -35.63 48.02 7.72
C LYS U 199 -34.86 47.96 9.05
N VAL U 200 -35.10 48.92 9.95
CA VAL U 200 -34.50 48.91 11.30
C VAL U 200 -34.97 47.70 12.11
N GLU U 201 -36.24 47.42 11.99
CA GLU U 201 -36.80 46.27 12.64
C GLU U 201 -36.27 44.89 12.16
N LEU U 202 -35.92 44.75 10.87
CA LEU U 202 -35.40 43.49 10.34
C LEU U 202 -33.92 43.40 10.63
N ALA U 203 -33.24 44.54 10.49
CA ALA U 203 -31.82 44.62 10.79
C ALA U 203 -31.47 44.32 12.28
N THR U 204 -32.20 44.90 13.23
CA THR U 204 -31.92 44.65 14.65
C THR U 204 -32.18 43.20 14.98
N THR U 205 -33.18 42.61 14.34
CA THR U 205 -33.49 41.19 14.57
C THR U 205 -32.38 40.28 14.05
N HIS U 206 -31.90 40.57 12.85
CA HIS U 206 -30.80 39.86 12.29
C HIS U 206 -29.50 40.10 13.07
N LEU U 207 -29.39 41.29 13.65
CA LEU U 207 -28.20 41.67 14.42
C LEU U 207 -28.13 40.92 15.76
N SER U 208 -29.29 40.64 16.36
CA SER U 208 -29.35 39.92 17.62
C SER U 208 -28.90 38.51 17.44
N THR U 209 -29.42 37.86 16.37
CA THR U 209 -29.00 36.52 15.98
C THR U 209 -27.51 36.48 15.83
N MET U 210 -26.95 37.49 15.17
CA MET U 210 -25.52 37.55 14.93
C MET U 210 -24.72 37.71 16.25
N VAL U 211 -25.23 38.56 17.14
CA VAL U 211 -24.56 38.82 18.42
C VAL U 211 -24.66 37.54 19.30
N ARG U 212 -25.81 36.90 19.28
CA ARG U 212 -25.97 35.66 20.02
C ARG U 212 -25.00 34.58 19.51
N ALA U 213 -24.87 34.49 18.18
CA ALA U 213 -24.01 33.47 17.58
C ALA U 213 -22.56 33.71 18.06
N VAL U 214 -22.12 34.97 18.07
CA VAL U 214 -20.74 35.33 18.49
C VAL U 214 -20.52 35.09 20.01
N ILE U 215 -21.56 35.29 20.81
CA ILE U 215 -21.42 35.05 22.24
C ILE U 215 -21.10 33.59 22.50
N ASN U 216 -21.81 32.71 21.79
CA ASN U 216 -21.58 31.26 21.81
C ASN U 216 -20.21 30.83 21.23
N ALA U 217 -19.86 31.32 20.04
CA ALA U 217 -18.55 31.06 19.45
C ALA U 217 -17.43 31.49 20.38
N TYR U 218 -17.54 32.67 20.99
CA TYR U 218 -16.45 33.17 21.82
C TYR U 218 -16.27 32.23 22.99
N LEU U 219 -17.39 31.94 23.67
CA LEU U 219 -17.38 31.26 24.97
C LEU U 219 -17.05 29.78 24.85
N LEU U 220 -17.35 29.16 23.72
CA LEU U 220 -16.95 27.75 23.48
C LEU U 220 -15.49 27.60 23.08
N ASN U 221 -14.92 28.64 22.50
CA ASN U 221 -13.64 28.56 21.80
C ASN U 221 -12.51 29.43 22.39
N TRP U 222 -12.79 30.19 23.46
CA TRP U 222 -11.86 31.21 23.95
C TRP U 222 -10.45 30.75 24.32
N LYS U 223 -10.33 29.55 24.87
CA LYS U 223 -9.00 29.02 25.26
C LYS U 223 -8.05 28.91 24.08
N LYS U 224 -8.54 28.39 22.96
CA LYS U 224 -7.75 28.36 21.72
C LYS U 224 -7.56 29.71 21.07
N LEU U 225 -8.53 30.61 21.25
CA LEU U 225 -8.41 32.00 20.75
C LEU U 225 -7.21 32.71 21.39
N ILE U 226 -6.96 32.44 22.68
CA ILE U 226 -5.83 33.03 23.45
C ILE U 226 -4.52 32.22 23.25
N GLN U 227 -4.62 30.89 23.24
CA GLN U 227 -3.49 29.95 23.13
C GLN U 227 -3.79 28.89 22.06
N PRO U 228 -3.58 29.21 20.78
CA PRO U 228 -3.89 28.27 19.70
C PRO U 228 -2.95 27.05 19.64
N ARG U 229 -1.77 27.16 20.23
CA ARG U 229 -0.80 26.07 20.32
C ARG U 229 -0.45 25.91 21.79
N THR U 230 -0.43 24.70 22.31
CA THR U 230 0.27 24.42 23.56
C THR U 230 1.36 23.42 23.19
N GLY U 231 2.59 23.91 23.12
CA GLY U 231 3.69 23.20 22.45
C GLY U 231 4.98 22.94 23.22
N SER U 232 4.89 21.97 24.14
CA SER U 232 6.05 21.38 24.81
C SER U 232 5.81 19.86 24.92
N ASP U 233 6.63 19.08 24.21
CA ASP U 233 6.51 17.60 24.23
C ASP U 233 7.50 16.97 25.23
N HIS U 234 7.57 15.63 25.22
CA HIS U 234 8.66 14.97 25.95
C HIS U 234 9.36 13.87 25.15
N MET U 235 9.03 13.81 23.85
CA MET U 235 9.63 12.88 22.89
C MET U 235 11.08 13.22 22.63
N VAL U 236 11.35 14.52 22.46
CA VAL U 236 12.67 15.01 22.14
C VAL U 236 13.34 15.62 23.37
N SER U 237 14.49 15.08 23.73
CA SER U 237 15.45 15.79 24.55
C SER U 237 16.85 15.65 23.95
S SO4 V . 3.63 -20.28 -32.62
O1 SO4 V . 2.52 -19.99 -33.50
O2 SO4 V . 3.47 -21.65 -32.12
O3 SO4 V . 4.88 -20.18 -33.38
O4 SO4 V . 3.66 -19.34 -31.49
S SO4 W . -21.89 -27.60 -15.33
O1 SO4 W . -21.93 -27.85 -16.77
O2 SO4 W . -23.24 -27.34 -14.84
O3 SO4 W . -21.37 -28.80 -14.67
O4 SO4 W . -21.02 -26.47 -15.05
S SO4 X . -27.67 -21.85 15.02
O1 SO4 X . -26.96 -20.73 14.40
O2 SO4 X . -28.81 -22.25 14.19
O3 SO4 X . -26.76 -22.99 15.15
O4 SO4 X . -28.15 -21.47 16.35
S SO4 Y . -9.07 -7.59 36.29
O1 SO4 Y . -9.18 -7.13 34.90
O2 SO4 Y . -10.36 -8.11 36.75
O3 SO4 Y . -8.09 -8.67 36.39
O4 SO4 Y . -8.66 -6.45 37.10
S SO4 Z . 19.72 5.14 31.28
O1 SO4 Z . 18.55 5.07 30.41
O2 SO4 Z . 19.40 4.72 32.64
O3 SO4 Z . 20.76 4.26 30.74
O4 SO4 Z . 20.23 6.51 31.34
S SO4 AA . 36.43 5.85 5.11
O1 SO4 AA . 36.98 6.77 4.09
O2 SO4 AA . 34.99 6.08 5.24
O3 SO4 AA . 36.69 4.45 4.67
O4 SO4 AA . 37.10 6.10 6.41
S SO4 BA . 29.77 -5.53 -22.92
O1 SO4 BA . 29.49 -5.10 -24.29
O2 SO4 BA . 29.47 -6.95 -22.80
O3 SO4 BA . 31.18 -5.30 -22.60
O4 SO4 BA . 28.95 -4.74 -22.00
S SO4 CA . -2.64 -59.30 4.89
O1 SO4 CA . -3.79 -58.41 5.00
O2 SO4 CA . -2.97 -60.68 4.60
O3 SO4 CA . -1.73 -58.87 3.83
O4 SO4 CA . -1.99 -59.20 6.18
S SO4 DA . -8.94 -31.74 -11.00
O1 SO4 DA . -8.34 -32.02 -12.31
O2 SO4 DA . -10.22 -31.09 -11.20
O3 SO4 DA . -8.96 -33.07 -10.35
O4 SO4 DA . -8.19 -30.76 -10.24
C1 GOL EA . -15.96 -46.47 5.68
O1 GOL EA . -15.62 -46.22 4.34
C2 GOL EA . -14.74 -46.59 6.56
O2 GOL EA . -14.29 -45.39 7.17
C3 GOL EA . -13.60 -47.32 5.91
O3 GOL EA . -13.47 -48.48 6.70
S SO4 FA . -1.12 -52.27 28.46
O1 SO4 FA . -1.15 -52.37 27.00
O2 SO4 FA . -1.67 -53.47 29.05
O3 SO4 FA . 0.23 -52.15 28.94
O4 SO4 FA . -1.78 -51.02 28.87
S SO4 GA . -15.62 -28.73 11.28
O1 SO4 GA . -14.21 -28.39 11.15
O2 SO4 GA . -16.06 -29.61 10.17
O3 SO4 GA . -15.74 -29.50 12.52
O4 SO4 GA . -16.37 -27.48 11.20
S SO4 HA . -14.66 -46.73 11.11
O1 SO4 HA . -13.50 -46.78 10.20
O2 SO4 HA . -15.88 -46.78 10.30
O3 SO4 HA . -14.65 -47.84 12.06
O4 SO4 HA . -14.63 -45.48 11.86
C1 GOL IA . -8.99 -36.24 31.19
O1 GOL IA . -10.09 -35.64 31.83
C2 GOL IA . -7.74 -36.34 32.07
O2 GOL IA . -6.90 -35.23 31.81
C3 GOL IA . -6.93 -37.52 31.58
O3 GOL IA . -6.45 -38.24 32.70
S SO4 JA . 17.23 -40.57 39.97
O1 SO4 JA . 16.26 -41.20 39.08
O2 SO4 JA . 17.16 -41.21 41.28
O3 SO4 JA . 18.57 -40.82 39.43
O4 SO4 JA . 17.06 -39.11 40.02
S SO4 KA . -4.01 -18.67 28.99
O1 SO4 KA . -4.50 -17.32 28.89
O2 SO4 KA . -5.15 -19.58 29.03
O3 SO4 KA . -3.20 -18.97 27.83
O4 SO4 KA . -3.15 -18.88 30.17
C1 GOL LA . 15.56 -22.33 41.05
O1 GOL LA . 14.24 -21.83 41.21
C2 GOL LA . 15.65 -22.95 39.66
O2 GOL LA . 16.71 -22.34 38.97
C3 GOL LA . 15.95 -24.44 39.72
O3 GOL LA . 17.25 -24.61 40.24
S SO4 MA . 38.69 -33.00 30.73
O1 SO4 MA . 38.87 -33.75 29.50
O2 SO4 MA . 37.36 -33.23 31.29
O3 SO4 MA . 39.69 -33.42 31.72
O4 SO4 MA . 38.78 -31.57 30.37
S SO4 NA . 17.21 -8.73 28.46
O1 SO4 NA . 16.68 -8.74 27.11
O2 SO4 NA . 16.32 -9.41 29.41
O3 SO4 NA . 18.50 -9.44 28.54
O4 SO4 NA . 17.33 -7.33 28.83
C1 GOL OA . 39.28 -15.29 25.15
O1 GOL OA . 38.06 -14.94 25.75
C2 GOL OA . 39.08 -16.48 24.22
O2 GOL OA . 38.22 -16.26 23.17
C3 GOL OA . 38.62 -17.73 24.89
O3 GOL OA . 39.77 -18.56 24.69
S SO4 PA . 47.28 -35.27 7.61
O1 SO4 PA . 47.02 -34.13 6.72
O2 SO4 PA . 46.76 -36.42 6.89
O3 SO4 PA . 48.68 -35.51 7.91
O4 SO4 PA . 46.56 -35.08 8.88
S SO4 QA . 32.08 -6.71 10.49
O1 SO4 QA . 32.83 -5.51 10.18
O2 SO4 QA . 30.79 -6.45 9.89
O3 SO4 QA . 32.78 -7.87 9.90
O4 SO4 QA . 31.95 -6.91 11.94
C1 GOL RA . 43.49 -23.06 -1.83
O1 GOL RA . 44.21 -23.76 -2.82
C2 GOL RA . 43.09 -21.75 -2.41
O2 GOL RA . 42.39 -22.06 -3.61
C3 GOL RA . 44.36 -20.99 -2.73
O3 GOL RA . 44.10 -19.60 -2.83
S SO4 SA . 36.38 -46.12 -11.60
O1 SO4 SA . 35.51 -45.08 -12.20
O2 SO4 SA . 35.69 -47.40 -11.52
O3 SO4 SA . 37.56 -46.42 -12.42
O4 SO4 SA . 36.86 -45.65 -10.29
S SO4 TA . 29.18 -13.78 -11.64
O1 SO4 TA . 28.93 -12.51 -12.33
O2 SO4 TA . 27.96 -14.06 -10.90
O3 SO4 TA . 29.52 -14.89 -12.53
O4 SO4 TA . 30.32 -13.65 -10.72
S SO4 UA . 43.16 -24.67 -6.49
O1 SO4 UA . 43.46 -23.23 -6.68
O2 SO4 UA . 42.13 -25.11 -7.43
O3 SO4 UA . 44.39 -25.46 -6.72
O4 SO4 UA . 42.71 -24.84 -5.12
S SO4 VA . 32.75 -32.94 -26.39
O1 SO4 VA . 32.53 -31.70 -27.14
O2 SO4 VA . 31.85 -32.90 -25.23
O3 SO4 VA . 32.45 -34.07 -27.25
O4 SO4 VA . 34.16 -33.06 -26.01
C1 GOL WA . 27.40 -34.33 -22.58
O1 GOL WA . 27.35 -32.94 -22.34
C2 GOL WA . 26.44 -35.10 -21.67
O2 GOL WA . 25.54 -34.30 -20.96
C3 GOL WA . 27.19 -35.96 -20.69
O3 GOL WA . 27.19 -37.22 -21.30
S SO4 XA . 14.15 -56.50 -13.20
O1 SO4 XA . 13.02 -55.72 -13.69
O2 SO4 XA . 13.74 -57.28 -12.03
O3 SO4 XA . 14.64 -57.49 -14.16
O4 SO4 XA . 15.23 -55.57 -12.94
S SO4 YA . 11.07 -25.17 -21.08
O1 SO4 YA . 10.33 -23.98 -21.41
O2 SO4 YA . 10.40 -26.39 -21.53
O3 SO4 YA . 12.42 -25.12 -21.66
O4 SO4 YA . 11.20 -25.30 -19.64
S SO4 ZA . 23.42 -38.07 -22.53
O1 SO4 ZA . 23.95 -37.22 -23.60
O2 SO4 ZA . 22.01 -37.74 -22.28
O3 SO4 ZA . 23.51 -39.48 -22.96
O4 SO4 ZA . 24.19 -37.85 -21.31
C1 GOL AB . 0.38 -45.69 -19.04
O1 GOL AB . 0.69 -44.61 -19.92
C2 GOL AB . 1.18 -45.52 -17.75
O2 GOL AB . 0.32 -45.10 -16.70
C3 GOL AB . 1.96 -46.78 -17.36
O3 GOL AB . 1.10 -47.84 -16.98
#